data_7MCS
#
_entry.id   7MCS
#
_cell.length_a   1.00
_cell.length_b   1.00
_cell.length_c   1.00
_cell.angle_alpha   90.00
_cell.angle_beta   90.00
_cell.angle_gamma   90.00
#
_symmetry.space_group_name_H-M   'P 1'
#
loop_
_entity.id
_entity.type
_entity.pdbx_description
1 polymer 'Transposon Tn7 transposition protein TnsC'
2 polymer "DNA (5'-D(P*CP*GP*CP*GP*CP*GP*CP*GP*CP*GP*CP*GP*CP*GP*C)-3')"
3 polymer "DNA (5'-D(P*GP*CP*GP*CP*GP*CP*GP*CP*GP*CP*GP*CP*GP*CP*G)-3')"
4 non-polymer 'PHOSPHOAMINOPHOSPHONIC ACID-ADENYLATE ESTER'
5 non-polymer 'MAGNESIUM ION'
#
loop_
_entity_poly.entity_id
_entity_poly.type
_entity_poly.pdbx_seq_one_letter_code
_entity_poly.pdbx_strand_id
1 'polypeptide(L)'
;MGATRIQAVYRDTGVEAYRDNPFIEALPPLQESVNSAASLKSSLQLTSSDLQKSRVIRAHTICRIPDDYFQPLGTHLLLS
ERISVMIRGGYVGRNPKTGDLQKHLQNGYERVQTGELETFRFEEARSTAQSLLLIGCSGSGKTTSLHRILATYPQVIYHR
ELNVEQVVYLKIDCSHNGSLKEICLNFFRALDRALGSNYERRYGLKRHGIETMLALMSQIANAHVLGLLVIDEIQHLSRS
RSGGSQEMLNFFVTMVNIIGVPVMLIGTPKAREIFEADLRSARRGAGFGAIFWDPIQQTQRGKPNQEWIAFTDNLWQLQL
LQRKDALLSDEVRDVWYELSQGVMDIVVKLFVLAQLRALALGNERITAGLLRQVYQDELKPVHPMLEALRSGIPERIARY
SDLVVPEIDKRLIQLQLDIAAIQEQTPEEKALQELDTEDQRHLYLMLKEDYDSSLLIPTIKKAFSQNPTMTRQKLLPLVL
QWLMEGETVVSELEKPSKSKKVSPNSSSVDKLAAALEHHHHHH
;
A,B,C,D,E,F,G
2 'polydeoxyribonucleotide' (DC)(DG)(DC)(DG)(DC)(DG)(DC)(DG)(DC)(DG)(DC)(DG)(DC)(DG)(DC) H
3 'polydeoxyribonucleotide' (DG)(DC)(DG)(DC)(DG)(DC)(DG)(DC)(DG)(DC)(DG)(DC)(DG)(DC)(DG) I
#
# COMPACT_ATOMS: atom_id res chain seq x y z
N THR A 4 -5.60 -44.08 -17.20
CA THR A 4 -5.81 -45.12 -18.20
C THR A 4 -6.68 -44.61 -19.34
N ARG A 5 -6.14 -44.63 -20.55
CA ARG A 5 -6.83 -44.16 -21.74
C ARG A 5 -6.82 -45.25 -22.80
N ILE A 6 -7.91 -45.32 -23.57
CA ILE A 6 -8.09 -46.35 -24.58
C ILE A 6 -8.21 -45.69 -25.94
N GLN A 7 -7.69 -46.35 -26.97
CA GLN A 7 -7.73 -45.83 -28.32
C GLN A 7 -9.17 -45.81 -28.84
N ALA A 8 -9.43 -44.89 -29.78
CA ALA A 8 -10.76 -44.68 -30.31
C ALA A 8 -10.96 -45.52 -31.57
N VAL A 9 -12.02 -46.32 -31.57
CA VAL A 9 -12.43 -47.09 -32.74
C VAL A 9 -13.69 -46.42 -33.27
N TYR A 10 -13.60 -45.86 -34.47
CA TYR A 10 -14.69 -45.07 -35.04
C TYR A 10 -15.66 -46.00 -35.76
N ARG A 11 -16.72 -46.39 -35.06
CA ARG A 11 -17.80 -47.19 -35.63
C ARG A 11 -19.06 -46.34 -35.67
N ASP A 12 -19.65 -46.20 -36.85
CA ASP A 12 -20.81 -45.35 -37.04
C ASP A 12 -22.09 -46.17 -37.07
N THR A 13 -23.22 -45.46 -37.04
CA THR A 13 -24.54 -46.07 -37.10
C THR A 13 -25.44 -45.21 -37.97
N GLY A 14 -26.57 -45.78 -38.38
CA GLY A 14 -27.45 -45.13 -39.33
C GLY A 14 -28.25 -43.98 -38.75
N VAL A 15 -27.57 -42.88 -38.43
CA VAL A 15 -28.20 -41.70 -37.85
C VAL A 15 -27.69 -40.47 -38.59
N GLU A 16 -28.61 -39.53 -38.87
CA GLU A 16 -28.26 -38.35 -39.64
C GLU A 16 -27.44 -37.35 -38.81
N ALA A 17 -27.83 -37.14 -37.56
CA ALA A 17 -27.18 -36.10 -36.75
C ALA A 17 -25.73 -36.45 -36.46
N TYR A 18 -25.46 -37.70 -36.08
CA TYR A 18 -24.10 -38.15 -35.75
C TYR A 18 -23.51 -38.81 -36.99
N ARG A 19 -22.57 -38.12 -37.63
CA ARG A 19 -21.95 -38.62 -38.86
C ARG A 19 -20.55 -38.06 -38.99
N ASP A 20 -19.56 -38.95 -38.99
CA ASP A 20 -18.15 -38.60 -39.25
C ASP A 20 -17.63 -37.56 -38.25
N ASN A 21 -18.12 -37.63 -37.01
CA ASN A 21 -17.70 -36.72 -35.96
C ASN A 21 -16.97 -37.51 -34.89
N PRO A 22 -15.64 -37.37 -34.77
CA PRO A 22 -14.86 -38.30 -33.95
C PRO A 22 -15.24 -38.34 -32.48
N PHE A 23 -15.87 -37.28 -31.96
CA PHE A 23 -16.23 -37.29 -30.55
C PHE A 23 -17.46 -38.15 -30.26
N ILE A 24 -18.20 -38.58 -31.27
CA ILE A 24 -19.39 -39.39 -31.09
C ILE A 24 -19.14 -40.86 -31.42
N GLU A 25 -18.61 -41.15 -32.61
CA GLU A 25 -18.38 -42.56 -32.89
C GLU A 25 -17.19 -43.16 -32.13
N ALA A 26 -16.56 -42.43 -31.21
CA ALA A 26 -15.59 -42.99 -30.28
C ALA A 26 -16.25 -43.47 -28.99
N LEU A 27 -17.54 -43.75 -29.03
CA LEU A 27 -18.33 -44.23 -27.91
C LEU A 27 -18.90 -45.61 -28.25
N PRO A 28 -19.27 -46.40 -27.24
CA PRO A 28 -19.81 -47.75 -27.52
C PRO A 28 -21.09 -47.68 -28.34
N PRO A 29 -21.54 -48.80 -28.90
CA PRO A 29 -22.75 -48.78 -29.73
C PRO A 29 -23.96 -48.24 -28.98
N LEU A 30 -24.83 -47.54 -29.72
CA LEU A 30 -25.90 -46.76 -29.11
C LEU A 30 -26.91 -47.64 -28.41
N GLN A 31 -27.22 -48.80 -28.98
CA GLN A 31 -28.19 -49.72 -28.41
C GLN A 31 -27.71 -50.28 -27.07
N THR A 75 -38.05 -47.19 -14.33
CA THR A 75 -37.84 -45.76 -14.47
C THR A 75 -36.40 -45.46 -14.87
N HIS A 76 -35.56 -46.49 -14.81
CA HIS A 76 -34.15 -46.33 -15.17
C HIS A 76 -33.94 -46.22 -16.67
N LEU A 77 -34.88 -46.75 -17.47
CA LEU A 77 -34.75 -46.67 -18.92
C LEU A 77 -34.72 -45.22 -19.38
N LEU A 78 -35.62 -44.40 -18.84
CA LEU A 78 -35.68 -42.99 -19.20
C LEU A 78 -34.39 -42.27 -18.79
N LEU A 79 -33.86 -42.59 -17.61
CA LEU A 79 -32.62 -41.95 -17.16
C LEU A 79 -31.46 -42.29 -18.08
N SER A 80 -31.33 -43.57 -18.45
CA SER A 80 -30.25 -43.99 -19.34
C SER A 80 -30.37 -43.31 -20.70
N GLU A 81 -31.59 -43.29 -21.25
CA GLU A 81 -31.81 -42.66 -22.56
C GLU A 81 -31.48 -41.18 -22.51
N ARG A 82 -31.92 -40.48 -21.44
CA ARG A 82 -31.67 -39.06 -21.33
C ARG A 82 -30.17 -38.75 -21.24
N ILE A 83 -29.45 -39.51 -20.41
CA ILE A 83 -28.01 -39.26 -20.29
C ILE A 83 -27.30 -39.52 -21.62
N SER A 84 -27.69 -40.59 -22.31
CA SER A 84 -27.08 -40.90 -23.60
C SER A 84 -27.32 -39.77 -24.61
N VAL A 85 -28.56 -39.28 -24.69
CA VAL A 85 -28.86 -38.28 -25.71
C VAL A 85 -28.19 -36.95 -25.38
N MET A 86 -28.10 -36.60 -24.08
CA MET A 86 -27.36 -35.38 -23.76
C MET A 86 -25.88 -35.52 -24.10
N ILE A 87 -25.27 -36.67 -23.82
CA ILE A 87 -23.86 -36.85 -24.18
C ILE A 87 -23.66 -36.63 -25.67
N ARG A 88 -24.47 -37.31 -26.49
CA ARG A 88 -24.24 -37.23 -27.93
C ARG A 88 -24.66 -35.88 -28.52
N GLY A 89 -25.76 -35.29 -28.05
CA GLY A 89 -26.15 -33.98 -28.54
C GLY A 89 -25.17 -32.90 -28.15
N GLY A 90 -24.65 -32.95 -26.92
CA GLY A 90 -23.61 -32.01 -26.53
C GLY A 90 -22.34 -32.19 -27.34
N TYR A 91 -22.03 -33.43 -27.72
CA TYR A 91 -20.88 -33.64 -28.60
C TYR A 91 -21.13 -33.12 -30.01
N VAL A 92 -22.40 -33.04 -30.44
CA VAL A 92 -22.70 -32.58 -31.80
C VAL A 92 -22.21 -31.15 -32.02
N GLY A 93 -22.48 -30.26 -31.08
CA GLY A 93 -22.26 -28.84 -31.32
C GLY A 93 -20.85 -28.35 -31.26
N ARG A 94 -19.86 -29.26 -31.14
CA ARG A 94 -18.46 -28.87 -31.04
C ARG A 94 -17.56 -29.68 -31.97
N ASN A 95 -18.09 -30.14 -33.10
CA ASN A 95 -17.33 -31.01 -33.97
C ASN A 95 -16.32 -30.24 -34.82
N PRO A 96 -15.03 -30.57 -34.74
CA PRO A 96 -14.03 -30.02 -35.67
C PRO A 96 -13.76 -30.94 -36.85
N LYS A 97 -14.82 -31.38 -37.52
CA LYS A 97 -14.71 -32.29 -38.66
C LYS A 97 -14.61 -31.55 -39.98
N THR A 98 -14.56 -30.21 -39.95
CA THR A 98 -14.52 -29.42 -41.16
C THR A 98 -13.18 -29.59 -41.88
N GLY A 99 -13.22 -29.47 -43.21
CA GLY A 99 -12.03 -29.55 -44.02
C GLY A 99 -11.62 -28.22 -44.60
N ASP A 100 -11.77 -28.06 -45.92
CA ASP A 100 -11.41 -26.83 -46.62
C ASP A 100 -12.59 -25.84 -46.61
N LEU A 101 -12.79 -25.25 -45.43
CA LEU A 101 -13.87 -24.27 -45.28
C LEU A 101 -13.60 -23.01 -46.10
N GLN A 102 -12.34 -22.61 -46.20
CA GLN A 102 -12.01 -21.33 -46.84
C GLN A 102 -12.45 -21.30 -48.29
N LYS A 103 -12.26 -22.40 -49.01
CA LYS A 103 -12.78 -22.49 -50.37
C LYS A 103 -14.29 -22.30 -50.39
N HIS A 104 -15.00 -23.04 -49.53
CA HIS A 104 -16.46 -22.95 -49.49
C HIS A 104 -16.92 -21.57 -49.05
N LEU A 105 -16.28 -20.99 -48.03
CA LEU A 105 -16.70 -19.70 -47.52
C LEU A 105 -16.47 -18.59 -48.55
N GLN A 106 -15.31 -18.57 -49.20
CA GLN A 106 -15.07 -17.54 -50.19
C GLN A 106 -15.92 -17.75 -51.44
N ASN A 107 -16.20 -19.00 -51.81
CA ASN A 107 -17.10 -19.26 -52.93
C ASN A 107 -18.49 -18.74 -52.61
N GLY A 108 -18.97 -18.97 -51.40
CA GLY A 108 -20.28 -18.45 -51.01
C GLY A 108 -20.32 -16.93 -50.95
N TYR A 109 -19.24 -16.32 -50.45
CA TYR A 109 -19.19 -14.86 -50.40
C TYR A 109 -19.25 -14.26 -51.81
N GLU A 110 -18.44 -14.80 -52.72
CA GLU A 110 -18.46 -14.31 -54.09
C GLU A 110 -19.79 -14.60 -54.77
N ARG A 111 -20.43 -15.72 -54.44
CA ARG A 111 -21.71 -16.05 -55.04
C ARG A 111 -22.81 -15.11 -54.57
N VAL A 112 -22.82 -14.79 -53.28
CA VAL A 112 -23.85 -13.89 -52.75
C VAL A 112 -23.60 -12.47 -53.25
N GLN A 113 -22.33 -12.06 -53.35
CA GLN A 113 -22.05 -10.67 -53.68
C GLN A 113 -22.48 -10.31 -55.10
N THR A 114 -22.52 -11.27 -56.02
CA THR A 114 -22.88 -10.94 -57.40
C THR A 114 -23.96 -11.85 -57.98
N GLY A 115 -24.04 -13.09 -57.51
CA GLY A 115 -24.87 -14.09 -58.14
C GLY A 115 -26.33 -14.01 -57.69
N GLU A 116 -27.10 -14.99 -58.15
CA GLU A 116 -28.53 -15.06 -57.90
C GLU A 116 -28.87 -15.67 -56.55
N LEU A 117 -27.93 -16.30 -55.87
CA LEU A 117 -28.21 -16.90 -54.57
C LEU A 117 -28.49 -15.82 -53.54
N GLU A 118 -29.56 -16.00 -52.77
CA GLU A 118 -30.03 -14.99 -51.84
C GLU A 118 -29.03 -14.71 -50.73
N THR A 119 -28.76 -15.70 -49.88
CA THR A 119 -27.86 -15.53 -48.74
C THR A 119 -27.03 -16.79 -48.56
N PHE A 120 -25.89 -16.63 -47.89
CA PHE A 120 -25.01 -17.74 -47.56
C PHE A 120 -24.92 -17.83 -46.04
N ARG A 121 -25.08 -19.04 -45.50
CA ARG A 121 -25.12 -19.23 -44.05
C ARG A 121 -23.72 -19.50 -43.55
N PHE A 122 -23.03 -18.43 -43.12
CA PHE A 122 -21.73 -18.54 -42.51
C PHE A 122 -21.85 -18.95 -41.03
N GLU A 123 -20.76 -19.53 -40.51
CA GLU A 123 -20.67 -20.06 -39.14
C GLU A 123 -21.87 -20.93 -38.77
N GLU A 124 -21.86 -22.15 -39.32
CA GLU A 124 -22.78 -23.21 -38.93
C GLU A 124 -22.21 -23.95 -37.72
N ALA A 125 -22.10 -23.21 -36.62
CA ALA A 125 -21.52 -23.72 -35.38
C ALA A 125 -22.42 -23.31 -34.22
N ARG A 126 -23.12 -24.28 -33.64
CA ARG A 126 -24.09 -24.04 -32.59
C ARG A 126 -23.53 -24.49 -31.23
N SER A 127 -24.38 -24.45 -30.20
CA SER A 127 -24.02 -24.89 -28.85
C SER A 127 -25.21 -25.67 -28.30
N THR A 128 -25.18 -26.99 -28.49
CA THR A 128 -26.28 -27.87 -28.08
C THR A 128 -26.04 -28.34 -26.66
N ALA A 129 -26.75 -27.75 -25.70
CA ALA A 129 -26.60 -28.10 -24.30
C ALA A 129 -27.97 -28.17 -23.63
N GLN A 130 -28.15 -29.18 -22.78
CA GLN A 130 -29.40 -29.38 -22.06
C GLN A 130 -29.10 -29.84 -20.64
N SER A 131 -29.98 -29.50 -19.70
CA SER A 131 -29.74 -29.74 -18.28
C SER A 131 -31.05 -30.01 -17.55
N LEU A 132 -31.27 -31.25 -17.13
CA LEU A 132 -32.43 -31.55 -16.32
C LEU A 132 -32.12 -31.36 -14.84
N LEU A 133 -33.18 -31.50 -14.03
CA LEU A 133 -33.10 -31.50 -12.57
C LEU A 133 -33.47 -32.89 -12.07
N LEU A 134 -32.74 -33.37 -11.07
CA LEU A 134 -32.98 -34.70 -10.51
C LEU A 134 -33.30 -34.54 -9.02
N ILE A 135 -34.55 -34.80 -8.67
CA ILE A 135 -35.07 -34.56 -7.32
C ILE A 135 -35.44 -35.90 -6.71
N GLY A 136 -34.86 -36.20 -5.55
CA GLY A 136 -35.18 -37.44 -4.86
C GLY A 136 -34.39 -37.50 -3.56
N CYS A 137 -34.95 -38.24 -2.60
CA CYS A 137 -34.37 -38.31 -1.28
C CYS A 137 -33.01 -39.00 -1.31
N SER A 138 -32.15 -38.63 -0.35
CA SER A 138 -30.77 -39.12 -0.35
C SER A 138 -30.72 -40.63 -0.18
N GLY A 139 -31.55 -41.18 0.69
CA GLY A 139 -31.58 -42.61 0.92
C GLY A 139 -32.43 -43.39 -0.04
N SER A 140 -33.04 -42.74 -1.04
CA SER A 140 -33.89 -43.45 -1.98
C SER A 140 -33.08 -44.35 -2.90
N GLY A 141 -31.92 -43.90 -3.35
CA GLY A 141 -31.09 -44.70 -4.21
C GLY A 141 -30.85 -44.09 -5.59
N LYS A 142 -31.00 -42.77 -5.67
CA LYS A 142 -30.74 -42.08 -6.94
C LYS A 142 -29.28 -42.19 -7.35
N THR A 143 -28.37 -42.08 -6.38
CA THR A 143 -26.95 -42.13 -6.70
C THR A 143 -26.53 -43.51 -7.19
N THR A 144 -27.22 -44.57 -6.76
CA THR A 144 -26.91 -45.90 -7.25
C THR A 144 -27.18 -46.01 -8.75
N SER A 145 -28.35 -45.58 -9.19
CA SER A 145 -28.67 -45.60 -10.61
C SER A 145 -27.78 -44.65 -11.38
N LEU A 146 -27.47 -43.49 -10.80
CA LEU A 146 -26.55 -42.55 -11.44
C LEU A 146 -25.20 -43.20 -11.71
N HIS A 147 -24.60 -43.80 -10.69
CA HIS A 147 -23.30 -44.41 -10.84
C HIS A 147 -23.36 -45.62 -11.77
N ARG A 148 -24.48 -46.34 -11.78
CA ARG A 148 -24.62 -47.46 -12.69
C ARG A 148 -24.65 -47.00 -14.14
N ILE A 149 -25.39 -45.93 -14.43
CA ILE A 149 -25.51 -45.47 -15.81
C ILE A 149 -24.18 -44.89 -16.29
N LEU A 150 -23.58 -43.98 -15.52
CA LEU A 150 -22.28 -43.44 -15.92
C LEU A 150 -21.15 -44.46 -15.81
N ALA A 151 -21.37 -45.60 -15.15
CA ALA A 151 -20.38 -46.66 -15.18
C ALA A 151 -20.30 -47.36 -16.53
N THR A 152 -21.36 -47.30 -17.33
CA THR A 152 -21.36 -47.99 -18.62
C THR A 152 -20.37 -47.37 -19.59
N TYR A 153 -20.27 -46.05 -19.62
CA TYR A 153 -19.36 -45.49 -20.62
C TYR A 153 -18.00 -45.23 -20.01
N PRO A 154 -16.92 -45.45 -20.78
CA PRO A 154 -15.58 -45.11 -20.30
C PRO A 154 -15.48 -43.62 -19.99
N GLN A 155 -14.78 -43.31 -18.89
CA GLN A 155 -14.68 -41.92 -18.46
C GLN A 155 -13.83 -41.09 -19.42
N VAL A 156 -12.65 -41.59 -19.77
CA VAL A 156 -11.70 -40.85 -20.60
C VAL A 156 -11.32 -41.72 -21.79
N ILE A 157 -11.33 -41.11 -22.98
CA ILE A 157 -10.93 -41.77 -24.22
C ILE A 157 -9.84 -40.94 -24.87
N TYR A 158 -9.26 -41.49 -25.94
CA TYR A 158 -8.07 -40.93 -26.56
C TYR A 158 -8.30 -40.72 -28.05
N HIS A 159 -7.94 -39.54 -28.53
CA HIS A 159 -7.91 -39.23 -29.95
C HIS A 159 -6.48 -38.98 -30.39
N ARG A 160 -6.05 -39.66 -31.45
CA ARG A 160 -4.67 -39.61 -31.91
C ARG A 160 -4.46 -38.61 -33.04
N GLU A 161 -5.34 -38.62 -34.04
CA GLU A 161 -5.21 -37.68 -35.16
C GLU A 161 -5.42 -36.24 -34.71
N LEU A 162 -6.15 -36.03 -33.62
CA LEU A 162 -6.38 -34.70 -33.08
C LEU A 162 -5.76 -34.60 -31.69
N ASN A 163 -5.34 -33.39 -31.33
CA ASN A 163 -4.69 -33.15 -30.04
C ASN A 163 -5.74 -32.85 -28.96
N VAL A 164 -6.64 -33.81 -28.79
CA VAL A 164 -7.70 -33.73 -27.79
C VAL A 164 -7.79 -35.08 -27.06
N GLU A 165 -7.96 -35.01 -25.74
CA GLU A 165 -8.19 -36.20 -24.92
C GLU A 165 -9.42 -35.90 -24.08
N GLN A 166 -10.59 -36.15 -24.65
CA GLN A 166 -11.82 -35.73 -24.01
C GLN A 166 -12.24 -36.72 -22.92
N VAL A 167 -12.96 -36.20 -21.94
CA VAL A 167 -13.46 -36.98 -20.82
C VAL A 167 -14.98 -37.00 -20.90
N VAL A 168 -15.56 -38.21 -20.86
CA VAL A 168 -17.00 -38.35 -21.07
C VAL A 168 -17.78 -37.68 -19.95
N TYR A 169 -17.45 -38.00 -18.71
CA TYR A 169 -18.17 -37.46 -17.56
C TYR A 169 -17.21 -37.05 -16.46
N LEU A 170 -17.68 -36.14 -15.62
CA LEU A 170 -16.84 -35.55 -14.57
C LEU A 170 -17.78 -35.15 -13.43
N LYS A 171 -17.85 -35.98 -12.38
CA LYS A 171 -18.78 -35.79 -11.28
C LYS A 171 -18.06 -35.13 -10.12
N ILE A 172 -18.44 -33.90 -9.81
CA ILE A 172 -17.99 -33.23 -8.59
C ILE A 172 -19.14 -33.18 -7.61
N ASP A 173 -18.81 -32.95 -6.35
CA ASP A 173 -19.80 -32.80 -5.29
C ASP A 173 -19.96 -31.32 -4.96
N CYS A 174 -21.16 -30.97 -4.50
CA CYS A 174 -21.47 -29.57 -4.23
C CYS A 174 -20.71 -29.07 -3.01
N SER A 175 -20.73 -27.75 -2.84
CA SER A 175 -20.00 -27.11 -1.75
C SER A 175 -20.49 -27.58 -0.39
N HIS A 176 -19.55 -27.87 0.51
CA HIS A 176 -19.91 -28.27 1.86
C HIS A 176 -20.13 -27.05 2.75
N ASN A 177 -19.22 -26.07 2.69
CA ASN A 177 -19.45 -24.82 3.40
C ASN A 177 -20.47 -23.95 2.68
N GLY A 178 -20.38 -23.87 1.36
CA GLY A 178 -21.28 -23.05 0.57
C GLY A 178 -20.64 -21.76 0.13
N SER A 179 -20.15 -21.73 -1.11
CA SER A 179 -19.48 -20.57 -1.70
C SER A 179 -19.20 -20.90 -3.15
N LEU A 180 -18.83 -19.87 -3.91
CA LEU A 180 -18.53 -20.05 -5.33
C LEU A 180 -17.16 -20.69 -5.53
N LYS A 181 -16.23 -20.47 -4.60
CA LYS A 181 -14.84 -20.87 -4.82
C LYS A 181 -14.66 -22.38 -4.73
N GLU A 182 -15.25 -23.01 -3.72
CA GLU A 182 -14.88 -24.39 -3.40
C GLU A 182 -15.39 -25.40 -4.43
N ILE A 183 -16.51 -25.11 -5.08
CA ILE A 183 -16.98 -26.00 -6.14
C ILE A 183 -15.98 -25.99 -7.31
N CYS A 184 -15.33 -24.86 -7.55
CA CYS A 184 -14.36 -24.77 -8.63
C CYS A 184 -13.02 -25.37 -8.24
N LEU A 185 -12.65 -25.32 -6.96
CA LEU A 185 -11.53 -26.12 -6.48
C LEU A 185 -11.84 -27.60 -6.57
N ASN A 186 -13.08 -27.97 -6.23
CA ASN A 186 -13.54 -29.34 -6.39
C ASN A 186 -13.43 -29.78 -7.85
N PHE A 187 -13.64 -28.86 -8.79
CA PHE A 187 -13.43 -29.18 -10.19
C PHE A 187 -11.98 -29.60 -10.45
N PHE A 188 -11.02 -28.86 -9.90
CA PHE A 188 -9.62 -29.24 -10.09
C PHE A 188 -9.33 -30.60 -9.49
N ARG A 189 -9.84 -30.86 -8.28
CA ARG A 189 -9.58 -32.14 -7.63
C ARG A 189 -10.18 -33.31 -8.43
N ALA A 190 -11.44 -33.17 -8.86
CA ALA A 190 -12.05 -34.24 -9.64
C ALA A 190 -11.36 -34.41 -10.98
N LEU A 191 -10.92 -33.31 -11.59
CA LEU A 191 -10.24 -33.39 -12.88
C LEU A 191 -8.91 -34.11 -12.77
N ASP A 192 -8.12 -33.80 -11.74
CA ASP A 192 -6.82 -34.45 -11.61
C ASP A 192 -6.93 -35.86 -11.02
N ARG A 193 -8.05 -36.20 -10.39
CA ARG A 193 -8.32 -37.61 -10.10
C ARG A 193 -8.68 -38.37 -11.36
N ALA A 194 -9.44 -37.73 -12.27
CA ALA A 194 -9.86 -38.40 -13.50
C ALA A 194 -8.67 -38.72 -14.40
N LEU A 195 -7.75 -37.77 -14.54
CA LEU A 195 -6.59 -37.93 -15.42
C LEU A 195 -5.36 -37.41 -14.68
N GLY A 196 -4.20 -37.98 -15.01
CA GLY A 196 -2.95 -37.55 -14.43
C GLY A 196 -2.67 -36.08 -14.71
N SER A 197 -2.78 -35.25 -13.68
CA SER A 197 -2.76 -33.81 -13.87
C SER A 197 -2.32 -33.15 -12.57
N ASN A 198 -1.99 -31.86 -12.67
CA ASN A 198 -1.46 -31.13 -11.51
C ASN A 198 -2.04 -29.72 -11.40
N TYR A 199 -3.27 -29.50 -11.87
CA TYR A 199 -3.89 -28.20 -11.72
C TYR A 199 -4.20 -27.86 -10.27
N GLU A 200 -4.24 -28.85 -9.37
CA GLU A 200 -4.45 -28.55 -7.96
C GLU A 200 -3.30 -27.74 -7.37
N ARG A 201 -2.08 -27.96 -7.85
CA ARG A 201 -0.95 -27.15 -7.42
C ARG A 201 -0.80 -25.88 -8.24
N ARG A 202 -1.06 -25.95 -9.55
CA ARG A 202 -0.89 -24.78 -10.40
C ARG A 202 -1.99 -23.75 -10.16
N TYR A 203 -3.25 -24.20 -10.08
CA TYR A 203 -4.38 -23.29 -10.00
C TYR A 203 -5.38 -23.64 -8.89
N GLY A 204 -5.11 -24.65 -8.08
CA GLY A 204 -6.00 -24.98 -6.99
C GLY A 204 -5.81 -24.11 -5.77
N LEU A 205 -4.58 -24.10 -5.24
CA LEU A 205 -4.25 -23.29 -4.07
C LEU A 205 -3.38 -22.10 -4.43
N LYS A 206 -3.39 -21.67 -5.68
CA LYS A 206 -2.61 -20.52 -6.11
C LYS A 206 -3.36 -19.26 -5.70
N ARG A 207 -2.60 -18.24 -5.28
CA ARG A 207 -3.18 -16.98 -4.81
C ARG A 207 -3.73 -16.20 -6.00
N HIS A 208 -4.90 -16.64 -6.48
CA HIS A 208 -5.69 -15.93 -7.46
C HIS A 208 -6.99 -15.47 -6.79
N GLY A 209 -7.90 -14.92 -7.59
CA GLY A 209 -9.20 -14.51 -7.11
C GLY A 209 -10.30 -15.47 -7.55
N ILE A 210 -11.54 -15.06 -7.25
CA ILE A 210 -12.71 -15.76 -7.76
C ILE A 210 -12.89 -15.51 -9.25
N GLU A 211 -12.12 -14.57 -9.80
CA GLU A 211 -12.20 -14.17 -11.20
C GLU A 211 -11.43 -15.07 -12.16
N THR A 212 -10.10 -15.03 -12.09
CA THR A 212 -9.28 -15.75 -13.07
C THR A 212 -9.41 -17.25 -12.92
N MET A 213 -9.76 -17.72 -11.72
CA MET A 213 -9.99 -19.15 -11.51
C MET A 213 -11.10 -19.68 -12.41
N LEU A 214 -12.16 -18.88 -12.60
CA LEU A 214 -13.29 -19.30 -13.43
C LEU A 214 -12.89 -19.41 -14.90
N ALA A 215 -12.10 -18.46 -15.39
CA ALA A 215 -11.66 -18.51 -16.78
C ALA A 215 -10.77 -19.72 -17.03
N LEU A 216 -9.85 -20.00 -16.10
CA LEU A 216 -9.02 -21.19 -16.24
C LEU A 216 -9.86 -22.46 -16.14
N MET A 217 -10.86 -22.48 -15.27
CA MET A 217 -11.71 -23.66 -15.15
C MET A 217 -12.48 -23.92 -16.44
N SER A 218 -13.02 -22.86 -17.05
CA SER A 218 -13.70 -23.02 -18.33
C SER A 218 -12.73 -23.45 -19.42
N GLN A 219 -11.51 -22.90 -19.40
CA GLN A 219 -10.51 -23.24 -20.42
C GLN A 219 -10.10 -24.70 -20.33
N ILE A 220 -9.86 -25.20 -19.13
CA ILE A 220 -9.53 -26.61 -18.98
C ILE A 220 -10.76 -27.50 -19.13
N ALA A 221 -11.96 -26.93 -19.02
CA ALA A 221 -13.17 -27.70 -19.31
C ALA A 221 -13.34 -27.94 -20.79
N ASN A 222 -13.15 -26.91 -21.61
CA ASN A 222 -13.35 -27.11 -23.05
C ASN A 222 -12.07 -27.50 -23.78
N ALA A 223 -10.93 -27.52 -23.09
CA ALA A 223 -9.74 -28.09 -23.69
C ALA A 223 -9.90 -29.60 -23.88
N HIS A 224 -10.51 -30.27 -22.90
CA HIS A 224 -10.85 -31.68 -22.97
C HIS A 224 -12.37 -31.70 -22.83
N VAL A 225 -13.08 -31.62 -23.96
CA VAL A 225 -14.50 -31.27 -23.94
C VAL A 225 -15.30 -32.29 -23.15
N LEU A 226 -16.04 -31.78 -22.16
CA LEU A 226 -16.81 -32.65 -21.27
C LEU A 226 -18.17 -33.01 -21.90
N GLY A 227 -18.51 -34.29 -21.81
CA GLY A 227 -19.82 -34.71 -22.26
C GLY A 227 -20.92 -34.48 -21.25
N LEU A 228 -20.57 -34.42 -19.97
CA LEU A 228 -21.54 -34.17 -18.92
C LEU A 228 -20.82 -33.67 -17.68
N LEU A 229 -21.43 -32.70 -17.01
CA LEU A 229 -20.93 -32.17 -15.73
C LEU A 229 -22.02 -32.44 -14.70
N VAL A 230 -21.98 -33.64 -14.13
CA VAL A 230 -23.03 -34.13 -13.23
C VAL A 230 -22.69 -33.77 -11.79
N ILE A 231 -23.67 -33.20 -11.08
CA ILE A 231 -23.47 -32.63 -9.75
C ILE A 231 -24.54 -33.16 -8.81
N ASP A 232 -24.13 -33.50 -7.58
CA ASP A 232 -25.01 -34.03 -6.56
C ASP A 232 -25.05 -33.12 -5.34
N GLU A 233 -26.07 -33.32 -4.51
CA GLU A 233 -26.20 -32.69 -3.19
C GLU A 233 -26.32 -31.16 -3.29
N ILE A 234 -27.29 -30.71 -4.08
CA ILE A 234 -27.46 -29.27 -4.34
C ILE A 234 -28.22 -28.55 -3.23
N GLN A 235 -28.51 -29.23 -2.12
CA GLN A 235 -29.22 -28.58 -1.01
C GLN A 235 -28.42 -27.42 -0.44
N HIS A 236 -27.12 -27.63 -0.23
CA HIS A 236 -26.29 -26.62 0.42
C HIS A 236 -26.05 -25.40 -0.46
N LEU A 237 -26.54 -25.42 -1.70
CA LEU A 237 -26.46 -24.23 -2.55
C LEU A 237 -27.20 -23.06 -1.91
N SER A 238 -28.39 -23.30 -1.37
CA SER A 238 -29.18 -22.26 -0.74
C SER A 238 -29.58 -22.60 0.69
N ARG A 239 -29.07 -23.70 1.26
CA ARG A 239 -29.29 -23.96 2.67
C ARG A 239 -28.64 -22.87 3.52
N SER A 240 -27.42 -22.46 3.13
CA SER A 240 -26.80 -21.25 3.64
C SER A 240 -26.37 -20.40 2.45
N ARG A 241 -26.32 -19.10 2.65
CA ARG A 241 -26.05 -18.18 1.55
C ARG A 241 -25.43 -16.90 2.10
N SER A 242 -24.98 -16.05 1.19
CA SER A 242 -24.53 -14.69 1.50
C SER A 242 -25.06 -13.73 0.44
N GLY A 243 -26.31 -13.94 0.03
CA GLY A 243 -26.87 -13.18 -1.08
C GLY A 243 -26.47 -13.65 -2.45
N GLY A 244 -25.87 -14.84 -2.56
CA GLY A 244 -25.39 -15.34 -3.82
C GLY A 244 -25.87 -16.75 -4.14
N SER A 245 -27.13 -17.04 -3.79
CA SER A 245 -27.68 -18.36 -4.05
C SER A 245 -27.80 -18.66 -5.54
N GLN A 246 -28.20 -17.68 -6.34
CA GLN A 246 -28.40 -17.88 -7.76
C GLN A 246 -27.14 -17.62 -8.58
N GLU A 247 -26.03 -17.25 -7.95
CA GLU A 247 -24.81 -17.00 -8.71
C GLU A 247 -24.22 -18.28 -9.27
N MET A 248 -24.35 -19.38 -8.52
CA MET A 248 -23.89 -20.67 -9.02
C MET A 248 -24.73 -21.13 -10.21
N LEU A 249 -26.04 -20.86 -10.16
CA LEU A 249 -26.89 -21.15 -11.32
C LEU A 249 -26.57 -20.23 -12.48
N ASN A 250 -26.16 -18.99 -12.20
CA ASN A 250 -25.68 -18.10 -13.27
C ASN A 250 -24.46 -18.69 -13.96
N PHE A 251 -23.51 -19.22 -13.16
CA PHE A 251 -22.36 -19.92 -13.73
C PHE A 251 -22.80 -21.13 -14.55
N PHE A 252 -23.78 -21.88 -14.07
CA PHE A 252 -24.27 -23.03 -14.80
C PHE A 252 -24.87 -22.62 -16.15
N VAL A 253 -25.68 -21.56 -16.15
CA VAL A 253 -26.31 -21.10 -17.38
C VAL A 253 -25.26 -20.61 -18.37
N THR A 254 -24.27 -19.87 -17.88
CA THR A 254 -23.19 -19.41 -18.76
C THR A 254 -22.41 -20.59 -19.33
N MET A 255 -22.15 -21.61 -18.52
CA MET A 255 -21.45 -22.79 -19.01
C MET A 255 -22.27 -23.57 -20.02
N VAL A 256 -23.60 -23.55 -19.90
CA VAL A 256 -24.41 -24.31 -20.85
C VAL A 256 -24.84 -23.42 -22.01
N ASN A 257 -24.36 -22.18 -22.04
CA ASN A 257 -24.59 -21.30 -23.19
C ASN A 257 -23.39 -21.26 -24.13
N ILE A 258 -22.24 -20.82 -23.64
CA ILE A 258 -21.06 -20.60 -24.49
C ILE A 258 -20.15 -21.83 -24.51
N ILE A 259 -19.82 -22.35 -23.33
CA ILE A 259 -18.94 -23.52 -23.24
C ILE A 259 -19.59 -24.73 -23.91
N GLY A 260 -20.89 -24.91 -23.70
CA GLY A 260 -21.63 -25.94 -24.39
C GLY A 260 -21.58 -27.31 -23.78
N VAL A 261 -21.27 -27.41 -22.49
CA VAL A 261 -21.21 -28.69 -21.78
C VAL A 261 -22.55 -28.91 -21.09
N PRO A 262 -23.30 -29.94 -21.44
CA PRO A 262 -24.56 -30.22 -20.73
C PRO A 262 -24.28 -30.67 -19.31
N VAL A 263 -24.93 -30.01 -18.34
CA VAL A 263 -24.70 -30.26 -16.93
C VAL A 263 -25.93 -30.96 -16.35
N MET A 264 -25.72 -31.66 -15.25
CA MET A 264 -26.80 -32.34 -14.55
C MET A 264 -26.81 -31.91 -13.09
N LEU A 265 -28.00 -31.65 -12.55
CA LEU A 265 -28.17 -31.20 -11.18
C LEU A 265 -29.01 -32.23 -10.43
N ILE A 266 -28.53 -32.64 -9.26
CA ILE A 266 -29.19 -33.66 -8.46
C ILE A 266 -29.32 -33.16 -7.03
N GLY A 267 -30.50 -33.35 -6.44
CA GLY A 267 -30.72 -32.95 -5.06
C GLY A 267 -31.95 -33.62 -4.47
N THR A 268 -32.13 -33.43 -3.17
CA THR A 268 -33.35 -33.87 -2.49
C THR A 268 -34.40 -32.78 -2.64
N PRO A 269 -35.68 -33.07 -2.31
CA PRO A 269 -36.73 -32.04 -2.44
C PRO A 269 -36.54 -30.78 -1.60
N LYS A 270 -35.45 -30.68 -0.83
CA LYS A 270 -35.20 -29.45 -0.08
C LYS A 270 -34.85 -28.29 -0.99
N ALA A 271 -34.01 -28.54 -2.00
CA ALA A 271 -33.44 -27.47 -2.82
C ALA A 271 -34.39 -26.95 -3.91
N ARG A 272 -35.68 -27.26 -3.83
CA ARG A 272 -36.63 -26.78 -4.83
C ARG A 272 -36.97 -25.31 -4.68
N GLU A 273 -36.48 -24.64 -3.63
CA GLU A 273 -36.85 -23.24 -3.39
C GLU A 273 -36.32 -22.33 -4.49
N ILE A 274 -35.08 -22.54 -4.93
CA ILE A 274 -34.50 -21.67 -5.94
C ILE A 274 -35.13 -21.91 -7.32
N PHE A 275 -35.68 -23.10 -7.55
CA PHE A 275 -36.36 -23.42 -8.81
C PHE A 275 -37.82 -23.01 -8.80
N GLU A 276 -38.18 -22.01 -8.00
CA GLU A 276 -39.54 -21.52 -7.88
C GLU A 276 -39.66 -20.01 -8.01
N ALA A 277 -38.57 -19.25 -7.80
CA ALA A 277 -38.67 -17.79 -7.74
C ALA A 277 -39.08 -17.19 -9.08
N ASP A 278 -38.40 -17.58 -10.16
CA ASP A 278 -38.64 -16.97 -11.46
C ASP A 278 -38.51 -18.02 -12.55
N LEU A 279 -39.07 -17.69 -13.72
CA LEU A 279 -39.17 -18.68 -14.80
C LEU A 279 -37.82 -18.93 -15.47
N ARG A 280 -36.91 -17.96 -15.44
CA ARG A 280 -35.59 -18.16 -16.02
C ARG A 280 -34.88 -19.34 -15.35
N SER A 281 -34.89 -19.37 -14.02
CA SER A 281 -34.28 -20.48 -13.30
C SER A 281 -35.13 -21.74 -13.41
N ALA A 282 -36.46 -21.59 -13.49
CA ALA A 282 -37.33 -22.75 -13.57
C ALA A 282 -37.26 -23.41 -14.94
N ARG A 283 -37.23 -22.62 -16.01
CA ARG A 283 -37.13 -23.19 -17.35
C ARG A 283 -35.75 -23.81 -17.57
N ARG A 284 -34.69 -23.07 -17.25
CA ARG A 284 -33.34 -23.57 -17.46
C ARG A 284 -32.98 -24.69 -16.48
N GLY A 285 -33.68 -24.79 -15.36
CA GLY A 285 -33.43 -25.87 -14.42
C GLY A 285 -33.84 -27.24 -14.92
N ALA A 286 -34.63 -27.30 -15.98
CA ALA A 286 -35.10 -28.56 -16.57
C ALA A 286 -34.98 -28.46 -18.08
N GLY A 287 -33.83 -28.87 -18.62
CA GLY A 287 -33.65 -28.85 -20.06
C GLY A 287 -34.51 -29.87 -20.78
N PHE A 288 -34.40 -31.14 -20.37
CA PHE A 288 -35.28 -32.19 -20.87
C PHE A 288 -36.40 -32.49 -19.89
N GLY A 289 -36.61 -31.64 -18.90
CA GLY A 289 -37.61 -31.86 -17.89
C GLY A 289 -37.02 -32.47 -16.64
N ALA A 290 -37.51 -32.03 -15.49
CA ALA A 290 -37.00 -32.51 -14.22
C ALA A 290 -37.47 -33.93 -13.96
N ILE A 291 -36.66 -34.68 -13.22
CA ILE A 291 -36.96 -36.06 -12.90
C ILE A 291 -37.11 -36.14 -11.38
N PHE A 292 -38.36 -36.14 -10.91
CA PHE A 292 -38.64 -36.37 -9.50
C PHE A 292 -38.66 -37.87 -9.23
N TRP A 293 -37.90 -38.29 -8.23
CA TRP A 293 -37.75 -39.71 -7.91
C TRP A 293 -38.85 -40.16 -6.96
N ASP A 294 -39.48 -41.28 -7.26
CA ASP A 294 -40.52 -41.87 -6.45
C ASP A 294 -40.21 -43.34 -6.21
N PRO A 295 -40.62 -43.88 -5.04
CA PRO A 295 -40.42 -45.30 -4.73
C PRO A 295 -41.21 -46.23 -5.66
N ARG B 5 -10.66 -17.02 -43.06
CA ARG B 5 -11.07 -15.63 -43.25
C ARG B 5 -11.78 -15.45 -44.58
N ILE B 6 -12.07 -14.19 -44.92
CA ILE B 6 -12.78 -13.84 -46.14
C ILE B 6 -12.01 -12.73 -46.84
N GLN B 7 -11.77 -12.89 -48.14
CA GLN B 7 -11.10 -11.88 -48.94
C GLN B 7 -12.15 -10.92 -49.48
N ALA B 8 -11.98 -9.63 -49.21
CA ALA B 8 -13.03 -8.66 -49.46
C ALA B 8 -13.20 -8.37 -50.95
N VAL B 9 -14.46 -8.22 -51.36
CA VAL B 9 -14.81 -7.66 -52.66
C VAL B 9 -15.74 -6.49 -52.41
N TYR B 10 -15.82 -5.58 -53.39
CA TYR B 10 -16.45 -4.28 -53.19
C TYR B 10 -17.64 -4.15 -54.15
N ARG B 11 -18.85 -4.17 -53.59
CA ARG B 11 -20.09 -4.00 -54.35
C ARG B 11 -20.85 -2.79 -53.82
N ASP B 12 -21.21 -1.88 -54.71
CA ASP B 12 -21.78 -0.61 -54.30
C ASP B 12 -23.26 -0.79 -53.94
N THR B 13 -23.69 -0.10 -52.90
CA THR B 13 -25.07 -0.17 -52.41
C THR B 13 -25.88 0.99 -52.95
N GLY B 14 -27.20 0.92 -52.71
CA GLY B 14 -28.10 1.93 -53.24
C GLY B 14 -28.10 3.23 -52.47
N VAL B 15 -27.66 3.22 -51.22
CA VAL B 15 -27.75 4.42 -50.39
C VAL B 15 -26.67 5.42 -50.79
N GLU B 16 -27.04 6.69 -50.84
CA GLU B 16 -26.11 7.74 -51.21
C GLU B 16 -25.07 8.02 -50.13
N ALA B 17 -25.41 7.82 -48.86
CA ALA B 17 -24.50 8.11 -47.77
C ALA B 17 -23.67 6.91 -47.35
N TYR B 18 -23.95 5.72 -47.90
CA TYR B 18 -23.15 4.53 -47.66
C TYR B 18 -22.13 4.32 -48.76
N ARG B 19 -21.70 5.40 -49.42
CA ARG B 19 -20.91 5.33 -50.63
C ARG B 19 -19.42 5.49 -50.31
N ASP B 20 -18.60 4.70 -51.00
CA ASP B 20 -17.14 4.72 -50.93
C ASP B 20 -16.60 4.29 -49.58
N ASN B 21 -17.42 3.71 -48.72
CA ASN B 21 -16.97 3.25 -47.41
C ASN B 21 -16.59 1.78 -47.53
N PRO B 22 -15.32 1.42 -47.36
CA PRO B 22 -14.90 0.03 -47.58
C PRO B 22 -15.59 -0.96 -46.66
N PHE B 23 -15.92 -0.55 -45.44
CA PHE B 23 -16.51 -1.45 -44.46
C PHE B 23 -18.00 -1.67 -44.68
N ILE B 24 -18.64 -0.86 -45.52
CA ILE B 24 -20.04 -1.03 -45.86
C ILE B 24 -20.21 -1.80 -47.16
N GLU B 25 -19.43 -1.46 -48.18
CA GLU B 25 -19.53 -2.12 -49.48
C GLU B 25 -19.09 -3.57 -49.40
N ALA B 26 -18.26 -3.92 -48.42
CA ALA B 26 -17.84 -5.31 -48.26
C ALA B 26 -18.94 -6.20 -47.71
N LEU B 27 -19.96 -5.61 -47.08
CA LEU B 27 -21.04 -6.38 -46.50
C LEU B 27 -22.00 -6.88 -47.58
N PRO B 28 -22.80 -7.90 -47.27
CA PRO B 28 -23.81 -8.39 -48.22
C PRO B 28 -24.73 -7.27 -48.68
N PRO B 29 -25.38 -7.43 -49.84
CA PRO B 29 -26.20 -6.35 -50.38
C PRO B 29 -27.47 -6.13 -49.57
N LEU B 30 -27.98 -4.90 -49.64
CA LEU B 30 -29.21 -4.55 -48.93
C LEU B 30 -30.36 -5.39 -49.45
N GLN B 31 -31.11 -6.00 -48.53
CA GLN B 31 -32.17 -6.92 -48.89
C GLN B 31 -33.49 -6.45 -48.30
N GLU B 32 -34.58 -6.89 -48.91
CA GLU B 32 -35.91 -6.51 -48.47
C GLU B 32 -36.31 -7.31 -47.24
N SER B 33 -37.31 -6.79 -46.53
CA SER B 33 -37.73 -7.37 -45.25
C SER B 33 -38.48 -8.69 -45.45
N VAL B 34 -39.19 -8.85 -46.55
CA VAL B 34 -39.96 -10.07 -46.78
C VAL B 34 -39.02 -11.27 -46.93
N ASN B 35 -37.99 -11.13 -47.76
CA ASN B 35 -37.07 -12.23 -48.00
C ASN B 35 -36.03 -12.39 -46.90
N SER B 36 -35.82 -11.36 -46.07
CA SER B 36 -34.88 -11.49 -44.97
C SER B 36 -35.39 -12.50 -43.94
N ALA B 37 -36.65 -12.39 -43.56
CA ALA B 37 -37.25 -13.34 -42.63
C ALA B 37 -37.57 -14.68 -43.30
N ALA B 38 -37.94 -14.66 -44.57
CA ALA B 38 -38.30 -15.90 -45.26
C ALA B 38 -37.08 -16.78 -45.47
N SER B 39 -35.93 -16.19 -45.72
CA SER B 39 -34.70 -16.97 -45.92
C SER B 39 -34.23 -17.62 -44.64
N LEU B 40 -34.77 -17.24 -43.48
CA LEU B 40 -34.34 -17.78 -42.20
C LEU B 40 -35.31 -18.87 -41.74
N LYS B 41 -35.41 -19.91 -42.56
CA LYS B 41 -36.31 -21.04 -42.28
C LYS B 41 -35.48 -22.31 -42.27
N SER B 42 -35.71 -23.17 -41.27
CA SER B 42 -34.95 -24.39 -41.12
C SER B 42 -35.87 -25.54 -40.77
N SER B 43 -35.46 -26.74 -41.14
CA SER B 43 -36.19 -27.96 -40.83
C SER B 43 -35.24 -29.14 -40.98
N LEU B 44 -35.73 -30.31 -40.58
CA LEU B 44 -34.96 -31.55 -40.70
C LEU B 44 -35.51 -32.37 -41.86
N GLN B 45 -34.62 -32.78 -42.77
CA GLN B 45 -35.03 -33.52 -43.95
C GLN B 45 -35.22 -34.99 -43.61
N LEU B 46 -36.39 -35.52 -43.95
CA LEU B 46 -36.72 -36.92 -43.71
C LEU B 46 -37.12 -37.59 -45.02
N THR B 47 -37.00 -38.91 -45.03
CA THR B 47 -37.37 -39.71 -46.19
C THR B 47 -38.34 -40.80 -45.75
N SER B 48 -39.06 -41.36 -46.72
CA SER B 48 -40.01 -42.42 -46.44
C SER B 48 -39.33 -43.71 -46.01
N SER B 49 -38.03 -43.86 -46.29
CA SER B 49 -37.30 -45.05 -45.87
C SER B 49 -37.06 -45.08 -44.36
N ASP B 50 -37.15 -43.93 -43.68
CA ASP B 50 -36.93 -43.89 -42.24
C ASP B 50 -38.09 -44.45 -41.45
N LEU B 51 -39.21 -44.79 -42.11
CA LEU B 51 -40.34 -45.36 -41.40
C LEU B 51 -39.99 -46.71 -40.79
N GLN B 52 -39.19 -47.52 -41.49
CA GLN B 52 -38.75 -48.81 -40.98
C GLN B 52 -37.33 -48.63 -40.44
N LYS B 53 -37.22 -48.24 -39.17
CA LYS B 53 -35.94 -48.04 -38.52
C LYS B 53 -36.05 -48.57 -37.09
N SER B 54 -34.95 -48.44 -36.35
CA SER B 54 -34.90 -48.92 -34.98
C SER B 54 -35.39 -47.82 -34.03
N ARG B 55 -35.76 -48.25 -32.82
CA ARG B 55 -36.31 -47.32 -31.83
C ARG B 55 -35.25 -46.31 -31.38
N VAL B 56 -34.01 -46.77 -31.16
CA VAL B 56 -32.96 -45.88 -30.71
C VAL B 56 -32.63 -44.84 -31.79
N ILE B 57 -32.51 -45.28 -33.04
CA ILE B 57 -32.22 -44.37 -34.14
C ILE B 57 -33.35 -43.36 -34.30
N ARG B 58 -34.60 -43.82 -34.22
CA ARG B 58 -35.73 -42.91 -34.34
C ARG B 58 -35.75 -41.88 -33.23
N ALA B 59 -35.49 -42.32 -31.99
CA ALA B 59 -35.45 -41.38 -30.86
C ALA B 59 -34.33 -40.36 -31.02
N HIS B 60 -33.16 -40.82 -31.46
CA HIS B 60 -32.03 -39.90 -31.62
C HIS B 60 -32.26 -38.92 -32.76
N THR B 61 -32.97 -39.32 -33.80
CA THR B 61 -33.23 -38.39 -34.90
C THR B 61 -34.44 -37.50 -34.65
N ILE B 62 -35.31 -37.85 -33.70
CA ILE B 62 -36.40 -36.94 -33.36
C ILE B 62 -36.07 -36.04 -32.19
N CYS B 63 -35.03 -36.34 -31.41
CA CYS B 63 -34.65 -35.43 -30.34
C CYS B 63 -34.00 -34.16 -30.85
N ARG B 64 -33.68 -34.09 -32.13
CA ARG B 64 -32.96 -32.96 -32.72
C ARG B 64 -33.88 -31.83 -33.15
N ILE B 65 -35.19 -31.96 -32.95
CA ILE B 65 -36.14 -30.98 -33.47
C ILE B 65 -35.91 -29.57 -32.94
N PRO B 66 -35.74 -29.35 -31.62
CA PRO B 66 -35.53 -27.97 -31.16
C PRO B 66 -34.27 -27.32 -31.73
N ASP B 67 -33.28 -28.11 -32.13
CA ASP B 67 -32.03 -27.54 -32.61
C ASP B 67 -32.14 -26.95 -34.01
N ASP B 68 -32.81 -27.65 -34.94
CA ASP B 68 -32.77 -27.30 -36.35
C ASP B 68 -34.13 -26.97 -36.94
N TYR B 69 -35.14 -26.73 -36.11
CA TYR B 69 -36.46 -26.32 -36.58
C TYR B 69 -36.66 -24.86 -36.18
N PHE B 70 -36.79 -23.99 -37.18
CA PHE B 70 -36.95 -22.56 -36.94
C PHE B 70 -37.93 -22.01 -37.97
N GLN B 71 -39.10 -21.56 -37.51
CA GLN B 71 -40.06 -20.89 -38.37
C GLN B 71 -40.16 -19.44 -37.95
N PRO B 72 -39.88 -18.49 -38.85
CA PRO B 72 -39.95 -17.07 -38.47
C PRO B 72 -41.36 -16.67 -38.05
N LEU B 73 -41.42 -15.82 -37.03
CA LEU B 73 -42.65 -15.22 -36.56
C LEU B 73 -42.90 -13.93 -37.35
N GLY B 74 -43.84 -13.11 -36.89
CA GLY B 74 -44.05 -11.82 -37.50
C GLY B 74 -43.19 -10.70 -36.95
N THR B 75 -42.54 -10.92 -35.81
CA THR B 75 -41.72 -9.89 -35.19
C THR B 75 -40.34 -9.79 -35.81
N HIS B 76 -39.89 -10.80 -36.55
CA HIS B 76 -38.52 -10.80 -37.08
C HIS B 76 -38.31 -9.78 -38.18
N LEU B 77 -39.39 -9.30 -38.81
CA LEU B 77 -39.26 -8.28 -39.84
C LEU B 77 -38.71 -7.00 -39.26
N LEU B 78 -39.08 -6.67 -38.02
CA LEU B 78 -38.54 -5.50 -37.35
C LEU B 78 -37.10 -5.73 -36.92
N LEU B 79 -36.81 -6.89 -36.34
CA LEU B 79 -35.48 -7.16 -35.80
C LEU B 79 -34.41 -7.21 -36.90
N SER B 80 -34.73 -7.83 -38.03
CA SER B 80 -33.76 -7.93 -39.13
C SER B 80 -33.37 -6.54 -39.64
N GLU B 81 -34.38 -5.71 -39.89
CA GLU B 81 -34.13 -4.35 -40.36
C GLU B 81 -33.35 -3.55 -39.33
N ARG B 82 -33.71 -3.68 -38.05
CA ARG B 82 -33.03 -2.93 -37.01
C ARG B 82 -31.55 -3.29 -36.95
N ILE B 83 -31.24 -4.59 -36.97
CA ILE B 83 -29.84 -5.00 -36.87
C ILE B 83 -29.06 -4.59 -38.12
N SER B 84 -29.68 -4.71 -39.30
CA SER B 84 -28.98 -4.30 -40.51
C SER B 84 -28.68 -2.81 -40.51
N VAL B 85 -29.65 -1.99 -40.09
CA VAL B 85 -29.45 -0.55 -40.02
C VAL B 85 -28.36 -0.21 -39.03
N MET B 86 -28.37 -0.86 -37.86
CA MET B 86 -27.35 -0.58 -36.85
C MET B 86 -25.95 -0.94 -37.35
N ILE B 87 -25.80 -2.12 -37.95
CA ILE B 87 -24.49 -2.54 -38.43
C ILE B 87 -23.98 -1.60 -39.52
N ARG B 88 -24.84 -1.26 -40.48
CA ARG B 88 -24.36 -0.41 -41.58
C ARG B 88 -24.16 1.03 -41.15
N GLY B 89 -24.89 1.50 -40.14
CA GLY B 89 -24.69 2.85 -39.66
C GLY B 89 -23.56 3.00 -38.67
N GLY B 90 -23.09 1.91 -38.08
CA GLY B 90 -21.94 2.00 -37.20
C GLY B 90 -20.69 2.44 -37.94
N TYR B 91 -20.54 2.04 -39.20
CA TYR B 91 -19.34 2.31 -39.97
C TYR B 91 -19.36 3.65 -40.68
N VAL B 92 -20.44 4.44 -40.55
CA VAL B 92 -20.54 5.70 -41.27
C VAL B 92 -19.47 6.68 -40.79
N GLY B 93 -19.29 6.78 -39.48
CA GLY B 93 -18.29 7.68 -38.94
C GLY B 93 -16.91 7.04 -38.91
N ARG B 94 -16.87 5.72 -38.97
CA ARG B 94 -15.60 4.98 -38.94
C ARG B 94 -15.17 4.60 -40.36
N ASN B 95 -14.90 5.61 -41.17
CA ASN B 95 -14.44 5.41 -42.53
C ASN B 95 -13.10 6.11 -42.73
N PRO B 96 -12.10 5.43 -43.30
CA PRO B 96 -10.81 6.08 -43.52
C PRO B 96 -10.90 7.17 -44.57
N LYS B 97 -10.75 8.43 -44.14
CA LYS B 97 -10.94 9.57 -45.03
C LYS B 97 -9.70 10.44 -45.16
N THR B 98 -8.60 10.10 -44.49
CA THR B 98 -7.37 10.88 -44.58
C THR B 98 -6.46 10.39 -45.70
N GLY B 99 -7.01 10.30 -46.91
CA GLY B 99 -6.23 9.87 -48.05
C GLY B 99 -5.44 11.00 -48.69
N ASP B 100 -6.15 12.02 -49.17
CA ASP B 100 -5.53 13.20 -49.76
C ASP B 100 -6.23 14.47 -49.30
N LEU B 101 -6.74 14.45 -48.08
CA LEU B 101 -7.56 15.53 -47.53
C LEU B 101 -6.74 16.64 -46.88
N GLN B 102 -5.42 16.47 -46.80
CA GLN B 102 -4.55 17.48 -46.20
C GLN B 102 -4.61 18.79 -46.98
N LYS B 103 -4.48 18.73 -48.31
CA LYS B 103 -4.51 19.93 -49.13
C LYS B 103 -5.85 20.62 -49.03
N HIS B 104 -6.94 19.85 -48.92
CA HIS B 104 -8.26 20.44 -48.72
C HIS B 104 -8.32 21.23 -47.42
N LEU B 105 -7.74 20.69 -46.35
CA LEU B 105 -7.72 21.39 -45.07
C LEU B 105 -6.93 22.69 -45.17
N GLN B 106 -5.75 22.65 -45.81
CA GLN B 106 -4.95 23.87 -45.88
C GLN B 106 -5.61 24.92 -46.76
N ASN B 107 -6.23 24.49 -47.86
CA ASN B 107 -6.93 25.43 -48.74
C ASN B 107 -8.09 26.08 -48.00
N GLY B 108 -8.88 25.28 -47.27
CA GLY B 108 -9.96 25.84 -46.48
C GLY B 108 -9.47 26.78 -45.38
N TYR B 109 -8.32 26.45 -44.78
CA TYR B 109 -7.77 27.29 -43.72
C TYR B 109 -7.37 28.66 -44.26
N GLU B 110 -6.64 28.68 -45.38
CA GLU B 110 -6.28 29.97 -45.96
C GLU B 110 -7.48 30.72 -46.54
N ARG B 111 -8.53 30.00 -46.95
CA ARG B 111 -9.72 30.70 -47.41
C ARG B 111 -10.50 31.33 -46.26
N VAL B 112 -10.61 30.62 -45.14
CA VAL B 112 -11.34 31.14 -43.99
C VAL B 112 -10.57 32.29 -43.34
N GLN B 113 -9.26 32.11 -43.18
CA GLN B 113 -8.47 33.11 -42.47
C GLN B 113 -8.43 34.44 -43.23
N THR B 114 -8.14 34.37 -44.53
CA THR B 114 -7.91 35.57 -45.33
C THR B 114 -9.06 35.88 -46.28
N GLY B 115 -9.56 34.89 -47.01
CA GLY B 115 -10.51 35.12 -48.09
C GLY B 115 -11.92 35.42 -47.62
N GLU B 116 -12.88 35.08 -48.49
CA GLU B 116 -14.27 35.44 -48.30
C GLU B 116 -15.10 34.37 -47.60
N LEU B 117 -14.57 33.14 -47.48
CA LEU B 117 -15.30 32.08 -46.79
C LEU B 117 -15.07 32.17 -45.29
N GLU B 118 -16.07 31.77 -44.52
CA GLU B 118 -15.92 31.69 -43.07
C GLU B 118 -16.35 30.35 -42.50
N THR B 119 -17.36 29.71 -43.08
CA THR B 119 -18.02 28.56 -42.45
C THR B 119 -17.48 27.22 -43.00
N PHE B 120 -16.19 27.02 -42.81
CA PHE B 120 -15.58 25.72 -43.10
C PHE B 120 -15.78 24.82 -41.89
N ARG B 121 -15.85 23.52 -42.14
CA ARG B 121 -16.09 22.52 -41.10
C ARG B 121 -14.95 21.50 -41.13
N PHE B 122 -13.93 21.70 -40.31
CA PHE B 122 -12.86 20.73 -40.17
C PHE B 122 -13.37 19.48 -39.46
N GLU B 123 -12.73 18.35 -39.76
CA GLU B 123 -12.93 17.09 -39.03
C GLU B 123 -14.40 16.66 -39.03
N GLU B 124 -14.87 16.31 -40.23
CA GLU B 124 -16.22 15.75 -40.35
C GLU B 124 -16.38 14.42 -39.62
N ALA B 125 -15.28 13.76 -39.27
CA ALA B 125 -15.34 12.47 -38.59
C ALA B 125 -15.96 12.63 -37.20
N ARG B 126 -16.79 11.67 -36.83
CA ARG B 126 -17.54 11.70 -35.58
C ARG B 126 -18.00 10.26 -35.31
N SER B 127 -18.87 10.08 -34.32
CA SER B 127 -19.43 8.79 -33.98
C SER B 127 -20.92 8.76 -34.33
N THR B 128 -21.37 7.64 -34.90
CA THR B 128 -22.76 7.46 -35.30
C THR B 128 -23.32 6.17 -34.71
N ALA B 129 -23.06 5.91 -33.44
CA ALA B 129 -23.46 4.66 -32.80
C ALA B 129 -24.73 4.85 -32.00
N GLN B 130 -25.64 3.89 -32.11
CA GLN B 130 -26.89 3.88 -31.38
C GLN B 130 -27.07 2.53 -30.70
N SER B 131 -27.86 2.52 -29.63
CA SER B 131 -28.07 1.34 -28.82
C SER B 131 -29.44 0.74 -29.08
N LEU B 132 -29.54 -0.57 -28.84
CA LEU B 132 -30.79 -1.30 -28.97
C LEU B 132 -31.01 -2.14 -27.73
N LEU B 133 -32.28 -2.35 -27.39
CA LEU B 133 -32.65 -3.13 -26.21
C LEU B 133 -33.69 -4.16 -26.61
N LEU B 134 -33.45 -5.42 -26.24
CA LEU B 134 -34.37 -6.52 -26.51
C LEU B 134 -34.73 -7.16 -25.17
N ILE B 135 -35.98 -7.01 -24.76
CA ILE B 135 -36.48 -7.56 -23.50
C ILE B 135 -37.64 -8.48 -23.83
N GLY B 136 -37.54 -9.74 -23.40
CA GLY B 136 -38.60 -10.70 -23.63
C GLY B 136 -38.56 -11.79 -22.59
N CYS B 137 -39.63 -12.58 -22.55
CA CYS B 137 -39.73 -13.66 -21.59
C CYS B 137 -38.74 -14.77 -21.93
N SER B 138 -38.40 -15.56 -20.91
CA SER B 138 -37.46 -16.67 -21.06
C SER B 138 -38.18 -17.80 -21.78
N GLY B 139 -38.00 -17.87 -23.10
CA GLY B 139 -38.67 -18.84 -23.92
C GLY B 139 -39.22 -18.21 -25.18
N SER B 140 -39.00 -16.91 -25.34
CA SER B 140 -39.44 -16.17 -26.51
C SER B 140 -38.44 -16.26 -27.66
N GLY B 141 -37.35 -17.01 -27.48
CA GLY B 141 -36.37 -17.19 -28.53
C GLY B 141 -35.66 -15.93 -28.95
N LYS B 142 -35.13 -15.18 -27.99
CA LYS B 142 -34.39 -13.97 -28.29
C LYS B 142 -32.90 -14.20 -28.47
N THR B 143 -32.45 -15.46 -28.42
CA THR B 143 -31.05 -15.81 -28.62
C THR B 143 -30.80 -16.55 -29.93
N THR B 144 -31.52 -17.64 -30.17
CA THR B 144 -31.36 -18.35 -31.43
C THR B 144 -31.84 -17.50 -32.60
N SER B 145 -32.82 -16.62 -32.36
CA SER B 145 -33.24 -15.68 -33.40
C SER B 145 -32.10 -14.78 -33.82
N LEU B 146 -31.38 -14.21 -32.85
CA LEU B 146 -30.27 -13.33 -33.17
C LEU B 146 -29.12 -14.11 -33.80
N HIS B 147 -28.93 -15.36 -33.37
CA HIS B 147 -27.94 -16.22 -34.04
C HIS B 147 -28.28 -16.42 -35.50
N ARG B 148 -29.55 -16.64 -35.82
CA ARG B 148 -29.94 -16.80 -37.22
C ARG B 148 -29.87 -15.48 -37.98
N ILE B 149 -30.13 -14.35 -37.31
CA ILE B 149 -30.03 -13.05 -37.98
C ILE B 149 -28.59 -12.80 -38.41
N LEU B 150 -27.64 -12.98 -37.51
CA LEU B 150 -26.25 -12.69 -37.82
C LEU B 150 -25.48 -13.88 -38.38
N ALA B 151 -26.12 -15.04 -38.57
CA ALA B 151 -25.52 -16.11 -39.35
C ALA B 151 -25.41 -15.73 -40.82
N THR B 152 -26.18 -14.73 -41.26
CA THR B 152 -26.13 -14.26 -42.64
C THR B 152 -24.83 -13.52 -42.93
N TYR B 153 -24.28 -12.81 -41.95
CA TYR B 153 -23.13 -11.99 -42.28
C TYR B 153 -21.83 -12.70 -41.92
N PRO B 154 -20.78 -12.57 -42.72
CA PRO B 154 -19.50 -13.20 -42.37
C PRO B 154 -18.89 -12.57 -41.12
N GLN B 155 -18.21 -13.40 -40.33
CA GLN B 155 -17.67 -12.96 -39.05
C GLN B 155 -16.59 -11.90 -39.23
N VAL B 156 -15.49 -12.28 -39.90
CA VAL B 156 -14.34 -11.40 -40.05
C VAL B 156 -13.99 -11.31 -41.54
N ILE B 157 -13.64 -10.11 -41.97
CA ILE B 157 -13.29 -9.83 -43.36
C ILE B 157 -11.91 -9.20 -43.38
N TYR B 158 -11.00 -9.78 -44.16
CA TYR B 158 -9.66 -9.24 -44.33
C TYR B 158 -9.62 -8.40 -45.60
N HIS B 159 -9.23 -7.13 -45.45
CA HIS B 159 -9.16 -6.20 -46.57
C HIS B 159 -7.71 -6.11 -47.03
N ARG B 160 -7.49 -6.33 -48.33
CA ARG B 160 -6.13 -6.44 -48.84
C ARG B 160 -5.45 -5.08 -48.99
N GLU B 161 -6.19 -4.05 -49.37
CA GLU B 161 -5.58 -2.78 -49.78
C GLU B 161 -4.89 -2.09 -48.61
N LEU B 162 -5.41 -2.25 -47.40
CA LEU B 162 -4.74 -1.78 -46.19
C LEU B 162 -4.75 -2.88 -45.15
N ASN B 163 -3.67 -3.00 -44.40
CA ASN B 163 -3.54 -4.09 -43.43
C ASN B 163 -4.45 -3.83 -42.23
N VAL B 164 -5.76 -3.93 -42.45
CA VAL B 164 -6.75 -3.79 -41.40
C VAL B 164 -7.68 -4.99 -41.47
N GLU B 165 -7.97 -5.58 -40.32
CA GLU B 165 -8.89 -6.70 -40.24
C GLU B 165 -10.17 -6.23 -39.56
N GLN B 166 -11.31 -6.56 -40.16
CA GLN B 166 -12.60 -6.09 -39.68
C GLN B 166 -13.45 -7.27 -39.22
N VAL B 167 -13.94 -7.19 -37.98
CA VAL B 167 -14.93 -8.13 -37.46
C VAL B 167 -16.22 -7.35 -37.23
N VAL B 168 -17.33 -7.89 -37.75
CA VAL B 168 -18.55 -7.09 -37.83
C VAL B 168 -19.43 -7.23 -36.59
N TYR B 169 -19.32 -8.33 -35.84
CA TYR B 169 -20.09 -8.49 -34.62
C TYR B 169 -19.32 -9.36 -33.66
N LEU B 170 -19.62 -9.22 -32.37
CA LEU B 170 -19.02 -10.06 -31.35
C LEU B 170 -20.05 -10.35 -30.28
N LYS B 171 -20.09 -11.60 -29.82
CA LYS B 171 -21.09 -12.06 -28.88
C LYS B 171 -20.43 -12.38 -27.55
N ILE B 172 -20.78 -11.61 -26.51
CA ILE B 172 -20.38 -11.88 -25.14
C ILE B 172 -21.65 -11.86 -24.28
N ASP B 173 -21.46 -11.98 -22.97
CA ASP B 173 -22.61 -11.94 -22.08
C ASP B 173 -22.18 -11.46 -20.70
N CYS B 174 -23.11 -10.78 -20.02
CA CYS B 174 -22.93 -10.48 -18.62
C CYS B 174 -23.02 -11.76 -17.80
N SER B 175 -22.15 -11.89 -16.80
CA SER B 175 -22.05 -13.11 -16.03
C SER B 175 -21.90 -12.79 -14.55
N HIS B 176 -22.30 -13.76 -13.73
CA HIS B 176 -22.11 -13.74 -12.28
C HIS B 176 -22.64 -12.51 -11.56
N ASN B 177 -21.72 -11.67 -11.07
CA ASN B 177 -22.03 -10.63 -10.10
C ASN B 177 -21.98 -9.22 -10.69
N GLY B 178 -22.07 -9.10 -12.01
CA GLY B 178 -22.09 -7.79 -12.63
C GLY B 178 -20.84 -6.98 -12.39
N SER B 179 -19.68 -7.61 -12.53
CA SER B 179 -18.40 -6.95 -12.45
C SER B 179 -17.85 -6.72 -13.85
N LEU B 180 -17.06 -5.65 -14.00
CA LEU B 180 -16.49 -5.37 -15.31
C LEU B 180 -15.40 -6.36 -15.68
N LYS B 181 -14.78 -7.01 -14.70
CA LYS B 181 -13.73 -7.94 -15.04
C LYS B 181 -14.30 -9.28 -15.51
N GLU B 182 -15.60 -9.52 -15.27
CA GLU B 182 -16.32 -10.55 -16.02
C GLU B 182 -16.23 -10.31 -17.51
N ILE B 183 -16.56 -9.10 -17.96
CA ILE B 183 -16.76 -8.86 -19.38
C ILE B 183 -15.46 -8.62 -20.13
N CYS B 184 -14.36 -8.29 -19.45
CA CYS B 184 -13.09 -8.20 -20.14
C CYS B 184 -12.58 -9.59 -20.53
N LEU B 185 -12.66 -10.53 -19.58
CA LEU B 185 -12.27 -11.90 -19.87
C LEU B 185 -13.21 -12.53 -20.89
N ASN B 186 -14.51 -12.28 -20.77
CA ASN B 186 -15.47 -12.75 -21.76
C ASN B 186 -15.20 -12.15 -23.13
N PHE B 187 -14.89 -10.85 -23.16
CA PHE B 187 -14.59 -10.17 -24.42
C PHE B 187 -13.39 -10.79 -25.11
N PHE B 188 -12.31 -11.00 -24.34
CA PHE B 188 -11.11 -11.60 -24.93
C PHE B 188 -11.37 -13.03 -25.39
N ARG B 189 -12.12 -13.79 -24.59
CA ARG B 189 -12.40 -15.18 -24.94
C ARG B 189 -13.21 -15.27 -26.23
N ALA B 190 -14.25 -14.45 -26.36
CA ALA B 190 -15.04 -14.45 -27.59
C ALA B 190 -14.23 -13.97 -28.78
N LEU B 191 -13.43 -12.91 -28.59
CA LEU B 191 -12.66 -12.37 -29.71
C LEU B 191 -11.63 -13.35 -30.22
N ASP B 192 -10.89 -14.01 -29.32
CA ASP B 192 -9.90 -14.96 -29.82
C ASP B 192 -10.48 -16.33 -30.13
N ARG B 193 -11.73 -16.61 -29.76
CA ARG B 193 -12.41 -17.78 -30.31
C ARG B 193 -12.86 -17.53 -31.74
N ALA B 194 -13.44 -16.36 -32.01
CA ALA B 194 -13.91 -16.06 -33.35
C ALA B 194 -12.75 -15.83 -34.30
N LEU B 195 -11.75 -15.06 -33.88
CA LEU B 195 -10.56 -14.79 -34.68
C LEU B 195 -9.39 -15.45 -33.96
N GLY B 196 -8.80 -16.47 -34.59
CA GLY B 196 -7.75 -17.24 -33.95
C GLY B 196 -6.55 -16.42 -33.52
N SER B 197 -6.43 -16.21 -32.21
CA SER B 197 -5.37 -15.41 -31.62
C SER B 197 -5.16 -15.85 -30.18
N ASN B 198 -4.30 -15.12 -29.47
CA ASN B 198 -3.97 -15.41 -28.08
C ASN B 198 -4.11 -14.14 -27.24
N TYR B 199 -5.23 -13.44 -27.39
CA TYR B 199 -5.45 -12.23 -26.60
C TYR B 199 -5.71 -12.54 -25.14
N GLU B 200 -6.39 -13.65 -24.84
CA GLU B 200 -6.69 -13.97 -23.46
C GLU B 200 -5.42 -14.33 -22.69
N ARG B 201 -4.49 -15.04 -23.34
CA ARG B 201 -3.25 -15.41 -22.68
C ARG B 201 -2.34 -14.20 -22.48
N ARG B 202 -2.35 -13.27 -23.43
CA ARG B 202 -1.45 -12.13 -23.36
C ARG B 202 -1.88 -11.11 -22.31
N TYR B 203 -3.18 -11.00 -22.04
CA TYR B 203 -3.70 -9.95 -21.18
C TYR B 203 -4.53 -10.42 -20.01
N GLY B 204 -5.00 -11.66 -20.00
CA GLY B 204 -5.88 -12.14 -18.95
C GLY B 204 -5.17 -12.52 -17.66
N LEU B 205 -4.18 -13.40 -17.75
CA LEU B 205 -3.54 -13.94 -16.56
C LEU B 205 -2.68 -12.90 -15.85
N LYS B 206 -2.26 -11.85 -16.56
CA LYS B 206 -1.40 -10.85 -15.97
C LYS B 206 -2.14 -10.07 -14.88
N ARG B 207 -1.41 -9.68 -13.85
CA ARG B 207 -1.99 -8.91 -12.75
C ARG B 207 -2.28 -7.50 -13.24
N HIS B 208 -3.54 -7.24 -13.60
CA HIS B 208 -3.91 -5.99 -14.23
C HIS B 208 -5.15 -5.41 -13.57
N GLY B 209 -5.14 -4.09 -13.39
CA GLY B 209 -6.29 -3.44 -12.82
C GLY B 209 -7.47 -3.39 -13.77
N ILE B 210 -8.63 -3.05 -13.21
CA ILE B 210 -9.84 -2.93 -14.02
C ILE B 210 -9.68 -1.82 -15.06
N GLU B 211 -9.20 -0.65 -14.62
CA GLU B 211 -9.16 0.50 -15.51
C GLU B 211 -8.04 0.43 -16.53
N THR B 212 -7.00 -0.37 -16.28
CA THR B 212 -5.97 -0.57 -17.29
C THR B 212 -6.36 -1.63 -18.30
N MET B 213 -7.11 -2.65 -17.87
CA MET B 213 -7.50 -3.72 -18.78
C MET B 213 -8.67 -3.29 -19.66
N LEU B 214 -9.54 -2.41 -19.17
CA LEU B 214 -10.59 -1.83 -20.00
C LEU B 214 -10.00 -1.00 -21.14
N ALA B 215 -8.88 -0.32 -20.90
CA ALA B 215 -8.21 0.41 -21.98
C ALA B 215 -7.71 -0.52 -23.05
N LEU B 216 -7.18 -1.68 -22.66
CA LEU B 216 -6.74 -2.66 -23.64
C LEU B 216 -7.94 -3.23 -24.40
N MET B 217 -9.05 -3.47 -23.71
CA MET B 217 -10.29 -3.86 -24.39
C MET B 217 -10.68 -2.84 -25.44
N SER B 218 -10.65 -1.55 -25.08
CA SER B 218 -11.00 -0.50 -26.02
C SER B 218 -10.04 -0.44 -27.19
N GLN B 219 -8.74 -0.60 -26.94
CA GLN B 219 -7.74 -0.52 -27.99
C GLN B 219 -7.91 -1.67 -28.99
N ILE B 220 -8.06 -2.89 -28.50
CA ILE B 220 -8.24 -4.03 -29.40
C ILE B 220 -9.58 -3.95 -30.13
N ALA B 221 -10.62 -3.45 -29.47
CA ALA B 221 -11.90 -3.31 -30.15
C ALA B 221 -11.87 -2.22 -31.22
N ASN B 222 -11.02 -1.20 -31.04
CA ASN B 222 -10.82 -0.18 -32.04
C ASN B 222 -9.84 -0.61 -33.13
N ALA B 223 -9.05 -1.65 -32.89
CA ALA B 223 -8.15 -2.15 -33.93
C ALA B 223 -8.91 -2.98 -34.96
N HIS B 224 -9.52 -4.08 -34.53
CA HIS B 224 -10.46 -4.82 -35.34
C HIS B 224 -11.78 -4.07 -35.23
N VAL B 225 -12.06 -3.20 -36.21
CA VAL B 225 -13.19 -2.29 -36.10
C VAL B 225 -14.48 -3.08 -35.96
N LEU B 226 -15.14 -2.92 -34.81
CA LEU B 226 -16.27 -3.74 -34.44
C LEU B 226 -17.57 -3.01 -34.77
N GLY B 227 -18.40 -3.66 -35.59
CA GLY B 227 -19.64 -3.03 -36.03
C GLY B 227 -20.84 -3.28 -35.16
N LEU B 228 -20.71 -4.16 -34.16
CA LEU B 228 -21.82 -4.48 -33.26
C LEU B 228 -21.27 -5.29 -32.11
N LEU B 229 -21.81 -5.03 -30.91
CA LEU B 229 -21.47 -5.79 -29.71
C LEU B 229 -22.76 -6.28 -29.08
N VAL B 230 -22.86 -7.59 -28.86
CA VAL B 230 -24.05 -8.22 -28.30
C VAL B 230 -23.71 -8.69 -26.90
N ILE B 231 -24.41 -8.12 -25.90
CA ILE B 231 -24.27 -8.57 -24.52
C ILE B 231 -25.57 -9.22 -24.09
N ASP B 232 -25.63 -10.54 -24.22
CA ASP B 232 -26.83 -11.28 -23.83
C ASP B 232 -26.90 -11.39 -22.30
N GLU B 233 -28.12 -11.54 -21.80
CA GLU B 233 -28.39 -11.78 -20.38
C GLU B 233 -27.84 -10.66 -19.51
N ILE B 234 -28.44 -9.47 -19.68
CA ILE B 234 -28.08 -8.31 -18.89
C ILE B 234 -28.93 -8.30 -17.63
N GLN B 235 -29.68 -9.38 -17.41
CA GLN B 235 -30.44 -9.55 -16.18
C GLN B 235 -29.56 -9.84 -14.98
N HIS B 236 -28.28 -10.13 -15.19
CA HIS B 236 -27.35 -10.36 -14.10
C HIS B 236 -26.92 -9.07 -13.42
N LEU B 237 -27.29 -7.92 -13.97
CA LEU B 237 -26.96 -6.63 -13.39
C LEU B 237 -27.98 -6.16 -12.36
N SER B 238 -29.03 -6.95 -12.12
CA SER B 238 -30.13 -6.52 -11.28
C SER B 238 -29.90 -6.86 -9.81
N ARG B 239 -29.76 -8.15 -9.50
CA ARG B 239 -29.57 -8.57 -8.12
C ARG B 239 -28.16 -8.25 -7.61
N SER B 240 -27.21 -8.02 -8.51
CA SER B 240 -25.85 -7.69 -8.09
C SER B 240 -25.82 -6.39 -7.30
N ARG B 241 -25.10 -6.42 -6.18
CA ARG B 241 -25.09 -5.33 -5.22
C ARG B 241 -23.86 -4.44 -5.50
N SER B 242 -23.60 -3.47 -4.62
CA SER B 242 -22.52 -2.50 -4.70
C SER B 242 -22.78 -1.51 -5.83
N GLY B 243 -21.76 -0.76 -6.22
CA GLY B 243 -21.93 0.27 -7.23
C GLY B 243 -21.59 -0.19 -8.63
N GLY B 244 -21.56 -1.50 -8.85
CA GLY B 244 -21.19 -2.05 -10.14
C GLY B 244 -22.30 -2.01 -11.16
N SER B 245 -23.55 -2.05 -10.70
CA SER B 245 -24.69 -2.10 -11.60
C SER B 245 -24.78 -0.85 -12.45
N GLN B 246 -24.58 0.32 -11.84
CA GLN B 246 -24.61 1.57 -12.59
C GLN B 246 -23.32 1.79 -13.36
N GLU B 247 -22.18 1.32 -12.84
CA GLU B 247 -20.91 1.59 -13.53
C GLU B 247 -20.74 0.73 -14.78
N MET B 248 -21.33 -0.46 -14.82
CA MET B 248 -21.27 -1.23 -16.06
C MET B 248 -22.08 -0.56 -17.16
N LEU B 249 -23.25 -0.02 -16.81
CA LEU B 249 -24.01 0.80 -17.75
C LEU B 249 -23.25 2.06 -18.14
N ASN B 250 -22.49 2.64 -17.21
CA ASN B 250 -21.65 3.79 -17.54
C ASN B 250 -20.62 3.42 -18.59
N PHE B 251 -19.99 2.26 -18.43
CA PHE B 251 -18.99 1.81 -19.41
C PHE B 251 -19.64 1.57 -20.77
N PHE B 252 -20.81 0.96 -20.79
CA PHE B 252 -21.44 0.69 -22.08
C PHE B 252 -21.98 1.96 -22.73
N VAL B 253 -22.36 2.96 -21.93
CA VAL B 253 -22.78 4.24 -22.49
C VAL B 253 -21.58 4.98 -23.08
N THR B 254 -20.44 4.97 -22.40
CA THR B 254 -19.28 5.64 -22.98
C THR B 254 -18.62 4.84 -24.09
N MET B 255 -18.99 3.57 -24.27
CA MET B 255 -18.50 2.82 -25.42
C MET B 255 -19.15 3.28 -26.72
N VAL B 256 -20.40 3.74 -26.68
CA VAL B 256 -21.08 4.23 -27.87
C VAL B 256 -20.94 5.74 -28.01
N ASN B 257 -19.98 6.34 -27.31
CA ASN B 257 -19.80 7.78 -27.30
C ASN B 257 -18.46 8.20 -27.88
N ILE B 258 -17.38 7.45 -27.60
CA ILE B 258 -16.06 7.80 -28.10
C ILE B 258 -15.62 6.78 -29.15
N ILE B 259 -15.60 5.51 -28.78
CA ILE B 259 -15.11 4.46 -29.68
C ILE B 259 -16.00 4.35 -30.91
N GLY B 260 -17.31 4.27 -30.69
CA GLY B 260 -18.26 4.21 -31.78
C GLY B 260 -18.86 2.85 -32.07
N VAL B 261 -18.61 1.84 -31.24
CA VAL B 261 -19.13 0.51 -31.47
C VAL B 261 -20.53 0.43 -30.85
N PRO B 262 -21.59 0.25 -31.65
CA PRO B 262 -22.93 0.16 -31.09
C PRO B 262 -23.09 -1.04 -30.18
N VAL B 263 -23.95 -0.89 -29.17
CA VAL B 263 -24.17 -1.90 -28.14
C VAL B 263 -25.63 -2.30 -28.14
N MET B 264 -25.89 -3.60 -28.17
CA MET B 264 -27.23 -4.15 -28.07
C MET B 264 -27.33 -4.99 -26.80
N LEU B 265 -28.34 -4.74 -25.99
CA LEU B 265 -28.50 -5.37 -24.68
C LEU B 265 -29.74 -6.26 -24.70
N ILE B 266 -29.58 -7.51 -24.30
CA ILE B 266 -30.65 -8.51 -24.35
C ILE B 266 -30.87 -9.06 -22.95
N GLY B 267 -32.13 -9.06 -22.51
CA GLY B 267 -32.45 -9.56 -21.18
C GLY B 267 -33.91 -9.92 -21.07
N THR B 268 -34.29 -10.37 -19.87
CA THR B 268 -35.65 -10.70 -19.50
C THR B 268 -36.28 -9.57 -18.70
N PRO B 269 -37.62 -9.56 -18.55
CA PRO B 269 -38.26 -8.44 -17.82
C PRO B 269 -37.86 -8.30 -16.37
N LYS B 270 -37.02 -9.21 -15.86
CA LYS B 270 -36.41 -8.99 -14.56
C LYS B 270 -35.52 -7.76 -14.57
N ALA B 271 -34.81 -7.54 -15.68
CA ALA B 271 -33.98 -6.36 -15.86
C ALA B 271 -34.74 -5.19 -16.46
N ARG B 272 -36.08 -5.18 -16.34
CA ARG B 272 -36.83 -4.01 -16.79
C ARG B 272 -36.59 -2.81 -15.89
N GLU B 273 -36.33 -3.05 -14.61
CA GLU B 273 -36.21 -1.98 -13.62
C GLU B 273 -34.78 -1.53 -13.40
N ILE B 274 -33.80 -2.12 -14.07
CA ILE B 274 -32.44 -1.62 -13.95
C ILE B 274 -32.27 -0.30 -14.70
N PHE B 275 -33.19 0.00 -15.62
CA PHE B 275 -33.14 1.24 -16.39
C PHE B 275 -34.05 2.32 -15.83
N GLU B 276 -35.08 1.96 -15.07
CA GLU B 276 -36.12 2.89 -14.64
C GLU B 276 -35.69 3.81 -13.51
N ALA B 277 -34.40 3.86 -13.18
CA ALA B 277 -33.95 4.72 -12.09
C ALA B 277 -33.94 6.19 -12.51
N ASP B 278 -33.57 6.46 -13.76
CA ASP B 278 -33.33 7.84 -14.17
C ASP B 278 -33.72 7.98 -15.64
N LEU B 279 -33.72 9.23 -16.12
CA LEU B 279 -34.00 9.50 -17.53
C LEU B 279 -32.85 9.05 -18.44
N ARG B 280 -31.62 9.39 -18.07
CA ARG B 280 -30.47 9.05 -18.92
C ARG B 280 -30.24 7.55 -19.00
N SER B 281 -30.58 6.81 -17.95
CA SER B 281 -30.44 5.36 -18.00
C SER B 281 -31.50 4.70 -18.88
N ALA B 282 -32.50 5.44 -19.31
CA ALA B 282 -33.56 4.93 -20.16
C ALA B 282 -33.44 5.38 -21.60
N ARG B 283 -33.14 6.66 -21.84
CA ARG B 283 -32.92 7.14 -23.20
C ARG B 283 -31.69 6.50 -23.82
N ARG B 284 -30.62 6.36 -23.03
CA ARG B 284 -29.38 5.76 -23.50
C ARG B 284 -29.37 4.25 -23.34
N GLY B 285 -30.54 3.64 -23.12
CA GLY B 285 -30.66 2.21 -23.10
C GLY B 285 -31.52 1.71 -24.24
N ALA B 286 -32.10 2.64 -24.99
CA ALA B 286 -32.91 2.31 -26.16
C ALA B 286 -32.78 3.46 -27.15
N GLY B 287 -31.87 3.32 -28.11
CA GLY B 287 -31.64 4.37 -29.09
C GLY B 287 -32.66 4.38 -30.20
N PHE B 288 -32.69 3.33 -31.00
CA PHE B 288 -33.75 3.15 -32.00
C PHE B 288 -34.87 2.27 -31.44
N GLY B 289 -35.39 2.65 -30.29
CA GLY B 289 -36.51 1.95 -29.69
C GLY B 289 -36.09 0.67 -28.97
N ALA B 290 -37.01 0.18 -28.15
CA ALA B 290 -36.83 -1.07 -27.42
C ALA B 290 -37.91 -2.04 -27.85
N ILE B 291 -37.52 -3.28 -28.13
CA ILE B 291 -38.43 -4.29 -28.68
C ILE B 291 -38.83 -5.22 -27.55
N PHE B 292 -40.10 -5.19 -27.17
CA PHE B 292 -40.64 -6.07 -26.15
C PHE B 292 -41.39 -7.22 -26.83
N TRP B 293 -40.96 -8.45 -26.60
CA TRP B 293 -41.53 -9.62 -27.24
C TRP B 293 -42.50 -10.29 -26.28
N ASP B 294 -43.79 -10.14 -26.54
CA ASP B 294 -44.80 -10.85 -25.76
C ASP B 294 -44.99 -12.27 -26.29
N PRO B 295 -45.42 -13.20 -25.44
CA PRO B 295 -45.67 -14.56 -25.90
C PRO B 295 -46.85 -14.62 -26.88
N ILE B 296 -46.93 -15.73 -27.59
CA ILE B 296 -47.99 -15.92 -28.57
C ILE B 296 -49.33 -16.00 -27.86
N GLN B 297 -50.28 -15.17 -28.27
CA GLN B 297 -51.63 -15.22 -27.74
C GLN B 297 -52.50 -16.10 -28.62
N GLN B 298 -53.53 -16.69 -28.01
CA GLN B 298 -54.36 -17.66 -28.70
C GLN B 298 -55.09 -17.02 -29.88
N THR B 299 -55.67 -15.84 -29.68
CA THR B 299 -56.38 -15.12 -30.73
C THR B 299 -55.91 -13.68 -30.76
N GLN B 300 -55.51 -13.22 -31.95
CA GLN B 300 -55.12 -11.82 -32.09
C GLN B 300 -56.32 -10.89 -32.02
N ARG B 301 -57.49 -11.37 -32.42
CA ARG B 301 -58.72 -10.60 -32.39
C ARG B 301 -59.87 -11.58 -32.16
N GLY B 302 -61.09 -11.18 -32.51
CA GLY B 302 -62.22 -12.09 -32.43
C GLY B 302 -62.01 -13.37 -33.22
N LYS B 303 -61.26 -13.28 -34.34
CA LYS B 303 -60.82 -14.40 -35.16
C LYS B 303 -59.55 -15.00 -34.59
N PRO B 304 -59.30 -16.29 -34.82
CA PRO B 304 -58.05 -16.90 -34.35
C PRO B 304 -56.83 -16.32 -35.07
N ASN B 305 -55.70 -16.35 -34.39
CA ASN B 305 -54.45 -15.86 -34.96
C ASN B 305 -53.83 -16.91 -35.86
N GLN B 306 -53.49 -16.50 -37.09
CA GLN B 306 -52.89 -17.43 -38.05
C GLN B 306 -51.45 -17.77 -37.73
N GLU B 307 -50.78 -16.98 -36.89
CA GLU B 307 -49.39 -17.26 -36.55
C GLU B 307 -49.26 -18.56 -35.78
N TRP B 308 -50.08 -18.72 -34.73
CA TRP B 308 -50.03 -19.94 -33.94
C TRP B 308 -50.52 -21.14 -34.75
N ILE B 309 -51.53 -20.95 -35.59
CA ILE B 309 -52.04 -22.03 -36.43
C ILE B 309 -50.95 -22.51 -37.38
N ALA B 310 -50.26 -21.58 -38.02
CA ALA B 310 -49.17 -21.95 -38.93
C ALA B 310 -48.05 -22.64 -38.18
N PHE B 311 -47.71 -22.14 -36.99
CA PHE B 311 -46.68 -22.79 -36.17
C PHE B 311 -47.03 -24.23 -35.87
N THR B 312 -48.24 -24.47 -35.36
CA THR B 312 -48.63 -25.83 -35.02
C THR B 312 -48.68 -26.72 -36.25
N ASP B 313 -49.21 -26.21 -37.36
CA ASP B 313 -49.34 -27.02 -38.56
C ASP B 313 -47.98 -27.41 -39.12
N ASN B 314 -47.02 -26.48 -39.13
CA ASN B 314 -45.70 -26.80 -39.65
C ASN B 314 -44.92 -27.69 -38.69
N LEU B 315 -45.10 -27.49 -37.38
CA LEU B 315 -44.38 -28.31 -36.41
C LEU B 315 -44.93 -29.72 -36.36
N TRP B 316 -46.20 -29.91 -36.72
CA TRP B 316 -46.80 -31.24 -36.67
C TRP B 316 -46.17 -32.19 -37.68
N GLN B 317 -45.68 -31.68 -38.79
CA GLN B 317 -45.17 -32.55 -39.85
C GLN B 317 -43.91 -33.30 -39.46
N LEU B 318 -43.19 -32.84 -38.42
CA LEU B 318 -41.94 -33.47 -38.01
C LEU B 318 -42.19 -34.56 -36.98
N GLN B 319 -42.91 -35.60 -37.40
CA GLN B 319 -43.16 -36.76 -36.58
C GLN B 319 -42.73 -38.02 -37.31
N LEU B 320 -42.31 -39.02 -36.55
CA LEU B 320 -41.90 -40.33 -37.08
C LEU B 320 -42.56 -41.40 -36.24
N LEU B 321 -43.79 -41.77 -36.62
CA LEU B 321 -44.52 -42.84 -35.96
C LEU B 321 -45.07 -43.79 -37.01
N GLN B 322 -45.20 -45.06 -36.64
CA GLN B 322 -45.73 -46.05 -37.57
C GLN B 322 -47.18 -45.74 -37.92
N ARG B 323 -48.03 -45.56 -36.91
CA ARG B 323 -49.42 -45.19 -37.14
C ARG B 323 -49.61 -43.68 -36.97
N LYS B 324 -48.85 -42.93 -37.77
CA LYS B 324 -48.93 -41.48 -37.72
C LYS B 324 -50.10 -40.97 -38.54
N ASP B 325 -50.69 -39.86 -38.08
CA ASP B 325 -51.81 -39.22 -38.75
C ASP B 325 -51.40 -37.81 -39.11
N ALA B 326 -51.51 -37.48 -40.41
CA ALA B 326 -51.10 -36.16 -40.87
C ALA B 326 -52.00 -35.07 -40.29
N LEU B 327 -53.31 -35.29 -40.26
CA LEU B 327 -54.23 -34.31 -39.70
C LEU B 327 -54.09 -34.24 -38.19
N LEU B 328 -54.52 -33.12 -37.63
CA LEU B 328 -54.55 -32.93 -36.18
C LEU B 328 -55.91 -32.37 -35.78
N SER B 329 -56.45 -32.90 -34.69
CA SER B 329 -57.77 -32.48 -34.22
C SER B 329 -57.69 -31.12 -33.54
N ASP B 330 -58.82 -30.42 -33.54
CA ASP B 330 -58.91 -29.15 -32.83
C ASP B 330 -58.76 -29.34 -31.32
N GLU B 331 -59.21 -30.48 -30.80
CA GLU B 331 -59.01 -30.77 -29.38
C GLU B 331 -57.53 -30.88 -29.05
N VAL B 332 -56.74 -31.43 -29.97
CA VAL B 332 -55.30 -31.58 -29.74
C VAL B 332 -54.64 -30.22 -29.65
N ARG B 333 -54.97 -29.30 -30.57
CA ARG B 333 -54.32 -27.99 -30.55
C ARG B 333 -54.83 -27.13 -29.39
N ASP B 334 -56.11 -27.28 -29.03
CA ASP B 334 -56.67 -26.45 -27.96
C ASP B 334 -56.00 -26.74 -26.63
N VAL B 335 -55.75 -28.01 -26.33
CA VAL B 335 -55.02 -28.35 -25.11
C VAL B 335 -53.52 -28.09 -25.29
N TRP B 336 -53.04 -28.01 -26.52
CA TRP B 336 -51.63 -27.71 -26.74
C TRP B 336 -51.29 -26.31 -26.26
N TYR B 337 -52.14 -25.33 -26.58
CA TYR B 337 -51.92 -23.98 -26.06
C TYR B 337 -52.31 -23.89 -24.59
N GLU B 338 -53.26 -24.70 -24.15
CA GLU B 338 -53.69 -24.66 -22.76
C GLU B 338 -52.56 -25.04 -21.81
N LEU B 339 -51.81 -26.09 -22.16
CA LEU B 339 -50.77 -26.58 -21.27
C LEU B 339 -49.55 -25.66 -21.27
N SER B 340 -49.15 -25.19 -22.46
CA SER B 340 -47.94 -24.40 -22.59
C SER B 340 -48.18 -22.92 -22.33
N GLN B 341 -49.29 -22.39 -22.86
CA GLN B 341 -49.73 -21.00 -22.62
C GLN B 341 -48.68 -19.99 -23.13
N GLY B 342 -48.45 -20.02 -24.45
CA GLY B 342 -47.81 -18.94 -25.15
C GLY B 342 -46.30 -19.03 -25.26
N VAL B 343 -45.65 -19.77 -24.38
CA VAL B 343 -44.19 -19.84 -24.35
C VAL B 343 -43.71 -20.95 -25.29
N MET B 344 -42.91 -20.55 -26.28
CA MET B 344 -42.67 -21.39 -27.45
C MET B 344 -41.76 -22.56 -27.13
N ASP B 345 -40.75 -22.32 -26.29
CA ASP B 345 -39.80 -23.37 -25.94
C ASP B 345 -40.52 -24.52 -25.24
N ILE B 346 -41.43 -24.19 -24.33
CA ILE B 346 -42.22 -25.22 -23.67
C ILE B 346 -43.08 -25.97 -24.68
N VAL B 347 -43.56 -25.29 -25.72
CA VAL B 347 -44.34 -25.97 -26.76
C VAL B 347 -43.49 -27.03 -27.45
N VAL B 348 -42.30 -26.67 -27.90
CA VAL B 348 -41.51 -27.62 -28.67
C VAL B 348 -41.02 -28.76 -27.78
N LYS B 349 -40.66 -28.46 -26.52
CA LYS B 349 -40.22 -29.53 -25.63
C LYS B 349 -41.37 -30.44 -25.23
N LEU B 350 -42.57 -29.90 -25.04
CA LEU B 350 -43.72 -30.75 -24.77
C LEU B 350 -43.99 -31.69 -25.94
N PHE B 351 -43.89 -31.16 -27.17
CA PHE B 351 -44.10 -32.01 -28.33
C PHE B 351 -43.07 -33.13 -28.41
N VAL B 352 -41.79 -32.80 -28.24
CA VAL B 352 -40.75 -33.82 -28.40
C VAL B 352 -40.80 -34.83 -27.27
N LEU B 353 -41.09 -34.39 -26.03
CA LEU B 353 -41.18 -35.33 -24.93
C LEU B 353 -42.40 -36.24 -25.07
N ALA B 354 -43.52 -35.69 -25.56
CA ALA B 354 -44.68 -36.54 -25.83
C ALA B 354 -44.36 -37.57 -26.90
N GLN B 355 -43.64 -37.17 -27.94
CA GLN B 355 -43.28 -38.13 -29.00
C GLN B 355 -42.35 -39.20 -28.45
N LEU B 356 -41.37 -38.83 -27.62
CA LEU B 356 -40.49 -39.81 -27.01
C LEU B 356 -41.26 -40.77 -26.11
N ARG B 357 -42.20 -40.24 -25.31
CA ARG B 357 -42.98 -41.08 -24.42
C ARG B 357 -43.86 -42.05 -25.21
N ALA B 358 -44.46 -41.58 -26.29
CA ALA B 358 -45.29 -42.45 -27.12
C ALA B 358 -44.45 -43.53 -27.80
N LEU B 359 -43.24 -43.18 -28.25
CA LEU B 359 -42.39 -44.14 -28.93
C LEU B 359 -41.96 -45.26 -27.99
N ALA B 360 -41.57 -44.91 -26.76
CA ALA B 360 -41.05 -45.91 -25.83
C ALA B 360 -42.15 -46.65 -25.07
N LEU B 361 -43.38 -46.14 -25.08
CA LEU B 361 -44.45 -46.83 -24.35
C LEU B 361 -44.95 -48.06 -25.10
N GLY B 362 -44.83 -48.07 -26.42
CA GLY B 362 -45.36 -49.14 -27.24
C GLY B 362 -46.65 -48.82 -27.95
N ASN B 363 -47.28 -47.69 -27.62
CA ASN B 363 -48.48 -47.22 -28.30
C ASN B 363 -48.06 -46.16 -29.32
N GLU B 364 -48.15 -46.52 -30.60
CA GLU B 364 -47.67 -45.65 -31.68
C GLU B 364 -48.80 -44.71 -32.12
N ARG B 365 -49.20 -43.84 -31.19
CA ARG B 365 -50.21 -42.84 -31.46
C ARG B 365 -50.06 -41.72 -30.44
N ILE B 366 -50.31 -40.50 -30.88
CA ILE B 366 -50.27 -39.32 -30.03
C ILE B 366 -51.70 -38.87 -29.74
N THR B 367 -51.98 -38.57 -28.46
CA THR B 367 -53.31 -38.14 -28.05
C THR B 367 -53.17 -37.14 -26.91
N ALA B 368 -54.26 -36.41 -26.67
CA ALA B 368 -54.23 -35.34 -25.68
C ALA B 368 -53.95 -35.85 -24.28
N GLY B 369 -54.41 -37.06 -23.95
CA GLY B 369 -54.12 -37.63 -22.65
C GLY B 369 -52.63 -37.80 -22.40
N LEU B 370 -51.90 -38.25 -23.42
CA LEU B 370 -50.45 -38.37 -23.30
C LEU B 370 -49.81 -36.99 -23.15
N LEU B 371 -50.36 -35.97 -23.81
CA LEU B 371 -49.85 -34.62 -23.65
C LEU B 371 -50.01 -34.13 -22.22
N ARG B 372 -51.19 -34.38 -21.62
CA ARG B 372 -51.39 -34.01 -20.22
C ARG B 372 -50.45 -34.80 -19.30
N GLN B 373 -50.26 -36.08 -19.60
CA GLN B 373 -49.37 -36.91 -18.78
C GLN B 373 -47.94 -36.40 -18.82
N VAL B 374 -47.44 -36.06 -20.02
CA VAL B 374 -46.06 -35.60 -20.11
C VAL B 374 -45.92 -34.17 -19.61
N TYR B 375 -47.02 -33.41 -19.59
CA TYR B 375 -46.98 -32.09 -18.97
C TYR B 375 -46.87 -32.21 -17.46
N GLN B 376 -47.67 -33.09 -16.85
CA GLN B 376 -47.68 -33.21 -15.40
C GLN B 376 -46.42 -33.90 -14.88
N ASP B 377 -46.01 -34.98 -15.54
CA ASP B 377 -44.91 -35.79 -15.01
C ASP B 377 -43.56 -35.11 -15.21
N GLU B 378 -43.33 -34.53 -16.38
CA GLU B 378 -42.00 -34.04 -16.72
C GLU B 378 -41.80 -32.57 -16.35
N LEU B 379 -42.71 -31.69 -16.77
CA LEU B 379 -42.55 -30.26 -16.51
C LEU B 379 -43.04 -29.91 -15.11
N LYS B 380 -42.53 -30.62 -14.09
CA LYS B 380 -42.93 -30.34 -12.72
C LYS B 380 -42.53 -28.94 -12.23
N PRO B 381 -41.28 -28.48 -12.38
CA PRO B 381 -40.95 -27.15 -11.88
C PRO B 381 -41.32 -26.01 -12.81
N VAL B 382 -42.03 -26.28 -13.90
CA VAL B 382 -42.38 -25.25 -14.88
C VAL B 382 -43.81 -24.79 -14.72
N HIS B 383 -44.71 -25.67 -14.31
CA HIS B 383 -46.13 -25.31 -14.23
C HIS B 383 -46.53 -24.33 -13.12
N PRO B 384 -45.86 -24.23 -11.95
CA PRO B 384 -46.40 -23.33 -10.91
C PRO B 384 -46.38 -21.86 -11.31
N MET B 385 -45.60 -21.48 -12.32
CA MET B 385 -45.66 -20.14 -12.87
C MET B 385 -46.54 -20.04 -14.11
N LEU B 386 -46.76 -21.15 -14.81
CA LEU B 386 -47.71 -21.15 -15.91
C LEU B 386 -49.15 -21.07 -15.43
N GLU B 387 -49.41 -21.44 -14.18
CA GLU B 387 -50.77 -21.38 -13.65
C GLU B 387 -51.29 -19.96 -13.59
N ALA B 388 -50.42 -18.99 -13.27
CA ALA B 388 -50.83 -17.60 -13.23
C ALA B 388 -51.29 -17.10 -14.60
N LEU B 389 -50.55 -17.48 -15.64
CA LEU B 389 -50.94 -17.07 -16.99
C LEU B 389 -52.17 -17.82 -17.47
N ARG B 390 -52.32 -19.09 -17.08
CA ARG B 390 -53.50 -19.86 -17.49
C ARG B 390 -54.77 -19.30 -16.85
N SER B 391 -54.69 -18.94 -15.56
CA SER B 391 -55.86 -18.40 -14.88
C SER B 391 -56.21 -16.99 -15.33
N GLY B 392 -55.28 -16.29 -15.95
CA GLY B 392 -55.54 -14.93 -16.41
C GLY B 392 -55.81 -13.93 -15.31
N ILE B 393 -55.05 -13.99 -14.23
CA ILE B 393 -55.20 -13.09 -13.09
C ILE B 393 -54.09 -12.05 -13.15
N PRO B 394 -54.41 -10.75 -13.04
CA PRO B 394 -53.34 -9.74 -13.12
C PRO B 394 -52.34 -9.82 -11.98
N GLU B 395 -52.81 -9.95 -10.73
CA GLU B 395 -51.91 -9.98 -9.59
C GLU B 395 -51.07 -11.25 -9.56
N ARG B 396 -51.67 -12.39 -9.91
CA ARG B 396 -50.95 -13.65 -9.88
C ARG B 396 -49.80 -13.65 -10.89
N ILE B 397 -50.04 -13.08 -12.07
CA ILE B 397 -48.96 -12.92 -13.04
C ILE B 397 -47.96 -11.88 -12.57
N ALA B 398 -48.44 -10.80 -11.95
CA ALA B 398 -47.59 -9.71 -11.49
C ALA B 398 -46.80 -10.06 -10.24
N ARG B 399 -46.98 -11.26 -9.68
CA ARG B 399 -46.17 -11.68 -8.53
C ARG B 399 -44.68 -11.64 -8.86
N TYR B 400 -44.30 -12.17 -10.02
CA TYR B 400 -42.91 -12.32 -10.40
C TYR B 400 -42.50 -11.25 -11.41
N SER B 401 -41.20 -10.96 -11.43
CA SER B 401 -40.64 -10.04 -12.42
C SER B 401 -40.21 -10.75 -13.70
N ASP B 402 -40.23 -12.08 -13.72
CA ASP B 402 -39.85 -12.82 -14.91
C ASP B 402 -40.86 -12.65 -16.04
N LEU B 403 -42.14 -12.49 -15.70
CA LEU B 403 -43.22 -12.46 -16.68
C LEU B 403 -43.94 -11.13 -16.62
N VAL B 404 -44.21 -10.54 -17.78
CA VAL B 404 -44.95 -9.28 -17.84
C VAL B 404 -46.42 -9.53 -17.57
N VAL B 405 -47.11 -8.48 -17.12
CA VAL B 405 -48.50 -8.63 -16.66
C VAL B 405 -49.44 -9.16 -17.74
N PRO B 406 -49.46 -8.59 -18.98
CA PRO B 406 -50.41 -9.21 -19.91
C PRO B 406 -49.91 -10.51 -20.51
N ALA C 3 0.87 15.71 -35.89
CA ALA C 3 0.00 16.79 -36.33
C ALA C 3 -0.76 16.42 -37.60
N THR C 4 -1.68 17.28 -37.99
CA THR C 4 -2.27 17.25 -39.32
C THR C 4 -1.68 18.32 -40.22
N ARG C 5 -0.65 19.02 -39.74
CA ARG C 5 0.19 19.90 -40.57
C ARG C 5 -0.61 21.04 -41.20
N ILE C 6 -1.27 21.83 -40.36
CA ILE C 6 -1.92 23.06 -40.80
C ILE C 6 -0.99 24.19 -40.39
N GLN C 7 -0.23 24.72 -41.34
CA GLN C 7 0.67 25.81 -41.06
C GLN C 7 -0.12 27.07 -40.69
N ALA C 8 0.48 27.90 -39.86
CA ALA C 8 -0.22 29.02 -39.25
C ALA C 8 0.05 30.31 -40.02
N VAL C 9 -1.02 31.09 -40.21
CA VAL C 9 -0.94 32.40 -40.85
C VAL C 9 -1.50 33.44 -39.88
N TYR C 10 -0.81 34.57 -39.76
CA TYR C 10 -0.98 35.49 -38.65
C TYR C 10 -1.68 36.76 -39.15
N ARG C 11 -2.94 36.94 -38.75
CA ARG C 11 -3.65 38.20 -38.97
C ARG C 11 -4.15 38.75 -37.65
N ASP C 12 -3.82 40.01 -37.38
CA ASP C 12 -4.18 40.65 -36.12
C ASP C 12 -5.67 40.96 -36.10
N THR C 13 -6.23 40.99 -34.89
CA THR C 13 -7.63 41.31 -34.65
C THR C 13 -7.72 42.67 -33.95
N GLY C 14 -8.94 43.05 -33.60
CA GLY C 14 -9.20 44.37 -33.05
C GLY C 14 -9.08 44.50 -31.56
N VAL C 15 -8.62 43.48 -30.86
CA VAL C 15 -8.53 43.52 -29.40
C VAL C 15 -7.12 43.93 -29.00
N GLU C 16 -7.04 44.91 -28.10
CA GLU C 16 -5.74 45.38 -27.62
C GLU C 16 -5.04 44.33 -26.77
N ALA C 17 -5.81 43.49 -26.08
CA ALA C 17 -5.24 42.44 -25.23
C ALA C 17 -4.74 41.24 -26.02
N TYR C 18 -5.01 41.18 -27.33
CA TYR C 18 -4.54 40.10 -28.18
C TYR C 18 -3.41 40.57 -29.11
N ARG C 19 -2.70 41.61 -28.71
CA ARG C 19 -1.75 42.28 -29.60
C ARG C 19 -0.51 41.42 -29.81
N ASP C 20 -0.33 40.94 -31.05
CA ASP C 20 0.84 40.18 -31.47
C ASP C 20 1.04 38.95 -30.59
N ASN C 21 -0.02 38.15 -30.48
CA ASN C 21 0.04 36.87 -29.77
C ASN C 21 -0.01 35.75 -30.79
N PRO C 22 1.06 34.96 -30.95
CA PRO C 22 1.05 33.94 -32.02
C PRO C 22 -0.02 32.88 -31.84
N PHE C 23 -0.41 32.57 -30.61
CA PHE C 23 -1.41 31.53 -30.40
C PHE C 23 -2.83 32.03 -30.57
N ILE C 24 -3.05 33.33 -30.47
CA ILE C 24 -4.38 33.89 -30.70
C ILE C 24 -4.61 34.16 -32.18
N GLU C 25 -3.64 34.79 -32.84
CA GLU C 25 -3.78 35.15 -34.25
C GLU C 25 -3.43 33.97 -35.15
N ALA C 26 -4.03 32.82 -34.88
CA ALA C 26 -3.92 31.67 -35.75
C ALA C 26 -5.25 30.92 -35.83
N LEU C 27 -6.30 31.47 -35.26
CA LEU C 27 -7.63 30.91 -35.21
C LEU C 27 -8.56 31.72 -36.10
N PRO C 28 -9.65 31.14 -36.57
CA PRO C 28 -10.56 31.87 -37.47
C PRO C 28 -11.07 33.15 -36.80
N PRO C 29 -11.28 34.21 -37.57
CA PRO C 29 -11.46 35.53 -36.99
C PRO C 29 -12.75 35.65 -36.19
N LEU C 30 -12.80 36.74 -35.40
CA LEU C 30 -13.91 37.00 -34.50
C LEU C 30 -15.21 37.24 -35.27
N GLN C 31 -16.17 36.33 -35.13
CA GLN C 31 -17.44 36.42 -35.82
C GLN C 31 -18.46 37.18 -34.98
N GLU C 32 -19.42 37.80 -35.67
CA GLU C 32 -20.54 38.43 -35.00
C GLU C 32 -21.46 37.38 -34.40
N SER C 33 -22.27 37.81 -33.42
CA SER C 33 -23.11 36.87 -32.69
C SER C 33 -24.12 36.19 -33.60
N VAL C 34 -24.88 36.98 -34.38
CA VAL C 34 -25.94 36.42 -35.21
C VAL C 34 -25.37 35.54 -36.31
N ASN C 35 -24.28 36.00 -36.96
CA ASN C 35 -23.72 35.26 -38.08
C ASN C 35 -23.04 33.97 -37.64
N SER C 36 -22.47 33.95 -36.42
CA SER C 36 -21.77 32.76 -35.96
C SER C 36 -22.72 31.59 -35.75
N ALA C 37 -23.87 31.85 -35.14
CA ALA C 37 -24.85 30.78 -34.91
C ALA C 37 -25.55 30.37 -36.20
N ALA C 38 -25.46 31.19 -37.25
CA ALA C 38 -26.02 30.80 -38.54
C ALA C 38 -25.18 29.73 -39.21
N SER C 39 -23.87 29.73 -38.96
CA SER C 39 -22.99 28.73 -39.56
C SER C 39 -23.26 27.32 -39.03
N LEU C 40 -23.85 27.19 -37.84
CA LEU C 40 -24.19 25.89 -37.31
C LEU C 40 -25.33 25.21 -38.06
N LYS C 41 -26.04 25.94 -38.92
CA LYS C 41 -27.20 25.38 -39.59
C LYS C 41 -26.78 24.24 -40.50
N SER C 42 -27.45 23.11 -40.35
CA SER C 42 -27.18 21.92 -41.14
C SER C 42 -28.50 21.26 -41.49
N SER C 43 -28.46 20.40 -42.50
CA SER C 43 -29.66 19.71 -42.95
C SER C 43 -29.26 18.51 -43.77
N LEU C 44 -30.24 17.68 -44.08
CA LEU C 44 -30.07 16.54 -44.97
C LEU C 44 -30.80 16.85 -46.27
N GLN C 45 -30.09 16.74 -47.39
CA GLN C 45 -30.63 17.11 -48.69
C GLN C 45 -30.94 15.85 -49.50
N LEU C 46 -32.10 15.86 -50.15
CA LEU C 46 -32.55 14.75 -50.98
C LEU C 46 -33.19 15.32 -52.25
N THR C 47 -32.80 14.77 -53.39
CA THR C 47 -33.37 15.21 -54.65
C THR C 47 -34.69 14.49 -54.92
N SER C 48 -35.38 14.93 -55.97
CA SER C 48 -36.64 14.30 -56.35
C SER C 48 -36.45 12.88 -56.86
N SER C 49 -35.26 12.55 -57.38
CA SER C 49 -35.00 11.19 -57.86
C SER C 49 -34.92 10.20 -56.70
N ASP C 50 -34.38 10.64 -55.56
CA ASP C 50 -34.27 9.77 -54.40
C ASP C 50 -35.63 9.44 -53.79
N LEU C 51 -36.64 10.27 -54.03
CA LEU C 51 -37.99 9.97 -53.55
C LEU C 51 -38.59 8.80 -54.32
N GLN C 52 -38.24 8.64 -55.59
CA GLN C 52 -38.73 7.54 -56.40
C GLN C 52 -37.74 6.37 -56.37
N LYS C 53 -37.50 5.89 -55.15
CA LYS C 53 -36.58 4.78 -54.90
C LYS C 53 -37.33 3.67 -54.18
N SER C 54 -36.67 2.52 -54.05
CA SER C 54 -37.33 1.36 -53.47
C SER C 54 -37.38 1.48 -51.95
N ARG C 55 -37.94 0.46 -51.31
CA ARG C 55 -38.28 0.54 -49.89
C ARG C 55 -37.02 0.58 -49.01
N VAL C 56 -36.08 -0.33 -49.27
CA VAL C 56 -34.95 -0.51 -48.36
C VAL C 56 -34.00 0.69 -48.41
N ILE C 57 -33.69 1.18 -49.61
CA ILE C 57 -32.82 2.34 -49.73
C ILE C 57 -33.45 3.56 -49.07
N ARG C 58 -34.76 3.75 -49.24
CA ARG C 58 -35.42 4.88 -48.60
C ARG C 58 -35.38 4.75 -47.08
N ALA C 59 -35.60 3.56 -46.54
CA ALA C 59 -35.52 3.38 -45.09
C ALA C 59 -34.11 3.65 -44.58
N HIS C 60 -33.10 3.12 -45.27
CA HIS C 60 -31.73 3.29 -44.83
C HIS C 60 -31.27 4.74 -44.91
N THR C 61 -31.76 5.49 -45.90
CA THR C 61 -31.37 6.89 -46.00
C THR C 61 -32.29 7.82 -45.23
N ILE C 62 -33.40 7.33 -44.69
CA ILE C 62 -34.23 8.15 -43.82
C ILE C 62 -33.83 7.95 -42.37
N CYS C 63 -33.18 6.83 -42.04
CA CYS C 63 -32.63 6.60 -40.71
C CYS C 63 -31.35 7.38 -40.43
N ARG C 64 -30.99 8.34 -41.28
CA ARG C 64 -29.81 9.17 -41.06
C ARG C 64 -30.16 10.56 -40.51
N ILE C 65 -31.44 10.86 -40.31
CA ILE C 65 -31.84 12.20 -39.88
C ILE C 65 -31.22 12.62 -38.55
N PRO C 66 -31.25 11.81 -37.49
CA PRO C 66 -30.70 12.30 -36.20
C PRO C 66 -29.23 12.68 -36.27
N ASP C 67 -28.46 12.03 -37.12
CA ASP C 67 -27.01 12.28 -37.15
C ASP C 67 -26.67 13.57 -37.88
N ASP C 68 -27.43 13.93 -38.92
CA ASP C 68 -27.05 15.04 -39.78
C ASP C 68 -27.98 16.25 -39.75
N TYR C 69 -29.24 16.08 -39.34
CA TYR C 69 -30.14 17.22 -39.21
C TYR C 69 -29.81 17.97 -37.94
N PHE C 70 -29.74 19.31 -38.03
CA PHE C 70 -29.41 20.12 -36.87
C PHE C 70 -29.93 21.54 -37.11
N GLN C 71 -30.80 22.01 -36.21
CA GLN C 71 -31.32 23.37 -36.31
C GLN C 71 -30.79 24.20 -35.15
N PRO C 72 -30.11 25.31 -35.41
CA PRO C 72 -29.62 26.15 -34.31
C PRO C 72 -30.77 26.77 -33.53
N LEU C 73 -30.48 27.05 -32.26
CA LEU C 73 -31.44 27.61 -31.32
C LEU C 73 -30.96 28.98 -30.85
N GLY C 74 -31.81 29.65 -30.08
CA GLY C 74 -31.43 30.92 -29.49
C GLY C 74 -30.44 30.78 -28.35
N THR C 75 -30.39 29.60 -27.72
CA THR C 75 -29.43 29.38 -26.65
C THR C 75 -28.01 29.26 -27.17
N HIS C 76 -27.84 28.89 -28.44
CA HIS C 76 -26.51 28.84 -29.04
C HIS C 76 -25.91 30.21 -29.24
N LEU C 77 -26.73 31.26 -29.22
CA LEU C 77 -26.21 32.62 -29.29
C LEU C 77 -25.38 32.94 -28.06
N LEU C 78 -25.71 32.34 -26.93
CA LEU C 78 -25.00 32.56 -25.68
C LEU C 78 -23.83 31.59 -25.50
N LEU C 79 -24.00 30.34 -25.95
CA LEU C 79 -22.92 29.35 -25.81
C LEU C 79 -21.71 29.71 -26.66
N SER C 80 -21.93 30.17 -27.89
CA SER C 80 -20.82 30.43 -28.79
C SER C 80 -19.98 31.61 -28.32
N GLU C 81 -20.60 32.58 -27.66
CA GLU C 81 -19.85 33.72 -27.16
C GLU C 81 -18.83 33.31 -26.09
N ARG C 82 -19.22 32.39 -25.21
CA ARG C 82 -18.34 31.97 -24.13
C ARG C 82 -17.13 31.21 -24.67
N ILE C 83 -17.35 30.22 -25.53
CA ILE C 83 -16.23 29.44 -26.04
C ILE C 83 -15.30 30.29 -26.89
N SER C 84 -15.83 31.36 -27.48
CA SER C 84 -14.98 32.28 -28.25
C SER C 84 -13.98 32.97 -27.34
N VAL C 85 -14.42 33.40 -26.15
CA VAL C 85 -13.54 34.14 -25.25
C VAL C 85 -12.79 33.21 -24.29
N MET C 86 -13.32 32.02 -24.01
CA MET C 86 -12.59 31.05 -23.20
C MET C 86 -11.29 30.64 -23.87
N ILE C 87 -11.37 30.21 -25.14
CA ILE C 87 -10.18 29.78 -25.86
C ILE C 87 -9.23 30.96 -26.06
N ARG C 88 -9.74 32.09 -26.57
CA ARG C 88 -8.88 33.21 -26.90
C ARG C 88 -8.34 33.89 -25.64
N GLY C 89 -9.12 33.91 -24.56
CA GLY C 89 -8.68 34.59 -23.35
C GLY C 89 -7.62 33.83 -22.58
N GLY C 90 -7.68 32.49 -22.61
CA GLY C 90 -6.73 31.69 -21.87
C GLY C 90 -5.31 31.75 -22.39
N TYR C 91 -5.14 32.16 -23.65
CA TYR C 91 -3.81 32.30 -24.23
C TYR C 91 -3.15 33.64 -23.89
N VAL C 92 -3.88 34.56 -23.26
CA VAL C 92 -3.35 35.89 -23.00
C VAL C 92 -2.15 35.82 -22.07
N GLY C 93 -2.29 35.06 -20.98
CA GLY C 93 -1.21 34.92 -20.03
C GLY C 93 -0.13 33.95 -20.42
N ARG C 94 -0.37 33.14 -21.46
CA ARG C 94 0.59 32.14 -21.92
C ARG C 94 1.29 32.59 -23.21
N ASN C 95 1.53 33.88 -23.35
CA ASN C 95 2.22 34.39 -24.53
C ASN C 95 3.70 34.06 -24.44
N PRO C 96 4.29 33.43 -25.45
CA PRO C 96 5.75 33.26 -25.47
C PRO C 96 6.46 34.60 -25.52
N LYS C 97 7.25 34.88 -24.49
CA LYS C 97 7.89 36.18 -24.35
C LYS C 97 9.02 36.35 -25.35
N THR C 98 9.28 37.61 -25.71
CA THR C 98 10.37 37.93 -26.61
C THR C 98 11.71 37.64 -25.95
N GLY C 99 12.70 37.27 -26.76
CA GLY C 99 14.02 36.94 -26.27
C GLY C 99 14.77 38.11 -25.65
N ASP C 100 14.30 39.34 -25.87
CA ASP C 100 14.90 40.53 -25.29
C ASP C 100 14.33 40.86 -23.90
N LEU C 101 13.78 39.85 -23.21
CA LEU C 101 13.13 40.11 -21.93
C LEU C 101 14.11 40.50 -20.85
N GLN C 102 15.32 39.91 -20.86
CA GLN C 102 16.26 40.14 -19.77
C GLN C 102 16.79 41.57 -19.77
N LYS C 103 16.85 42.21 -20.94
CA LYS C 103 17.28 43.60 -21.01
C LYS C 103 16.35 44.50 -20.21
N HIS C 104 15.05 44.35 -20.41
CA HIS C 104 14.07 45.16 -19.71
C HIS C 104 14.13 44.92 -18.21
N LEU C 105 14.25 43.65 -17.82
CA LEU C 105 14.32 43.31 -16.40
C LEU C 105 15.55 43.94 -15.75
N GLN C 106 16.70 43.84 -16.41
CA GLN C 106 17.93 44.39 -15.82
C GLN C 106 17.88 45.91 -15.74
N ASN C 107 17.35 46.56 -16.79
CA ASN C 107 17.24 48.01 -16.75
C ASN C 107 16.31 48.47 -15.64
N GLY C 108 15.16 47.80 -15.49
CA GLY C 108 14.25 48.15 -14.41
C GLY C 108 14.85 47.91 -13.03
N TYR C 109 15.58 46.80 -12.88
CA TYR C 109 16.20 46.49 -11.60
C TYR C 109 17.25 47.54 -11.23
N GLU C 110 18.11 47.91 -12.18
CA GLU C 110 19.12 48.91 -11.88
C GLU C 110 18.51 50.29 -11.68
N ARG C 111 17.35 50.55 -12.29
CA ARG C 111 16.72 51.84 -12.12
C ARG C 111 15.80 51.91 -10.91
N VAL C 112 15.51 50.77 -10.26
CA VAL C 112 14.75 50.79 -9.02
C VAL C 112 15.69 50.69 -7.83
N GLN C 113 16.87 50.11 -8.05
CA GLN C 113 17.82 49.95 -6.95
C GLN C 113 18.40 51.28 -6.49
N THR C 114 18.72 52.17 -7.44
CA THR C 114 19.36 53.43 -7.13
C THR C 114 18.36 54.55 -6.82
N GLY C 115 17.12 54.22 -6.48
CA GLY C 115 16.11 55.23 -6.26
C GLY C 115 15.39 55.56 -7.55
N GLU C 116 14.87 56.79 -7.66
CA GLU C 116 14.31 57.37 -8.88
C GLU C 116 13.18 56.55 -9.50
N LEU C 117 12.72 55.51 -8.79
CA LEU C 117 11.59 54.71 -9.23
C LEU C 117 11.07 53.93 -8.04
N GLU C 118 9.78 54.10 -7.73
CA GLU C 118 9.22 53.50 -6.52
C GLU C 118 9.26 51.98 -6.58
N THR C 119 8.74 51.41 -7.67
CA THR C 119 8.70 49.96 -7.80
C THR C 119 8.63 49.62 -9.28
N PHE C 120 8.73 48.33 -9.57
CA PHE C 120 8.76 47.86 -10.94
C PHE C 120 8.18 46.45 -10.98
N ARG C 121 7.30 46.18 -11.94
CA ARG C 121 6.69 44.86 -12.07
C ARG C 121 7.71 43.92 -12.72
N PHE C 122 8.19 42.96 -11.95
CA PHE C 122 9.19 42.00 -12.44
C PHE C 122 8.57 40.73 -12.99
N GLU C 123 7.25 40.64 -13.02
CA GLU C 123 6.57 39.45 -13.52
C GLU C 123 5.49 39.86 -14.50
N GLU C 124 5.43 39.17 -15.63
CA GLU C 124 4.39 39.37 -16.62
C GLU C 124 3.49 38.16 -16.78
N ALA C 125 4.06 36.96 -16.82
CA ALA C 125 3.26 35.76 -17.02
C ALA C 125 2.44 35.46 -15.78
N ARG C 126 1.15 35.19 -15.99
CA ARG C 126 0.23 34.82 -14.92
C ARG C 126 -0.95 34.11 -15.56
N SER C 127 -1.37 33.00 -14.96
CA SER C 127 -2.45 32.19 -15.52
C SER C 127 -3.73 33.02 -15.65
N THR C 128 -4.36 32.91 -16.82
CA THR C 128 -5.56 33.65 -17.15
C THR C 128 -6.78 32.75 -17.28
N ALA C 129 -6.57 31.43 -17.31
CA ALA C 129 -7.62 30.48 -17.65
C ALA C 129 -8.76 30.51 -16.63
N GLN C 130 -9.95 30.16 -17.11
CA GLN C 130 -11.15 30.15 -16.29
C GLN C 130 -11.94 28.89 -16.64
N SER C 131 -13.18 28.82 -16.16
CA SER C 131 -13.98 27.62 -16.36
C SER C 131 -15.45 27.99 -16.39
N LEU C 132 -16.25 27.11 -16.99
CA LEU C 132 -17.70 27.22 -16.88
C LEU C 132 -18.31 25.83 -16.86
N LEU C 133 -19.62 25.78 -16.66
CA LEU C 133 -20.35 24.55 -16.42
C LEU C 133 -21.72 24.68 -17.08
N LEU C 134 -21.96 23.91 -18.13
CA LEU C 134 -23.28 23.90 -18.75
C LEU C 134 -24.02 22.66 -18.27
N ILE C 135 -25.19 22.89 -17.68
CA ILE C 135 -26.01 21.85 -17.08
C ILE C 135 -27.34 21.80 -17.81
N GLY C 136 -27.74 20.59 -18.19
CA GLY C 136 -29.00 20.41 -18.88
C GLY C 136 -29.47 18.98 -18.78
N CYS C 137 -30.77 18.79 -18.96
CA CYS C 137 -31.35 17.46 -18.88
C CYS C 137 -30.81 16.58 -19.99
N SER C 138 -30.78 15.27 -19.74
CA SER C 138 -30.36 14.33 -20.77
C SER C 138 -31.27 14.45 -21.98
N GLY C 139 -30.66 14.55 -23.15
CA GLY C 139 -31.41 14.81 -24.37
C GLY C 139 -31.47 16.25 -24.79
N SER C 140 -30.80 17.15 -24.08
CA SER C 140 -30.80 18.57 -24.42
C SER C 140 -29.94 18.89 -25.63
N GLY C 141 -29.29 17.91 -26.22
CA GLY C 141 -28.44 18.13 -27.38
C GLY C 141 -27.21 18.96 -27.09
N LYS C 142 -26.49 18.65 -26.02
CA LYS C 142 -25.31 19.42 -25.66
C LYS C 142 -24.04 18.86 -26.29
N THR C 143 -23.93 17.53 -26.40
CA THR C 143 -22.76 16.93 -27.03
C THR C 143 -22.67 17.29 -28.51
N THR C 144 -23.78 17.14 -29.23
CA THR C 144 -23.77 17.46 -30.66
C THR C 144 -23.59 18.96 -30.89
N SER C 145 -24.19 19.79 -30.03
CA SER C 145 -23.99 21.22 -30.14
C SER C 145 -22.53 21.59 -29.95
N LEU C 146 -21.87 20.99 -28.96
CA LEU C 146 -20.45 21.28 -28.75
C LEU C 146 -19.61 20.77 -29.90
N HIS C 147 -19.94 19.58 -30.44
CA HIS C 147 -19.21 19.05 -31.58
C HIS C 147 -19.30 19.99 -32.78
N ARG C 148 -20.50 20.50 -33.07
CA ARG C 148 -20.66 21.36 -34.23
C ARG C 148 -20.10 22.76 -34.01
N ILE C 149 -20.07 23.24 -32.76
CA ILE C 149 -19.40 24.51 -32.52
C ILE C 149 -17.88 24.36 -32.66
N LEU C 150 -17.32 23.29 -32.10
CA LEU C 150 -15.87 23.12 -32.13
C LEU C 150 -15.37 22.64 -33.48
N ALA C 151 -16.23 22.13 -34.35
CA ALA C 151 -15.81 21.73 -35.68
C ALA C 151 -15.35 22.90 -36.54
N THR C 152 -15.74 24.13 -36.18
CA THR C 152 -15.25 25.29 -36.90
C THR C 152 -13.78 25.53 -36.65
N TYR C 153 -13.29 25.24 -35.45
CA TYR C 153 -11.89 25.41 -35.11
C TYR C 153 -11.07 24.23 -35.63
N PRO C 154 -9.87 24.47 -36.14
CA PRO C 154 -8.95 23.36 -36.44
C PRO C 154 -8.36 22.83 -35.14
N GLN C 155 -8.34 21.50 -35.00
CA GLN C 155 -7.91 20.92 -33.73
C GLN C 155 -6.44 21.19 -33.45
N VAL C 156 -5.56 20.73 -34.33
CA VAL C 156 -4.12 20.86 -34.14
C VAL C 156 -3.52 21.59 -35.34
N ILE C 157 -2.69 22.60 -35.05
CA ILE C 157 -1.93 23.30 -36.08
C ILE C 157 -0.44 23.20 -35.71
N TYR C 158 0.39 23.77 -36.58
CA TYR C 158 1.83 23.79 -36.39
C TYR C 158 2.34 25.21 -36.59
N HIS C 159 3.27 25.61 -35.73
CA HIS C 159 3.90 26.92 -35.83
C HIS C 159 5.32 26.72 -36.37
N ARG C 160 5.61 27.33 -37.52
CA ARG C 160 6.87 27.05 -38.20
C ARG C 160 8.05 27.70 -37.50
N GLU C 161 7.89 28.93 -37.03
CA GLU C 161 9.03 29.70 -36.52
C GLU C 161 9.65 29.04 -35.30
N LEU C 162 8.84 28.65 -34.34
CA LEU C 162 9.30 27.95 -33.14
C LEU C 162 8.44 26.72 -32.93
N ASN C 163 9.09 25.60 -32.61
CA ASN C 163 8.48 24.28 -32.71
C ASN C 163 7.52 24.06 -31.54
N VAL C 164 6.30 24.56 -31.72
CA VAL C 164 5.17 24.21 -30.86
C VAL C 164 4.04 23.69 -31.73
N GLU C 165 3.52 22.52 -31.37
CA GLU C 165 2.48 21.84 -32.14
C GLU C 165 1.15 22.08 -31.44
N GLN C 166 0.62 23.30 -31.61
CA GLN C 166 -0.49 23.78 -30.79
C GLN C 166 -1.74 22.94 -31.01
N VAL C 167 -2.37 22.55 -29.91
CA VAL C 167 -3.63 21.82 -29.92
C VAL C 167 -4.70 22.72 -29.30
N VAL C 168 -5.74 23.01 -30.08
CA VAL C 168 -6.76 23.94 -29.60
C VAL C 168 -7.65 23.28 -28.56
N TYR C 169 -8.07 22.05 -28.79
CA TYR C 169 -9.03 21.41 -27.89
C TYR C 169 -8.91 19.91 -28.02
N LEU C 170 -9.39 19.20 -27.00
CA LEU C 170 -9.61 17.76 -27.11
C LEU C 170 -10.72 17.40 -26.14
N LYS C 171 -11.54 16.44 -26.54
CA LYS C 171 -12.72 16.06 -25.78
C LYS C 171 -12.52 14.69 -25.16
N ILE C 172 -12.77 14.57 -23.87
CA ILE C 172 -12.71 13.33 -23.11
C ILE C 172 -13.96 13.24 -22.26
N ASP C 173 -14.11 12.14 -21.55
CA ASP C 173 -15.24 11.93 -20.66
C ASP C 173 -14.74 11.52 -19.28
N CYS C 174 -15.62 11.67 -18.29
CA CYS C 174 -15.26 11.32 -16.92
C CYS C 174 -15.20 9.80 -16.75
N SER C 175 -14.33 9.37 -15.85
CA SER C 175 -14.12 7.95 -15.60
C SER C 175 -15.39 7.30 -15.08
N HIS C 176 -15.61 6.04 -15.46
CA HIS C 176 -16.87 5.37 -15.11
C HIS C 176 -17.01 5.15 -13.61
N ASN C 177 -15.90 4.97 -12.90
CA ASN C 177 -15.92 4.77 -11.46
C ASN C 177 -15.46 6.01 -10.69
N GLY C 178 -15.21 7.12 -11.38
CA GLY C 178 -14.73 8.32 -10.73
C GLY C 178 -13.26 8.32 -10.38
N SER C 179 -12.50 7.33 -10.86
CA SER C 179 -11.08 7.26 -10.57
C SER C 179 -10.31 8.36 -11.29
N LEU C 180 -9.25 8.84 -10.64
CA LEU C 180 -8.39 9.86 -11.23
C LEU C 180 -7.29 9.28 -12.10
N LYS C 181 -6.96 8.00 -11.94
CA LYS C 181 -5.89 7.38 -12.71
C LYS C 181 -6.42 6.80 -14.01
N GLU C 182 -7.72 6.89 -14.26
CA GLU C 182 -8.31 6.54 -15.53
C GLU C 182 -8.53 7.74 -16.43
N ILE C 183 -8.72 8.94 -15.85
CA ILE C 183 -8.86 10.15 -16.66
C ILE C 183 -7.59 10.42 -17.45
N CYS C 184 -6.44 9.94 -16.94
CA CYS C 184 -5.18 10.12 -17.65
C CYS C 184 -5.10 9.20 -18.87
N LEU C 185 -5.62 7.98 -18.75
CA LEU C 185 -5.65 7.08 -19.89
C LEU C 185 -6.55 7.62 -21.00
N ASN C 186 -7.71 8.18 -20.63
CA ASN C 186 -8.57 8.82 -21.62
C ASN C 186 -7.89 10.03 -22.24
N PHE C 187 -7.16 10.80 -21.42
CA PHE C 187 -6.41 11.94 -21.95
C PHE C 187 -5.38 11.48 -22.99
N PHE C 188 -4.63 10.43 -22.66
CA PHE C 188 -3.61 9.92 -23.58
C PHE C 188 -4.25 9.38 -24.85
N ARG C 189 -5.36 8.64 -24.73
CA ARG C 189 -6.01 8.08 -25.91
C ARG C 189 -6.56 9.17 -26.82
N ALA C 190 -7.26 10.16 -26.24
CA ALA C 190 -7.81 11.22 -27.06
C ALA C 190 -6.71 12.06 -27.71
N LEU C 191 -5.61 12.28 -26.99
CA LEU C 191 -4.56 13.11 -27.57
C LEU C 191 -3.74 12.37 -28.62
N ASP C 192 -3.46 11.09 -28.44
CA ASP C 192 -2.73 10.38 -29.48
C ASP C 192 -3.63 9.87 -30.59
N ARG C 193 -4.94 10.06 -30.47
CA ARG C 193 -5.81 9.92 -31.63
C ARG C 193 -5.91 11.24 -32.40
N ALA C 194 -6.16 12.35 -31.69
CA ALA C 194 -6.25 13.64 -32.36
C ALA C 194 -4.90 14.07 -32.93
N LEU C 195 -3.86 14.02 -32.11
CA LEU C 195 -2.49 14.25 -32.55
C LEU C 195 -1.88 12.96 -33.06
N GLY C 196 -0.89 13.09 -33.94
CA GLY C 196 -0.22 11.91 -34.43
C GLY C 196 0.91 11.50 -33.52
N SER C 197 0.63 10.56 -32.62
CA SER C 197 1.61 10.14 -31.62
C SER C 197 1.20 8.78 -31.09
N ASN C 198 1.96 8.27 -30.13
CA ASN C 198 1.70 6.99 -29.49
C ASN C 198 1.89 7.12 -27.98
N TYR C 199 1.30 8.16 -27.39
CA TYR C 199 1.42 8.38 -25.96
C TYR C 199 0.76 7.28 -25.13
N GLU C 200 -0.16 6.52 -25.72
CA GLU C 200 -0.80 5.44 -24.98
C GLU C 200 0.15 4.28 -24.76
N ARG C 201 1.08 4.05 -25.68
CA ARG C 201 2.03 2.95 -25.53
C ARG C 201 3.11 3.28 -24.51
N ARG C 202 3.62 4.51 -24.54
CA ARG C 202 4.77 4.87 -23.71
C ARG C 202 4.41 4.89 -22.22
N TYR C 203 3.32 5.57 -21.87
CA TYR C 203 2.97 5.81 -20.47
C TYR C 203 1.69 5.09 -20.04
N GLY C 204 1.09 4.29 -20.91
CA GLY C 204 -0.18 3.66 -20.56
C GLY C 204 -0.06 2.35 -19.81
N LEU C 205 0.65 1.39 -20.39
CA LEU C 205 0.76 0.05 -19.80
C LEU C 205 1.85 -0.06 -18.76
N LYS C 206 2.68 0.97 -18.59
CA LYS C 206 3.69 0.93 -17.55
C LYS C 206 3.05 1.07 -16.18
N ARG C 207 3.66 0.41 -15.19
CA ARG C 207 3.08 0.34 -13.85
C ARG C 207 3.51 1.54 -12.99
N HIS C 208 3.25 2.73 -13.52
CA HIS C 208 3.51 3.95 -12.76
C HIS C 208 2.39 4.21 -11.76
N GLY C 209 2.71 5.02 -10.75
CA GLY C 209 1.74 5.39 -9.74
C GLY C 209 0.81 6.49 -10.21
N ILE C 210 -0.11 6.86 -9.31
CA ILE C 210 -1.05 7.93 -9.62
C ILE C 210 -0.32 9.26 -9.77
N GLU C 211 0.61 9.55 -8.85
CA GLU C 211 1.28 10.84 -8.87
C GLU C 211 2.25 10.99 -10.03
N THR C 212 2.91 9.90 -10.45
CA THR C 212 3.92 10.00 -11.49
C THR C 212 3.33 9.88 -12.89
N MET C 213 2.01 9.95 -13.04
CA MET C 213 1.41 9.96 -14.36
C MET C 213 0.55 11.21 -14.51
N LEU C 214 0.01 11.72 -13.40
CA LEU C 214 -0.59 13.04 -13.41
C LEU C 214 0.44 14.10 -13.80
N ALA C 215 1.67 13.88 -13.36
CA ALA C 215 2.72 14.84 -13.68
C ALA C 215 3.05 14.68 -15.16
N LEU C 216 2.85 13.48 -15.69
CA LEU C 216 3.07 13.29 -17.15
C LEU C 216 1.95 13.95 -17.95
N MET C 217 0.69 13.87 -17.56
CA MET C 217 -0.40 14.56 -18.29
C MET C 217 -0.18 16.06 -18.23
N SER C 218 0.22 16.61 -17.09
CA SER C 218 0.52 18.05 -16.96
C SER C 218 1.69 18.42 -17.88
N GLN C 219 2.67 17.54 -18.06
CA GLN C 219 3.80 17.79 -19.00
C GLN C 219 3.39 17.81 -20.47
N ILE C 220 2.56 16.88 -20.95
CA ILE C 220 2.12 16.95 -22.36
C ILE C 220 1.33 18.23 -22.61
N ALA C 221 0.42 18.62 -21.73
CA ALA C 221 -0.44 19.83 -21.88
C ALA C 221 0.32 21.14 -21.88
N ASN C 222 1.39 21.31 -21.11
CA ASN C 222 2.12 22.59 -21.24
C ASN C 222 3.12 22.50 -22.40
N ALA C 223 3.49 21.30 -22.84
CA ALA C 223 4.36 21.20 -24.04
C ALA C 223 3.65 21.65 -25.30
N HIS C 224 2.46 21.09 -25.58
CA HIS C 224 1.65 21.54 -26.72
C HIS C 224 0.60 22.40 -26.07
N VAL C 225 0.72 23.71 -26.13
CA VAL C 225 -0.25 24.48 -25.31
C VAL C 225 -1.64 23.95 -25.62
N LEU C 226 -2.43 23.59 -24.61
CA LEU C 226 -3.81 23.15 -24.85
C LEU C 226 -4.66 24.36 -24.52
N GLY C 227 -5.65 24.68 -25.34
CA GLY C 227 -6.48 25.89 -25.15
C GLY C 227 -7.78 25.62 -24.46
N LEU C 228 -8.36 24.43 -24.58
CA LEU C 228 -9.58 24.07 -23.83
C LEU C 228 -9.59 22.57 -23.62
N LEU C 229 -9.97 22.10 -22.44
CA LEU C 229 -10.10 20.65 -22.21
C LEU C 229 -11.55 20.50 -21.82
N VAL C 230 -12.32 19.59 -22.43
CA VAL C 230 -13.76 19.52 -22.12
C VAL C 230 -13.99 18.17 -21.50
N ILE C 231 -14.67 18.11 -20.36
CA ILE C 231 -14.92 16.83 -19.64
C ILE C 231 -16.42 16.64 -19.58
N ASP C 232 -16.90 15.50 -20.04
CA ASP C 232 -18.33 15.23 -20.13
C ASP C 232 -18.69 14.09 -19.21
N GLU C 233 -19.97 13.86 -18.98
CA GLU C 233 -20.45 12.78 -18.10
C GLU C 233 -19.91 13.01 -16.70
N ILE C 234 -19.94 14.25 -16.22
CA ILE C 234 -19.48 14.60 -14.86
C ILE C 234 -20.36 13.86 -13.86
N GLN C 235 -21.65 13.72 -14.15
CA GLN C 235 -22.59 12.98 -13.27
C GLN C 235 -22.03 11.63 -12.82
N HIS C 236 -20.97 11.10 -13.43
CA HIS C 236 -20.36 9.87 -12.94
C HIS C 236 -19.68 10.06 -11.60
N LEU C 237 -19.26 11.30 -11.28
CA LEU C 237 -18.70 11.61 -9.97
C LEU C 237 -19.73 11.42 -8.87
N SER C 238 -21.01 11.59 -9.18
CA SER C 238 -22.08 11.29 -8.25
C SER C 238 -22.11 9.79 -7.96
N ARG C 239 -23.06 9.39 -7.11
CA ARG C 239 -23.31 7.99 -6.72
C ARG C 239 -22.01 7.28 -6.34
N SER C 240 -21.74 6.11 -6.93
CA SER C 240 -20.60 5.30 -6.55
C SER C 240 -19.30 5.91 -7.06
N ARG C 241 -18.84 6.95 -6.35
CA ARG C 241 -17.47 7.40 -6.50
C ARG C 241 -16.59 6.63 -5.54
N SER C 242 -15.39 6.27 -5.99
CA SER C 242 -14.55 5.30 -5.28
C SER C 242 -14.15 5.79 -3.89
N GLY C 243 -13.31 6.82 -3.82
CA GLY C 243 -12.94 7.41 -2.55
C GLY C 243 -13.63 8.74 -2.34
N GLY C 244 -13.69 9.54 -3.40
CA GLY C 244 -14.36 10.82 -3.34
C GLY C 244 -14.29 11.52 -4.68
N SER C 245 -15.13 12.54 -4.82
CA SER C 245 -15.12 13.39 -6.00
C SER C 245 -14.38 14.69 -5.79
N GLN C 246 -14.23 15.13 -4.53
CA GLN C 246 -13.49 16.36 -4.27
C GLN C 246 -12.04 16.24 -4.71
N GLU C 247 -11.50 15.02 -4.69
CA GLU C 247 -10.14 14.79 -5.19
C GLU C 247 -10.01 15.19 -6.65
N MET C 248 -10.91 14.68 -7.49
CA MET C 248 -10.87 15.01 -8.91
C MET C 248 -11.20 16.47 -9.15
N LEU C 249 -12.15 17.01 -8.38
CA LEU C 249 -12.53 18.42 -8.53
C LEU C 249 -11.34 19.34 -8.25
N ASN C 250 -10.63 19.10 -7.15
CA ASN C 250 -9.54 20.00 -6.83
C ASN C 250 -8.29 19.73 -7.64
N PHE C 251 -8.15 18.53 -8.22
CA PHE C 251 -7.12 18.37 -9.24
C PHE C 251 -7.43 19.24 -10.47
N PHE C 252 -8.69 19.27 -10.89
CA PHE C 252 -9.06 20.15 -12.00
C PHE C 252 -8.85 21.61 -11.65
N VAL C 253 -9.09 21.96 -10.39
CA VAL C 253 -8.82 23.32 -9.92
C VAL C 253 -7.34 23.65 -10.05
N THR C 254 -6.47 22.73 -9.62
CA THR C 254 -5.03 22.93 -9.78
C THR C 254 -4.65 23.06 -11.25
N MET C 255 -5.28 22.26 -12.10
CA MET C 255 -5.04 22.36 -13.54
C MET C 255 -5.40 23.74 -14.07
N VAL C 256 -6.53 24.30 -13.61
CA VAL C 256 -6.93 25.63 -14.04
C VAL C 256 -5.96 26.69 -13.53
N ASN C 257 -5.52 26.57 -12.29
CA ASN C 257 -4.75 27.64 -11.65
C ASN C 257 -3.26 27.61 -11.97
N ILE C 258 -2.67 26.43 -12.17
CA ILE C 258 -1.22 26.33 -12.28
C ILE C 258 -0.77 26.42 -13.73
N ILE C 259 -1.23 25.49 -14.58
CA ILE C 259 -0.77 25.43 -15.96
C ILE C 259 -1.61 26.28 -16.91
N GLY C 260 -2.72 26.84 -16.43
CA GLY C 260 -3.47 27.79 -17.22
C GLY C 260 -4.25 27.22 -18.38
N VAL C 261 -4.67 25.96 -18.30
CA VAL C 261 -5.50 25.34 -19.30
C VAL C 261 -6.96 25.47 -18.84
N PRO C 262 -7.80 26.22 -19.55
CA PRO C 262 -9.21 26.30 -19.14
C PRO C 262 -9.89 24.95 -19.28
N VAL C 263 -10.79 24.68 -18.34
CA VAL C 263 -11.52 23.41 -18.29
C VAL C 263 -13.01 23.72 -18.36
N MET C 264 -13.72 22.97 -19.19
CA MET C 264 -15.16 23.09 -19.33
C MET C 264 -15.80 21.76 -18.95
N LEU C 265 -16.81 21.80 -18.09
CA LEU C 265 -17.45 20.61 -17.56
C LEU C 265 -18.88 20.52 -18.07
N ILE C 266 -19.32 19.30 -18.39
CA ILE C 266 -20.64 19.06 -18.95
C ILE C 266 -21.29 17.91 -18.21
N GLY C 267 -22.57 18.07 -17.87
CA GLY C 267 -23.29 16.98 -17.25
C GLY C 267 -24.76 17.32 -17.08
N THR C 268 -25.50 16.34 -16.58
CA THR C 268 -26.92 16.49 -16.27
C THR C 268 -27.05 17.20 -14.93
N PRO C 269 -28.25 17.69 -14.58
CA PRO C 269 -28.44 18.26 -13.23
C PRO C 269 -28.45 17.24 -12.11
N LYS C 270 -28.11 15.98 -12.38
CA LYS C 270 -27.66 15.07 -11.34
C LYS C 270 -26.28 15.46 -10.81
N ALA C 271 -25.60 16.40 -11.47
CA ALA C 271 -24.28 16.86 -11.07
C ALA C 271 -24.31 18.18 -10.33
N ARG C 272 -25.49 18.64 -9.90
CA ARG C 272 -25.54 19.76 -8.96
C ARG C 272 -25.39 19.32 -7.52
N GLU C 273 -25.46 18.02 -7.24
CA GLU C 273 -25.29 17.52 -5.89
C GLU C 273 -23.84 17.46 -5.46
N ILE C 274 -22.91 17.56 -6.40
CA ILE C 274 -21.48 17.57 -6.10
C ILE C 274 -20.90 18.96 -6.11
N PHE C 275 -21.65 19.96 -6.58
CA PHE C 275 -21.16 21.32 -6.70
C PHE C 275 -21.72 22.25 -5.65
N GLU C 276 -22.53 21.75 -4.71
CA GLU C 276 -23.06 22.56 -3.61
C GLU C 276 -22.78 21.81 -2.30
N ALA C 277 -21.58 21.99 -1.78
CA ALA C 277 -21.22 21.59 -0.43
C ALA C 277 -20.46 22.66 0.32
N ASP C 278 -19.83 23.60 -0.37
CA ASP C 278 -19.23 24.78 0.22
C ASP C 278 -19.09 25.83 -0.87
N LEU C 279 -18.79 27.07 -0.45
CA LEU C 279 -18.73 28.18 -1.40
C LEU C 279 -17.65 27.97 -2.45
N ARG C 280 -16.51 27.38 -2.05
CA ARG C 280 -15.39 27.24 -2.98
C ARG C 280 -15.73 26.32 -4.13
N SER C 281 -16.29 25.15 -3.86
CA SER C 281 -16.54 24.19 -4.94
C SER C 281 -17.66 24.63 -5.87
N ALA C 282 -18.26 25.80 -5.65
CA ALA C 282 -19.35 26.30 -6.47
C ALA C 282 -18.94 27.49 -7.32
N ARG C 283 -18.39 28.56 -6.72
CA ARG C 283 -17.97 29.70 -7.52
C ARG C 283 -16.72 29.40 -8.33
N ARG C 284 -15.93 28.42 -7.92
CA ARG C 284 -14.80 27.97 -8.71
C ARG C 284 -15.20 26.91 -9.74
N GLY C 285 -16.33 26.24 -9.51
CA GLY C 285 -16.84 25.29 -10.49
C GLY C 285 -17.28 25.96 -11.78
N ALA C 286 -17.82 27.17 -11.69
CA ALA C 286 -18.21 27.95 -12.85
C ALA C 286 -17.71 29.38 -12.70
N GLY C 287 -16.84 29.82 -13.61
CA GLY C 287 -16.25 31.13 -13.54
C GLY C 287 -16.92 32.15 -14.44
N PHE C 288 -17.51 31.67 -15.54
CA PHE C 288 -18.43 32.46 -16.35
C PHE C 288 -19.88 32.19 -15.99
N GLY C 289 -20.15 31.78 -14.76
CA GLY C 289 -21.48 31.34 -14.39
C GLY C 289 -21.81 30.01 -15.03
N ALA C 290 -23.01 29.53 -14.74
CA ALA C 290 -23.49 28.32 -15.37
C ALA C 290 -24.34 28.65 -16.59
N ILE C 291 -24.46 27.68 -17.48
CA ILE C 291 -25.35 27.77 -18.63
C ILE C 291 -26.38 26.67 -18.45
N PHE C 292 -27.51 27.01 -17.83
CA PHE C 292 -28.55 26.03 -17.55
C PHE C 292 -29.51 25.94 -18.72
N TRP C 293 -29.53 24.79 -19.38
CA TRP C 293 -30.45 24.52 -20.47
C TRP C 293 -31.63 23.72 -19.95
N ASP C 294 -32.80 24.02 -20.48
CA ASP C 294 -34.07 23.43 -20.10
C ASP C 294 -34.85 23.01 -21.33
N PRO C 295 -35.80 22.09 -21.20
CA PRO C 295 -36.61 21.70 -22.36
C PRO C 295 -37.37 22.88 -22.93
N ILE C 296 -37.53 22.87 -24.25
CA ILE C 296 -38.27 23.95 -24.91
C ILE C 296 -39.76 23.80 -24.62
N GLN C 297 -40.43 24.93 -24.44
CA GLN C 297 -41.82 24.95 -24.03
C GLN C 297 -42.72 25.32 -25.21
N GLN C 298 -43.92 24.74 -25.21
CA GLN C 298 -44.84 24.96 -26.33
C GLN C 298 -45.37 26.39 -26.37
N THR C 299 -45.49 27.03 -25.21
CA THR C 299 -46.06 28.36 -25.13
C THR C 299 -45.06 29.33 -24.52
N GLN C 300 -44.99 30.53 -25.09
CA GLN C 300 -44.19 31.62 -24.57
C GLN C 300 -45.02 32.38 -23.53
N ARG C 301 -44.60 33.61 -23.20
CA ARG C 301 -45.27 34.39 -22.15
C ARG C 301 -46.75 34.58 -22.44
N GLY C 302 -47.11 34.83 -23.70
CA GLY C 302 -48.51 35.05 -24.03
C GLY C 302 -48.95 34.51 -25.37
N LYS C 303 -48.12 33.70 -26.01
CA LYS C 303 -48.40 33.17 -27.33
C LYS C 303 -47.56 31.92 -27.54
N PRO C 304 -47.92 31.06 -28.50
CA PRO C 304 -47.10 29.87 -28.77
C PRO C 304 -45.69 30.24 -29.21
N ASN C 305 -44.74 29.40 -28.82
CA ASN C 305 -43.33 29.66 -29.09
C ASN C 305 -43.02 29.48 -30.57
N GLN C 306 -42.49 30.52 -31.20
CA GLN C 306 -42.19 30.46 -32.63
C GLN C 306 -40.95 29.65 -32.93
N GLU C 307 -40.02 29.56 -31.97
CA GLU C 307 -38.81 28.78 -32.17
C GLU C 307 -39.15 27.30 -32.36
N TRP C 308 -40.03 26.77 -31.52
CA TRP C 308 -40.50 25.40 -31.70
C TRP C 308 -41.28 25.24 -33.00
N ILE C 309 -41.98 26.29 -33.44
CA ILE C 309 -42.71 26.23 -34.70
C ILE C 309 -41.73 26.04 -35.86
N ALA C 310 -40.66 26.83 -35.88
CA ALA C 310 -39.66 26.69 -36.94
C ALA C 310 -38.97 25.34 -36.88
N PHE C 311 -38.63 24.88 -35.67
CA PHE C 311 -37.99 23.58 -35.50
C PHE C 311 -38.88 22.47 -36.06
N THR C 312 -40.16 22.46 -35.68
CA THR C 312 -41.07 21.41 -36.11
C THR C 312 -41.33 21.47 -37.60
N ASP C 313 -41.46 22.67 -38.18
CA ASP C 313 -41.69 22.77 -39.62
C ASP C 313 -40.49 22.25 -40.40
N ASN C 314 -39.28 22.69 -40.02
CA ASN C 314 -38.08 22.24 -40.71
C ASN C 314 -37.87 20.75 -40.59
N LEU C 315 -38.24 20.17 -39.44
CA LEU C 315 -38.16 18.71 -39.33
C LEU C 315 -39.21 18.03 -40.21
N TRP C 316 -40.42 18.59 -40.26
CA TRP C 316 -41.51 17.98 -41.02
C TRP C 316 -41.27 18.03 -42.52
N GLN C 317 -40.44 18.97 -42.99
CA GLN C 317 -40.15 19.01 -44.43
C GLN C 317 -39.36 17.78 -44.89
N LEU C 318 -38.68 17.08 -43.98
CA LEU C 318 -37.81 15.98 -44.35
C LEU C 318 -38.57 14.66 -44.25
N GLN C 319 -39.30 14.33 -45.31
CA GLN C 319 -40.01 13.06 -45.40
C GLN C 319 -39.72 12.40 -46.74
N LEU C 320 -39.73 11.07 -46.76
CA LEU C 320 -39.62 10.30 -47.99
C LEU C 320 -40.90 9.53 -48.30
N LEU C 321 -42.02 9.92 -47.69
CA LEU C 321 -43.30 9.28 -47.95
C LEU C 321 -43.98 9.94 -49.15
N GLN C 322 -44.55 9.11 -50.03
CA GLN C 322 -45.17 9.63 -51.24
C GLN C 322 -46.51 10.31 -50.95
N ARG C 323 -47.24 9.84 -49.94
CA ARG C 323 -48.53 10.42 -49.58
C ARG C 323 -48.41 11.49 -48.51
N LYS C 324 -47.28 12.20 -48.47
CA LYS C 324 -47.05 13.22 -47.46
C LYS C 324 -47.95 14.43 -47.70
N ASP C 325 -48.23 15.14 -46.62
CA ASP C 325 -48.94 16.41 -46.67
C ASP C 325 -47.92 17.53 -46.47
N ALA C 326 -47.86 18.46 -47.43
CA ALA C 326 -46.84 19.51 -47.39
C ALA C 326 -47.00 20.40 -46.17
N LEU C 327 -48.20 20.94 -45.97
CA LEU C 327 -48.46 21.78 -44.81
C LEU C 327 -48.62 20.91 -43.56
N LEU C 328 -48.33 21.53 -42.41
CA LEU C 328 -48.40 20.86 -41.12
C LEU C 328 -49.53 21.46 -40.30
N SER C 329 -50.43 20.61 -39.82
CA SER C 329 -51.59 21.07 -39.05
C SER C 329 -51.23 21.21 -37.59
N ASP C 330 -52.05 21.97 -36.86
CA ASP C 330 -51.89 22.11 -35.42
C ASP C 330 -52.45 20.91 -34.67
N GLU C 331 -53.41 20.21 -35.27
CA GLU C 331 -53.99 19.03 -34.62
C GLU C 331 -52.94 17.94 -34.43
N VAL C 332 -52.07 17.74 -35.42
CA VAL C 332 -51.02 16.74 -35.29
C VAL C 332 -49.76 17.32 -34.67
N ARG C 333 -49.56 18.64 -34.75
CA ARG C 333 -48.42 19.26 -34.07
C ARG C 333 -48.59 19.19 -32.56
N ASP C 334 -49.81 19.38 -32.07
CA ASP C 334 -50.05 19.33 -30.63
C ASP C 334 -49.89 17.92 -30.07
N VAL C 335 -50.00 16.90 -30.91
CA VAL C 335 -49.75 15.53 -30.43
C VAL C 335 -48.27 15.33 -30.17
N TRP C 336 -47.40 16.01 -30.91
CA TRP C 336 -45.96 15.91 -30.67
C TRP C 336 -45.60 16.35 -29.26
N TYR C 337 -46.03 17.55 -28.86
CA TYR C 337 -45.61 18.08 -27.57
C TYR C 337 -46.22 17.29 -26.42
N GLU C 338 -47.45 16.81 -26.58
CA GLU C 338 -48.07 16.00 -25.53
C GLU C 338 -47.42 14.62 -25.40
N LEU C 339 -46.56 14.23 -26.35
CA LEU C 339 -45.83 12.98 -26.27
C LEU C 339 -44.33 13.17 -26.08
N SER C 340 -43.82 14.39 -26.21
CA SER C 340 -42.38 14.62 -26.15
C SER C 340 -41.95 15.61 -25.08
N GLN C 341 -42.81 16.54 -24.69
CA GLN C 341 -42.56 17.50 -23.62
C GLN C 341 -41.35 18.40 -23.88
N GLY C 342 -40.96 18.55 -25.15
CA GLY C 342 -39.89 19.45 -25.51
C GLY C 342 -38.50 18.86 -25.43
N VAL C 343 -38.35 17.63 -24.97
CA VAL C 343 -37.05 16.97 -24.95
C VAL C 343 -36.62 16.72 -26.38
N MET C 344 -35.49 17.31 -26.78
CA MET C 344 -35.11 17.40 -28.19
C MET C 344 -34.77 16.06 -28.82
N ASP C 345 -34.55 15.02 -28.03
CA ASP C 345 -34.23 13.72 -28.62
C ASP C 345 -35.49 12.95 -28.99
N ILE C 346 -36.48 12.95 -28.10
CA ILE C 346 -37.70 12.18 -28.32
C ILE C 346 -38.44 12.67 -29.54
N VAL C 347 -38.36 13.96 -29.84
CA VAL C 347 -39.03 14.51 -31.01
C VAL C 347 -38.51 13.84 -32.28
N VAL C 348 -37.20 13.86 -32.47
CA VAL C 348 -36.60 13.31 -33.68
C VAL C 348 -36.74 11.79 -33.71
N LYS C 349 -36.58 11.14 -32.56
CA LYS C 349 -36.71 9.69 -32.53
C LYS C 349 -38.13 9.25 -32.85
N LEU C 350 -39.13 9.95 -32.32
CA LEU C 350 -40.51 9.63 -32.63
C LEU C 350 -40.80 9.88 -34.11
N PHE C 351 -40.26 10.96 -34.67
CA PHE C 351 -40.45 11.24 -36.09
C PHE C 351 -39.87 10.12 -36.96
N VAL C 352 -38.63 9.70 -36.67
CA VAL C 352 -37.99 8.65 -37.47
C VAL C 352 -38.70 7.32 -37.29
N LEU C 353 -39.08 6.98 -36.06
CA LEU C 353 -39.74 5.71 -35.80
C LEU C 353 -41.11 5.66 -36.46
N ALA C 354 -41.85 6.77 -36.44
CA ALA C 354 -43.13 6.82 -37.12
C ALA C 354 -42.96 6.72 -38.63
N GLN C 355 -41.91 7.35 -39.18
CA GLN C 355 -41.64 7.22 -40.61
C GLN C 355 -41.37 5.77 -40.98
N LEU C 356 -40.57 5.08 -40.17
CA LEU C 356 -40.32 3.66 -40.44
C LEU C 356 -41.58 2.83 -40.32
N ARG C 357 -42.41 3.10 -39.32
CA ARG C 357 -43.63 2.32 -39.14
C ARG C 357 -44.60 2.51 -40.30
N ALA C 358 -44.78 3.76 -40.72
CA ALA C 358 -45.65 4.03 -41.88
C ALA C 358 -45.07 3.44 -43.15
N LEU C 359 -43.76 3.51 -43.32
CA LEU C 359 -43.11 2.96 -44.51
C LEU C 359 -43.28 1.45 -44.57
N ALA C 360 -43.33 0.76 -43.43
CA ALA C 360 -43.39 -0.69 -43.41
C ALA C 360 -44.79 -1.25 -43.20
N LEU C 361 -45.73 -0.44 -42.71
CA LEU C 361 -47.10 -0.92 -42.54
C LEU C 361 -47.85 -1.04 -43.86
N GLY C 362 -47.31 -0.44 -44.93
CA GLY C 362 -47.97 -0.44 -46.21
C GLY C 362 -48.87 0.75 -46.48
N ASN C 363 -49.17 1.54 -45.45
CA ASN C 363 -49.99 2.74 -45.59
C ASN C 363 -49.08 3.93 -45.32
N GLU C 364 -48.37 4.39 -46.35
CA GLU C 364 -47.29 5.36 -46.19
C GLU C 364 -47.89 6.77 -46.12
N ARG C 365 -48.65 7.00 -45.06
CA ARG C 365 -49.18 8.32 -44.73
C ARG C 365 -48.97 8.55 -43.24
N ILE C 366 -48.46 9.72 -42.90
CA ILE C 366 -48.21 10.07 -41.50
C ILE C 366 -49.44 10.77 -40.93
N THR C 367 -49.92 10.28 -39.79
CA THR C 367 -51.09 10.84 -39.14
C THR C 367 -50.82 10.97 -37.65
N ALA C 368 -51.78 11.56 -36.93
CA ALA C 368 -51.65 11.70 -35.49
C ALA C 368 -51.73 10.36 -34.78
N GLY C 369 -52.46 9.39 -35.36
CA GLY C 369 -52.61 8.11 -34.71
C GLY C 369 -51.31 7.32 -34.63
N LEU C 370 -50.53 7.33 -35.72
CA LEU C 370 -49.27 6.58 -35.72
C LEU C 370 -48.28 7.10 -34.69
N LEU C 371 -48.34 8.40 -34.37
CA LEU C 371 -47.41 8.94 -33.39
C LEU C 371 -47.60 8.28 -32.03
N ARG C 372 -48.83 8.27 -31.52
CA ARG C 372 -49.07 7.60 -30.25
C ARG C 372 -48.99 6.08 -30.39
N GLN C 373 -49.28 5.56 -31.58
CA GLN C 373 -49.18 4.11 -31.78
C GLN C 373 -47.74 3.63 -31.65
N VAL C 374 -46.79 4.38 -32.20
CA VAL C 374 -45.40 4.02 -32.04
C VAL C 374 -44.83 4.49 -30.70
N TYR C 375 -45.49 5.46 -30.06
CA TYR C 375 -45.08 5.86 -28.72
C TYR C 375 -45.41 4.77 -27.71
N GLN C 376 -46.52 4.06 -27.91
CA GLN C 376 -46.99 3.08 -26.95
C GLN C 376 -46.28 1.74 -27.04
N ASP C 377 -45.41 1.53 -28.04
CA ASP C 377 -44.67 0.28 -28.14
C ASP C 377 -43.16 0.46 -28.12
N GLU C 378 -42.63 1.43 -28.85
CA GLU C 378 -41.20 1.52 -29.06
C GLU C 378 -40.51 2.52 -28.15
N LEU C 379 -41.21 3.06 -27.14
CA LEU C 379 -40.59 3.96 -26.19
C LEU C 379 -41.03 3.64 -24.76
N LYS C 380 -41.30 2.37 -24.47
CA LYS C 380 -41.81 1.98 -23.15
C LYS C 380 -40.86 2.29 -22.01
N PRO C 381 -39.56 1.95 -22.06
CA PRO C 381 -38.70 2.15 -20.88
C PRO C 381 -38.44 3.61 -20.52
N VAL C 382 -39.01 4.58 -21.22
CA VAL C 382 -38.82 5.98 -20.88
C VAL C 382 -40.14 6.64 -20.50
N HIS C 383 -41.20 5.85 -20.34
CA HIS C 383 -42.53 6.41 -20.07
C HIS C 383 -42.64 7.21 -18.76
N PRO C 384 -42.30 6.66 -17.58
CA PRO C 384 -42.66 7.38 -16.34
C PRO C 384 -41.94 8.71 -16.15
N MET C 385 -40.77 8.89 -16.77
CA MET C 385 -40.05 10.14 -16.63
C MET C 385 -40.70 11.28 -17.40
N LEU C 386 -41.52 10.99 -18.39
CA LEU C 386 -42.21 12.04 -19.15
C LEU C 386 -43.63 12.28 -18.68
N GLU C 387 -44.27 11.30 -18.03
CA GLU C 387 -45.56 11.55 -17.41
C GLU C 387 -45.44 12.58 -16.29
N ALA C 388 -44.32 12.58 -15.57
CA ALA C 388 -44.07 13.58 -14.55
C ALA C 388 -43.98 14.97 -15.14
N LEU C 389 -43.35 15.10 -16.31
CA LEU C 389 -43.29 16.39 -16.98
C LEU C 389 -44.65 16.80 -17.53
N ARG C 390 -45.46 15.83 -17.96
CA ARG C 390 -46.83 16.15 -18.36
C ARG C 390 -47.65 16.68 -17.19
N SER C 391 -47.51 16.05 -16.01
CA SER C 391 -48.32 16.43 -14.86
C SER C 391 -48.04 17.86 -14.42
N GLY C 392 -46.77 18.23 -14.34
CA GLY C 392 -46.38 19.56 -13.93
C GLY C 392 -46.35 19.80 -12.44
N ILE C 393 -46.73 18.81 -11.64
CA ILE C 393 -46.68 18.95 -10.19
C ILE C 393 -45.25 18.73 -9.72
N PRO C 394 -44.69 19.64 -8.91
CA PRO C 394 -43.27 19.49 -8.51
C PRO C 394 -42.98 18.22 -7.73
N GLU C 395 -43.93 17.72 -6.93
CA GLU C 395 -43.68 16.54 -6.11
C GLU C 395 -43.40 15.32 -6.97
N ARG C 396 -44.16 15.15 -8.06
CA ARG C 396 -43.92 14.01 -8.94
C ARG C 396 -42.68 14.19 -9.79
N ILE C 397 -42.31 15.43 -10.11
CA ILE C 397 -41.10 15.69 -10.89
C ILE C 397 -39.86 15.39 -10.06
N ALA C 398 -39.87 15.76 -8.78
CA ALA C 398 -38.70 15.64 -7.92
C ALA C 398 -38.34 14.19 -7.59
N ARG C 399 -39.09 13.20 -8.07
CA ARG C 399 -38.72 11.81 -7.82
C ARG C 399 -37.45 11.41 -8.56
N TYR C 400 -37.13 12.10 -9.64
CA TYR C 400 -35.94 11.83 -10.44
C TYR C 400 -34.95 12.98 -10.33
N SER C 401 -33.67 12.65 -10.18
CA SER C 401 -32.66 13.67 -9.96
C SER C 401 -32.37 14.45 -11.24
N ASP C 402 -32.33 13.75 -12.39
CA ASP C 402 -32.06 14.43 -13.66
C ASP C 402 -33.19 15.39 -14.02
N LEU C 403 -34.43 15.00 -13.79
CA LEU C 403 -35.56 15.86 -14.13
C LEU C 403 -35.56 17.08 -13.22
N VAL C 404 -35.34 18.25 -13.80
CA VAL C 404 -35.23 19.50 -13.04
C VAL C 404 -36.62 20.09 -12.84
N VAL C 405 -36.90 20.52 -11.61
CA VAL C 405 -38.19 21.08 -11.25
C VAL C 405 -38.39 22.41 -11.98
N PRO C 406 -39.62 22.77 -12.35
CA PRO C 406 -39.89 24.05 -13.01
C PRO C 406 -40.28 25.14 -12.04
N ALA D 3 17.90 30.33 -14.60
CA ALA D 3 18.78 31.44 -14.29
C ALA D 3 18.61 32.57 -15.29
N THR D 4 17.70 33.50 -14.98
CA THR D 4 17.47 34.64 -15.86
C THR D 4 18.63 35.62 -15.86
N ARG D 5 19.58 35.46 -14.94
CA ARG D 5 20.80 36.27 -14.87
C ARG D 5 20.47 37.75 -14.69
N ILE D 6 19.79 38.04 -13.58
CA ILE D 6 19.64 39.41 -13.10
C ILE D 6 20.86 39.73 -12.26
N GLN D 7 21.65 40.70 -12.69
CA GLN D 7 22.92 40.99 -12.06
C GLN D 7 22.68 41.72 -10.74
N ALA D 8 23.28 41.22 -9.68
CA ALA D 8 23.01 41.75 -8.34
C ALA D 8 23.73 43.07 -8.12
N VAL D 9 23.03 44.01 -7.49
CA VAL D 9 23.58 45.31 -7.10
C VAL D 9 23.29 45.50 -5.61
N TYR D 10 24.32 45.85 -4.85
CA TYR D 10 24.22 45.94 -3.40
C TYR D 10 24.03 47.40 -2.98
N ARG D 11 22.91 47.68 -2.31
CA ARG D 11 22.59 49.01 -1.81
C ARG D 11 22.26 48.90 -0.33
N ASP D 12 22.95 49.67 0.49
CA ASP D 12 22.85 49.54 1.94
C ASP D 12 21.48 49.96 2.45
N THR D 13 21.09 49.38 3.59
CA THR D 13 19.83 49.69 4.26
C THR D 13 20.12 50.24 5.65
N GLY D 14 19.05 50.52 6.39
CA GLY D 14 19.16 51.14 7.69
C GLY D 14 19.01 50.23 8.89
N VAL D 15 18.73 48.95 8.70
CA VAL D 15 18.54 48.02 9.81
C VAL D 15 19.89 47.49 10.25
N GLU D 16 20.15 47.55 11.56
CA GLU D 16 21.45 47.13 12.09
C GLU D 16 21.68 45.64 11.87
N ALA D 17 20.65 44.82 12.08
CA ALA D 17 20.80 43.38 11.88
C ALA D 17 20.95 43.01 10.41
N TYR D 18 20.51 43.87 9.51
CA TYR D 18 20.72 43.66 8.07
C TYR D 18 21.93 44.45 7.59
N ARG D 19 23.10 44.14 8.12
CA ARG D 19 24.32 44.88 7.78
C ARG D 19 25.25 43.97 6.97
N ASP D 20 25.56 44.40 5.75
CA ASP D 20 26.49 43.70 4.85
C ASP D 20 26.05 42.25 4.63
N ASN D 21 24.77 42.06 4.46
CA ASN D 21 24.28 40.75 4.08
C ASN D 21 24.20 40.65 2.57
N PRO D 22 24.82 39.65 1.94
CA PRO D 22 24.76 39.56 0.48
C PRO D 22 23.37 39.37 -0.08
N PHE D 23 22.48 38.69 0.66
CA PHE D 23 21.15 38.38 0.16
C PHE D 23 20.08 39.38 0.58
N ILE D 24 20.39 40.29 1.49
CA ILE D 24 19.45 41.33 1.91
C ILE D 24 19.74 42.65 1.22
N GLU D 25 21.01 43.00 1.06
CA GLU D 25 21.36 44.25 0.41
C GLU D 25 20.98 44.24 -1.07
N ALA D 26 20.91 43.05 -1.66
CA ALA D 26 20.53 42.89 -3.07
C ALA D 26 19.06 42.51 -3.20
N LEU D 27 18.21 43.39 -2.71
CA LEU D 27 16.76 43.27 -2.79
C LEU D 27 16.18 44.66 -3.00
N PRO D 28 14.95 44.77 -3.46
CA PRO D 28 14.32 46.08 -3.61
C PRO D 28 14.29 46.82 -2.29
N PRO D 29 14.47 48.14 -2.31
CA PRO D 29 14.68 48.88 -1.06
C PRO D 29 13.43 48.91 -0.20
N LEU D 30 13.65 49.22 1.08
CA LEU D 30 12.57 49.28 2.05
C LEU D 30 11.61 50.41 1.71
N GLN D 31 10.30 50.12 1.80
CA GLN D 31 9.27 51.09 1.47
C GLN D 31 8.26 51.17 2.60
N GLU D 32 7.65 52.35 2.74
CA GLU D 32 6.54 52.49 3.67
C GLU D 32 5.35 51.68 3.18
N SER D 33 4.59 51.10 4.13
CA SER D 33 3.46 50.27 3.77
C SER D 33 2.41 51.05 3.00
N VAL D 34 2.19 52.32 3.37
CA VAL D 34 1.24 53.16 2.64
C VAL D 34 1.70 53.37 1.21
N ASN D 35 2.99 53.63 1.01
CA ASN D 35 3.52 53.78 -0.34
C ASN D 35 3.49 52.46 -1.10
N SER D 36 3.78 51.34 -0.42
CA SER D 36 3.78 50.05 -1.07
C SER D 36 2.38 49.63 -1.52
N ALA D 37 1.38 49.84 -0.66
CA ALA D 37 0.03 49.45 -1.01
C ALA D 37 -0.54 50.30 -2.14
N ALA D 38 -0.06 51.53 -2.28
CA ALA D 38 -0.52 52.40 -3.37
C ALA D 38 -0.07 51.88 -4.73
N SER D 39 1.05 51.15 -4.78
CA SER D 39 1.61 50.70 -6.04
C SER D 39 0.97 49.43 -6.58
N LEU D 40 -0.02 48.87 -5.88
CA LEU D 40 -0.76 47.73 -6.39
C LEU D 40 -1.94 48.15 -7.24
N LYS D 41 -2.14 49.45 -7.43
CA LYS D 41 -3.29 49.95 -8.20
C LYS D 41 -3.11 49.67 -9.68
N SER D 42 -4.18 49.16 -10.29
CA SER D 42 -4.17 48.88 -11.73
C SER D 42 -5.59 49.04 -12.26
N SER D 43 -5.70 49.27 -13.56
CA SER D 43 -7.00 49.43 -14.19
C SER D 43 -6.87 49.07 -15.66
N LEU D 44 -8.02 48.84 -16.29
CA LEU D 44 -8.07 48.52 -17.71
C LEU D 44 -7.90 49.80 -18.53
N GLN D 45 -7.03 49.75 -19.52
CA GLN D 45 -6.72 50.93 -20.34
C GLN D 45 -7.80 51.07 -21.40
N LEU D 46 -8.58 52.15 -21.33
CA LEU D 46 -9.67 52.41 -22.25
C LEU D 46 -9.53 53.81 -22.82
N THR D 47 -9.69 53.92 -24.13
CA THR D 47 -9.76 55.23 -24.79
C THR D 47 -11.22 55.59 -25.08
N SER D 48 -11.44 56.86 -25.42
CA SER D 48 -12.79 57.32 -25.69
C SER D 48 -13.33 56.74 -26.99
N SER D 49 -12.46 56.43 -27.94
CA SER D 49 -12.88 55.91 -29.24
C SER D 49 -13.22 54.42 -29.22
N ASP D 50 -12.98 53.73 -28.11
CA ASP D 50 -13.28 52.30 -28.03
C ASP D 50 -14.78 52.04 -28.04
N LEU D 51 -15.60 53.04 -27.75
CA LEU D 51 -17.05 52.86 -27.77
C LEU D 51 -17.58 52.68 -29.19
N GLN D 52 -16.90 53.23 -30.19
CA GLN D 52 -17.33 53.10 -31.58
C GLN D 52 -16.54 51.97 -32.25
N LYS D 53 -16.77 50.76 -31.74
CA LYS D 53 -16.06 49.58 -32.20
C LYS D 53 -17.07 48.46 -32.37
N SER D 54 -16.63 47.36 -32.97
CA SER D 54 -17.52 46.23 -33.20
C SER D 54 -17.99 45.65 -31.88
N ARG D 55 -19.20 45.06 -31.92
CA ARG D 55 -19.80 44.52 -30.70
C ARG D 55 -18.95 43.40 -30.10
N VAL D 56 -18.43 42.52 -30.95
CA VAL D 56 -17.62 41.40 -30.49
C VAL D 56 -16.33 41.90 -29.83
N ILE D 57 -15.70 42.91 -30.43
CA ILE D 57 -14.47 43.46 -29.87
C ILE D 57 -14.74 44.09 -28.52
N ARG D 58 -15.86 44.81 -28.40
CA ARG D 58 -16.21 45.41 -27.12
C ARG D 58 -16.48 44.35 -26.07
N ALA D 59 -17.17 43.27 -26.43
CA ALA D 59 -17.44 42.19 -25.49
C ALA D 59 -16.15 41.51 -25.02
N HIS D 60 -15.23 41.27 -25.95
CA HIS D 60 -13.95 40.69 -25.58
C HIS D 60 -13.12 41.63 -24.71
N THR D 61 -13.23 42.94 -24.95
CA THR D 61 -12.59 43.91 -24.06
C THR D 61 -13.17 43.86 -22.65
N ILE D 62 -14.50 43.75 -22.55
CA ILE D 62 -15.14 43.68 -21.25
C ILE D 62 -14.74 42.42 -20.49
N CYS D 63 -14.59 41.30 -21.21
CA CYS D 63 -14.26 40.05 -20.53
C CYS D 63 -12.86 40.05 -19.92
N ARG D 64 -12.02 41.04 -20.21
CA ARG D 64 -10.70 41.15 -19.60
C ARG D 64 -10.72 41.92 -18.27
N ILE D 65 -11.89 42.40 -17.84
CA ILE D 65 -11.97 43.13 -16.57
C ILE D 65 -11.54 42.28 -15.37
N PRO D 66 -11.99 41.03 -15.21
CA PRO D 66 -11.64 40.30 -13.98
C PRO D 66 -10.16 40.09 -13.75
N ASP D 67 -9.32 40.19 -14.78
CA ASP D 67 -7.91 39.86 -14.66
C ASP D 67 -6.99 41.08 -14.71
N ASP D 68 -7.54 42.29 -14.81
CA ASP D 68 -6.66 43.46 -14.92
C ASP D 68 -7.00 44.53 -13.90
N TYR D 69 -8.28 44.75 -13.61
CA TYR D 69 -8.66 45.73 -12.61
C TYR D 69 -8.36 45.20 -11.21
N PHE D 70 -7.70 46.02 -10.40
CA PHE D 70 -7.35 45.67 -9.04
C PHE D 70 -7.21 46.94 -8.23
N GLN D 71 -7.94 47.03 -7.12
CA GLN D 71 -7.83 48.17 -6.24
C GLN D 71 -7.39 47.72 -4.85
N PRO D 72 -6.31 48.27 -4.31
CA PRO D 72 -5.85 47.85 -2.98
C PRO D 72 -6.78 48.34 -1.88
N LEU D 73 -7.09 47.45 -0.95
CA LEU D 73 -7.95 47.73 0.17
C LEU D 73 -7.10 48.06 1.40
N GLY D 74 -7.74 48.15 2.56
CA GLY D 74 -7.03 48.35 3.80
C GLY D 74 -6.41 47.10 4.39
N THR D 75 -6.78 45.92 3.88
CA THR D 75 -6.24 44.66 4.37
C THR D 75 -4.93 44.29 3.68
N HIS D 76 -4.35 45.21 2.91
CA HIS D 76 -3.09 44.96 2.23
C HIS D 76 -1.90 45.61 2.91
N LEU D 77 -2.12 46.60 3.77
CA LEU D 77 -1.05 47.19 4.54
C LEU D 77 -0.37 46.14 5.42
N LEU D 78 -1.17 45.41 6.20
CA LEU D 78 -0.64 44.40 7.11
C LEU D 78 0.07 43.29 6.35
N LEU D 79 -0.55 42.81 5.28
CA LEU D 79 0.04 41.69 4.54
C LEU D 79 1.34 42.10 3.84
N SER D 80 1.37 43.32 3.28
CA SER D 80 2.59 43.82 2.67
C SER D 80 3.70 43.94 3.70
N GLU D 81 3.39 44.51 4.87
CA GLU D 81 4.40 44.64 5.92
C GLU D 81 4.90 43.28 6.39
N ARG D 82 3.97 42.33 6.58
CA ARG D 82 4.36 41.00 7.06
C ARG D 82 5.27 40.29 6.07
N ILE D 83 4.94 40.34 4.78
CA ILE D 83 5.78 39.67 3.80
C ILE D 83 7.11 40.38 3.66
N SER D 84 7.12 41.71 3.71
CA SER D 84 8.38 42.45 3.58
C SER D 84 9.31 42.16 4.76
N VAL D 85 8.75 41.86 5.93
CA VAL D 85 9.60 41.47 7.06
C VAL D 85 9.98 39.99 6.97
N MET D 86 9.07 39.15 6.49
CA MET D 86 9.27 37.71 6.52
C MET D 86 10.24 37.22 5.45
N ILE D 87 10.26 37.85 4.28
CA ILE D 87 11.27 37.54 3.27
C ILE D 87 12.66 37.82 3.82
N ARG D 88 12.82 38.99 4.42
CA ARG D 88 14.11 39.61 4.67
C ARG D 88 14.63 39.32 6.08
N GLY D 89 13.84 38.70 6.94
CA GLY D 89 14.35 38.32 8.25
C GLY D 89 14.94 36.93 8.26
N GLY D 90 14.61 36.12 7.25
CA GLY D 90 15.13 34.77 7.17
C GLY D 90 16.52 34.64 6.61
N TYR D 91 17.10 35.74 6.14
CA TYR D 91 18.45 35.72 5.57
C TYR D 91 19.53 36.07 6.57
N VAL D 92 19.17 36.48 7.79
CA VAL D 92 20.19 36.82 8.78
C VAL D 92 20.93 35.57 9.22
N GLY D 93 20.22 34.47 9.40
CA GLY D 93 20.80 33.21 9.83
C GLY D 93 21.32 32.33 8.71
N ARG D 94 21.50 32.87 7.51
CA ARG D 94 22.00 32.09 6.37
C ARG D 94 23.03 32.85 5.56
N ASN D 95 23.59 33.92 6.09
CA ASN D 95 24.49 34.73 5.29
C ASN D 95 25.82 34.01 5.08
N PRO D 96 26.27 33.86 3.83
CA PRO D 96 27.55 33.22 3.58
C PRO D 96 28.68 34.21 3.62
N LYS D 97 28.41 35.39 4.17
CA LYS D 97 29.43 36.42 4.36
C LYS D 97 30.53 35.98 5.32
N THR D 98 30.30 34.90 6.07
CA THR D 98 31.34 34.27 6.86
C THR D 98 32.58 33.98 6.02
N GLY D 99 33.70 34.58 6.40
CA GLY D 99 34.93 34.40 5.67
C GLY D 99 35.99 33.65 6.45
N ASP D 100 37.02 34.37 6.90
CA ASP D 100 38.12 33.77 7.66
C ASP D 100 37.71 33.66 9.13
N LEU D 101 36.91 32.64 9.42
CA LEU D 101 36.45 32.36 10.78
C LEU D 101 37.30 31.30 11.47
N GLN D 102 38.51 31.05 10.97
CA GLN D 102 39.41 30.10 11.61
C GLN D 102 40.23 30.79 12.70
N LYS D 103 40.91 31.89 12.36
CA LYS D 103 41.81 32.54 13.30
C LYS D 103 41.06 33.15 14.48
N HIS D 104 39.86 33.69 14.24
CA HIS D 104 39.08 34.27 15.33
C HIS D 104 38.64 33.20 16.33
N LEU D 105 38.17 32.06 15.83
CA LEU D 105 37.80 30.95 16.69
C LEU D 105 39.02 30.40 17.43
N GLN D 106 40.16 30.32 16.74
CA GLN D 106 41.37 29.82 17.38
C GLN D 106 41.81 30.73 18.51
N ASN D 107 41.76 32.04 18.30
CA ASN D 107 42.13 33.00 19.33
C ASN D 107 41.18 32.89 20.51
N GLY D 108 39.87 32.77 20.24
CA GLY D 108 38.92 32.61 21.33
C GLY D 108 39.16 31.34 22.13
N TYR D 109 39.44 30.23 21.44
CA TYR D 109 39.71 28.98 22.13
C TYR D 109 40.96 29.08 23.00
N GLU D 110 42.03 29.68 22.46
CA GLU D 110 43.28 29.75 23.20
C GLU D 110 43.29 30.84 24.25
N ARG D 111 42.27 31.70 24.30
CA ARG D 111 42.09 32.59 25.44
C ARG D 111 40.98 32.14 26.39
N VAL D 112 40.21 31.13 26.04
CA VAL D 112 39.28 30.51 26.97
C VAL D 112 39.93 29.36 27.73
N GLN D 113 40.69 28.51 27.04
CA GLN D 113 41.36 27.40 27.71
C GLN D 113 42.35 27.91 28.75
N THR D 114 42.89 29.11 28.56
CA THR D 114 43.68 29.78 29.58
C THR D 114 43.55 31.28 29.37
N GLY D 115 43.10 31.98 30.40
CA GLY D 115 42.92 33.41 30.30
C GLY D 115 41.67 33.86 31.04
N GLU D 116 41.23 35.07 30.72
CA GLU D 116 40.19 35.75 31.45
C GLU D 116 38.80 35.56 30.87
N LEU D 117 38.66 34.79 29.79
CA LEU D 117 37.37 34.60 29.14
C LEU D 117 36.70 33.37 29.75
N GLU D 118 35.70 33.61 30.61
CA GLU D 118 34.95 32.50 31.18
C GLU D 118 34.14 31.77 30.12
N THR D 119 33.50 32.50 29.22
CA THR D 119 32.64 31.91 28.21
C THR D 119 32.84 32.64 26.89
N PHE D 120 33.02 31.87 25.81
CA PHE D 120 33.08 32.41 24.47
C PHE D 120 32.07 31.65 23.62
N ARG D 121 31.54 32.32 22.60
CA ARG D 121 30.49 31.74 21.77
C ARG D 121 31.04 31.55 20.36
N PHE D 122 30.87 30.35 19.81
CA PHE D 122 31.47 29.97 18.53
C PHE D 122 30.43 29.85 17.42
N GLU D 123 29.41 29.02 17.61
CA GLU D 123 28.42 28.76 16.56
C GLU D 123 27.27 29.75 16.75
N GLU D 124 27.22 30.77 15.90
CA GLU D 124 26.17 31.78 15.93
C GLU D 124 25.13 31.58 14.84
N ALA D 125 25.13 30.43 14.18
CA ALA D 125 24.12 30.15 13.16
C ALA D 125 22.79 29.78 13.81
N ARG D 126 21.71 30.31 13.26
CA ARG D 126 20.35 30.11 13.73
C ARG D 126 19.38 30.03 12.56
N SER D 127 18.34 29.23 12.73
CA SER D 127 17.22 29.20 11.79
C SER D 127 16.29 30.34 12.17
N THR D 128 16.42 31.47 11.49
CA THR D 128 15.72 32.69 11.81
C THR D 128 14.35 32.76 11.15
N ALA D 129 13.91 31.68 10.53
CA ALA D 129 12.66 31.68 9.78
C ALA D 129 11.45 31.73 10.71
N GLN D 130 10.31 32.05 10.11
CA GLN D 130 9.03 32.10 10.82
C GLN D 130 7.98 31.47 9.91
N SER D 131 6.70 31.68 10.23
CA SER D 131 5.63 31.14 9.42
C SER D 131 4.39 32.01 9.54
N LEU D 132 3.57 31.98 8.49
CA LEU D 132 2.29 32.67 8.48
C LEU D 132 1.18 31.70 8.08
N LEU D 133 -0.04 32.07 8.46
CA LEU D 133 -1.25 31.38 8.04
C LEU D 133 -2.26 32.42 7.61
N LEU D 134 -2.53 32.49 6.32
CA LEU D 134 -3.51 33.44 5.77
C LEU D 134 -4.75 32.65 5.40
N ILE D 135 -5.84 32.87 6.13
CA ILE D 135 -7.11 32.19 5.90
C ILE D 135 -8.17 33.23 5.63
N GLY D 136 -8.93 33.03 4.54
CA GLY D 136 -10.00 33.93 4.18
C GLY D 136 -11.00 33.21 3.31
N CYS D 137 -12.10 33.91 3.03
CA CYS D 137 -13.19 33.35 2.25
C CYS D 137 -12.75 33.05 0.82
N SER D 138 -13.42 32.09 0.20
CA SER D 138 -13.12 31.74 -1.19
C SER D 138 -13.60 32.81 -2.14
N GLY D 139 -12.72 33.74 -2.49
CA GLY D 139 -13.08 34.83 -3.38
C GLY D 139 -12.61 36.17 -2.88
N SER D 140 -11.93 36.16 -1.73
CA SER D 140 -11.45 37.40 -1.12
C SER D 140 -10.24 37.97 -1.84
N GLY D 141 -9.57 37.18 -2.67
CA GLY D 141 -8.44 37.67 -3.43
C GLY D 141 -7.10 37.33 -2.81
N LYS D 142 -6.99 36.12 -2.26
CA LYS D 142 -5.74 35.70 -1.64
C LYS D 142 -4.63 35.57 -2.66
N THR D 143 -4.86 34.82 -3.73
CA THR D 143 -3.81 34.55 -4.71
C THR D 143 -3.47 35.81 -5.51
N THR D 144 -4.50 36.53 -5.96
CA THR D 144 -4.29 37.73 -6.76
C THR D 144 -3.48 38.77 -6.00
N SER D 145 -3.91 39.09 -4.78
CA SER D 145 -3.16 40.04 -3.97
C SER D 145 -1.79 39.50 -3.59
N LEU D 146 -1.68 38.19 -3.38
CA LEU D 146 -0.41 37.61 -2.97
C LEU D 146 0.66 37.81 -4.04
N HIS D 147 0.38 37.39 -5.27
CA HIS D 147 1.41 37.56 -6.29
C HIS D 147 1.24 38.83 -7.10
N ARG D 148 0.42 39.77 -6.63
CA ARG D 148 0.62 41.16 -7.01
C ARG D 148 1.52 41.89 -6.03
N ILE D 149 1.48 41.52 -4.74
CA ILE D 149 2.42 42.04 -3.76
C ILE D 149 3.82 41.51 -4.05
N LEU D 150 3.91 40.19 -4.27
CA LEU D 150 5.18 39.50 -4.30
C LEU D 150 5.93 39.67 -5.61
N ALA D 151 5.30 40.31 -6.60
CA ALA D 151 5.91 40.51 -7.90
C ALA D 151 6.73 41.79 -7.99
N THR D 152 6.89 42.51 -6.87
CA THR D 152 7.80 43.64 -6.84
C THR D 152 9.24 43.22 -6.55
N TYR D 153 9.48 41.95 -6.24
CA TYR D 153 10.76 41.30 -6.02
C TYR D 153 11.17 40.50 -7.25
N PRO D 154 12.43 40.58 -7.68
CA PRO D 154 12.89 39.71 -8.77
C PRO D 154 12.86 38.26 -8.35
N GLN D 155 12.37 37.41 -9.25
CA GLN D 155 12.16 35.99 -8.92
C GLN D 155 13.48 35.29 -8.64
N VAL D 156 14.50 35.55 -9.44
CA VAL D 156 15.81 34.90 -9.28
C VAL D 156 16.90 35.96 -9.45
N ILE D 157 17.83 36.00 -8.51
CA ILE D 157 18.97 36.91 -8.55
C ILE D 157 20.24 36.07 -8.56
N TYR D 158 21.21 36.48 -9.37
CA TYR D 158 22.43 35.71 -9.56
C TYR D 158 23.63 36.48 -9.02
N HIS D 159 24.47 35.77 -8.26
CA HIS D 159 25.76 36.26 -7.81
C HIS D 159 26.84 35.43 -8.48
N ARG D 160 27.92 36.09 -8.91
CA ARG D 160 29.07 35.36 -9.47
C ARG D 160 30.32 35.49 -8.61
N GLU D 161 30.38 36.47 -7.70
CA GLU D 161 31.43 36.47 -6.69
C GLU D 161 31.29 35.30 -5.74
N LEU D 162 30.05 34.84 -5.54
CA LEU D 162 29.76 33.59 -4.86
C LEU D 162 28.94 32.76 -5.82
N ASN D 163 29.38 31.54 -6.11
CA ASN D 163 28.73 30.73 -7.15
C ASN D 163 27.41 30.16 -6.61
N VAL D 164 26.45 31.06 -6.44
CA VAL D 164 25.13 30.72 -5.92
C VAL D 164 24.07 31.44 -6.73
N GLU D 165 22.96 30.76 -6.99
CA GLU D 165 21.78 31.32 -7.64
C GLU D 165 20.68 31.44 -6.61
N GLN D 166 20.18 32.65 -6.39
CA GLN D 166 19.23 32.93 -5.32
C GLN D 166 17.81 32.90 -5.86
N VAL D 167 16.97 32.07 -5.26
CA VAL D 167 15.55 32.02 -5.59
C VAL D 167 14.81 32.71 -4.45
N VAL D 168 14.33 33.93 -4.70
CA VAL D 168 13.75 34.74 -3.62
C VAL D 168 12.42 34.16 -3.14
N TYR D 169 11.61 33.64 -4.06
CA TYR D 169 10.35 33.03 -3.65
C TYR D 169 9.96 31.96 -4.64
N LEU D 170 9.02 31.11 -4.23
CA LEU D 170 8.56 30.02 -5.07
C LEU D 170 7.13 29.66 -4.66
N LYS D 171 6.20 29.76 -5.59
CA LYS D 171 4.80 29.49 -5.31
C LYS D 171 4.41 28.14 -5.88
N ILE D 172 3.92 27.26 -5.03
CA ILE D 172 3.46 25.93 -5.41
C ILE D 172 2.09 25.70 -4.80
N ASP D 173 1.21 25.02 -5.52
CA ASP D 173 -0.03 24.59 -4.90
C ASP D 173 0.23 23.33 -4.07
N CYS D 174 -0.77 22.95 -3.29
CA CYS D 174 -0.65 21.76 -2.46
C CYS D 174 -0.86 20.53 -3.32
N SER D 175 -0.99 19.37 -2.69
CA SER D 175 -1.25 18.12 -3.38
C SER D 175 -2.73 17.78 -3.28
N HIS D 176 -3.27 17.18 -4.35
CA HIS D 176 -4.70 16.94 -4.41
C HIS D 176 -5.15 15.88 -3.41
N ASN D 177 -4.27 14.94 -3.06
CA ASN D 177 -4.62 13.85 -2.17
C ASN D 177 -3.90 13.94 -0.82
N GLY D 178 -3.21 15.03 -0.55
CA GLY D 178 -2.49 15.16 0.71
C GLY D 178 -1.36 14.15 0.87
N SER D 179 -0.63 13.87 -0.21
CA SER D 179 0.46 12.91 -0.21
C SER D 179 1.76 13.64 -0.50
N LEU D 180 2.79 13.36 0.30
CA LEU D 180 4.08 14.03 0.14
C LEU D 180 4.81 13.63 -1.13
N LYS D 181 4.35 12.58 -1.82
CA LYS D 181 5.00 12.21 -3.07
C LYS D 181 4.71 13.20 -4.18
N GLU D 182 3.50 13.76 -4.21
CA GLU D 182 3.12 14.72 -5.24
C GLU D 182 3.65 16.12 -5.00
N ILE D 183 4.01 16.45 -3.75
CA ILE D 183 4.39 17.83 -3.45
C ILE D 183 5.81 18.12 -3.90
N CYS D 184 6.66 17.11 -4.01
CA CYS D 184 7.99 17.29 -4.55
C CYS D 184 8.00 17.40 -6.06
N LEU D 185 7.08 16.71 -6.74
CA LEU D 185 6.92 16.90 -8.18
C LEU D 185 6.49 18.33 -8.47
N ASN D 186 5.56 18.87 -7.69
CA ASN D 186 5.18 20.28 -7.84
C ASN D 186 6.35 21.20 -7.53
N PHE D 187 7.13 20.88 -6.48
CA PHE D 187 8.29 21.71 -6.14
C PHE D 187 9.28 21.76 -7.30
N PHE D 188 9.60 20.59 -7.86
CA PHE D 188 10.56 20.52 -8.96
C PHE D 188 10.03 21.22 -10.20
N ARG D 189 8.75 21.04 -10.51
CA ARG D 189 8.17 21.69 -11.68
C ARG D 189 8.16 23.20 -11.54
N ALA D 190 7.80 23.72 -10.36
CA ALA D 190 7.83 25.15 -10.17
C ALA D 190 9.25 25.70 -10.25
N LEU D 191 10.22 24.97 -9.68
CA LEU D 191 11.60 25.43 -9.72
C LEU D 191 12.13 25.47 -11.15
N ASP D 192 11.95 24.39 -11.91
CA ASP D 192 12.50 24.40 -13.26
C ASP D 192 11.64 25.16 -14.25
N ARG D 193 10.43 25.56 -13.86
CA ARG D 193 9.64 26.48 -14.67
C ARG D 193 10.00 27.94 -14.39
N ALA D 194 10.50 28.26 -13.20
CA ALA D 194 10.98 29.60 -12.89
C ALA D 194 12.48 29.72 -13.07
N LEU D 195 13.26 28.90 -12.39
CA LEU D 195 14.69 28.80 -12.63
C LEU D 195 14.92 27.93 -13.86
N GLY D 196 15.68 28.42 -14.82
CA GLY D 196 15.93 27.62 -16.01
C GLY D 196 16.79 26.40 -15.73
N SER D 197 16.18 25.22 -15.72
CA SER D 197 16.88 23.97 -15.41
C SER D 197 15.93 22.81 -15.75
N ASN D 198 16.38 21.61 -15.41
CA ASN D 198 15.70 20.37 -15.82
C ASN D 198 15.60 19.38 -14.67
N TYR D 199 15.15 19.85 -13.51
CA TYR D 199 15.05 18.98 -12.33
C TYR D 199 13.89 17.99 -12.40
N GLU D 200 12.91 18.19 -13.27
CA GLU D 200 11.72 17.33 -13.25
C GLU D 200 12.04 15.94 -13.77
N ARG D 201 12.66 15.85 -14.96
CA ARG D 201 12.98 14.55 -15.53
C ARG D 201 14.10 13.87 -14.76
N ARG D 202 15.08 14.65 -14.30
CA ARG D 202 16.25 14.08 -13.64
C ARG D 202 15.89 13.40 -12.32
N TYR D 203 15.05 14.05 -11.51
CA TYR D 203 14.79 13.61 -10.14
C TYR D 203 13.35 13.19 -9.89
N GLY D 204 12.52 13.10 -10.92
CA GLY D 204 11.10 12.93 -10.68
C GLY D 204 10.46 11.66 -11.22
N LEU D 205 10.99 11.10 -12.29
CA LEU D 205 10.41 9.91 -12.90
C LEU D 205 11.15 8.63 -12.55
N LYS D 206 12.30 8.73 -11.88
CA LYS D 206 12.96 7.55 -11.35
C LYS D 206 12.18 7.04 -10.15
N ARG D 207 12.18 5.73 -9.95
CA ARG D 207 11.42 5.16 -8.82
C ARG D 207 12.20 5.30 -7.52
N HIS D 208 12.44 6.56 -7.14
CA HIS D 208 12.95 6.90 -5.83
C HIS D 208 11.84 6.82 -4.80
N GLY D 209 12.20 6.40 -3.59
CA GLY D 209 11.25 6.37 -2.50
C GLY D 209 10.99 7.76 -1.96
N ILE D 210 10.00 7.84 -1.06
CA ILE D 210 9.70 9.11 -0.41
C ILE D 210 10.86 9.54 0.48
N GLU D 211 11.65 8.57 0.97
CA GLU D 211 12.75 8.89 1.87
C GLU D 211 13.80 9.76 1.18
N THR D 212 14.15 9.43 -0.06
CA THR D 212 15.23 10.14 -0.73
C THR D 212 14.76 11.33 -1.56
N MET D 213 13.51 11.33 -2.02
CA MET D 213 13.00 12.49 -2.77
C MET D 213 12.96 13.73 -1.89
N LEU D 214 12.53 13.56 -0.64
CA LEU D 214 12.58 14.68 0.31
C LEU D 214 14.02 15.10 0.60
N ALA D 215 14.96 14.15 0.59
CA ALA D 215 16.36 14.49 0.76
C ALA D 215 16.88 15.33 -0.40
N LEU D 216 16.53 14.94 -1.64
CA LEU D 216 16.93 15.73 -2.79
C LEU D 216 16.29 17.11 -2.75
N MET D 217 15.03 17.19 -2.34
CA MET D 217 14.34 18.47 -2.26
C MET D 217 15.02 19.40 -1.24
N SER D 218 15.36 18.86 -0.06
CA SER D 218 16.04 19.66 0.95
C SER D 218 17.41 20.11 0.46
N GLN D 219 18.15 19.21 -0.18
CA GLN D 219 19.47 19.57 -0.70
C GLN D 219 19.38 20.66 -1.74
N ILE D 220 18.41 20.57 -2.64
CA ILE D 220 18.28 21.55 -3.71
C ILE D 220 17.83 22.89 -3.15
N ALA D 221 16.89 22.88 -2.22
CA ALA D 221 16.43 24.13 -1.62
C ALA D 221 17.54 24.81 -0.83
N ASN D 222 18.39 24.03 -0.16
CA ASN D 222 19.52 24.61 0.54
C ASN D 222 20.59 25.12 -0.42
N ALA D 223 20.74 24.47 -1.57
CA ALA D 223 21.75 24.89 -2.53
C ALA D 223 21.40 26.25 -3.14
N HIS D 224 20.12 26.51 -3.37
CA HIS D 224 19.68 27.72 -4.05
C HIS D 224 19.24 28.82 -3.09
N VAL D 225 19.49 28.65 -1.79
CA VAL D 225 19.09 29.55 -0.69
C VAL D 225 17.69 30.11 -0.92
N LEU D 226 16.71 29.22 -1.03
CA LEU D 226 15.31 29.61 -1.20
C LEU D 226 14.89 30.60 -0.12
N GLY D 227 14.16 31.63 -0.54
CA GLY D 227 13.84 32.72 0.36
C GLY D 227 12.45 32.66 0.96
N LEU D 228 11.51 32.05 0.25
CA LEU D 228 10.16 31.88 0.77
C LEU D 228 9.47 30.78 -0.03
N LEU D 229 8.90 29.82 0.67
CA LEU D 229 8.08 28.79 0.05
C LEU D 229 6.63 29.07 0.43
N VAL D 230 5.79 29.28 -0.58
CA VAL D 230 4.37 29.57 -0.39
C VAL D 230 3.60 28.36 -0.87
N ILE D 231 2.95 27.64 0.03
CA ILE D 231 2.05 26.55 -0.34
C ILE D 231 0.63 27.10 -0.32
N ASP D 232 -0.05 27.01 -1.46
CA ASP D 232 -1.41 27.51 -1.60
C ASP D 232 -2.35 26.32 -1.63
N GLU D 233 -3.62 26.58 -1.31
CA GLU D 233 -4.65 25.55 -1.19
C GLU D 233 -4.33 24.55 -0.07
N ILE D 234 -3.98 25.07 1.12
CA ILE D 234 -3.64 24.20 2.24
C ILE D 234 -4.85 23.44 2.77
N GLN D 235 -6.05 23.84 2.37
CA GLN D 235 -7.29 23.15 2.69
C GLN D 235 -7.37 21.74 2.12
N HIS D 236 -6.50 21.40 1.17
CA HIS D 236 -6.51 20.07 0.56
C HIS D 236 -6.13 18.97 1.53
N LEU D 237 -5.57 19.31 2.69
CA LEU D 237 -5.14 18.32 3.67
C LEU D 237 -6.31 17.67 4.39
N SER D 238 -7.52 18.22 4.28
CA SER D 238 -8.69 17.56 4.83
C SER D 238 -9.02 16.26 4.10
N ARG D 239 -8.43 16.05 2.92
CA ARG D 239 -8.66 14.81 2.19
C ARG D 239 -8.03 13.61 2.89
N SER D 240 -6.81 13.78 3.40
CA SER D 240 -6.10 12.69 4.06
C SER D 240 -6.56 12.62 5.51
N ARG D 241 -7.64 11.86 5.75
CA ARG D 241 -8.22 11.71 7.07
C ARG D 241 -7.69 10.50 7.82
N SER D 242 -6.70 9.80 7.26
CA SER D 242 -6.06 8.67 7.92
C SER D 242 -4.81 9.07 8.69
N GLY D 243 -4.78 10.29 9.22
CA GLY D 243 -3.59 10.79 9.90
C GLY D 243 -2.46 11.12 8.95
N GLY D 244 -2.78 11.56 7.73
CA GLY D 244 -1.76 11.89 6.76
C GLY D 244 -1.46 13.37 6.68
N SER D 245 -2.26 14.19 7.35
CA SER D 245 -1.98 15.61 7.40
C SER D 245 -0.86 15.92 8.38
N GLN D 246 -0.73 15.14 9.46
CA GLN D 246 0.32 15.38 10.43
C GLN D 246 1.70 15.19 9.82
N GLU D 247 1.86 14.17 8.98
CA GLU D 247 3.15 13.94 8.31
C GLU D 247 3.54 15.14 7.47
N MET D 248 2.61 15.66 6.68
CA MET D 248 2.90 16.79 5.81
C MET D 248 3.15 18.06 6.62
N LEU D 249 2.43 18.25 7.72
CA LEU D 249 2.65 19.43 8.55
C LEU D 249 4.03 19.39 9.20
N ASN D 250 4.42 18.24 9.74
CA ASN D 250 5.70 18.15 10.42
C ASN D 250 6.86 18.14 9.45
N PHE D 251 6.65 17.76 8.19
CA PHE D 251 7.71 17.98 7.21
C PHE D 251 8.02 19.46 7.05
N PHE D 252 7.00 20.30 6.97
CA PHE D 252 7.25 21.74 6.84
C PHE D 252 7.82 22.31 8.14
N VAL D 253 7.41 21.78 9.29
CA VAL D 253 8.02 22.21 10.55
C VAL D 253 9.51 21.89 10.56
N THR D 254 9.88 20.68 10.13
CA THR D 254 11.29 20.32 9.98
C THR D 254 12.00 21.26 9.01
N MET D 255 11.34 21.58 7.88
CA MET D 255 11.95 22.46 6.90
C MET D 255 12.19 23.85 7.45
N VAL D 256 11.36 24.30 8.39
CA VAL D 256 11.61 25.59 9.02
C VAL D 256 12.71 25.49 10.09
N ASN D 257 12.79 24.37 10.81
CA ASN D 257 13.76 24.27 11.91
C ASN D 257 15.21 24.09 11.47
N ILE D 258 15.45 23.50 10.30
CA ILE D 258 16.82 23.14 9.92
C ILE D 258 17.27 23.93 8.71
N ILE D 259 16.58 23.75 7.58
CA ILE D 259 16.97 24.41 6.35
C ILE D 259 16.86 25.93 6.49
N GLY D 260 15.75 26.40 7.04
CA GLY D 260 15.59 27.80 7.38
C GLY D 260 14.76 28.63 6.43
N VAL D 261 13.99 28.01 5.55
CA VAL D 261 13.14 28.79 4.64
C VAL D 261 11.82 29.10 5.36
N PRO D 262 11.41 30.36 5.41
CA PRO D 262 10.07 30.67 5.92
C PRO D 262 9.00 30.11 5.00
N VAL D 263 7.90 29.67 5.60
CA VAL D 263 6.83 28.99 4.89
C VAL D 263 5.53 29.75 5.13
N MET D 264 4.74 29.90 4.07
CA MET D 264 3.45 30.58 4.13
C MET D 264 2.35 29.62 3.74
N LEU D 265 1.28 29.59 4.54
CA LEU D 265 0.16 28.69 4.34
C LEU D 265 -1.09 29.49 4.03
N ILE D 266 -1.81 29.08 2.98
CA ILE D 266 -2.99 29.80 2.50
C ILE D 266 -4.11 28.80 2.24
N GLY D 267 -5.32 29.12 2.69
CA GLY D 267 -6.45 28.26 2.44
C GLY D 267 -7.74 28.89 2.92
N THR D 268 -8.85 28.30 2.49
CA THR D 268 -10.15 28.70 2.96
C THR D 268 -10.34 28.21 4.40
N PRO D 269 -11.31 28.78 5.15
CA PRO D 269 -11.50 28.37 6.55
C PRO D 269 -11.89 26.91 6.75
N LYS D 270 -12.01 26.13 5.68
CA LYS D 270 -12.18 24.69 5.84
C LYS D 270 -10.91 24.03 6.37
N ALA D 271 -9.77 24.71 6.28
CA ALA D 271 -8.52 24.23 6.84
C ALA D 271 -8.37 24.54 8.33
N ARG D 272 -9.36 25.21 8.94
CA ARG D 272 -9.28 25.52 10.35
C ARG D 272 -9.36 24.27 11.22
N GLU D 273 -9.78 23.15 10.66
CA GLU D 273 -9.87 21.89 11.38
C GLU D 273 -8.51 21.19 11.46
N ILE D 274 -7.49 21.75 10.83
CA ILE D 274 -6.17 21.16 10.80
C ILE D 274 -5.30 21.62 11.97
N PHE D 275 -5.39 22.89 12.37
CA PHE D 275 -4.46 23.47 13.33
C PHE D 275 -5.01 23.50 14.75
N GLU D 276 -5.85 22.53 15.12
CA GLU D 276 -6.49 22.55 16.43
C GLU D 276 -6.33 21.24 17.20
N ALA D 277 -5.51 20.30 16.74
CA ALA D 277 -5.36 19.04 17.44
C ALA D 277 -4.51 19.16 18.70
N ASP D 278 -3.54 20.09 18.71
CA ASP D 278 -2.63 20.25 19.83
C ASP D 278 -2.08 21.66 19.81
N LEU D 279 -1.46 22.07 20.92
CA LEU D 279 -0.94 23.42 21.03
C LEU D 279 0.18 23.69 20.05
N ARG D 280 0.97 22.67 19.71
CA ARG D 280 2.08 22.86 18.79
C ARG D 280 1.61 23.26 17.39
N SER D 281 0.53 22.63 16.92
CA SER D 281 0.02 22.96 15.58
C SER D 281 -0.44 24.40 15.51
N ALA D 282 -1.23 24.84 16.49
CA ALA D 282 -1.73 26.20 16.50
C ALA D 282 -0.62 27.22 16.71
N ARG D 283 0.35 26.87 17.55
CA ARG D 283 1.43 27.82 17.86
C ARG D 283 2.32 28.07 16.65
N ARG D 284 2.64 27.01 15.89
CA ARG D 284 3.51 27.16 14.73
C ARG D 284 2.74 27.39 13.44
N GLY D 285 1.44 27.09 13.42
CA GLY D 285 0.64 27.46 12.26
C GLY D 285 0.64 28.95 12.02
N ALA D 286 0.61 29.73 13.09
CA ALA D 286 0.80 31.17 13.04
C ALA D 286 2.03 31.49 13.88
N GLY D 287 3.20 31.39 13.26
CA GLY D 287 4.44 31.67 13.95
C GLY D 287 4.83 33.13 14.00
N PHE D 288 4.17 33.96 13.21
CA PHE D 288 4.38 35.41 13.23
C PHE D 288 3.04 36.10 13.08
N GLY D 289 2.03 35.61 13.80
CA GLY D 289 0.68 36.09 13.66
C GLY D 289 -0.11 35.34 12.62
N ALA D 290 -1.42 35.56 12.63
CA ALA D 290 -2.32 35.00 11.64
C ALA D 290 -3.19 36.11 11.08
N ILE D 291 -3.44 36.08 9.78
CA ILE D 291 -4.25 37.08 9.11
C ILE D 291 -5.54 36.41 8.65
N PHE D 292 -6.66 36.88 9.17
CA PHE D 292 -7.99 36.37 8.81
C PHE D 292 -8.74 37.44 8.03
N TRP D 293 -9.32 37.04 6.90
CA TRP D 293 -10.07 37.93 6.05
C TRP D 293 -11.53 37.53 6.03
N ASP D 294 -12.40 38.51 5.83
CA ASP D 294 -13.84 38.34 5.82
C ASP D 294 -14.40 39.17 4.68
N PRO D 295 -15.63 38.89 4.24
CA PRO D 295 -16.27 39.76 3.24
C PRO D 295 -16.35 41.19 3.73
N ILE D 296 -16.11 42.13 2.81
CA ILE D 296 -16.18 43.54 3.13
C ILE D 296 -17.61 43.92 3.48
N GLN D 297 -17.77 44.72 4.52
CA GLN D 297 -19.09 45.07 5.02
C GLN D 297 -19.54 46.43 4.48
N GLN D 298 -20.85 46.57 4.30
CA GLN D 298 -21.39 47.80 3.73
C GLN D 298 -21.31 48.96 4.72
N THR D 299 -21.60 48.69 6.00
CA THR D 299 -21.62 49.71 7.04
C THR D 299 -20.80 49.21 8.22
N GLN D 300 -19.58 49.75 8.37
CA GLN D 300 -18.78 49.41 9.53
C GLN D 300 -19.40 49.96 10.81
N ARG D 301 -19.99 51.15 10.73
CA ARG D 301 -20.62 51.81 11.86
C ARG D 301 -21.91 52.45 11.36
N GLY D 302 -22.45 53.39 12.13
CA GLY D 302 -23.63 54.11 11.67
C GLY D 302 -23.41 54.82 10.35
N LYS D 303 -22.22 55.40 10.16
CA LYS D 303 -21.85 55.99 8.89
C LYS D 303 -21.48 54.89 7.89
N PRO D 304 -21.72 55.11 6.60
CA PRO D 304 -21.39 54.09 5.59
C PRO D 304 -19.89 53.92 5.44
N ASN D 305 -19.51 52.73 4.98
CA ASN D 305 -18.11 52.38 4.80
C ASN D 305 -17.57 53.00 3.52
N GLN D 306 -16.52 53.81 3.64
CA GLN D 306 -15.96 54.47 2.47
C GLN D 306 -15.16 53.51 1.58
N GLU D 307 -14.72 52.38 2.14
CA GLU D 307 -13.92 51.44 1.34
C GLU D 307 -14.74 50.82 0.22
N TRP D 308 -15.93 50.30 0.56
CA TRP D 308 -16.79 49.71 -0.46
C TRP D 308 -17.32 50.75 -1.43
N ILE D 309 -17.58 51.96 -0.95
CA ILE D 309 -18.02 53.04 -1.83
C ILE D 309 -16.95 53.37 -2.85
N ALA D 310 -15.70 53.51 -2.39
CA ALA D 310 -14.60 53.79 -3.32
C ALA D 310 -14.42 52.65 -4.31
N PHE D 311 -14.51 51.41 -3.83
CA PHE D 311 -14.32 50.26 -4.71
C PHE D 311 -15.37 50.23 -5.81
N THR D 312 -16.65 50.41 -5.44
CA THR D 312 -17.70 50.33 -6.45
C THR D 312 -17.68 51.54 -7.40
N ASP D 313 -17.32 52.74 -6.91
CA ASP D 313 -17.20 53.87 -7.82
C ASP D 313 -16.06 53.68 -8.81
N ASN D 314 -14.93 53.15 -8.35
CA ASN D 314 -13.83 52.93 -9.28
C ASN D 314 -14.13 51.81 -10.26
N LEU D 315 -14.95 50.83 -9.87
CA LEU D 315 -15.36 49.80 -10.82
C LEU D 315 -16.36 50.34 -11.84
N TRP D 316 -17.23 51.27 -11.44
CA TRP D 316 -18.33 51.73 -12.28
C TRP D 316 -17.87 52.42 -13.56
N GLN D 317 -16.66 52.98 -13.58
CA GLN D 317 -16.23 53.74 -14.74
C GLN D 317 -15.77 52.88 -15.91
N LEU D 318 -15.66 51.56 -15.72
CA LEU D 318 -15.27 50.66 -16.81
C LEU D 318 -16.52 50.02 -17.42
N GLN D 319 -17.23 50.83 -18.20
CA GLN D 319 -18.41 50.39 -18.93
C GLN D 319 -18.25 50.79 -20.39
N LEU D 320 -18.38 49.82 -21.29
CA LEU D 320 -18.39 50.13 -22.71
C LEU D 320 -19.79 50.13 -23.30
N LEU D 321 -20.82 50.07 -22.46
CA LEU D 321 -22.17 50.34 -22.92
C LEU D 321 -22.29 51.82 -23.27
N GLN D 322 -22.91 52.11 -24.41
CA GLN D 322 -22.92 53.48 -24.90
C GLN D 322 -23.89 54.36 -24.12
N ARG D 323 -25.09 53.85 -23.83
CA ARG D 323 -26.11 54.63 -23.11
C ARG D 323 -25.93 54.45 -21.59
N LYS D 324 -24.78 54.90 -21.11
CA LYS D 324 -24.38 54.70 -19.71
C LYS D 324 -24.78 55.92 -18.87
N ASP D 325 -25.18 55.65 -17.63
CA ASP D 325 -25.47 56.72 -16.69
C ASP D 325 -24.16 57.36 -16.22
N ALA D 326 -24.21 58.67 -15.98
CA ALA D 326 -23.01 59.41 -15.61
C ALA D 326 -22.47 58.97 -14.26
N LEU D 327 -23.36 58.76 -13.28
CA LEU D 327 -22.96 58.43 -11.93
C LEU D 327 -23.70 57.19 -11.46
N LEU D 328 -23.09 56.49 -10.50
CA LEU D 328 -23.65 55.26 -9.97
C LEU D 328 -24.73 55.60 -8.94
N SER D 329 -25.97 55.19 -9.24
CA SER D 329 -27.09 55.52 -8.38
C SER D 329 -27.05 54.74 -7.08
N ASP D 330 -27.58 55.35 -6.02
CA ASP D 330 -27.64 54.67 -4.73
C ASP D 330 -28.58 53.47 -4.76
N GLU D 331 -29.63 53.53 -5.58
CA GLU D 331 -30.59 52.42 -5.62
C GLU D 331 -29.95 51.16 -6.19
N VAL D 332 -29.23 51.30 -7.30
CA VAL D 332 -28.57 50.12 -7.89
C VAL D 332 -27.38 49.70 -7.03
N ARG D 333 -26.79 50.64 -6.30
CA ARG D 333 -25.67 50.29 -5.42
C ARG D 333 -26.13 49.46 -4.23
N ASP D 334 -27.26 49.82 -3.63
CA ASP D 334 -27.75 49.07 -2.46
C ASP D 334 -28.18 47.66 -2.83
N VAL D 335 -28.66 47.45 -4.06
CA VAL D 335 -28.97 46.09 -4.50
C VAL D 335 -27.75 45.38 -5.07
N TRP D 336 -26.65 46.10 -5.28
CA TRP D 336 -25.41 45.44 -5.66
C TRP D 336 -24.82 44.66 -4.49
N TYR D 337 -24.82 45.25 -3.30
CA TYR D 337 -24.38 44.52 -2.12
C TYR D 337 -25.38 43.42 -1.76
N GLU D 338 -26.67 43.68 -1.96
CA GLU D 338 -27.70 42.74 -1.56
C GLU D 338 -27.58 41.40 -2.28
N LEU D 339 -26.89 41.37 -3.42
CA LEU D 339 -26.72 40.16 -4.21
C LEU D 339 -25.38 39.49 -3.99
N SER D 340 -24.28 40.24 -4.11
CA SER D 340 -22.95 39.68 -3.94
C SER D 340 -22.65 39.40 -2.47
N GLN D 341 -23.17 40.24 -1.57
CA GLN D 341 -22.95 40.15 -0.12
C GLN D 341 -21.50 40.31 0.28
N GLY D 342 -20.74 41.08 -0.49
CA GLY D 342 -19.40 41.46 -0.12
C GLY D 342 -18.30 40.61 -0.72
N VAL D 343 -18.62 39.43 -1.27
CA VAL D 343 -17.61 38.56 -1.86
C VAL D 343 -17.02 39.26 -3.08
N MET D 344 -15.69 39.42 -3.07
CA MET D 344 -15.04 40.28 -4.05
C MET D 344 -15.06 39.69 -5.46
N ASP D 345 -15.16 38.37 -5.56
CA ASP D 345 -15.23 37.75 -6.89
C ASP D 345 -16.59 37.98 -7.53
N ILE D 346 -17.65 37.78 -6.76
CA ILE D 346 -19.00 37.84 -7.33
C ILE D 346 -19.39 39.28 -7.63
N VAL D 347 -18.90 40.25 -6.87
CA VAL D 347 -19.24 41.65 -7.14
C VAL D 347 -18.70 42.09 -8.50
N VAL D 348 -17.61 41.46 -8.96
CA VAL D 348 -17.05 41.79 -10.26
C VAL D 348 -17.62 40.90 -11.36
N LYS D 349 -17.86 39.62 -11.07
CA LYS D 349 -18.47 38.74 -12.05
C LYS D 349 -19.88 39.20 -12.42
N LEU D 350 -20.64 39.68 -11.43
CA LEU D 350 -21.97 40.20 -11.70
C LEU D 350 -21.91 41.40 -12.64
N PHE D 351 -20.96 42.30 -12.41
CA PHE D 351 -20.78 43.46 -13.28
C PHE D 351 -20.43 43.03 -14.70
N VAL D 352 -19.47 42.11 -14.83
CA VAL D 352 -19.04 41.67 -16.16
C VAL D 352 -20.19 40.98 -16.90
N LEU D 353 -20.89 40.09 -16.20
CA LEU D 353 -21.97 39.35 -16.82
C LEU D 353 -23.18 40.23 -17.14
N ALA D 354 -23.43 41.26 -16.33
CA ALA D 354 -24.49 42.21 -16.65
C ALA D 354 -24.12 43.10 -17.83
N GLN D 355 -22.85 43.47 -17.97
CA GLN D 355 -22.43 44.16 -19.19
C GLN D 355 -22.60 43.28 -20.40
N LEU D 356 -22.28 41.99 -20.28
CA LEU D 356 -22.46 41.07 -21.41
C LEU D 356 -23.93 40.82 -21.72
N ARG D 357 -24.80 40.87 -20.69
CA ARG D 357 -26.22 40.67 -20.94
C ARG D 357 -26.85 41.89 -21.59
N ALA D 358 -26.54 43.09 -21.10
CA ALA D 358 -27.07 44.30 -21.71
C ALA D 358 -26.48 44.52 -23.09
N LEU D 359 -25.23 44.11 -23.30
CA LEU D 359 -24.60 44.21 -24.61
C LEU D 359 -25.30 43.33 -25.65
N ALA D 360 -25.68 42.11 -25.25
CA ALA D 360 -26.36 41.20 -26.18
C ALA D 360 -27.83 41.55 -26.37
N LEU D 361 -28.50 42.04 -25.33
CA LEU D 361 -29.92 42.35 -25.41
C LEU D 361 -30.17 43.60 -26.23
N GLY D 362 -29.26 44.56 -26.21
CA GLY D 362 -29.37 45.78 -26.98
C GLY D 362 -29.61 47.03 -26.16
N ASN D 363 -30.17 46.89 -24.95
CA ASN D 363 -30.40 48.03 -24.07
C ASN D 363 -29.14 48.35 -23.27
N GLU D 364 -28.24 49.10 -23.89
CA GLU D 364 -26.90 49.33 -23.35
C GLU D 364 -26.97 50.28 -22.14
N ARG D 365 -27.48 49.72 -21.04
CA ARG D 365 -27.52 50.44 -19.77
C ARG D 365 -27.67 49.42 -18.64
N ILE D 366 -27.10 49.74 -17.49
CA ILE D 366 -27.14 48.86 -16.33
C ILE D 366 -28.16 49.39 -15.33
N THR D 367 -29.12 48.55 -14.96
CA THR D 367 -30.14 48.88 -13.98
C THR D 367 -30.24 47.73 -12.99
N ALA D 368 -30.99 47.97 -11.90
CA ALA D 368 -31.11 46.96 -10.85
C ALA D 368 -31.82 45.71 -11.35
N GLY D 369 -32.87 45.89 -12.16
CA GLY D 369 -33.62 44.75 -12.66
C GLY D 369 -32.77 43.82 -13.52
N LEU D 370 -31.93 44.40 -14.37
CA LEU D 370 -31.02 43.58 -15.17
C LEU D 370 -30.00 42.88 -14.28
N LEU D 371 -29.55 43.56 -13.21
CA LEU D 371 -28.61 42.94 -12.27
C LEU D 371 -29.21 41.70 -11.65
N ARG D 372 -30.46 41.79 -11.17
CA ARG D 372 -31.08 40.62 -10.57
C ARG D 372 -31.46 39.57 -11.61
N GLN D 373 -31.72 39.98 -12.85
CA GLN D 373 -31.95 39.01 -13.92
C GLN D 373 -30.70 38.16 -14.14
N VAL D 374 -29.54 38.81 -14.22
CA VAL D 374 -28.28 38.09 -14.40
C VAL D 374 -27.98 37.26 -13.16
N TYR D 375 -28.29 37.79 -11.96
CA TYR D 375 -28.05 37.04 -10.73
C TYR D 375 -28.85 35.74 -10.71
N GLN D 376 -30.14 35.81 -11.06
CA GLN D 376 -30.95 34.59 -11.04
C GLN D 376 -30.56 33.65 -12.16
N ASP D 377 -30.34 34.16 -13.36
CA ASP D 377 -30.24 33.29 -14.53
C ASP D 377 -28.91 32.53 -14.56
N GLU D 378 -27.80 33.20 -14.28
CA GLU D 378 -26.50 32.66 -14.65
C GLU D 378 -25.62 32.33 -13.45
N LEU D 379 -25.70 33.09 -12.36
CA LEU D 379 -24.97 32.76 -11.13
C LEU D 379 -25.81 31.84 -10.24
N LYS D 380 -26.18 30.69 -10.78
CA LYS D 380 -27.16 29.83 -10.12
C LYS D 380 -26.61 28.93 -9.01
N PRO D 381 -25.51 28.17 -9.21
CA PRO D 381 -25.11 27.21 -8.16
C PRO D 381 -24.68 27.86 -6.85
N VAL D 382 -24.34 29.15 -6.84
CA VAL D 382 -23.80 29.79 -5.65
C VAL D 382 -24.90 30.35 -4.75
N HIS D 383 -26.16 30.14 -5.11
CA HIS D 383 -27.27 30.75 -4.37
C HIS D 383 -27.42 30.30 -2.92
N PRO D 384 -27.42 29.00 -2.58
CA PRO D 384 -27.69 28.63 -1.17
C PRO D 384 -26.69 29.21 -0.17
N MET D 385 -25.42 29.30 -0.55
CA MET D 385 -24.42 29.91 0.32
C MET D 385 -24.69 31.40 0.50
N LEU D 386 -25.08 32.08 -0.57
CA LEU D 386 -25.46 33.48 -0.45
C LEU D 386 -26.80 33.67 0.24
N GLU D 387 -27.71 32.68 0.15
CA GLU D 387 -28.91 32.73 0.98
C GLU D 387 -28.55 32.64 2.46
N ALA D 388 -27.61 31.76 2.81
CA ALA D 388 -27.19 31.64 4.20
C ALA D 388 -26.52 32.91 4.69
N LEU D 389 -25.69 33.54 3.85
CA LEU D 389 -25.09 34.81 4.23
C LEU D 389 -26.13 35.92 4.30
N ARG D 390 -27.19 35.83 3.52
CA ARG D 390 -28.23 36.84 3.53
C ARG D 390 -29.12 36.73 4.77
N SER D 391 -29.33 35.51 5.27
CA SER D 391 -30.16 35.34 6.45
C SER D 391 -29.53 35.99 7.68
N GLY D 392 -28.24 35.76 7.91
CA GLY D 392 -27.55 36.32 9.03
C GLY D 392 -27.64 35.51 10.31
N ILE D 393 -28.41 34.43 10.33
CA ILE D 393 -28.56 33.61 11.53
C ILE D 393 -27.45 32.54 11.54
N PRO D 394 -26.88 32.25 12.71
CA PRO D 394 -25.71 31.35 12.74
C PRO D 394 -25.99 29.94 12.29
N GLU D 395 -27.20 29.42 12.48
CA GLU D 395 -27.46 28.01 12.16
C GLU D 395 -27.39 27.75 10.66
N ARG D 396 -27.78 28.73 9.83
CA ARG D 396 -27.64 28.57 8.39
C ARG D 396 -26.18 28.59 7.97
N ILE D 397 -25.40 29.50 8.54
CA ILE D 397 -24.00 29.64 8.18
C ILE D 397 -23.21 28.39 8.59
N ALA D 398 -23.51 27.84 9.77
CA ALA D 398 -22.82 26.66 10.24
C ALA D 398 -23.38 25.41 9.55
N ARG D 399 -23.39 25.43 8.22
CA ARG D 399 -23.72 24.29 7.39
C ARG D 399 -22.70 24.07 6.28
N TYR D 400 -22.00 25.12 5.87
CA TYR D 400 -20.93 25.04 4.87
C TYR D 400 -19.61 25.37 5.55
N SER D 401 -18.60 24.53 5.32
CA SER D 401 -17.34 24.66 6.04
C SER D 401 -16.55 25.89 5.61
N ASP D 402 -16.72 26.32 4.36
CA ASP D 402 -15.93 27.43 3.84
C ASP D 402 -16.23 28.74 4.57
N LEU D 403 -17.45 28.92 5.03
CA LEU D 403 -17.88 30.20 5.57
C LEU D 403 -17.44 30.38 7.02
N VAL D 404 -17.24 31.63 7.41
CA VAL D 404 -16.90 32.01 8.77
C VAL D 404 -17.96 32.97 9.28
N VAL D 405 -18.38 32.77 10.53
CA VAL D 405 -19.44 33.57 11.12
C VAL D 405 -18.93 34.97 11.46
N THR E 4 39.20 19.14 11.87
CA THR E 4 40.05 19.85 10.93
C THR E 4 39.83 21.36 11.04
N ARG E 5 39.12 21.77 12.09
CA ARG E 5 38.78 23.17 12.31
C ARG E 5 39.67 23.84 13.35
N ILE E 6 39.73 23.27 14.54
CA ILE E 6 40.42 23.85 15.69
C ILE E 6 41.51 22.89 16.15
N GLN E 7 42.72 23.41 16.33
CA GLN E 7 43.81 22.64 16.91
C GLN E 7 43.66 22.62 18.43
N ALA E 8 43.82 21.44 19.02
CA ALA E 8 43.51 21.26 20.43
C ALA E 8 44.55 21.94 21.32
N VAL E 9 44.06 22.50 22.43
CA VAL E 9 44.90 22.99 23.52
C VAL E 9 44.49 22.23 24.78
N TYR E 10 45.47 21.69 25.49
CA TYR E 10 45.21 20.79 26.61
C TYR E 10 45.34 21.54 27.92
N ARG E 11 44.43 21.25 28.86
CA ARG E 11 44.48 21.85 30.18
C ARG E 11 43.69 20.97 31.14
N ASP E 12 44.36 20.47 32.17
CA ASP E 12 43.83 19.39 32.99
C ASP E 12 42.75 19.89 33.93
N THR E 13 41.71 19.07 34.11
CA THR E 13 40.62 19.37 35.03
C THR E 13 41.01 18.94 36.45
N GLY E 14 40.02 18.89 37.32
CA GLY E 14 40.27 18.50 38.71
C GLY E 14 39.49 17.30 39.19
N VAL E 15 39.24 16.34 38.30
CA VAL E 15 38.45 15.15 38.62
C VAL E 15 39.36 13.93 38.48
N GLU E 16 39.17 12.96 39.37
CA GLU E 16 40.03 11.78 39.39
C GLU E 16 39.92 10.99 38.09
N ALA E 17 38.70 10.79 37.59
CA ALA E 17 38.49 10.00 36.39
C ALA E 17 38.66 10.79 35.10
N TYR E 18 38.67 12.11 35.17
CA TYR E 18 38.85 12.95 33.98
C TYR E 18 40.32 13.29 33.77
N ARG E 19 41.17 12.27 33.76
CA ARG E 19 42.61 12.47 33.77
C ARG E 19 43.26 11.72 32.62
N ASP E 20 44.20 12.39 31.95
CA ASP E 20 44.99 11.83 30.85
C ASP E 20 44.09 11.34 29.71
N ASN E 21 42.95 11.98 29.51
CA ASN E 21 42.00 11.62 28.47
C ASN E 21 41.92 12.72 27.44
N PRO E 22 42.62 12.60 26.30
CA PRO E 22 42.83 13.78 25.43
C PRO E 22 41.56 14.45 24.97
N PHE E 23 40.44 13.74 24.97
CA PHE E 23 39.17 14.31 24.57
C PHE E 23 38.60 15.24 25.63
N ILE E 24 38.94 15.02 26.91
CA ILE E 24 38.26 15.75 27.98
C ILE E 24 38.93 17.08 28.29
N GLU E 25 40.25 17.10 28.47
CA GLU E 25 40.92 18.39 28.69
C GLU E 25 40.98 19.23 27.43
N ALA E 26 40.65 18.68 26.27
CA ALA E 26 40.47 19.50 25.09
C ALA E 26 39.23 20.37 25.20
N LEU E 27 38.22 19.92 25.94
CA LEU E 27 37.02 20.71 26.15
C LEU E 27 37.33 21.89 27.08
N PRO E 28 36.51 22.94 27.03
CA PRO E 28 36.72 24.10 27.92
C PRO E 28 36.62 23.70 29.38
N PRO E 29 37.19 24.48 30.30
CA PRO E 29 37.25 24.08 31.70
C PRO E 29 35.88 24.05 32.36
N LEU E 30 35.87 23.51 33.58
CA LEU E 30 34.63 23.33 34.33
C LEU E 30 34.12 24.67 34.84
N GLN E 31 32.92 25.04 34.41
CA GLN E 31 32.27 26.25 34.89
C GLN E 31 31.39 25.93 36.09
N GLU E 32 31.31 26.88 37.01
CA GLU E 32 30.44 26.72 38.17
C GLU E 32 28.98 26.77 37.73
N SER E 33 28.13 26.09 38.49
CA SER E 33 26.73 25.94 38.11
C SER E 33 26.00 27.27 38.06
N VAL E 34 26.20 28.12 39.06
CA VAL E 34 25.48 29.39 39.12
C VAL E 34 25.99 30.36 38.06
N ASN E 35 27.31 30.46 37.89
CA ASN E 35 27.88 31.44 36.99
C ASN E 35 27.75 31.05 35.52
N SER E 36 27.47 29.77 35.23
CA SER E 36 27.33 29.34 33.85
C SER E 36 26.09 29.94 33.20
N ALA E 37 24.97 29.96 33.92
CA ALA E 37 23.73 30.46 33.35
C ALA E 37 23.73 31.98 33.17
N ALA E 38 24.54 32.68 33.95
CA ALA E 38 24.59 34.14 33.84
C ALA E 38 25.27 34.60 32.57
N SER E 39 25.99 33.73 31.87
CA SER E 39 26.63 34.08 30.62
C SER E 39 25.77 33.80 29.41
N LEU E 40 24.55 33.30 29.62
CA LEU E 40 23.61 33.03 28.54
C LEU E 40 22.71 34.21 28.24
N LYS E 41 22.92 35.35 28.91
CA LYS E 41 22.09 36.52 28.70
C LYS E 41 22.29 37.09 27.31
N SER E 42 21.19 37.53 26.70
CA SER E 42 21.23 38.22 25.41
C SER E 42 20.10 39.25 25.38
N SER E 43 20.36 40.36 24.70
CA SER E 43 19.36 41.40 24.56
C SER E 43 19.70 42.24 23.34
N LEU E 44 18.67 42.82 22.74
CA LEU E 44 18.86 43.64 21.55
C LEU E 44 19.55 44.95 21.91
N GLN E 45 20.47 45.37 21.05
CA GLN E 45 21.21 46.61 21.27
C GLN E 45 20.38 47.79 20.76
N LEU E 46 20.10 48.75 21.64
CA LEU E 46 19.32 49.93 21.31
C LEU E 46 20.09 51.17 21.73
N THR E 47 20.49 51.98 20.75
CA THR E 47 21.15 53.25 21.04
C THR E 47 20.11 54.35 21.23
N SER E 48 20.60 55.51 21.66
CA SER E 48 19.70 56.65 21.86
C SER E 48 19.12 57.15 20.54
N SER E 49 19.91 57.13 19.47
CA SER E 49 19.47 57.62 18.18
C SER E 49 18.53 56.67 17.45
N ASP E 50 18.40 55.42 17.92
CA ASP E 50 17.53 54.47 17.24
C ASP E 50 16.06 54.71 17.51
N LEU E 51 15.73 55.44 18.59
CA LEU E 51 14.33 55.74 18.87
C LEU E 51 13.77 56.76 17.89
N GLN E 52 14.62 57.53 17.22
CA GLN E 52 14.20 58.51 16.22
C GLN E 52 14.67 58.02 14.85
N LYS E 53 13.82 57.25 14.18
CA LYS E 53 14.11 56.75 12.85
C LYS E 53 12.79 56.48 12.14
N SER E 54 12.89 56.10 10.87
CA SER E 54 11.71 55.86 10.07
C SER E 54 10.90 54.70 10.63
N ARG E 55 9.60 54.71 10.37
CA ARG E 55 8.71 53.71 10.96
C ARG E 55 9.00 52.32 10.40
N VAL E 56 9.40 52.22 9.13
CA VAL E 56 9.71 50.91 8.57
C VAL E 56 11.00 50.35 9.18
N ILE E 57 11.99 51.22 9.41
CA ILE E 57 13.22 50.76 10.06
C ILE E 57 12.95 50.34 11.50
N ARG E 58 12.11 51.10 12.21
CA ARG E 58 11.80 50.74 13.59
C ARG E 58 11.01 49.43 13.65
N ALA E 59 10.08 49.22 12.71
CA ALA E 59 9.35 47.95 12.66
C ALA E 59 10.28 46.78 12.39
N HIS E 60 11.19 46.95 11.43
CA HIS E 60 12.12 45.88 11.11
C HIS E 60 13.09 45.60 12.25
N THR E 61 13.42 46.63 13.04
CA THR E 61 14.31 46.41 14.17
C THR E 61 13.59 45.73 15.32
N ILE E 62 12.35 46.14 15.62
CA ILE E 62 11.61 45.54 16.72
C ILE E 62 11.03 44.18 16.37
N CYS E 63 11.06 43.78 15.10
CA CYS E 63 10.74 42.39 14.78
C CYS E 63 11.92 41.45 14.98
N ARG E 64 13.07 41.96 15.44
CA ARG E 64 14.23 41.14 15.75
C ARG E 64 14.35 40.81 17.23
N ILE E 65 13.38 41.24 18.05
CA ILE E 65 13.40 40.89 19.47
C ILE E 65 13.28 39.39 19.73
N PRO E 66 12.39 38.62 19.06
CA PRO E 66 12.27 37.19 19.41
C PRO E 66 13.55 36.40 19.32
N ASP E 67 14.44 36.71 18.38
CA ASP E 67 15.65 35.93 18.20
C ASP E 67 16.86 36.49 18.94
N ASP E 68 16.82 37.77 19.34
CA ASP E 68 17.98 38.41 19.96
C ASP E 68 17.73 38.76 21.42
N TYR E 69 16.77 38.11 22.07
CA TYR E 69 16.49 38.31 23.48
C TYR E 69 16.50 36.98 24.19
N PHE E 70 17.21 36.91 25.32
CA PHE E 70 17.25 35.69 26.12
C PHE E 70 17.45 36.07 27.58
N GLN E 71 16.56 35.60 28.45
CA GLN E 71 16.68 35.81 29.88
C GLN E 71 16.78 34.44 30.56
N PRO E 72 17.95 34.07 31.09
CA PRO E 72 18.09 32.74 31.70
C PRO E 72 17.26 32.62 32.96
N LEU E 73 16.57 31.49 33.08
CA LEU E 73 15.70 31.22 34.21
C LEU E 73 16.38 30.30 35.21
N GLY E 74 15.66 29.94 36.27
CA GLY E 74 16.18 29.06 37.29
C GLY E 74 16.22 27.60 36.91
N THR E 75 15.51 27.21 35.87
CA THR E 75 15.47 25.82 35.43
C THR E 75 16.59 25.47 34.45
N HIS E 76 17.36 26.46 34.00
CA HIS E 76 18.48 26.20 33.09
C HIS E 76 19.70 25.67 33.82
N LEU E 77 19.79 25.88 35.13
CA LEU E 77 20.96 25.44 35.89
C LEU E 77 21.06 23.91 35.90
N LEU E 78 19.95 23.24 36.19
CA LEU E 78 19.93 21.78 36.19
C LEU E 78 20.26 21.23 34.82
N LEU E 79 19.69 21.82 33.77
CA LEU E 79 19.95 21.35 32.41
C LEU E 79 21.41 21.52 32.04
N SER E 80 22.01 22.65 32.37
CA SER E 80 23.43 22.87 32.08
C SER E 80 24.30 21.88 32.83
N GLU E 81 23.99 21.62 34.11
CA GLU E 81 24.76 20.67 34.90
C GLU E 81 24.69 19.27 34.30
N ARG E 82 23.48 18.83 33.92
CA ARG E 82 23.32 17.49 33.38
C ARG E 82 24.02 17.35 32.04
N ILE E 83 23.94 18.39 31.19
CA ILE E 83 24.60 18.32 29.89
C ILE E 83 26.11 18.23 30.06
N SER E 84 26.68 19.04 30.96
CA SER E 84 28.12 18.98 31.21
C SER E 84 28.53 17.60 31.72
N VAL E 85 27.77 17.06 32.68
CA VAL E 85 28.10 15.76 33.24
C VAL E 85 28.06 14.68 32.17
N MET E 86 27.03 14.67 31.34
CA MET E 86 26.92 13.64 30.31
C MET E 86 28.03 13.76 29.29
N ILE E 87 28.30 14.98 28.82
CA ILE E 87 29.30 15.19 27.78
C ILE E 87 30.67 14.73 28.25
N ARG E 88 31.05 15.11 29.48
CA ARG E 88 32.37 14.72 29.95
C ARG E 88 32.41 13.31 30.52
N GLY E 89 31.28 12.68 30.82
CA GLY E 89 31.31 11.34 31.34
C GLY E 89 31.22 10.28 30.27
N GLY E 90 30.76 10.66 29.08
CA GLY E 90 30.77 9.71 27.98
C GLY E 90 32.16 9.36 27.48
N TYR E 91 33.15 10.21 27.76
CA TYR E 91 34.49 10.05 27.23
C TYR E 91 35.41 9.20 28.11
N VAL E 92 35.06 8.97 29.37
CA VAL E 92 35.99 8.33 30.29
C VAL E 92 36.17 6.85 29.97
N GLY E 93 35.10 6.18 29.53
CA GLY E 93 35.20 4.77 29.22
C GLY E 93 35.74 4.54 27.84
N ARG E 94 35.58 5.53 26.97
CA ARG E 94 35.92 5.45 25.56
C ARG E 94 37.25 6.15 25.28
N ASN E 95 38.20 5.99 26.20
CA ASN E 95 39.51 6.59 26.06
C ASN E 95 40.29 5.93 24.93
N PRO E 96 41.30 6.63 24.38
CA PRO E 96 42.17 5.99 23.39
C PRO E 96 43.10 4.97 24.01
N LYS E 97 44.07 4.48 23.23
CA LYS E 97 44.96 3.41 23.68
C LYS E 97 45.75 3.79 24.92
N THR E 98 45.91 5.09 25.20
CA THR E 98 46.44 5.63 26.45
C THR E 98 47.96 5.39 26.56
N GLY E 99 48.49 4.54 25.69
CA GLY E 99 49.91 4.22 25.71
C GLY E 99 50.17 2.77 25.39
N ASP E 100 51.44 2.38 25.39
CA ASP E 100 51.84 1.02 25.06
C ASP E 100 51.85 0.18 26.33
N LEU E 101 51.00 -0.84 26.37
CA LEU E 101 50.83 -1.67 27.56
C LEU E 101 50.76 -3.16 27.21
N GLN E 102 51.33 -3.55 26.08
CA GLN E 102 51.31 -4.95 25.67
C GLN E 102 52.03 -5.82 26.69
N LYS E 103 53.10 -5.31 27.29
CA LYS E 103 53.82 -6.07 28.30
C LYS E 103 52.97 -6.30 29.56
N HIS E 104 52.09 -5.35 29.89
CA HIS E 104 51.30 -5.45 31.12
C HIS E 104 50.38 -6.66 31.08
N LEU E 105 49.67 -6.86 29.97
CA LEU E 105 48.73 -7.96 29.87
C LEU E 105 49.44 -9.31 29.97
N GLN E 106 50.58 -9.44 29.30
CA GLN E 106 51.32 -10.71 29.34
C GLN E 106 51.91 -10.95 30.72
N ASN E 107 52.44 -9.91 31.37
CA ASN E 107 52.98 -10.07 32.72
C ASN E 107 51.89 -10.49 33.69
N GLY E 108 50.71 -9.87 33.58
CA GLY E 108 49.60 -10.28 34.42
C GLY E 108 49.13 -11.69 34.13
N TYR E 109 49.13 -12.09 32.86
CA TYR E 109 48.74 -13.46 32.51
C TYR E 109 49.71 -14.47 33.11
N GLU E 110 51.02 -14.18 33.03
CA GLU E 110 52.00 -15.08 33.60
C GLU E 110 51.86 -15.16 35.12
N ARG E 111 51.63 -14.01 35.77
CA ARG E 111 51.48 -14.00 37.22
C ARG E 111 50.22 -14.74 37.66
N VAL E 112 49.12 -14.60 36.91
CA VAL E 112 47.92 -15.34 37.24
C VAL E 112 48.15 -16.84 37.06
N GLN E 113 48.80 -17.23 35.97
CA GLN E 113 49.07 -18.65 35.75
C GLN E 113 50.18 -19.16 36.66
N THR E 114 51.21 -18.35 36.91
CA THR E 114 52.31 -18.71 37.81
C THR E 114 52.68 -17.45 38.61
N GLY E 115 52.15 -17.36 39.83
CA GLY E 115 52.48 -16.22 40.67
C GLY E 115 51.66 -16.10 41.94
N GLU E 116 51.33 -14.87 42.32
CA GLU E 116 50.74 -14.60 43.63
C GLU E 116 49.54 -13.65 43.58
N LEU E 117 48.99 -13.39 42.41
CA LEU E 117 47.80 -12.56 42.28
C LEU E 117 46.63 -13.43 41.84
N GLU E 118 45.53 -13.36 42.60
CA GLU E 118 44.39 -14.23 42.36
C GLU E 118 43.73 -13.94 41.01
N THR E 119 43.59 -12.66 40.66
CA THR E 119 42.94 -12.30 39.41
C THR E 119 43.58 -11.03 38.86
N PHE E 120 43.55 -10.90 37.54
CA PHE E 120 44.02 -9.70 36.86
C PHE E 120 43.08 -9.43 35.69
N ARG E 121 42.17 -8.48 35.86
CA ARG E 121 41.27 -8.10 34.79
C ARG E 121 42.03 -7.36 33.68
N PHE E 122 41.63 -7.60 32.44
CA PHE E 122 42.35 -7.10 31.28
C PHE E 122 41.66 -5.94 30.55
N GLU E 123 40.41 -5.64 30.87
CA GLU E 123 39.62 -4.71 30.05
C GLU E 123 38.82 -3.78 30.96
N GLU E 124 37.84 -3.10 30.36
CA GLU E 124 36.97 -2.16 31.06
C GLU E 124 35.60 -2.19 30.40
N ALA E 125 34.62 -1.57 31.08
CA ALA E 125 33.25 -1.57 30.57
C ALA E 125 33.14 -0.79 29.26
N ARG E 126 33.79 0.36 29.18
CA ARG E 126 33.90 1.18 27.97
C ARG E 126 32.55 1.75 27.51
N SER E 127 31.51 1.65 28.34
CA SER E 127 30.17 2.10 27.97
C SER E 127 29.62 3.04 29.02
N THR E 128 30.41 4.06 29.38
CA THR E 128 30.00 5.04 30.38
C THR E 128 29.15 6.14 29.73
N ALA E 129 28.09 5.73 29.08
CA ALA E 129 27.19 6.63 28.37
C ALA E 129 25.82 6.64 29.05
N GLN E 130 25.19 7.81 29.10
CA GLN E 130 23.93 7.98 29.80
C GLN E 130 22.92 8.70 28.91
N SER E 131 21.65 8.47 29.20
CA SER E 131 20.54 9.03 28.43
C SER E 131 19.81 10.09 29.24
N LEU E 132 19.30 11.10 28.54
CA LEU E 132 18.53 12.17 29.14
C LEU E 132 17.27 12.39 28.33
N LEU E 133 16.20 12.83 29.01
CA LEU E 133 14.91 13.07 28.37
C LEU E 133 14.36 14.39 28.86
N LEU E 134 14.17 15.34 27.96
CA LEU E 134 13.62 16.66 28.27
C LEU E 134 12.26 16.79 27.59
N ILE E 135 11.23 17.07 28.38
CA ILE E 135 9.87 17.19 27.89
C ILE E 135 9.28 18.49 28.43
N GLY E 136 8.82 19.36 27.52
CA GLY E 136 8.18 20.60 27.91
C GLY E 136 7.20 21.02 26.85
N CYS E 137 6.28 21.91 27.25
CA CYS E 137 5.23 22.35 26.34
C CYS E 137 5.82 23.15 25.19
N SER E 138 5.06 23.23 24.10
CA SER E 138 5.49 24.01 22.94
C SER E 138 5.52 25.49 23.30
N GLY E 139 6.58 26.17 22.90
CA GLY E 139 6.78 27.55 23.26
C GLY E 139 7.48 27.77 24.58
N SER E 140 7.87 26.72 25.29
CA SER E 140 8.56 26.86 26.56
C SER E 140 10.03 27.24 26.40
N GLY E 141 10.56 27.23 25.19
CA GLY E 141 11.90 27.70 24.94
C GLY E 141 12.99 26.71 25.26
N LYS E 142 12.88 25.49 24.75
CA LYS E 142 13.87 24.46 25.00
C LYS E 142 14.88 24.31 23.87
N THR E 143 14.45 24.48 22.61
CA THR E 143 15.38 24.37 21.49
C THR E 143 16.39 25.50 21.51
N THR E 144 15.92 26.74 21.64
CA THR E 144 16.84 27.87 21.65
C THR E 144 17.73 27.86 22.89
N SER E 145 17.16 27.51 24.05
CA SER E 145 17.96 27.44 25.27
C SER E 145 19.04 26.39 25.16
N LEU E 146 18.73 25.23 24.61
CA LEU E 146 19.72 24.17 24.51
C LEU E 146 20.74 24.47 23.41
N HIS E 147 20.33 25.17 22.36
CA HIS E 147 21.32 25.66 21.38
C HIS E 147 22.29 26.62 22.04
N ARG E 148 21.80 27.51 22.91
CA ARG E 148 22.69 28.44 23.57
C ARG E 148 23.55 27.75 24.62
N ILE E 149 23.07 26.65 25.20
CA ILE E 149 23.89 25.87 26.11
C ILE E 149 25.02 25.19 25.36
N LEU E 150 24.70 24.52 24.25
CA LEU E 150 25.71 23.80 23.49
C LEU E 150 26.59 24.70 22.65
N ALA E 151 26.24 25.97 22.48
CA ALA E 151 27.06 26.88 21.70
C ALA E 151 28.33 27.30 22.42
N THR E 152 28.47 26.98 23.70
CA THR E 152 29.69 27.34 24.44
C THR E 152 30.85 26.45 24.03
N TYR E 153 30.61 25.15 23.86
CA TYR E 153 31.66 24.23 23.45
C TYR E 153 31.96 24.40 21.96
N PRO E 154 33.22 24.27 21.56
CA PRO E 154 33.51 24.15 20.12
C PRO E 154 33.00 22.82 19.60
N GLN E 155 32.58 22.82 18.34
CA GLN E 155 31.95 21.62 17.80
C GLN E 155 32.99 20.58 17.38
N VAL E 156 33.89 20.96 16.48
CA VAL E 156 34.92 20.06 15.96
C VAL E 156 36.28 20.57 16.40
N ILE E 157 37.04 19.72 17.08
CA ILE E 157 38.43 19.99 17.45
C ILE E 157 39.29 18.83 16.99
N TYR E 158 40.42 19.14 16.38
CA TYR E 158 41.26 18.16 15.70
C TYR E 158 42.44 17.75 16.57
N HIS E 159 42.70 16.45 16.62
CA HIS E 159 43.82 15.89 17.37
C HIS E 159 44.84 15.33 16.39
N ARG E 160 46.12 15.65 16.63
CA ARG E 160 47.20 15.24 15.75
C ARG E 160 48.09 14.15 16.34
N GLU E 161 48.01 13.88 17.64
CA GLU E 161 48.69 12.72 18.20
C GLU E 161 48.14 11.43 17.61
N LEU E 162 46.83 11.35 17.50
CA LEU E 162 46.14 10.29 16.78
C LEU E 162 45.26 10.92 15.71
N ASN E 163 45.27 10.34 14.51
CA ASN E 163 44.56 10.95 13.38
C ASN E 163 43.05 10.73 13.58
N VAL E 164 42.48 11.53 14.48
CA VAL E 164 41.06 11.47 14.79
C VAL E 164 40.47 12.86 14.64
N GLU E 165 39.19 12.91 14.24
CA GLU E 165 38.43 14.15 14.13
C GLU E 165 37.30 14.09 15.16
N GLN E 166 37.41 14.89 16.21
CA GLN E 166 36.48 14.82 17.33
C GLN E 166 35.32 15.77 17.11
N VAL E 167 34.11 15.24 17.25
CA VAL E 167 32.87 16.02 17.13
C VAL E 167 32.19 15.97 18.48
N VAL E 168 32.11 17.12 19.16
CA VAL E 168 31.60 17.14 20.53
C VAL E 168 30.09 16.90 20.56
N TYR E 169 29.36 17.48 19.60
CA TYR E 169 27.91 17.31 19.59
C TYR E 169 27.40 17.36 18.16
N LEU E 170 26.39 16.54 17.87
CA LEU E 170 25.72 16.51 16.58
C LEU E 170 24.23 16.37 16.82
N LYS E 171 23.46 17.35 16.38
CA LYS E 171 22.03 17.41 16.63
C LYS E 171 21.26 17.27 15.33
N ILE E 172 20.22 16.45 15.36
CA ILE E 172 19.29 16.24 14.25
C ILE E 172 17.88 16.29 14.82
N ASP E 173 16.89 16.06 13.97
CA ASP E 173 15.52 15.89 14.43
C ASP E 173 14.92 14.62 13.85
N CYS E 174 13.88 14.14 14.50
CA CYS E 174 13.34 12.83 14.23
C CYS E 174 12.68 12.78 12.85
N SER E 175 12.53 11.55 12.34
CA SER E 175 11.87 11.34 11.06
C SER E 175 10.41 11.75 11.14
N HIS E 176 9.89 12.29 10.03
CA HIS E 176 8.52 12.78 10.02
C HIS E 176 7.50 11.66 9.99
N ASN E 177 7.89 10.45 9.63
CA ASN E 177 6.96 9.33 9.52
C ASN E 177 7.35 8.13 10.37
N GLY E 178 8.25 8.30 11.33
CA GLY E 178 8.66 7.19 12.18
C GLY E 178 9.42 6.09 11.46
N SER E 179 10.33 6.45 10.57
CA SER E 179 11.11 5.48 9.82
C SER E 179 12.60 5.72 10.04
N LEU E 180 13.36 4.64 10.01
CA LEU E 180 14.79 4.70 10.30
C LEU E 180 15.64 5.06 9.10
N LYS E 181 15.05 5.27 7.93
CA LYS E 181 15.86 5.62 6.77
C LYS E 181 15.99 7.14 6.62
N GLU E 182 15.01 7.90 7.12
CA GLU E 182 15.14 9.35 7.21
C GLU E 182 16.27 9.76 8.15
N ILE E 183 16.39 9.05 9.28
CA ILE E 183 17.32 9.48 10.33
C ILE E 183 18.77 9.33 9.90
N CYS E 184 19.09 8.32 9.08
CA CYS E 184 20.45 8.19 8.58
C CYS E 184 20.82 9.34 7.67
N LEU E 185 19.88 9.75 6.80
CA LEU E 185 20.14 10.88 5.92
C LEU E 185 20.30 12.17 6.70
N ASN E 186 19.48 12.36 7.74
CA ASN E 186 19.62 13.53 8.61
C ASN E 186 20.97 13.53 9.31
N PHE E 187 21.39 12.34 9.79
CA PHE E 187 22.70 12.19 10.41
C PHE E 187 23.82 12.61 9.46
N PHE E 188 23.79 12.09 8.24
CA PHE E 188 24.82 12.42 7.26
C PHE E 188 24.81 13.91 6.92
N ARG E 189 23.63 14.49 6.74
CA ARG E 189 23.52 15.91 6.39
C ARG E 189 24.08 16.79 7.50
N ALA E 190 23.72 16.51 8.74
CA ALA E 190 24.24 17.29 9.86
C ALA E 190 25.75 17.13 9.99
N LEU E 191 26.26 15.92 9.79
CA LEU E 191 27.70 15.70 9.94
C LEU E 191 28.49 16.45 8.88
N ASP E 192 28.06 16.37 7.62
CA ASP E 192 28.78 17.11 6.59
C ASP E 192 28.49 18.61 6.62
N ARG E 193 27.48 19.04 7.37
CA ARG E 193 27.39 20.45 7.71
C ARG E 193 28.28 20.81 8.89
N ALA E 194 28.78 19.83 9.63
CA ALA E 194 29.73 20.06 10.71
C ALA E 194 31.17 19.92 10.25
N LEU E 195 31.53 18.76 9.72
CA LEU E 195 32.81 18.58 9.05
C LEU E 195 32.68 19.03 7.61
N GLY E 196 33.63 19.84 7.14
CA GLY E 196 33.66 20.10 5.71
C GLY E 196 33.91 18.80 4.98
N SER E 197 32.86 18.25 4.37
CA SER E 197 32.90 16.90 3.84
C SER E 197 31.67 16.69 2.97
N ASN E 198 31.61 15.52 2.33
CA ASN E 198 30.45 15.08 1.55
C ASN E 198 30.16 13.63 1.94
N TYR E 199 29.35 13.45 2.97
CA TYR E 199 28.79 12.14 3.26
C TYR E 199 27.40 11.97 2.69
N GLU E 200 26.75 13.08 2.33
CA GLU E 200 25.45 13.02 1.67
C GLU E 200 25.56 12.35 0.30
N ARG E 201 26.59 12.69 -0.46
CA ARG E 201 26.72 12.20 -1.83
C ARG E 201 27.18 10.75 -1.89
N ARG E 202 28.07 10.34 -0.98
CA ARG E 202 28.64 9.00 -1.06
C ARG E 202 27.66 7.93 -0.60
N TYR E 203 27.22 8.00 0.66
CA TYR E 203 26.38 6.95 1.24
C TYR E 203 24.90 7.27 1.17
N GLY E 204 24.53 8.45 0.69
CA GLY E 204 23.13 8.85 0.72
C GLY E 204 22.27 8.26 -0.39
N LEU E 205 22.58 8.61 -1.65
CA LEU E 205 21.73 8.21 -2.76
C LEU E 205 21.90 6.75 -3.15
N LYS E 206 23.00 6.11 -2.75
CA LYS E 206 23.25 4.74 -3.17
C LYS E 206 22.21 3.79 -2.57
N ARG E 207 21.93 2.73 -3.33
CA ARG E 207 20.78 1.85 -3.04
C ARG E 207 21.15 0.91 -1.90
N HIS E 208 21.28 1.48 -0.71
CA HIS E 208 21.65 0.76 0.50
C HIS E 208 20.44 0.61 1.41
N GLY E 209 20.20 -0.61 1.87
CA GLY E 209 19.12 -0.87 2.79
C GLY E 209 19.41 -0.34 4.18
N ILE E 210 18.44 -0.53 5.08
CA ILE E 210 18.63 -0.06 6.46
C ILE E 210 19.67 -0.91 7.17
N GLU E 211 19.74 -2.20 6.86
CA GLU E 211 20.73 -3.06 7.51
C GLU E 211 22.15 -2.63 7.21
N THR E 212 22.37 -1.98 6.07
CA THR E 212 23.68 -1.47 5.71
C THR E 212 23.90 -0.01 6.11
N MET E 213 22.91 0.85 5.90
CA MET E 213 23.08 2.28 6.21
C MET E 213 23.28 2.50 7.70
N LEU E 214 22.55 1.76 8.53
CA LEU E 214 22.71 1.89 9.98
C LEU E 214 24.12 1.49 10.40
N ALA E 215 24.67 0.45 9.76
CA ALA E 215 26.04 0.03 10.05
C ALA E 215 27.03 1.14 9.72
N LEU E 216 26.89 1.76 8.55
CA LEU E 216 27.79 2.83 8.18
C LEU E 216 27.63 4.05 9.08
N MET E 217 26.40 4.36 9.49
CA MET E 217 26.16 5.46 10.40
C MET E 217 26.86 5.22 11.74
N SER E 218 26.73 4.00 12.26
CA SER E 218 27.41 3.66 13.50
C SER E 218 28.93 3.70 13.32
N GLN E 219 29.42 3.32 12.14
CA GLN E 219 30.86 3.29 11.92
C GLN E 219 31.44 4.70 11.83
N ILE E 220 30.72 5.63 11.19
CA ILE E 220 31.18 7.01 11.18
C ILE E 220 31.03 7.63 12.57
N ALA E 221 30.03 7.22 13.34
CA ALA E 221 29.90 7.70 14.71
C ALA E 221 30.98 7.11 15.62
N ASN E 222 31.57 5.98 15.22
CA ASN E 222 32.65 5.39 16.00
C ASN E 222 34.01 5.97 15.63
N ALA E 223 34.29 6.10 14.33
CA ALA E 223 35.58 6.63 13.89
C ALA E 223 35.75 8.08 14.32
N HIS E 224 34.74 8.90 14.05
CA HIS E 224 34.65 10.23 14.65
C HIS E 224 34.02 10.03 16.02
N VAL E 225 34.83 10.08 17.07
CA VAL E 225 34.29 9.90 18.42
C VAL E 225 33.27 11.00 18.69
N LEU E 226 32.02 10.60 18.85
CA LEU E 226 30.91 11.54 18.90
C LEU E 226 30.50 11.75 20.36
N GLY E 227 30.54 12.99 20.82
CA GLY E 227 30.35 13.26 22.23
C GLY E 227 28.91 13.09 22.68
N LEU E 228 27.96 13.52 21.87
CA LEU E 228 26.57 13.56 22.30
C LEU E 228 25.67 13.69 21.08
N LEU E 229 24.66 12.82 20.99
CA LEU E 229 23.70 12.83 19.88
C LEU E 229 22.38 13.39 20.40
N VAL E 230 21.91 14.47 19.79
CA VAL E 230 20.72 15.19 20.23
C VAL E 230 19.65 15.03 19.16
N ILE E 231 18.69 14.13 19.41
CA ILE E 231 17.52 14.06 18.54
C ILE E 231 16.45 15.01 19.08
N ASP E 232 16.01 15.93 18.24
CA ASP E 232 15.01 16.92 18.61
C ASP E 232 13.67 16.53 18.00
N GLU E 233 12.59 17.00 18.64
CA GLU E 233 11.22 16.71 18.22
C GLU E 233 10.97 15.20 18.16
N ILE E 234 11.09 14.56 19.33
CA ILE E 234 10.89 13.11 19.44
C ILE E 234 9.42 12.74 19.33
N GLN E 235 8.52 13.73 19.38
CA GLN E 235 7.08 13.49 19.39
C GLN E 235 6.53 12.99 18.07
N HIS E 236 7.38 12.71 17.08
CA HIS E 236 6.93 12.18 15.79
C HIS E 236 6.80 10.67 15.77
N LEU E 237 7.04 9.99 16.89
CA LEU E 237 7.11 8.53 16.90
C LEU E 237 5.79 7.85 17.21
N SER E 238 4.72 8.62 17.43
CA SER E 238 3.39 8.04 17.56
C SER E 238 2.68 7.91 16.21
N ARG E 239 3.44 7.84 15.12
CA ARG E 239 2.91 7.83 13.78
C ARG E 239 3.32 6.63 12.95
N SER E 240 4.39 5.92 13.33
CA SER E 240 4.83 4.80 12.53
C SER E 240 3.85 3.64 12.63
N ARG E 241 3.95 2.71 11.67
CA ARG E 241 2.98 1.64 11.53
C ARG E 241 3.57 0.26 11.82
N SER E 242 4.63 -0.12 11.10
CA SER E 242 5.15 -1.49 11.21
C SER E 242 5.98 -1.66 12.47
N GLY E 243 7.09 -0.93 12.57
CA GLY E 243 7.95 -1.02 13.73
C GLY E 243 7.53 -0.11 14.86
N GLY E 244 6.77 0.93 14.54
CA GLY E 244 6.36 1.87 15.55
C GLY E 244 7.54 2.64 16.09
N SER E 245 7.51 2.92 17.38
CA SER E 245 8.65 3.52 18.07
C SER E 245 9.61 2.48 18.61
N GLN E 246 9.24 1.21 18.55
CA GLN E 246 10.05 0.16 19.16
C GLN E 246 11.40 0.03 18.48
N GLU E 247 11.40 -0.07 17.15
CA GLU E 247 12.64 -0.32 16.43
C GLU E 247 13.52 0.92 16.29
N MET E 248 13.04 2.07 16.73
CA MET E 248 13.86 3.28 16.82
C MET E 248 14.43 3.46 18.22
N LEU E 249 13.62 3.22 19.26
CA LEU E 249 14.14 3.23 20.61
C LEU E 249 15.17 2.12 20.81
N ASN E 250 14.97 0.96 20.17
CA ASN E 250 15.95 -0.11 20.23
C ASN E 250 17.26 0.31 19.58
N PHE E 251 17.19 1.01 18.45
CA PHE E 251 18.43 1.45 17.84
C PHE E 251 19.14 2.48 18.71
N PHE E 252 18.39 3.36 19.38
CA PHE E 252 19.03 4.30 20.28
C PHE E 252 19.71 3.60 21.46
N VAL E 253 19.05 2.59 22.05
CA VAL E 253 19.67 1.92 23.18
C VAL E 253 20.84 1.06 22.71
N THR E 254 20.81 0.53 21.49
CA THR E 254 21.97 -0.18 20.98
C THR E 254 23.13 0.76 20.70
N MET E 255 22.84 1.98 20.25
CA MET E 255 23.89 3.00 20.13
C MET E 255 24.50 3.31 21.49
N VAL E 256 23.67 3.44 22.53
CA VAL E 256 24.21 3.86 23.82
C VAL E 256 24.89 2.69 24.55
N ASN E 257 24.55 1.44 24.21
CA ASN E 257 25.12 0.31 24.93
C ASN E 257 26.46 -0.14 24.36
N ILE E 258 26.62 -0.15 23.04
CA ILE E 258 27.85 -0.67 22.45
C ILE E 258 28.81 0.46 22.12
N ILE E 259 28.41 1.35 21.22
CA ILE E 259 29.33 2.38 20.72
C ILE E 259 29.73 3.33 21.83
N GLY E 260 28.82 3.63 22.74
CA GLY E 260 29.12 4.50 23.86
C GLY E 260 28.80 5.95 23.66
N VAL E 261 27.91 6.27 22.72
CA VAL E 261 27.53 7.65 22.45
C VAL E 261 26.29 7.98 23.29
N PRO E 262 26.34 8.98 24.15
CA PRO E 262 25.13 9.38 24.89
C PRO E 262 24.08 9.94 23.95
N VAL E 263 22.82 9.75 24.34
CA VAL E 263 21.67 10.18 23.54
C VAL E 263 20.77 11.07 24.40
N MET E 264 20.29 12.16 23.81
CA MET E 264 19.36 13.08 24.46
C MET E 264 18.07 13.12 23.65
N LEU E 265 16.93 13.01 24.31
CA LEU E 265 15.63 13.04 23.66
C LEU E 265 14.88 14.29 24.10
N ILE E 266 14.41 15.07 23.14
CA ILE E 266 13.70 16.31 23.39
C ILE E 266 12.34 16.25 22.70
N GLY E 267 11.30 16.70 23.39
CA GLY E 267 9.97 16.62 22.83
C GLY E 267 8.96 17.42 23.62
N THR E 268 7.70 17.17 23.31
CA THR E 268 6.55 17.81 23.92
C THR E 268 5.83 16.83 24.83
N PRO E 269 4.92 17.30 25.69
CA PRO E 269 4.16 16.38 26.54
C PRO E 269 3.35 15.32 25.80
N LYS E 270 3.21 15.46 24.47
CA LYS E 270 2.60 14.42 23.67
C LYS E 270 3.48 13.18 23.57
N ALA E 271 4.76 13.30 23.88
CA ALA E 271 5.73 12.24 23.68
C ALA E 271 5.84 11.27 24.85
N ARG E 272 5.05 11.44 25.90
CA ARG E 272 5.17 10.51 27.04
C ARG E 272 4.21 9.34 26.89
N GLU E 273 4.20 8.74 25.70
CA GLU E 273 3.28 7.64 25.43
C GLU E 273 4.07 6.45 24.91
N ILE E 274 5.24 6.72 24.31
CA ILE E 274 6.13 5.66 23.89
C ILE E 274 7.04 5.19 25.00
N PHE E 275 7.14 5.95 26.09
CA PHE E 275 8.01 5.62 27.22
C PHE E 275 7.27 4.90 28.34
N GLU E 276 6.00 4.55 28.15
CA GLU E 276 5.21 3.93 29.21
C GLU E 276 4.70 2.55 28.85
N ALA E 277 5.26 1.92 27.83
CA ALA E 277 4.82 0.57 27.47
C ALA E 277 5.37 -0.48 28.43
N ASP E 278 6.62 -0.33 28.86
CA ASP E 278 7.29 -1.31 29.70
C ASP E 278 8.29 -0.59 30.59
N LEU E 279 8.96 -1.35 31.47
CA LEU E 279 9.93 -0.75 32.35
C LEU E 279 11.25 -0.46 31.64
N ARG E 280 11.64 -1.28 30.66
CA ARG E 280 12.92 -1.05 29.98
C ARG E 280 12.91 0.28 29.23
N SER E 281 11.81 0.57 28.54
CA SER E 281 11.73 1.79 27.73
C SER E 281 11.75 3.04 28.60
N ALA E 282 11.06 3.01 29.74
CA ALA E 282 11.01 4.17 30.61
C ALA E 282 12.36 4.44 31.24
N ARG E 283 13.02 3.40 31.76
CA ARG E 283 14.31 3.56 32.40
C ARG E 283 15.38 3.99 31.39
N ARG E 284 15.35 3.43 30.18
CA ARG E 284 16.35 3.77 29.18
C ARG E 284 16.10 5.14 28.59
N GLY E 285 14.83 5.54 28.45
CA GLY E 285 14.54 6.86 27.92
C GLY E 285 14.99 7.98 28.83
N ALA E 286 14.76 7.82 30.14
CA ALA E 286 15.21 8.77 31.15
C ALA E 286 16.30 8.06 31.96
N GLY E 287 17.53 8.12 31.45
CA GLY E 287 18.61 7.38 32.05
C GLY E 287 19.12 8.02 33.33
N PHE E 288 19.41 9.31 33.28
CA PHE E 288 19.97 10.04 34.41
C PHE E 288 19.00 11.12 34.90
N GLY E 289 17.72 10.74 35.01
CA GLY E 289 16.72 11.64 35.53
C GLY E 289 16.06 12.49 34.48
N ALA E 290 14.75 12.34 34.30
CA ALA E 290 14.03 13.11 33.32
C ALA E 290 13.89 14.56 33.76
N ILE E 291 13.69 15.44 32.78
CA ILE E 291 13.47 16.86 33.03
C ILE E 291 12.11 17.23 32.46
N PHE E 292 11.27 17.85 33.29
CA PHE E 292 9.96 18.33 32.88
C PHE E 292 9.88 19.83 33.15
N TRP E 293 9.50 20.58 32.13
CA TRP E 293 9.30 22.01 32.25
C TRP E 293 7.81 22.34 32.22
N ASP E 294 7.44 23.41 32.90
CA ASP E 294 6.06 23.85 32.98
C ASP E 294 6.00 25.36 32.79
N PRO E 295 4.88 25.88 32.30
CA PRO E 295 4.74 27.33 32.19
C PRO E 295 4.80 27.98 33.57
N ILE E 296 5.49 29.11 33.65
CA ILE E 296 5.82 29.70 34.94
C ILE E 296 4.59 30.37 35.53
N GLN E 297 4.29 30.05 36.79
CA GLN E 297 3.10 30.54 37.44
C GLN E 297 3.26 32.00 37.86
N GLN E 298 2.13 32.71 37.91
CA GLN E 298 2.16 34.12 38.28
C GLN E 298 2.56 34.31 39.74
N THR E 299 2.07 33.44 40.62
CA THR E 299 2.36 33.51 42.05
C THR E 299 2.74 32.13 42.55
N GLN E 300 4.03 31.92 42.81
CA GLN E 300 4.48 30.65 43.37
C GLN E 300 4.00 30.47 44.80
N ARG E 301 3.87 31.57 45.54
CA ARG E 301 3.40 31.54 46.93
C ARG E 301 2.44 32.71 47.10
N GLY E 302 2.17 33.08 48.35
CA GLY E 302 1.37 34.27 48.61
C GLY E 302 2.00 35.52 48.01
N LYS E 303 3.32 35.61 48.06
CA LYS E 303 4.02 36.69 47.39
C LYS E 303 4.04 36.45 45.88
N PRO E 304 4.12 37.51 45.08
CA PRO E 304 4.22 37.33 43.63
C PRO E 304 5.54 36.70 43.23
N ASN E 305 5.53 36.01 42.10
CA ASN E 305 6.73 35.34 41.61
C ASN E 305 7.78 36.36 41.20
N GLN E 306 9.01 36.17 41.65
CA GLN E 306 10.07 37.11 41.33
C GLN E 306 10.59 36.92 39.91
N GLU E 307 10.64 35.68 39.41
CA GLU E 307 11.18 35.44 38.08
C GLU E 307 10.28 36.04 37.01
N TRP E 308 8.97 35.94 37.16
CA TRP E 308 8.05 36.51 36.17
C TRP E 308 8.16 38.03 36.15
N ILE E 309 8.23 38.65 37.33
CA ILE E 309 8.38 40.10 37.41
C ILE E 309 9.68 40.54 36.76
N ALA E 310 10.77 39.83 37.06
CA ALA E 310 12.07 40.18 36.47
C ALA E 310 12.05 40.04 34.96
N PHE E 311 11.50 38.94 34.44
CA PHE E 311 11.47 38.71 33.01
C PHE E 311 10.65 39.76 32.28
N THR E 312 9.43 40.03 32.78
CA THR E 312 8.57 41.02 32.15
C THR E 312 9.18 42.41 32.22
N ASP E 313 9.72 42.77 33.39
CA ASP E 313 10.33 44.09 33.55
C ASP E 313 11.51 44.27 32.61
N ASN E 314 12.36 43.25 32.48
CA ASN E 314 13.51 43.34 31.58
C ASN E 314 13.07 43.44 30.12
N LEU E 315 12.01 42.71 29.75
CA LEU E 315 11.50 42.82 28.39
C LEU E 315 10.89 44.20 28.12
N TRP E 316 10.43 44.88 29.17
CA TRP E 316 9.73 46.16 28.96
C TRP E 316 10.62 47.23 28.34
N GLN E 317 11.91 47.32 28.74
CA GLN E 317 12.63 48.50 28.23
C GLN E 317 13.08 48.35 26.78
N LEU E 318 12.63 47.40 25.96
CA LEU E 318 13.08 47.30 24.59
C LEU E 318 12.19 48.04 23.61
N GLN E 319 11.29 48.90 24.10
CA GLN E 319 10.38 49.62 23.23
C GLN E 319 11.12 50.69 22.42
N LEU E 320 10.71 50.83 21.15
CA LEU E 320 11.21 51.90 20.29
C LEU E 320 10.14 52.94 20.01
N LEU E 321 8.98 52.85 20.65
CA LEU E 321 7.93 53.84 20.46
C LEU E 321 8.35 55.18 21.06
N GLN E 322 7.99 56.27 20.36
CA GLN E 322 8.43 57.60 20.78
C GLN E 322 7.82 57.98 22.12
N ARG E 323 6.53 57.71 22.33
CA ARG E 323 5.89 57.96 23.61
C ARG E 323 5.89 56.70 24.47
N LYS E 324 7.09 56.16 24.69
CA LYS E 324 7.23 54.95 25.48
C LYS E 324 6.91 55.24 26.95
N ASP E 325 5.98 54.49 27.51
CA ASP E 325 5.59 54.69 28.90
C ASP E 325 6.70 54.16 29.80
N ALA E 326 7.04 54.93 30.84
CA ALA E 326 8.26 54.67 31.59
C ALA E 326 8.16 53.37 32.39
N LEU E 327 7.24 53.31 33.34
CA LEU E 327 7.12 52.15 34.21
C LEU E 327 6.07 51.19 33.70
N LEU E 328 6.11 49.98 34.22
CA LEU E 328 5.17 48.93 33.85
C LEU E 328 4.16 48.81 34.98
N SER E 329 2.98 49.41 34.79
CA SER E 329 1.93 49.33 35.79
C SER E 329 1.42 47.90 35.91
N ASP E 330 1.04 47.52 37.13
CA ASP E 330 0.68 46.13 37.38
C ASP E 330 -0.62 45.71 36.70
N GLU E 331 -1.49 46.67 36.32
CA GLU E 331 -2.65 46.29 35.52
C GLU E 331 -2.23 45.80 34.15
N VAL E 332 -1.13 46.35 33.62
CA VAL E 332 -0.62 45.90 32.33
C VAL E 332 -0.13 44.45 32.44
N ARG E 333 0.64 44.14 33.49
CA ARG E 333 1.12 42.77 33.63
C ARG E 333 0.02 41.80 34.07
N ASP E 334 -1.08 42.29 34.63
CA ASP E 334 -2.16 41.39 35.01
C ASP E 334 -2.90 40.86 33.79
N VAL E 335 -3.21 41.73 32.83
CA VAL E 335 -3.83 41.28 31.59
C VAL E 335 -2.81 40.60 30.70
N TRP E 336 -1.52 40.94 30.85
CA TRP E 336 -0.46 40.28 30.10
C TRP E 336 -0.40 38.80 30.42
N TYR E 337 -0.49 38.45 31.71
CA TYR E 337 -0.47 37.04 32.08
C TYR E 337 -1.80 36.36 31.79
N GLU E 338 -2.91 37.09 31.88
CA GLU E 338 -4.20 36.47 31.61
C GLU E 338 -4.32 36.01 30.17
N LEU E 339 -3.71 36.77 29.25
CA LEU E 339 -3.74 36.42 27.84
C LEU E 339 -2.63 35.44 27.47
N SER E 340 -1.39 35.72 27.89
CA SER E 340 -0.26 34.89 27.51
C SER E 340 -0.24 33.58 28.29
N GLN E 341 -0.51 33.63 29.60
CA GLN E 341 -0.51 32.46 30.47
C GLN E 341 0.87 31.81 30.54
N GLY E 342 1.89 32.63 30.76
CA GLY E 342 3.21 32.14 31.10
C GLY E 342 3.93 31.36 30.04
N VAL E 343 3.42 31.31 28.81
CA VAL E 343 4.12 30.64 27.72
C VAL E 343 5.04 31.65 27.06
N MET E 344 6.35 31.36 27.08
CA MET E 344 7.36 32.37 26.76
C MET E 344 7.20 32.90 25.35
N ASP E 345 6.92 31.99 24.40
CA ASP E 345 6.70 32.40 23.02
C ASP E 345 5.53 33.37 22.92
N ILE E 346 4.44 33.08 23.63
CA ILE E 346 3.26 33.94 23.56
C ILE E 346 3.53 35.29 24.22
N VAL E 347 4.30 35.29 25.32
CA VAL E 347 4.65 36.54 25.99
C VAL E 347 5.46 37.43 25.05
N VAL E 348 6.42 36.85 24.33
CA VAL E 348 7.22 37.65 23.40
C VAL E 348 6.37 38.08 22.19
N LYS E 349 5.51 37.19 21.72
CA LYS E 349 4.68 37.47 20.54
C LYS E 349 3.74 38.64 20.79
N LEU E 350 3.10 38.67 21.97
CA LEU E 350 2.22 39.79 22.28
C LEU E 350 2.97 41.11 22.28
N PHE E 351 4.18 41.13 22.86
CA PHE E 351 4.94 42.37 22.92
C PHE E 351 5.29 42.85 21.52
N VAL E 352 5.79 41.96 20.67
CA VAL E 352 6.20 42.35 19.33
C VAL E 352 5.00 42.80 18.51
N LEU E 353 3.91 42.02 18.54
CA LEU E 353 2.73 42.34 17.74
C LEU E 353 2.09 43.64 18.21
N ALA E 354 2.04 43.86 19.52
CA ALA E 354 1.48 45.10 20.05
C ALA E 354 2.35 46.31 19.71
N GLN E 355 3.67 46.14 19.71
CA GLN E 355 4.53 47.24 19.27
C GLN E 355 4.30 47.56 17.80
N LEU E 356 4.15 46.53 16.97
CA LEU E 356 3.86 46.77 15.55
C LEU E 356 2.53 47.47 15.37
N ARG E 357 1.51 47.05 16.12
CA ARG E 357 0.19 47.68 16.02
C ARG E 357 0.22 49.12 16.50
N ALA E 358 0.97 49.42 17.56
CA ALA E 358 1.08 50.78 18.05
C ALA E 358 1.88 51.65 17.09
N LEU E 359 2.86 51.07 16.41
CA LEU E 359 3.67 51.80 15.45
C LEU E 359 2.95 52.05 14.13
N ALA E 360 2.03 51.19 13.75
CA ALA E 360 1.26 51.36 12.51
C ALA E 360 -0.02 52.15 12.71
N LEU E 361 -0.72 51.92 13.83
CA LEU E 361 -1.96 52.62 14.11
C LEU E 361 -1.72 54.11 14.34
N GLY E 362 -0.63 54.46 14.99
CA GLY E 362 -0.27 55.85 15.25
C GLY E 362 -0.16 56.20 16.72
N ASN E 363 -0.76 55.41 17.60
CA ASN E 363 -0.67 55.65 19.05
C ASN E 363 0.51 54.88 19.60
N GLU E 364 1.64 55.56 19.77
CA GLU E 364 2.88 54.92 20.21
C GLU E 364 2.91 54.85 21.74
N ARG E 365 1.99 54.05 22.28
CA ARG E 365 1.95 53.82 23.72
C ARG E 365 1.19 52.52 23.97
N ILE E 366 1.82 51.59 24.67
CA ILE E 366 1.26 50.25 24.88
C ILE E 366 0.34 50.28 26.09
N THR E 367 -0.88 49.80 25.92
CA THR E 367 -1.87 49.75 26.99
C THR E 367 -2.57 48.39 26.96
N ALA E 368 -3.46 48.19 27.91
CA ALA E 368 -4.22 46.94 27.97
C ALA E 368 -5.19 46.82 26.80
N GLY E 369 -5.72 47.94 26.32
CA GLY E 369 -6.61 47.89 25.18
C GLY E 369 -5.93 47.38 23.93
N LEU E 370 -4.68 47.80 23.70
CA LEU E 370 -3.94 47.32 22.55
C LEU E 370 -3.70 45.81 22.64
N LEU E 371 -3.32 45.32 23.82
CA LEU E 371 -3.09 43.90 23.99
C LEU E 371 -4.37 43.11 23.77
N ARG E 372 -5.48 43.60 24.32
CA ARG E 372 -6.76 42.92 24.14
C ARG E 372 -7.19 42.92 22.69
N GLN E 373 -6.88 43.98 21.93
CA GLN E 373 -7.21 44.01 20.51
C GLN E 373 -6.36 43.02 19.72
N VAL E 374 -5.04 43.03 19.94
CA VAL E 374 -4.16 42.19 19.15
C VAL E 374 -4.29 40.72 19.54
N TYR E 375 -4.81 40.41 20.73
CA TYR E 375 -5.08 39.03 21.06
C TYR E 375 -6.18 38.46 20.18
N GLN E 376 -7.30 39.17 20.05
CA GLN E 376 -8.42 38.67 19.27
C GLN E 376 -8.18 38.84 17.77
N ASP E 377 -7.28 39.74 17.38
CA ASP E 377 -6.99 39.92 15.96
C ASP E 377 -5.98 38.90 15.45
N GLU E 378 -4.80 38.84 16.08
CA GLU E 378 -3.62 38.24 15.47
C GLU E 378 -3.30 36.82 15.95
N LEU E 379 -4.06 36.27 16.89
CA LEU E 379 -3.72 34.97 17.48
C LEU E 379 -4.94 34.08 17.59
N LYS E 380 -5.73 33.98 16.52
CA LYS E 380 -6.97 33.21 16.57
C LYS E 380 -6.78 31.71 16.83
N PRO E 381 -5.87 30.99 16.16
CA PRO E 381 -5.83 29.54 16.35
C PRO E 381 -5.48 29.10 17.76
N VAL E 382 -4.71 29.89 18.51
CA VAL E 382 -4.25 29.49 19.84
C VAL E 382 -5.27 29.81 20.92
N HIS E 383 -6.45 30.31 20.54
CA HIS E 383 -7.48 30.63 21.52
C HIS E 383 -7.97 29.42 22.33
N PRO E 384 -8.34 28.28 21.75
CA PRO E 384 -8.99 27.23 22.58
C PRO E 384 -8.13 26.69 23.71
N MET E 385 -6.86 26.38 23.45
CA MET E 385 -6.02 25.79 24.49
C MET E 385 -5.79 26.76 25.66
N LEU E 386 -5.62 28.04 25.36
CA LEU E 386 -5.36 29.02 26.40
C LEU E 386 -6.56 29.18 27.33
N GLU E 387 -7.79 29.13 26.81
CA GLU E 387 -8.97 29.25 27.65
C GLU E 387 -9.42 27.89 28.19
N ALA E 388 -8.79 26.80 27.75
CA ALA E 388 -8.97 25.50 28.37
C ALA E 388 -7.91 25.24 29.42
N LEU E 389 -6.92 26.13 29.54
CA LEU E 389 -5.99 26.09 30.66
C LEU E 389 -6.31 27.19 31.66
N ARG E 390 -6.95 28.27 31.19
CA ARG E 390 -7.25 29.41 32.06
C ARG E 390 -8.26 29.03 33.13
N SER E 391 -9.23 28.18 32.78
CA SER E 391 -10.19 27.71 33.77
C SER E 391 -9.49 26.95 34.88
N GLY E 392 -8.50 26.12 34.53
CA GLY E 392 -7.83 25.27 35.49
C GLY E 392 -8.51 23.96 35.75
N ILE E 393 -9.66 23.72 35.12
CA ILE E 393 -10.42 22.49 35.31
C ILE E 393 -9.65 21.34 34.66
N PRO E 394 -9.35 20.28 35.40
CA PRO E 394 -8.65 19.13 34.79
C PRO E 394 -9.44 18.46 33.68
N GLU E 395 -10.76 18.65 33.61
CA GLU E 395 -11.54 18.06 32.54
C GLU E 395 -11.26 18.75 31.21
N ARG E 396 -11.10 20.08 31.21
CA ARG E 396 -10.87 20.82 29.99
C ARG E 396 -9.44 20.70 29.49
N ILE E 397 -8.49 20.30 30.34
CA ILE E 397 -7.10 20.20 29.92
C ILE E 397 -6.86 18.89 29.16
N ALA E 398 -7.55 17.82 29.52
CA ALA E 398 -7.32 16.53 28.90
C ALA E 398 -7.88 16.41 27.49
N ARG E 399 -8.55 17.45 26.98
CA ARG E 399 -9.01 17.42 25.59
C ARG E 399 -7.84 17.39 24.61
N TYR E 400 -6.71 18.00 24.97
CA TYR E 400 -5.50 17.97 24.17
C TYR E 400 -4.48 17.07 24.85
N SER E 401 -3.95 16.11 24.10
CA SER E 401 -2.92 15.23 24.65
C SER E 401 -1.60 15.93 24.85
N ASP E 402 -1.41 17.10 24.23
CA ASP E 402 -0.14 17.82 24.31
C ASP E 402 0.03 18.58 25.62
N LEU E 403 -0.98 18.62 26.47
CA LEU E 403 -0.93 19.40 27.69
C LEU E 403 -0.93 18.51 28.92
N VAL E 404 -0.27 18.98 29.96
CA VAL E 404 -0.16 18.26 31.22
C VAL E 404 -1.16 18.83 32.22
N VAL E 405 -1.32 18.14 33.35
CA VAL E 405 -2.29 18.41 34.43
C VAL E 405 -3.62 18.98 33.95
N ARG F 5 47.19 -9.48 22.09
CA ARG F 5 47.90 -10.63 21.55
C ARG F 5 48.91 -11.17 22.55
N ILE F 6 48.45 -12.04 23.46
CA ILE F 6 49.31 -12.66 24.45
C ILE F 6 49.56 -14.10 24.04
N GLN F 7 50.76 -14.60 24.37
CA GLN F 7 51.15 -15.97 24.04
C GLN F 7 50.93 -16.88 25.24
N ALA F 8 50.48 -18.10 24.95
CA ALA F 8 49.95 -19.00 25.96
C ALA F 8 51.05 -19.68 26.75
N VAL F 9 50.71 -20.08 27.98
CA VAL F 9 51.57 -20.87 28.84
C VAL F 9 50.69 -21.97 29.43
N TYR F 10 50.82 -23.18 28.89
CA TYR F 10 49.91 -24.27 29.25
C TYR F 10 50.25 -24.83 30.63
N ARG F 11 49.23 -24.92 31.48
CA ARG F 11 49.34 -25.55 32.79
C ARG F 11 48.21 -26.54 32.96
N ASP F 12 48.53 -27.73 33.43
CA ASP F 12 47.53 -28.78 33.59
C ASP F 12 46.61 -28.46 34.75
N THR F 13 45.30 -28.61 34.52
CA THR F 13 44.31 -28.56 35.59
C THR F 13 43.96 -29.97 36.02
N GLY F 14 43.58 -30.11 37.29
CA GLY F 14 43.47 -31.43 37.88
C GLY F 14 42.21 -32.20 37.53
N VAL F 15 41.75 -32.09 36.29
CA VAL F 15 40.54 -32.76 35.84
C VAL F 15 40.91 -33.76 34.76
N GLU F 16 40.34 -34.97 34.87
CA GLU F 16 40.66 -36.03 33.93
C GLU F 16 40.24 -35.68 32.50
N ALA F 17 39.05 -35.09 32.35
CA ALA F 17 38.55 -34.80 31.01
C ALA F 17 39.35 -33.69 30.34
N TYR F 18 39.71 -32.66 31.09
CA TYR F 18 40.42 -31.51 30.52
C TYR F 18 41.92 -31.75 30.53
N ARG F 19 42.33 -32.83 29.86
CA ARG F 19 43.71 -33.30 29.89
C ARG F 19 44.29 -33.31 28.49
N ASP F 20 45.54 -32.84 28.38
CA ASP F 20 46.28 -32.80 27.12
C ASP F 20 45.51 -32.04 26.04
N ASN F 21 44.89 -30.94 26.43
CA ASN F 21 44.11 -30.12 25.51
C ASN F 21 44.55 -28.68 25.69
N PRO F 22 45.19 -28.07 24.69
CA PRO F 22 45.76 -26.73 24.88
C PRO F 22 44.73 -25.64 25.12
N PHE F 23 43.47 -25.88 24.77
CA PHE F 23 42.47 -24.83 24.86
C PHE F 23 42.05 -24.58 26.30
N ILE F 24 41.80 -25.64 27.06
CA ILE F 24 41.46 -25.46 28.48
C ILE F 24 42.70 -25.03 29.27
N GLU F 25 43.83 -25.67 29.03
CA GLU F 25 44.99 -25.53 29.89
C GLU F 25 45.63 -24.14 29.82
N ALA F 26 45.35 -23.37 28.78
CA ALA F 26 45.87 -22.01 28.69
C ALA F 26 45.03 -20.99 29.41
N LEU F 27 43.81 -21.35 29.81
CA LEU F 27 42.94 -20.44 30.53
C LEU F 27 43.42 -20.29 31.98
N PRO F 28 43.08 -19.18 32.63
CA PRO F 28 43.56 -18.94 34.00
C PRO F 28 43.04 -20.01 34.97
N PRO F 29 43.74 -20.21 36.09
CA PRO F 29 43.45 -21.38 36.93
C PRO F 29 42.08 -21.34 37.56
N LEU F 30 41.54 -22.53 37.81
CA LEU F 30 40.24 -22.68 38.44
C LEU F 30 40.29 -22.20 39.89
N GLN F 31 39.16 -21.68 40.36
CA GLN F 31 39.06 -21.16 41.71
C GLN F 31 37.74 -21.61 42.33
N GLU F 32 37.69 -21.58 43.67
CA GLU F 32 36.50 -21.97 44.39
C GLU F 32 35.37 -20.97 44.17
N SER F 33 34.14 -21.43 44.41
CA SER F 33 32.97 -20.62 44.13
C SER F 33 32.91 -19.38 45.02
N VAL F 34 33.19 -19.53 46.31
CA VAL F 34 33.09 -18.40 47.23
C VAL F 34 34.21 -17.39 46.98
N ASN F 35 35.42 -17.87 46.68
CA ASN F 35 36.54 -16.97 46.53
C ASN F 35 36.51 -16.24 45.19
N SER F 36 36.04 -16.90 44.13
CA SER F 36 36.07 -16.29 42.81
C SER F 36 35.05 -15.17 42.69
N ALA F 37 33.84 -15.37 43.22
CA ALA F 37 32.82 -14.33 43.12
C ALA F 37 33.14 -13.13 44.00
N ALA F 38 33.81 -13.36 45.13
CA ALA F 38 34.20 -12.25 46.00
C ALA F 38 35.31 -11.40 45.40
N SER F 39 35.96 -11.88 44.33
CA SER F 39 36.97 -11.07 43.65
C SER F 39 36.35 -9.96 42.82
N LEU F 40 35.06 -10.06 42.51
CA LEU F 40 34.36 -9.04 41.71
C LEU F 40 33.86 -7.99 42.68
N LYS F 41 34.69 -6.99 42.94
CA LYS F 41 34.33 -5.93 43.88
C LYS F 41 35.12 -4.68 43.54
N SER F 42 34.42 -3.57 43.34
CA SER F 42 35.06 -2.29 43.06
C SER F 42 34.37 -1.20 43.86
N SER F 43 35.08 -0.12 44.10
CA SER F 43 34.53 1.01 44.84
C SER F 43 35.26 2.29 44.45
N LEU F 44 34.55 3.40 44.53
CA LEU F 44 35.13 4.69 44.21
C LEU F 44 36.03 5.16 45.36
N GLN F 45 37.00 6.00 45.02
CA GLN F 45 38.05 6.41 45.95
C GLN F 45 37.62 7.64 46.74
N LEU F 46 37.70 7.57 48.06
CA LEU F 46 37.37 8.67 48.94
C LEU F 46 38.58 9.03 49.79
N THR F 47 38.97 10.30 49.77
CA THR F 47 40.07 10.80 50.57
C THR F 47 39.60 12.01 51.38
N SER F 48 40.40 12.36 52.38
CA SER F 48 40.08 13.53 53.20
C SER F 48 40.14 14.81 52.38
N SER F 49 41.13 14.92 51.49
CA SER F 49 41.26 16.11 50.67
C SER F 49 40.22 16.17 49.56
N ASP F 50 39.54 15.06 49.26
CA ASP F 50 38.52 15.06 48.22
C ASP F 50 37.30 15.90 48.63
N LEU F 51 36.92 15.83 49.91
CA LEU F 51 35.76 16.58 50.38
C LEU F 51 36.01 18.09 50.32
N GLN F 52 37.21 18.53 50.67
CA GLN F 52 37.54 19.95 50.68
C GLN F 52 37.98 20.39 49.29
N LYS F 53 37.00 20.49 48.39
CA LYS F 53 37.23 20.90 47.02
C LYS F 53 36.05 21.75 46.57
N SER F 54 36.07 22.16 45.30
CA SER F 54 35.01 22.99 44.76
C SER F 54 33.71 22.19 44.62
N ARG F 55 32.61 22.90 44.43
CA ARG F 55 31.32 22.24 44.33
C ARG F 55 31.13 21.55 42.99
N VAL F 56 31.59 22.16 41.90
CA VAL F 56 31.50 21.51 40.60
C VAL F 56 32.42 20.29 40.54
N ILE F 57 33.60 20.40 41.16
CA ILE F 57 34.51 19.25 41.24
C ILE F 57 33.88 18.14 42.08
N ARG F 58 33.22 18.52 43.17
CA ARG F 58 32.56 17.53 44.02
C ARG F 58 31.32 16.94 43.38
N ALA F 59 30.71 17.63 42.42
CA ALA F 59 29.50 17.16 41.75
C ALA F 59 29.80 16.34 40.51
N HIS F 60 30.95 16.54 39.87
CA HIS F 60 31.30 15.71 38.73
C HIS F 60 31.75 14.32 39.17
N THR F 61 32.47 14.23 40.28
CA THR F 61 33.04 12.96 40.71
C THR F 61 32.01 12.03 41.32
N ILE F 62 30.89 12.57 41.83
CA ILE F 62 29.86 11.69 42.37
C ILE F 62 28.98 11.10 41.28
N CYS F 63 29.08 11.60 40.04
CA CYS F 63 28.31 11.04 38.94
C CYS F 63 28.94 9.78 38.37
N ARG F 64 30.15 9.44 38.78
CA ARG F 64 30.79 8.19 38.38
C ARG F 64 30.47 7.04 39.32
N ILE F 65 29.61 7.27 40.32
CA ILE F 65 29.26 6.20 41.25
C ILE F 65 28.60 5.00 40.58
N PRO F 66 27.62 5.15 39.68
CA PRO F 66 27.05 3.95 39.04
C PRO F 66 28.03 3.20 38.15
N ASP F 67 29.13 3.82 37.73
CA ASP F 67 30.06 3.16 36.83
C ASP F 67 31.16 2.40 37.55
N ASP F 68 31.64 2.91 38.69
CA ASP F 68 32.81 2.36 39.36
C ASP F 68 32.50 1.93 40.78
N TYR F 69 31.31 1.34 40.99
CA TYR F 69 30.97 0.73 42.26
C TYR F 69 30.23 -0.58 41.98
N PHE F 70 30.55 -1.61 42.75
CA PHE F 70 29.97 -2.92 42.51
C PHE F 70 30.09 -3.77 43.77
N GLN F 71 28.97 -4.31 44.24
CA GLN F 71 28.96 -5.21 45.38
C GLN F 71 28.27 -6.50 44.95
N PRO F 72 28.96 -7.63 44.97
CA PRO F 72 28.33 -8.89 44.54
C PRO F 72 27.32 -9.39 45.56
N LEU F 73 26.33 -10.12 45.05
CA LEU F 73 25.32 -10.77 45.87
C LEU F 73 25.51 -12.28 45.79
N GLY F 74 24.61 -13.03 46.43
CA GLY F 74 24.73 -14.47 46.46
C GLY F 74 24.44 -15.17 45.16
N THR F 75 23.83 -14.46 44.20
CA THR F 75 23.52 -15.06 42.91
C THR F 75 24.67 -14.96 41.91
N HIS F 76 25.72 -14.20 42.23
CA HIS F 76 26.86 -14.10 41.34
C HIS F 76 27.70 -15.37 41.36
N LEU F 77 27.70 -16.09 42.49
CA LEU F 77 28.48 -17.31 42.61
C LEU F 77 28.02 -18.36 41.59
N LEU F 78 26.71 -18.55 41.50
CA LEU F 78 26.16 -19.51 40.56
C LEU F 78 26.49 -19.11 39.13
N LEU F 79 26.38 -17.82 38.82
CA LEU F 79 26.69 -17.35 37.46
C LEU F 79 28.15 -17.61 37.11
N SER F 80 29.06 -17.34 38.05
CA SER F 80 30.48 -17.57 37.79
C SER F 80 30.77 -19.05 37.57
N GLU F 81 30.19 -19.91 38.41
CA GLU F 81 30.41 -21.36 38.25
C GLU F 81 29.87 -21.84 36.91
N ARG F 82 28.65 -21.42 36.55
CA ARG F 82 28.05 -21.83 35.29
C ARG F 82 28.89 -21.35 34.11
N ILE F 83 29.38 -20.12 34.17
CA ILE F 83 30.13 -19.56 33.06
C ILE F 83 31.45 -20.30 32.87
N SER F 84 32.17 -20.56 33.98
CA SER F 84 33.44 -21.28 33.88
C SER F 84 33.24 -22.68 33.33
N VAL F 85 32.25 -23.40 33.84
CA VAL F 85 31.98 -24.75 33.35
C VAL F 85 31.58 -24.72 31.88
N MET F 86 30.73 -23.77 31.50
CA MET F 86 30.24 -23.69 30.13
C MET F 86 31.35 -23.38 29.15
N ILE F 87 32.27 -22.49 29.52
CA ILE F 87 33.40 -22.19 28.63
C ILE F 87 34.31 -23.40 28.50
N ARG F 88 34.69 -24.00 29.63
CA ARG F 88 35.71 -25.05 29.59
C ARG F 88 35.18 -26.33 28.94
N GLY F 89 33.91 -26.69 29.18
CA GLY F 89 33.40 -27.95 28.68
C GLY F 89 33.21 -28.02 27.19
N GLY F 90 33.10 -26.87 26.52
CA GLY F 90 32.87 -26.89 25.08
C GLY F 90 34.06 -27.41 24.29
N TYR F 91 35.27 -27.06 24.73
CA TYR F 91 36.49 -27.39 24.00
C TYR F 91 36.81 -28.88 23.99
N VAL F 92 36.13 -29.70 24.80
CA VAL F 92 36.51 -31.10 24.95
C VAL F 92 36.37 -31.84 23.62
N GLY F 93 35.26 -31.63 22.92
CA GLY F 93 35.08 -32.26 21.63
C GLY F 93 35.79 -31.57 20.48
N ARG F 94 36.41 -30.42 20.73
CA ARG F 94 37.14 -29.69 19.72
C ARG F 94 38.64 -29.71 19.99
N ASN F 95 39.13 -30.76 20.64
CA ASN F 95 40.55 -30.85 20.93
C ASN F 95 41.35 -31.15 19.65
N PRO F 96 42.47 -30.48 19.46
CA PRO F 96 43.30 -30.71 18.26
C PRO F 96 44.38 -31.77 18.50
N LYS F 97 43.95 -32.97 18.86
CA LYS F 97 44.86 -34.05 19.19
C LYS F 97 45.32 -34.85 17.98
N THR F 98 45.02 -34.39 16.76
CA THR F 98 45.38 -35.13 15.56
C THR F 98 46.87 -35.01 15.26
N GLY F 99 47.67 -35.90 15.84
CA GLY F 99 49.10 -35.93 15.59
C GLY F 99 49.52 -37.18 14.84
N ASP F 100 50.05 -38.16 15.57
CA ASP F 100 50.45 -39.44 15.01
C ASP F 100 49.40 -40.53 15.26
N LEU F 101 48.13 -40.15 15.37
CA LEU F 101 47.06 -41.09 15.69
C LEU F 101 46.65 -41.95 14.50
N GLN F 102 47.11 -41.64 13.29
CA GLN F 102 46.70 -42.42 12.12
C GLN F 102 47.26 -43.84 12.19
N LYS F 103 48.46 -44.01 12.76
CA LYS F 103 49.01 -45.35 12.92
C LYS F 103 48.14 -46.19 13.85
N HIS F 104 47.66 -45.59 14.94
CA HIS F 104 46.77 -46.31 15.84
C HIS F 104 45.47 -46.69 15.16
N LEU F 105 44.94 -45.79 14.32
CA LEU F 105 43.70 -46.09 13.59
C LEU F 105 43.90 -47.24 12.61
N GLN F 106 45.03 -47.23 11.88
CA GLN F 106 45.33 -48.33 10.97
C GLN F 106 45.51 -49.64 11.72
N ASN F 107 46.19 -49.60 12.87
CA ASN F 107 46.36 -50.81 13.66
C ASN F 107 45.03 -51.34 14.16
N GLY F 108 44.13 -50.45 14.57
CA GLY F 108 42.81 -50.88 14.98
C GLY F 108 42.02 -51.52 13.85
N TYR F 109 42.09 -50.92 12.66
CA TYR F 109 41.42 -51.53 11.51
C TYR F 109 42.02 -52.88 11.16
N GLU F 110 43.34 -53.02 11.31
CA GLU F 110 43.98 -54.32 11.12
C GLU F 110 43.47 -55.34 12.13
N ARG F 111 43.32 -54.92 13.39
CA ARG F 111 42.79 -55.79 14.43
C ARG F 111 41.32 -56.15 14.18
N VAL F 112 40.59 -55.31 13.44
CA VAL F 112 39.17 -55.60 13.18
C VAL F 112 39.03 -56.91 12.42
N GLN F 113 39.84 -57.10 11.38
CA GLN F 113 39.67 -58.28 10.51
C GLN F 113 40.20 -59.55 11.15
N THR F 114 41.46 -59.53 11.60
CA THR F 114 42.11 -60.73 12.10
C THR F 114 42.32 -60.76 13.60
N GLY F 115 42.49 -59.61 14.24
CA GLY F 115 42.70 -59.58 15.67
C GLY F 115 41.44 -59.96 16.44
N GLU F 116 41.65 -60.29 17.72
CA GLU F 116 40.55 -60.70 18.60
C GLU F 116 39.89 -59.51 19.26
N LEU F 117 39.47 -58.54 18.45
CA LEU F 117 38.75 -57.36 18.91
C LEU F 117 37.40 -57.29 18.19
N GLU F 118 36.33 -57.12 18.96
CA GLU F 118 35.00 -57.15 18.38
C GLU F 118 34.74 -55.92 17.52
N THR F 119 35.06 -54.74 18.03
CA THR F 119 34.82 -53.49 17.32
C THR F 119 35.72 -52.42 17.90
N PHE F 120 35.66 -51.23 17.30
CA PHE F 120 36.43 -50.09 17.78
C PHE F 120 35.65 -48.82 17.52
N ARG F 121 35.91 -47.80 18.35
CA ARG F 121 35.24 -46.51 18.24
C ARG F 121 36.15 -45.55 17.50
N PHE F 122 35.65 -44.97 16.41
CA PHE F 122 36.47 -44.18 15.50
C PHE F 122 36.30 -42.68 15.72
N GLU F 123 35.08 -42.17 15.61
CA GLU F 123 34.82 -40.73 15.58
C GLU F 123 34.19 -40.28 16.89
N GLU F 124 34.67 -39.17 17.43
CA GLU F 124 34.09 -38.55 18.60
C GLU F 124 32.88 -37.72 18.21
N ALA F 125 31.96 -37.53 19.17
CA ALA F 125 30.74 -36.77 18.92
C ALA F 125 31.07 -35.31 18.57
N ARG F 126 32.00 -34.71 19.30
CA ARG F 126 32.48 -33.35 19.07
C ARG F 126 31.35 -32.32 19.15
N SER F 127 30.35 -32.59 19.97
CA SER F 127 29.19 -31.71 20.15
C SER F 127 28.87 -31.55 21.64
N THR F 128 29.90 -31.29 22.42
CA THR F 128 29.76 -31.18 23.88
C THR F 128 29.51 -29.73 24.33
N ALA F 129 28.59 -29.06 23.64
CA ALA F 129 28.30 -27.66 23.90
C ALA F 129 26.84 -27.49 24.26
N GLN F 130 26.57 -26.81 25.36
CA GLN F 130 25.22 -26.57 25.85
C GLN F 130 24.93 -25.08 25.87
N SER F 131 23.68 -24.74 26.17
CA SER F 131 23.20 -23.37 26.15
C SER F 131 22.69 -22.96 27.54
N LEU F 132 22.65 -21.64 27.75
CA LEU F 132 22.25 -21.04 29.01
C LEU F 132 21.55 -19.72 28.72
N LEU F 133 20.41 -19.49 29.36
CA LEU F 133 19.73 -18.20 29.25
C LEU F 133 19.68 -17.51 30.60
N LEU F 134 19.87 -16.19 30.58
CA LEU F 134 19.80 -15.36 31.77
C LEU F 134 18.69 -14.33 31.58
N ILE F 135 17.57 -14.53 32.26
CA ILE F 135 16.40 -13.67 32.15
C ILE F 135 16.24 -12.92 33.46
N GLY F 136 16.40 -11.60 33.40
CA GLY F 136 16.23 -10.76 34.57
C GLY F 136 15.51 -9.48 34.22
N CYS F 137 14.95 -8.86 35.26
CA CYS F 137 14.22 -7.61 35.09
C CYS F 137 15.19 -6.50 34.67
N SER F 138 14.64 -5.47 34.03
CA SER F 138 15.45 -4.34 33.62
C SER F 138 15.98 -3.60 34.84
N GLY F 139 17.24 -3.21 34.78
CA GLY F 139 17.89 -2.56 35.90
C GLY F 139 18.38 -3.48 36.98
N SER F 140 18.24 -4.81 36.80
CA SER F 140 18.71 -5.74 37.82
C SER F 140 20.23 -5.87 37.80
N GLY F 141 20.86 -5.66 36.66
CA GLY F 141 22.30 -5.71 36.60
C GLY F 141 22.85 -7.00 36.04
N LYS F 142 22.25 -7.49 34.95
CA LYS F 142 22.68 -8.73 34.32
C LYS F 142 23.63 -8.49 33.15
N THR F 143 24.06 -7.25 32.94
CA THR F 143 25.05 -6.93 31.92
C THR F 143 26.39 -6.50 32.50
N THR F 144 26.37 -5.56 33.45
CA THR F 144 27.60 -5.15 34.13
C THR F 144 28.10 -6.20 35.11
N SER F 145 27.32 -7.24 35.38
CA SER F 145 27.82 -8.39 36.12
C SER F 145 28.45 -9.42 35.20
N LEU F 146 27.83 -9.66 34.04
CA LEU F 146 28.41 -10.59 33.08
C LEU F 146 29.75 -10.08 32.56
N HIS F 147 29.84 -8.78 32.32
CA HIS F 147 31.09 -8.20 31.84
C HIS F 147 32.19 -8.31 32.88
N ARG F 148 31.84 -8.15 34.17
CA ARG F 148 32.84 -8.29 35.23
C ARG F 148 33.25 -9.74 35.42
N ILE F 149 32.32 -10.68 35.19
CA ILE F 149 32.69 -12.10 35.28
C ILE F 149 33.65 -12.47 34.16
N LEU F 150 33.30 -12.16 32.91
CA LEU F 150 34.18 -12.50 31.79
C LEU F 150 35.41 -11.62 31.69
N ALA F 151 35.50 -10.53 32.46
CA ALA F 151 36.72 -9.76 32.49
C ALA F 151 37.87 -10.51 33.16
N THR F 152 37.59 -11.63 33.83
CA THR F 152 38.65 -12.46 34.39
C THR F 152 39.52 -13.07 33.30
N TYR F 153 38.89 -13.75 32.34
CA TYR F 153 39.64 -14.46 31.30
C TYR F 153 40.18 -13.50 30.26
N PRO F 154 41.33 -13.80 29.65
CA PRO F 154 41.77 -13.02 28.50
C PRO F 154 40.91 -13.32 27.28
N GLN F 155 40.80 -12.32 26.40
CA GLN F 155 39.92 -12.49 25.24
C GLN F 155 40.60 -13.31 24.16
N VAL F 156 41.79 -12.90 23.75
CA VAL F 156 42.52 -13.56 22.66
C VAL F 156 43.85 -14.07 23.18
N ILE F 157 44.12 -15.35 22.93
CA ILE F 157 45.36 -16.00 23.32
C ILE F 157 45.89 -16.81 22.14
N TYR F 158 47.20 -16.75 21.93
CA TYR F 158 47.84 -17.30 20.74
C TYR F 158 48.70 -18.51 21.10
N HIS F 159 48.55 -19.57 20.34
CA HIS F 159 49.35 -20.78 20.50
C HIS F 159 50.43 -20.82 19.44
N ARG F 160 51.63 -21.27 19.83
CA ARG F 160 52.78 -21.22 18.94
C ARG F 160 52.84 -22.43 18.00
N GLU F 161 52.93 -23.63 18.56
CA GLU F 161 53.16 -24.81 17.74
C GLU F 161 51.98 -25.08 16.81
N LEU F 162 50.77 -24.82 17.27
CA LEU F 162 49.58 -24.90 16.45
C LEU F 162 49.27 -23.50 15.92
N ASN F 163 49.11 -23.36 14.61
CA ASN F 163 48.82 -22.05 14.01
C ASN F 163 47.33 -21.74 14.20
N VAL F 164 46.96 -21.53 15.46
CA VAL F 164 45.61 -21.17 15.84
C VAL F 164 45.68 -20.03 16.85
N GLU F 165 44.76 -19.09 16.73
CA GLU F 165 44.63 -17.98 17.68
C GLU F 165 43.15 -17.85 18.07
N GLN F 166 42.82 -18.42 19.23
CA GLN F 166 41.45 -18.62 19.65
C GLN F 166 40.90 -17.39 20.37
N VAL F 167 39.60 -17.18 20.21
CA VAL F 167 38.85 -16.13 20.90
C VAL F 167 38.00 -16.78 21.96
N VAL F 168 38.26 -16.45 23.23
CA VAL F 168 37.57 -17.11 24.33
C VAL F 168 36.11 -16.67 24.39
N TYR F 169 35.86 -15.37 24.25
CA TYR F 169 34.51 -14.84 24.36
C TYR F 169 34.32 -13.68 23.40
N LEU F 170 33.10 -13.57 22.86
CA LEU F 170 32.72 -12.50 21.96
C LEU F 170 31.32 -12.03 22.33
N LYS F 171 31.14 -10.71 22.39
CA LYS F 171 29.87 -10.11 22.74
C LYS F 171 29.29 -9.34 21.56
N ILE F 172 27.98 -9.52 21.32
CA ILE F 172 27.24 -8.81 20.28
C ILE F 172 25.92 -8.37 20.87
N ASP F 173 25.07 -7.79 20.02
CA ASP F 173 23.71 -7.42 20.37
C ASP F 173 22.77 -7.91 19.29
N CYS F 174 21.56 -8.25 19.69
CA CYS F 174 20.58 -8.73 18.72
C CYS F 174 20.11 -7.59 17.82
N SER F 175 19.64 -7.96 16.63
CA SER F 175 19.20 -6.97 15.66
C SER F 175 17.97 -6.23 16.16
N HIS F 176 17.93 -4.92 15.92
CA HIS F 176 16.85 -4.09 16.42
C HIS F 176 15.51 -4.51 15.80
N ASN F 177 15.51 -4.88 14.52
CA ASN F 177 14.28 -5.28 13.85
C ASN F 177 14.02 -6.78 13.92
N GLY F 178 15.03 -7.59 14.24
CA GLY F 178 14.86 -9.02 14.30
C GLY F 178 15.15 -9.72 12.99
N SER F 179 16.32 -9.46 12.43
CA SER F 179 16.75 -10.06 11.17
C SER F 179 18.09 -10.75 11.36
N LEU F 180 18.39 -11.70 10.47
CA LEU F 180 19.63 -12.45 10.53
C LEU F 180 20.74 -11.82 9.69
N LYS F 181 20.51 -10.62 9.15
CA LYS F 181 21.56 -9.90 8.44
C LYS F 181 22.34 -8.97 9.34
N GLU F 182 21.71 -8.39 10.36
CA GLU F 182 22.46 -7.54 11.28
C GLU F 182 23.31 -8.35 12.23
N ILE F 183 22.91 -9.57 12.59
CA ILE F 183 23.76 -10.40 13.43
C ILE F 183 25.01 -10.81 12.66
N CYS F 184 24.89 -11.03 11.35
CA CYS F 184 26.05 -11.39 10.55
C CYS F 184 27.06 -10.27 10.43
N LEU F 185 26.64 -9.02 10.61
CA LEU F 185 27.55 -7.89 10.58
C LEU F 185 27.98 -7.47 11.97
N ASN F 186 27.10 -7.64 12.96
CA ASN F 186 27.50 -7.44 14.36
C ASN F 186 28.59 -8.41 14.75
N PHE F 187 28.50 -9.66 14.27
CA PHE F 187 29.55 -10.64 14.53
C PHE F 187 30.89 -10.18 13.97
N PHE F 188 30.89 -9.69 12.72
CA PHE F 188 32.15 -9.28 12.11
C PHE F 188 32.73 -8.05 12.80
N ARG F 189 31.90 -7.08 13.15
CA ARG F 189 32.46 -5.90 13.81
C ARG F 189 32.92 -6.22 15.22
N ALA F 190 32.25 -7.14 15.92
CA ALA F 190 32.70 -7.53 17.25
C ALA F 190 34.00 -8.31 17.19
N LEU F 191 34.13 -9.23 16.23
CA LEU F 191 35.37 -9.96 16.08
C LEU F 191 36.51 -9.05 15.65
N ASP F 192 36.22 -8.04 14.84
CA ASP F 192 37.20 -7.00 14.53
C ASP F 192 37.62 -6.26 15.78
N ARG F 193 36.66 -5.95 16.66
CA ARG F 193 36.99 -5.33 17.94
C ARG F 193 37.92 -6.22 18.76
N ALA F 194 37.69 -7.53 18.73
CA ALA F 194 38.50 -8.46 19.51
C ALA F 194 39.86 -8.70 18.86
N LEU F 195 39.87 -9.14 17.59
CA LEU F 195 41.09 -9.61 16.96
C LEU F 195 40.95 -9.45 15.44
N GLY F 196 41.56 -8.41 14.90
CA GLY F 196 41.59 -8.24 13.46
C GLY F 196 41.74 -6.77 13.09
N SER F 197 41.76 -6.54 11.79
CA SER F 197 41.85 -5.20 11.22
C SER F 197 40.66 -4.84 10.36
N ASN F 198 40.29 -5.73 9.42
CA ASN F 198 39.10 -5.54 8.59
C ASN F 198 38.51 -6.89 8.27
N TYR F 199 37.31 -7.16 8.78
CA TYR F 199 36.56 -8.35 8.42
C TYR F 199 35.21 -8.06 7.81
N GLU F 200 34.51 -7.01 8.26
CA GLU F 200 33.26 -6.65 7.61
C GLU F 200 33.51 -5.94 6.28
N ARG F 201 34.72 -5.40 6.09
CA ARG F 201 35.09 -4.89 4.77
C ARG F 201 35.31 -6.03 3.79
N ARG F 202 36.06 -7.06 4.23
CA ARG F 202 36.37 -8.18 3.35
C ARG F 202 35.14 -9.03 3.11
N TYR F 203 34.35 -9.28 4.16
CA TYR F 203 33.05 -9.94 4.04
C TYR F 203 32.02 -9.10 4.78
N GLY F 204 31.12 -8.45 4.03
CA GLY F 204 30.00 -7.78 4.67
C GLY F 204 29.57 -6.45 4.10
N LEU F 205 30.53 -5.60 3.69
CA LEU F 205 30.21 -4.30 3.12
C LEU F 205 30.18 -4.34 1.61
N LYS F 206 29.96 -5.52 1.01
CA LYS F 206 29.83 -5.69 -0.42
C LYS F 206 28.56 -6.50 -0.66
N ARG F 207 27.99 -6.38 -1.86
CA ARG F 207 26.76 -7.08 -2.20
C ARG F 207 26.90 -8.59 -1.96
N HIS F 208 26.16 -9.07 -0.96
CA HIS F 208 26.18 -10.47 -0.58
C HIS F 208 24.74 -10.97 -0.50
N GLY F 209 24.61 -12.24 -0.12
CA GLY F 209 23.32 -12.83 0.21
C GLY F 209 23.30 -13.23 1.66
N ILE F 210 22.11 -13.16 2.28
CA ILE F 210 21.99 -13.47 3.69
C ILE F 210 22.32 -14.94 3.96
N GLU F 211 21.99 -15.83 3.01
CA GLU F 211 22.33 -17.23 3.16
C GLU F 211 23.83 -17.44 3.17
N THR F 212 24.56 -16.71 2.32
CA THR F 212 26.01 -16.86 2.26
C THR F 212 26.69 -16.25 3.48
N MET F 213 26.15 -15.14 4.00
CA MET F 213 26.74 -14.50 5.17
C MET F 213 26.70 -15.44 6.37
N LEU F 214 25.61 -16.19 6.53
CA LEU F 214 25.49 -17.18 7.59
C LEU F 214 26.55 -18.27 7.48
N ALA F 215 27.10 -18.49 6.29
CA ALA F 215 28.12 -19.52 6.11
C ALA F 215 29.54 -18.99 6.30
N LEU F 216 29.81 -17.79 5.80
CA LEU F 216 31.11 -17.17 6.07
C LEU F 216 31.25 -16.88 7.55
N MET F 217 30.14 -16.58 8.24
CA MET F 217 30.15 -16.48 9.69
C MET F 217 30.61 -17.78 10.33
N SER F 218 30.10 -18.91 9.85
CA SER F 218 30.50 -20.20 10.40
C SER F 218 31.97 -20.47 10.16
N GLN F 219 32.46 -20.17 8.95
CA GLN F 219 33.87 -20.41 8.64
C GLN F 219 34.79 -19.55 9.50
N ILE F 220 34.46 -18.26 9.67
CA ILE F 220 35.32 -17.41 10.50
C ILE F 220 35.21 -17.77 11.97
N ALA F 221 34.06 -18.28 12.41
CA ALA F 221 33.89 -18.65 13.80
C ALA F 221 34.61 -19.96 14.13
N ASN F 222 34.63 -20.90 13.20
CA ASN F 222 35.26 -22.18 13.48
C ASN F 222 36.78 -22.10 13.33
N ALA F 223 37.27 -21.29 12.38
CA ALA F 223 38.70 -21.20 12.14
C ALA F 223 39.44 -20.59 13.33
N HIS F 224 38.96 -19.45 13.82
CA HIS F 224 39.42 -18.92 15.10
C HIS F 224 38.55 -19.56 16.19
N VAL F 225 39.11 -20.53 16.90
CA VAL F 225 38.34 -21.34 17.83
C VAL F 225 37.66 -20.45 18.85
N LEU F 226 36.34 -20.57 18.96
CA LEU F 226 35.52 -19.68 19.75
C LEU F 226 34.99 -20.41 20.98
N GLY F 227 35.07 -19.76 22.13
CA GLY F 227 34.65 -20.37 23.38
C GLY F 227 33.15 -20.33 23.60
N LEU F 228 32.56 -19.14 23.63
CA LEU F 228 31.12 -19.02 23.76
C LEU F 228 30.68 -17.75 23.06
N LEU F 229 29.39 -17.69 22.72
CA LEU F 229 28.79 -16.53 22.09
C LEU F 229 27.81 -15.88 23.05
N VAL F 230 27.99 -14.59 23.29
CA VAL F 230 27.11 -13.81 24.16
C VAL F 230 26.21 -12.96 23.29
N ILE F 231 24.91 -13.17 23.40
CA ILE F 231 23.92 -12.53 22.53
C ILE F 231 23.01 -11.72 23.44
N ASP F 232 23.34 -10.45 23.63
CA ASP F 232 22.60 -9.60 24.54
C ASP F 232 21.31 -9.08 23.91
N GLU F 233 20.35 -8.72 24.76
CA GLU F 233 19.08 -8.13 24.36
C GLU F 233 18.32 -9.04 23.39
N ILE F 234 18.04 -10.26 23.86
CA ILE F 234 17.30 -11.22 23.04
C ILE F 234 15.82 -10.84 22.89
N GLN F 235 15.32 -9.92 23.71
CA GLN F 235 13.95 -9.45 23.57
C GLN F 235 13.74 -8.58 22.34
N HIS F 236 14.81 -8.20 21.64
CA HIS F 236 14.68 -7.35 20.46
C HIS F 236 13.95 -8.04 19.33
N LEU F 237 13.96 -9.36 19.29
CA LEU F 237 13.28 -10.12 18.24
C LEU F 237 11.86 -10.51 18.63
N SER F 238 11.36 -10.01 19.77
CA SER F 238 10.00 -10.35 20.19
C SER F 238 8.97 -9.85 19.18
N ARG F 239 9.12 -8.62 18.71
CA ARG F 239 8.26 -8.04 17.68
C ARG F 239 9.09 -7.94 16.41
N SER F 240 9.00 -8.98 15.58
CA SER F 240 9.80 -9.08 14.36
C SER F 240 8.94 -9.49 13.18
N ARG F 241 9.60 -9.83 12.07
CA ARG F 241 8.87 -10.32 10.90
C ARG F 241 8.29 -11.70 11.17
N SER F 242 7.39 -12.12 10.29
CA SER F 242 6.74 -13.42 10.42
C SER F 242 7.74 -14.56 10.32
N GLY F 243 7.98 -15.27 11.42
CA GLY F 243 8.90 -16.38 11.42
C GLY F 243 10.35 -16.02 11.59
N GLY F 244 10.69 -14.75 11.81
CA GLY F 244 12.07 -14.38 11.99
C GLY F 244 12.67 -14.93 13.25
N SER F 245 11.92 -14.90 14.36
CA SER F 245 12.42 -15.42 15.62
C SER F 245 12.70 -16.91 15.53
N GLN F 246 11.79 -17.66 14.89
CA GLN F 246 12.00 -19.09 14.73
C GLN F 246 13.21 -19.39 13.85
N GLU F 247 13.40 -18.60 12.79
CA GLU F 247 14.56 -18.80 11.93
C GLU F 247 15.86 -18.53 12.66
N MET F 248 15.90 -17.48 13.49
CA MET F 248 17.13 -17.20 14.22
C MET F 248 17.37 -18.24 15.32
N LEU F 249 16.31 -18.76 15.94
CA LEU F 249 16.46 -19.85 16.88
C LEU F 249 17.03 -21.10 16.19
N ASN F 250 16.53 -21.40 14.99
CA ASN F 250 17.07 -22.51 14.22
C ASN F 250 18.54 -22.30 13.90
N PHE F 251 18.92 -21.07 13.55
CA PHE F 251 20.32 -20.79 13.24
C PHE F 251 21.21 -20.98 14.46
N PHE F 252 20.74 -20.58 15.64
CA PHE F 252 21.55 -20.77 16.85
C PHE F 252 21.66 -22.25 17.21
N VAL F 253 20.59 -23.01 17.04
CA VAL F 253 20.67 -24.46 17.29
C VAL F 253 21.63 -25.12 16.32
N THR F 254 21.60 -24.69 15.05
CA THR F 254 22.57 -25.19 14.08
C THR F 254 23.98 -24.81 14.48
N MET F 255 24.19 -23.59 14.98
CA MET F 255 25.53 -23.18 15.42
C MET F 255 26.01 -24.03 16.58
N VAL F 256 25.14 -24.34 17.54
CA VAL F 256 25.61 -25.09 18.71
C VAL F 256 25.80 -26.57 18.39
N ASN F 257 25.07 -27.12 17.42
CA ASN F 257 25.14 -28.56 17.21
C ASN F 257 26.08 -29.01 16.08
N ILE F 258 26.56 -28.11 15.21
CA ILE F 258 27.52 -28.57 14.22
C ILE F 258 28.84 -27.83 14.36
N ILE F 259 28.79 -26.52 14.59
CA ILE F 259 30.02 -25.75 14.73
C ILE F 259 30.68 -26.08 16.07
N GLY F 260 29.90 -26.15 17.14
CA GLY F 260 30.43 -26.47 18.44
C GLY F 260 30.75 -25.30 19.33
N VAL F 261 30.02 -24.19 19.20
CA VAL F 261 30.23 -23.00 20.01
C VAL F 261 29.06 -22.87 20.99
N PRO F 262 29.30 -22.89 22.30
CA PRO F 262 28.23 -22.61 23.26
C PRO F 262 27.62 -21.23 23.03
N VAL F 263 26.31 -21.14 23.24
CA VAL F 263 25.54 -19.91 23.04
C VAL F 263 24.81 -19.58 24.33
N MET F 264 24.99 -18.34 24.80
CA MET F 264 24.34 -17.86 26.01
C MET F 264 23.51 -16.62 25.69
N LEU F 265 22.26 -16.61 26.16
CA LEU F 265 21.29 -15.57 25.84
C LEU F 265 20.95 -14.76 27.08
N ILE F 266 20.76 -13.45 26.89
CA ILE F 266 20.36 -12.54 27.96
C ILE F 266 19.18 -11.71 27.47
N GLY F 267 18.16 -11.55 28.31
CA GLY F 267 17.05 -10.70 27.95
C GLY F 267 16.17 -10.41 29.15
N THR F 268 15.30 -9.42 28.98
CA THR F 268 14.31 -9.05 29.98
C THR F 268 13.19 -10.09 29.99
N PRO F 269 12.32 -10.09 31.01
CA PRO F 269 11.17 -11.01 30.99
C PRO F 269 10.23 -10.80 29.82
N LYS F 270 10.33 -9.68 29.11
CA LYS F 270 9.59 -9.50 27.86
C LYS F 270 9.96 -10.58 26.85
N ALA F 271 11.17 -11.13 26.93
CA ALA F 271 11.64 -12.18 26.04
C ALA F 271 11.21 -13.56 26.47
N ARG F 272 10.20 -13.67 27.34
CA ARG F 272 9.74 -14.98 27.76
C ARG F 272 8.91 -15.67 26.68
N GLU F 273 8.15 -14.89 25.91
CA GLU F 273 7.16 -15.47 24.99
C GLU F 273 7.83 -16.27 23.87
N ILE F 274 9.03 -15.89 23.45
CA ILE F 274 9.65 -16.48 22.27
C ILE F 274 10.06 -17.93 22.46
N PHE F 275 10.01 -18.46 23.68
CA PHE F 275 10.56 -19.77 23.97
C PHE F 275 9.51 -20.85 24.21
N GLU F 276 8.22 -20.53 24.15
CA GLU F 276 7.18 -21.53 24.34
C GLU F 276 6.44 -21.86 23.06
N ALA F 277 7.10 -21.69 21.90
CA ALA F 277 6.52 -22.14 20.65
C ALA F 277 6.36 -23.66 20.63
N ASP F 278 7.35 -24.37 21.17
CA ASP F 278 7.30 -25.82 21.27
C ASP F 278 8.20 -26.25 22.43
N LEU F 279 8.38 -27.55 22.58
CA LEU F 279 9.32 -28.06 23.58
C LEU F 279 10.75 -28.07 23.05
N ARG F 280 10.94 -28.03 21.74
CA ARG F 280 12.29 -27.97 21.18
C ARG F 280 12.97 -26.65 21.51
N SER F 281 12.27 -25.53 21.34
CA SER F 281 12.82 -24.25 21.76
C SER F 281 12.83 -24.12 23.27
N ALA F 282 12.02 -24.91 23.97
CA ALA F 282 12.06 -24.91 25.43
C ALA F 282 13.35 -25.51 25.95
N ARG F 283 13.80 -26.62 25.34
CA ARG F 283 15.04 -27.25 25.79
C ARG F 283 16.25 -26.43 25.40
N ARG F 284 16.34 -26.01 24.13
CA ARG F 284 17.55 -25.36 23.65
C ARG F 284 17.74 -23.97 24.23
N GLY F 285 16.67 -23.36 24.75
CA GLY F 285 16.84 -22.10 25.47
C GLY F 285 17.67 -22.27 26.71
N ALA F 286 17.41 -23.32 27.48
CA ALA F 286 18.13 -23.63 28.70
C ALA F 286 18.73 -25.03 28.57
N GLY F 287 19.89 -25.11 27.93
CA GLY F 287 20.56 -26.39 27.77
C GLY F 287 21.37 -26.83 28.96
N PHE F 288 21.56 -25.94 29.94
CA PHE F 288 22.27 -26.29 31.16
C PHE F 288 21.63 -25.64 32.38
N GLY F 289 20.44 -25.07 32.24
CA GLY F 289 19.78 -24.35 33.30
C GLY F 289 19.27 -23.02 32.78
N ALA F 290 18.31 -22.45 33.50
CA ALA F 290 17.77 -21.12 33.20
C ALA F 290 17.79 -20.31 34.48
N ILE F 291 18.54 -19.21 34.47
CA ILE F 291 18.76 -18.42 35.67
C ILE F 291 17.84 -17.21 35.59
N PHE F 292 16.71 -17.28 36.31
CA PHE F 292 15.78 -16.18 36.42
C PHE F 292 16.14 -15.34 37.63
N TRP F 293 16.34 -14.04 37.41
CA TRP F 293 16.65 -13.12 38.50
C TRP F 293 15.39 -12.37 38.92
N ASP F 294 15.35 -12.00 40.19
CA ASP F 294 14.23 -11.32 40.80
C ASP F 294 14.74 -10.11 41.56
N PRO F 295 13.91 -9.09 41.76
CA PRO F 295 14.35 -7.91 42.51
C PRO F 295 14.73 -8.27 43.94
N ILE F 296 15.68 -7.51 44.49
CA ILE F 296 16.21 -7.81 45.82
C ILE F 296 15.15 -7.53 46.87
N GLN F 297 14.97 -8.46 47.79
CA GLN F 297 13.93 -8.35 48.80
C GLN F 297 14.44 -7.67 50.06
N GLN F 298 13.51 -7.14 50.84
CA GLN F 298 13.82 -6.51 52.11
C GLN F 298 13.66 -7.44 53.29
N THR F 299 12.69 -8.37 53.23
CA THR F 299 12.46 -9.35 54.29
C THR F 299 12.30 -10.72 53.64
N GLN F 300 13.43 -11.42 53.45
CA GLN F 300 13.37 -12.79 52.95
C GLN F 300 12.75 -13.72 54.00
N ARG F 301 13.17 -13.58 55.25
CA ARG F 301 12.59 -14.28 56.38
C ARG F 301 12.05 -13.26 57.36
N GLY F 302 11.68 -13.73 58.56
CA GLY F 302 11.22 -12.82 59.59
C GLY F 302 12.26 -11.77 59.95
N LYS F 303 13.52 -12.17 59.97
CA LYS F 303 14.62 -11.24 60.22
C LYS F 303 14.90 -10.40 58.97
N PRO F 304 15.45 -9.20 59.16
CA PRO F 304 15.79 -8.37 57.99
C PRO F 304 16.88 -9.01 57.14
N ASN F 305 16.87 -8.67 55.86
CA ASN F 305 17.73 -9.33 54.88
C ASN F 305 19.16 -8.82 54.99
N GLN F 306 20.10 -9.74 55.04
CA GLN F 306 21.50 -9.37 55.26
C GLN F 306 22.13 -8.76 54.02
N GLU F 307 21.78 -9.28 52.83
CA GLU F 307 22.32 -8.72 51.60
C GLU F 307 21.88 -7.27 51.41
N TRP F 308 20.60 -6.98 51.68
CA TRP F 308 20.09 -5.63 51.53
C TRP F 308 20.77 -4.67 52.50
N ILE F 309 20.91 -5.08 53.76
CA ILE F 309 21.50 -4.21 54.77
C ILE F 309 22.96 -3.95 54.44
N ALA F 310 23.69 -4.99 53.98
CA ALA F 310 25.09 -4.80 53.63
C ALA F 310 25.24 -3.92 52.40
N PHE F 311 24.40 -4.12 51.39
CA PHE F 311 24.45 -3.31 50.17
C PHE F 311 24.21 -1.84 50.47
N THR F 312 23.17 -1.54 51.24
CA THR F 312 22.84 -0.15 51.54
C THR F 312 23.89 0.48 52.45
N ASP F 313 24.40 -0.27 53.43
CA ASP F 313 25.43 0.26 54.32
C ASP F 313 26.72 0.56 53.56
N ASN F 314 27.11 -0.33 52.64
CA ASN F 314 28.31 -0.08 51.84
C ASN F 314 28.11 1.11 50.92
N LEU F 315 26.90 1.25 50.33
CA LEU F 315 26.64 2.36 49.42
C LEU F 315 26.66 3.70 50.16
N TRP F 316 26.12 3.75 51.38
CA TRP F 316 26.02 5.02 52.08
C TRP F 316 27.37 5.61 52.46
N GLN F 317 28.44 4.80 52.50
CA GLN F 317 29.75 5.34 52.82
C GLN F 317 30.22 6.34 51.77
N LEU F 318 29.87 6.11 50.51
CA LEU F 318 30.26 7.00 49.42
C LEU F 318 29.42 8.28 49.51
N GLN F 319 30.07 9.39 49.87
CA GLN F 319 29.36 10.63 50.08
C GLN F 319 30.36 11.78 50.13
N LEU F 320 29.98 12.93 49.58
CA LEU F 320 30.86 14.10 49.50
C LEU F 320 30.14 15.35 49.97
N LEU F 321 29.50 15.27 51.13
CA LEU F 321 28.89 16.42 51.77
C LEU F 321 29.63 16.74 53.05
N GLN F 322 29.81 18.04 53.35
CA GLN F 322 30.48 18.44 54.58
C GLN F 322 29.74 17.93 55.80
N ARG F 323 28.42 18.09 55.81
CA ARG F 323 27.60 17.64 56.93
C ARG F 323 27.03 16.25 56.64
N LYS F 324 27.94 15.30 56.48
CA LYS F 324 27.52 13.94 56.14
C LYS F 324 26.94 13.25 57.37
N ASP F 325 26.25 12.14 57.12
CA ASP F 325 25.61 11.36 58.17
C ASP F 325 26.54 10.25 58.61
N ALA F 326 26.74 10.14 59.93
CA ALA F 326 27.66 9.13 60.46
C ALA F 326 27.12 7.72 60.24
N LEU F 327 25.84 7.51 60.54
CA LEU F 327 25.19 6.22 60.36
C LEU F 327 23.87 6.42 59.63
N LEU F 328 23.44 5.37 58.93
CA LEU F 328 22.25 5.45 58.09
C LEU F 328 21.04 5.20 58.99
N SER F 329 20.16 6.20 59.11
CA SER F 329 18.98 6.07 59.95
C SER F 329 18.04 5.01 59.42
N ASP F 330 17.39 4.27 60.34
CA ASP F 330 16.53 3.16 59.93
C ASP F 330 15.32 3.66 59.14
N GLU F 331 14.75 4.80 59.52
CA GLU F 331 13.64 5.35 58.77
C GLU F 331 14.04 5.76 57.37
N VAL F 332 15.32 6.13 57.17
CA VAL F 332 15.80 6.48 55.84
C VAL F 332 15.76 5.26 54.93
N ARG F 333 16.27 4.12 55.40
CA ARG F 333 16.22 2.92 54.56
C ARG F 333 14.82 2.34 54.47
N ASP F 334 13.94 2.66 55.42
CA ASP F 334 12.57 2.16 55.31
C ASP F 334 11.87 2.73 54.08
N VAL F 335 12.07 4.02 53.81
CA VAL F 335 11.48 4.63 52.61
C VAL F 335 12.34 4.40 51.38
N TRP F 336 13.61 4.06 51.55
CA TRP F 336 14.48 3.78 50.40
C TRP F 336 13.98 2.58 49.61
N TYR F 337 13.57 1.52 50.31
CA TYR F 337 13.01 0.37 49.61
C TYR F 337 11.62 0.65 49.07
N GLU F 338 10.92 1.61 49.66
CA GLU F 338 9.55 1.89 49.22
C GLU F 338 9.54 2.54 47.84
N LEU F 339 10.37 3.56 47.64
CA LEU F 339 10.47 4.18 46.32
C LEU F 339 11.12 3.24 45.32
N SER F 340 12.24 2.64 45.70
CA SER F 340 13.02 1.86 44.74
C SER F 340 12.34 0.52 44.43
N GLN F 341 11.83 -0.16 45.45
CA GLN F 341 11.16 -1.45 45.31
C GLN F 341 12.10 -2.52 44.75
N GLY F 342 13.34 -2.54 45.24
CA GLY F 342 14.20 -3.69 45.08
C GLY F 342 14.90 -3.85 43.74
N VAL F 343 14.95 -2.81 42.92
CA VAL F 343 15.68 -2.84 41.66
C VAL F 343 16.96 -2.03 41.83
N MET F 344 18.10 -2.64 41.47
CA MET F 344 19.39 -2.16 41.90
C MET F 344 19.87 -0.91 41.17
N ASP F 345 19.39 -0.65 39.95
CA ASP F 345 19.79 0.56 39.25
C ASP F 345 19.13 1.79 39.88
N ILE F 346 17.83 1.67 40.19
CA ILE F 346 17.09 2.80 40.74
C ILE F 346 17.55 3.16 42.15
N VAL F 347 18.02 2.21 42.96
CA VAL F 347 18.59 2.56 44.25
C VAL F 347 19.81 3.46 44.08
N VAL F 348 20.71 3.07 43.18
CA VAL F 348 21.93 3.83 42.96
C VAL F 348 21.61 5.20 42.36
N LYS F 349 20.71 5.26 41.37
CA LYS F 349 20.44 6.55 40.74
C LYS F 349 19.68 7.46 41.69
N LEU F 350 18.83 6.89 42.56
CA LEU F 350 18.16 7.70 43.56
C LEU F 350 19.15 8.28 44.55
N PHE F 351 20.13 7.47 44.98
CA PHE F 351 21.20 8.00 45.85
C PHE F 351 21.95 9.14 45.18
N VAL F 352 22.38 8.92 43.93
CA VAL F 352 23.17 9.93 43.24
C VAL F 352 22.34 11.20 42.98
N LEU F 353 21.07 11.03 42.60
CA LEU F 353 20.22 12.18 42.34
C LEU F 353 19.95 12.98 43.60
N ALA F 354 19.66 12.31 44.71
CA ALA F 354 19.45 13.01 45.97
C ALA F 354 20.70 13.75 46.42
N GLN F 355 21.86 13.10 46.27
CA GLN F 355 23.10 13.73 46.69
C GLN F 355 23.46 14.91 45.80
N LEU F 356 23.19 14.79 44.51
CA LEU F 356 23.47 15.89 43.57
C LEU F 356 22.52 17.06 43.80
N ARG F 357 21.26 16.77 44.17
CA ARG F 357 20.35 17.84 44.55
C ARG F 357 20.80 18.52 45.83
N ALA F 358 21.21 17.73 46.83
CA ALA F 358 21.63 18.30 48.11
C ALA F 358 22.89 19.15 47.96
N LEU F 359 23.80 18.75 47.08
CA LEU F 359 25.03 19.52 46.89
C LEU F 359 24.73 20.88 46.28
N ALA F 360 23.75 20.94 45.38
CA ALA F 360 23.38 22.18 44.71
C ALA F 360 22.25 22.92 45.40
N LEU F 361 21.78 22.43 46.54
CA LEU F 361 20.71 23.07 47.29
C LEU F 361 21.20 23.91 48.44
N GLY F 362 22.39 23.63 48.97
CA GLY F 362 22.90 24.35 50.11
C GLY F 362 22.81 23.51 51.37
N ASN F 363 21.70 22.79 51.52
CA ASN F 363 21.53 21.87 52.62
C ASN F 363 22.36 20.61 52.36
N GLU F 364 23.60 20.61 52.84
CA GLU F 364 24.54 19.52 52.58
C GLU F 364 24.25 18.32 53.48
N ARG F 365 23.02 17.82 53.39
CA ARG F 365 22.57 16.69 54.17
C ARG F 365 21.57 15.90 53.35
N ILE F 366 21.54 14.59 53.56
CA ILE F 366 20.62 13.71 52.87
C ILE F 366 19.57 13.22 53.86
N THR F 367 18.30 13.43 53.53
CA THR F 367 17.20 13.07 54.40
C THR F 367 16.09 12.44 53.56
N ALA F 368 15.09 11.88 54.24
CA ALA F 368 13.97 11.27 53.56
C ALA F 368 13.15 12.29 52.77
N GLY F 369 13.12 13.54 53.23
CA GLY F 369 12.41 14.57 52.50
C GLY F 369 13.01 14.82 51.13
N LEU F 370 14.34 14.91 51.05
CA LEU F 370 15.00 15.05 49.76
C LEU F 370 14.79 13.82 48.89
N LEU F 371 14.73 12.63 49.50
CA LEU F 371 14.46 11.42 48.75
C LEU F 371 13.08 11.49 48.09
N ARG F 372 12.06 11.89 48.85
CA ARG F 372 10.73 12.04 48.29
C ARG F 372 10.71 13.11 47.20
N GLN F 373 11.38 14.24 47.45
CA GLN F 373 11.37 15.34 46.50
C GLN F 373 12.01 14.93 45.17
N VAL F 374 13.16 14.26 45.22
CA VAL F 374 13.81 13.87 43.98
C VAL F 374 13.17 12.66 43.32
N TYR F 375 12.46 11.82 44.08
CA TYR F 375 11.72 10.73 43.43
C TYR F 375 10.50 11.28 42.71
N GLN F 376 9.86 12.31 43.26
CA GLN F 376 8.73 12.92 42.57
C GLN F 376 9.20 13.74 41.37
N ASP F 377 10.27 14.53 41.55
CA ASP F 377 10.66 15.51 40.54
C ASP F 377 11.36 14.87 39.34
N GLU F 378 12.15 13.82 39.56
CA GLU F 378 13.10 13.36 38.54
C GLU F 378 12.96 11.90 38.16
N LEU F 379 11.91 11.21 38.61
CA LEU F 379 11.68 9.83 38.20
C LEU F 379 10.27 9.64 37.67
N LYS F 380 9.72 10.68 37.02
CA LYS F 380 8.33 10.64 36.58
C LYS F 380 7.99 9.51 35.61
N PRO F 381 8.80 9.18 34.60
CA PRO F 381 8.39 8.11 33.67
C PRO F 381 8.31 6.72 34.31
N VAL F 382 8.92 6.51 35.48
CA VAL F 382 8.97 5.19 36.08
C VAL F 382 8.01 5.05 37.26
N HIS F 383 7.20 6.07 37.53
CA HIS F 383 6.23 5.99 38.62
C HIS F 383 5.22 4.84 38.48
N PRO F 384 4.56 4.63 37.33
CA PRO F 384 3.44 3.66 37.32
C PRO F 384 3.83 2.22 37.61
N MET F 385 4.87 1.70 36.94
CA MET F 385 5.21 0.29 37.12
C MET F 385 5.91 0.03 38.45
N LEU F 386 6.66 1.00 38.98
CA LEU F 386 7.15 0.85 40.35
C LEU F 386 5.98 0.81 41.34
N GLU F 387 4.96 1.63 41.10
CA GLU F 387 3.79 1.61 41.97
C GLU F 387 3.03 0.28 41.87
N ALA F 388 2.97 -0.29 40.66
CA ALA F 388 2.37 -1.62 40.49
C ALA F 388 3.18 -2.68 41.23
N LEU F 389 4.51 -2.58 41.19
CA LEU F 389 5.35 -3.47 41.99
C LEU F 389 5.08 -3.30 43.48
N ARG F 390 4.92 -2.04 43.93
CA ARG F 390 4.72 -1.75 45.34
C ARG F 390 3.39 -2.29 45.84
N SER F 391 2.33 -2.16 45.03
CA SER F 391 1.00 -2.55 45.49
C SER F 391 0.92 -4.05 45.80
N GLY F 392 1.54 -4.87 44.97
CA GLY F 392 1.52 -6.30 45.17
C GLY F 392 0.30 -7.00 44.59
N ILE F 393 -0.65 -6.27 44.05
CA ILE F 393 -1.82 -6.90 43.40
C ILE F 393 -1.35 -7.65 42.16
N PRO F 394 -1.81 -8.89 41.94
CA PRO F 394 -1.38 -9.62 40.74
C PRO F 394 -1.72 -8.92 39.43
N GLU F 395 -2.87 -8.25 39.36
CA GLU F 395 -3.28 -7.62 38.10
C GLU F 395 -2.45 -6.38 37.78
N ARG F 396 -2.17 -5.56 38.79
CA ARG F 396 -1.40 -4.34 38.56
C ARG F 396 0.02 -4.66 38.10
N ILE F 397 0.66 -5.66 38.72
CA ILE F 397 2.00 -6.05 38.31
C ILE F 397 1.97 -6.89 37.04
N ALA F 398 0.85 -7.53 36.71
CA ALA F 398 0.76 -8.35 35.52
C ALA F 398 0.33 -7.58 34.28
N ARG F 399 -0.12 -6.34 34.44
CA ARG F 399 -0.46 -5.53 33.27
C ARG F 399 0.76 -5.30 32.39
N TYR F 400 1.88 -4.96 33.01
CA TYR F 400 3.14 -4.77 32.28
C TYR F 400 3.82 -6.12 32.11
N SER F 401 4.09 -6.49 30.86
CA SER F 401 4.68 -7.79 30.56
C SER F 401 6.18 -7.85 30.83
N ASP F 402 6.81 -6.72 31.12
CA ASP F 402 8.24 -6.69 31.41
C ASP F 402 8.56 -7.06 32.85
N LEU F 403 7.57 -7.08 33.74
CA LEU F 403 7.76 -7.36 35.15
C LEU F 403 7.27 -8.77 35.47
N VAL F 404 7.89 -9.37 36.49
CA VAL F 404 7.55 -10.70 36.96
C VAL F 404 6.83 -10.56 38.29
N VAL F 405 5.71 -11.26 38.44
CA VAL F 405 4.91 -11.23 39.66
C VAL F 405 5.69 -11.80 40.84
N ALA G 3 45.50 -40.67 2.19
CA ALA G 3 44.88 -39.70 3.09
C ALA G 3 44.63 -40.32 4.45
N THR G 4 43.40 -40.83 4.65
CA THR G 4 43.07 -41.49 5.91
C THR G 4 43.80 -42.81 6.08
N ARG G 5 44.23 -43.43 4.98
CA ARG G 5 44.89 -44.73 4.98
C ARG G 5 44.09 -45.79 5.72
N ILE G 6 42.78 -45.80 5.47
CA ILE G 6 41.91 -46.87 5.92
C ILE G 6 41.67 -47.75 4.70
N GLN G 7 42.49 -48.80 4.57
CA GLN G 7 42.40 -49.73 3.45
C GLN G 7 41.56 -50.93 3.84
N ALA G 8 40.89 -51.51 2.84
CA ALA G 8 40.01 -52.65 3.07
C ALA G 8 40.77 -53.96 2.93
N VAL G 9 40.39 -54.93 3.75
CA VAL G 9 40.95 -56.28 3.72
C VAL G 9 39.82 -57.25 3.46
N TYR G 10 39.99 -58.13 2.47
CA TYR G 10 38.91 -58.98 2.02
C TYR G 10 38.73 -60.18 2.95
N ARG G 11 37.46 -60.53 3.20
CA ARG G 11 37.09 -61.61 4.08
C ARG G 11 35.85 -62.29 3.53
N ASP G 12 35.53 -63.45 4.08
CA ASP G 12 34.36 -64.21 3.65
C ASP G 12 33.09 -63.50 4.10
N THR G 13 32.04 -63.60 3.27
CA THR G 13 30.74 -63.01 3.54
C THR G 13 29.69 -64.12 3.50
N GLY G 14 28.84 -64.16 4.52
CA GLY G 14 27.89 -65.26 4.65
C GLY G 14 26.83 -65.28 3.55
N VAL G 15 26.32 -64.10 3.18
CA VAL G 15 25.20 -64.05 2.24
C VAL G 15 25.70 -64.38 0.83
N GLU G 16 25.00 -65.31 0.18
CA GLU G 16 25.36 -65.70 -1.19
C GLU G 16 24.89 -64.68 -2.21
N ALA G 17 23.78 -63.98 -1.95
CA ALA G 17 23.26 -63.01 -2.91
C ALA G 17 24.23 -61.86 -3.11
N TYR G 18 24.87 -61.39 -2.04
CA TYR G 18 25.84 -60.32 -2.10
C TYR G 18 27.22 -60.95 -1.93
N ARG G 19 27.80 -61.39 -3.04
CA ARG G 19 29.09 -62.06 -3.04
C ARG G 19 30.00 -61.45 -4.09
N ASP G 20 31.30 -61.42 -3.78
CA ASP G 20 32.33 -60.88 -4.68
C ASP G 20 32.08 -59.42 -5.03
N ASN G 21 31.52 -58.67 -4.06
CA ASN G 21 31.42 -57.23 -4.18
C ASN G 21 32.53 -56.59 -3.37
N PRO G 22 33.35 -55.71 -3.94
CA PRO G 22 34.37 -55.06 -3.15
C PRO G 22 33.91 -53.84 -2.33
N PHE G 23 32.61 -53.56 -2.21
CA PHE G 23 32.11 -52.52 -1.33
C PHE G 23 31.27 -53.05 -0.18
N ILE G 24 30.57 -54.16 -0.37
CA ILE G 24 29.78 -54.74 0.72
C ILE G 24 30.69 -55.23 1.83
N GLU G 25 31.76 -55.93 1.47
CA GLU G 25 32.62 -56.60 2.44
C GLU G 25 33.53 -55.62 3.18
N ALA G 26 33.76 -54.42 2.61
CA ALA G 26 34.72 -53.50 3.20
C ALA G 26 34.33 -53.08 4.61
N LEU G 27 33.05 -52.83 4.85
CA LEU G 27 32.60 -52.49 6.19
C LEU G 27 32.71 -53.72 7.10
N PRO G 28 33.06 -53.53 8.38
CA PRO G 28 33.16 -54.66 9.28
C PRO G 28 31.80 -55.31 9.50
N PRO G 29 31.75 -56.62 9.67
CA PRO G 29 30.45 -57.31 9.84
C PRO G 29 29.80 -56.95 11.16
N LEU G 30 28.46 -57.01 11.15
CA LEU G 30 27.70 -56.80 12.37
C LEU G 30 27.86 -58.00 13.31
N GLN G 31 27.75 -57.74 14.60
CA GLN G 31 27.94 -58.77 15.62
C GLN G 31 26.60 -59.06 16.30
N GLU G 32 26.62 -59.95 17.28
CA GLU G 32 25.40 -60.35 17.97
C GLU G 32 24.93 -59.23 18.91
N SER G 33 23.65 -59.26 19.27
CA SER G 33 22.98 -58.12 19.87
C SER G 33 23.56 -57.70 21.21
N VAL G 34 23.72 -58.66 22.15
CA VAL G 34 24.09 -58.28 23.51
C VAL G 34 25.53 -57.74 23.54
N ASN G 35 26.38 -58.23 22.63
CA ASN G 35 27.70 -57.62 22.47
C ASN G 35 27.60 -56.21 21.91
N SER G 36 26.68 -56.00 20.95
CA SER G 36 26.49 -54.66 20.40
C SER G 36 26.00 -53.69 21.46
N ALA G 37 25.12 -54.15 22.35
CA ALA G 37 24.76 -53.34 23.52
C ALA G 37 25.96 -53.11 24.41
N ALA G 38 26.78 -54.15 24.61
CA ALA G 38 28.03 -53.98 25.34
C ALA G 38 29.02 -53.14 24.55
N SER G 39 28.93 -53.19 23.22
CA SER G 39 29.80 -52.36 22.39
C SER G 39 29.45 -50.88 22.53
N LEU G 40 28.17 -50.57 22.78
CA LEU G 40 27.78 -49.17 22.89
C LEU G 40 28.14 -48.63 24.26
N LYS G 41 27.45 -49.14 25.30
CA LYS G 41 27.71 -48.94 26.74
C LYS G 41 28.40 -47.61 27.07
N SER G 42 29.68 -47.69 27.43
CA SER G 42 30.57 -46.53 27.61
C SER G 42 29.98 -45.51 28.59
N SER G 43 29.86 -45.95 29.83
CA SER G 43 29.45 -45.04 30.90
C SER G 43 30.65 -44.28 31.44
N LEU G 44 30.37 -43.21 32.18
CA LEU G 44 31.42 -42.43 32.81
C LEU G 44 32.14 -43.26 33.87
N GLN G 45 33.45 -43.09 33.95
CA GLN G 45 34.27 -43.79 34.92
C GLN G 45 34.62 -42.86 36.07
N LEU G 46 34.50 -43.37 37.29
CA LEU G 46 34.76 -42.61 38.50
C LEU G 46 36.18 -42.84 38.98
N THR G 47 36.59 -42.04 39.95
CA THR G 47 37.90 -42.18 40.59
C THR G 47 37.72 -41.98 42.09
N SER G 48 38.24 -42.93 42.87
CA SER G 48 38.10 -42.85 44.32
C SER G 48 38.84 -41.66 44.91
N SER G 49 40.01 -41.35 44.35
CA SER G 49 40.80 -40.22 44.86
C SER G 49 40.12 -38.89 44.59
N ASP G 50 39.35 -38.79 43.49
CA ASP G 50 38.71 -37.53 43.14
C ASP G 50 37.65 -37.13 44.16
N LEU G 51 37.04 -38.10 44.84
CA LEU G 51 35.99 -37.79 45.80
C LEU G 51 36.54 -37.06 47.03
N GLN G 52 37.83 -37.22 47.33
CA GLN G 52 38.49 -36.44 48.38
C GLN G 52 39.52 -35.53 47.70
N LYS G 53 39.03 -34.43 47.15
CA LYS G 53 39.87 -33.38 46.56
C LYS G 53 39.13 -32.06 46.71
N SER G 54 39.57 -31.04 45.94
CA SER G 54 38.85 -29.79 45.87
C SER G 54 37.51 -30.00 45.16
N ARG G 55 36.54 -29.15 45.49
CA ARG G 55 35.19 -29.34 44.99
C ARG G 55 34.99 -28.76 43.58
N VAL G 56 35.87 -27.90 43.10
CA VAL G 56 35.70 -27.35 41.76
C VAL G 56 35.98 -28.42 40.70
N ILE G 57 37.02 -29.22 40.90
CA ILE G 57 37.32 -30.33 39.99
C ILE G 57 36.17 -31.33 40.01
N ARG G 58 35.67 -31.63 41.20
CA ARG G 58 34.58 -32.59 41.33
C ARG G 58 33.32 -32.07 40.64
N ALA G 59 33.06 -30.76 40.75
CA ALA G 59 31.93 -30.16 40.05
C ALA G 59 32.07 -30.28 38.54
N HIS G 60 33.28 -30.02 38.02
CA HIS G 60 33.49 -30.13 36.57
C HIS G 60 33.31 -31.56 36.08
N THR G 61 33.87 -32.53 36.80
CA THR G 61 33.71 -33.91 36.34
C THR G 61 32.30 -34.45 36.56
N ILE G 62 31.51 -33.85 37.46
CA ILE G 62 30.09 -34.14 37.49
C ILE G 62 29.39 -33.53 36.28
N CYS G 63 29.76 -32.30 35.90
CA CYS G 63 29.20 -31.69 34.71
C CYS G 63 29.55 -32.46 33.44
N ARG G 64 30.61 -33.26 33.46
CA ARG G 64 30.98 -34.10 32.33
C ARG G 64 30.09 -35.32 32.14
N ILE G 65 29.04 -35.50 32.95
CA ILE G 65 28.20 -36.69 32.84
C ILE G 65 27.45 -36.81 31.52
N PRO G 66 26.66 -35.80 31.07
CA PRO G 66 25.73 -36.06 29.96
C PRO G 66 26.38 -36.48 28.66
N ASP G 67 27.59 -36.00 28.36
CA ASP G 67 28.29 -36.35 27.14
C ASP G 67 29.16 -37.58 27.28
N ASP G 68 29.16 -38.24 28.44
CA ASP G 68 30.03 -39.39 28.65
C ASP G 68 29.18 -40.59 29.09
N TYR G 69 28.04 -40.33 29.72
CA TYR G 69 27.16 -41.40 30.17
C TYR G 69 26.16 -41.74 29.06
N PHE G 70 26.19 -42.99 28.61
CA PHE G 70 25.27 -43.50 27.61
C PHE G 70 24.77 -44.86 28.06
N GLN G 71 23.48 -45.11 27.85
CA GLN G 71 22.87 -46.38 28.25
C GLN G 71 21.99 -46.88 27.11
N PRO G 72 22.34 -47.99 26.47
CA PRO G 72 21.51 -48.51 25.38
C PRO G 72 20.23 -49.15 25.91
N LEU G 73 19.12 -48.79 25.29
CA LEU G 73 17.81 -49.35 25.61
C LEU G 73 17.37 -50.24 24.44
N GLY G 74 16.42 -51.13 24.73
CA GLY G 74 16.07 -52.20 23.80
C GLY G 74 15.49 -51.75 22.48
N THR G 75 15.07 -50.48 22.38
CA THR G 75 14.55 -49.98 21.10
C THR G 75 15.67 -49.81 20.07
N HIS G 76 16.91 -49.58 20.53
CA HIS G 76 18.01 -49.32 19.62
C HIS G 76 18.39 -50.54 18.79
N LEU G 77 17.97 -51.74 19.20
CA LEU G 77 18.28 -52.96 18.45
C LEU G 77 17.67 -52.90 17.05
N LEU G 78 16.41 -52.46 16.95
CA LEU G 78 15.75 -52.38 15.66
C LEU G 78 16.44 -51.37 14.75
N LEU G 79 16.82 -50.21 15.30
CA LEU G 79 17.51 -49.20 14.51
C LEU G 79 18.87 -49.72 14.03
N SER G 80 19.59 -50.44 14.89
CA SER G 80 20.87 -51.01 14.50
C SER G 80 20.69 -52.02 13.37
N GLU G 81 19.68 -52.88 13.48
CA GLU G 81 19.44 -53.87 12.43
C GLU G 81 19.09 -53.19 11.11
N ARG G 82 18.22 -52.17 11.16
CA ARG G 82 17.82 -51.48 9.95
C ARG G 82 19.00 -50.77 9.29
N ILE G 83 19.82 -50.08 10.08
CA ILE G 83 20.94 -49.36 9.51
C ILE G 83 21.97 -50.34 8.95
N SER G 84 22.15 -51.49 9.62
CA SER G 84 23.12 -52.48 9.14
C SER G 84 22.69 -53.09 7.82
N VAL G 85 21.41 -53.43 7.67
CA VAL G 85 20.98 -53.98 6.39
C VAL G 85 20.96 -52.92 5.31
N MET G 86 20.58 -51.68 5.66
CA MET G 86 20.45 -50.64 4.65
C MET G 86 21.80 -50.19 4.09
N ILE G 87 22.82 -50.11 4.94
CA ILE G 87 24.10 -49.61 4.48
C ILE G 87 24.72 -50.56 3.46
N ARG G 88 24.51 -51.87 3.62
CA ARG G 88 24.95 -52.81 2.61
C ARG G 88 24.03 -52.78 1.38
N GLY G 89 22.73 -52.67 1.60
CA GLY G 89 21.80 -52.66 0.47
C GLY G 89 22.03 -51.51 -0.48
N GLY G 90 22.44 -50.36 0.06
CA GLY G 90 22.74 -49.22 -0.79
C GLY G 90 23.93 -49.47 -1.70
N TYR G 91 24.97 -50.13 -1.17
CA TYR G 91 26.16 -50.42 -1.97
C TYR G 91 26.02 -51.66 -2.83
N VAL G 92 24.93 -52.43 -2.65
CA VAL G 92 24.74 -53.66 -3.43
C VAL G 92 24.78 -53.38 -4.93
N GLY G 93 24.07 -52.34 -5.37
CA GLY G 93 23.81 -52.16 -6.78
C GLY G 93 24.92 -51.56 -7.63
N ARG G 94 26.10 -51.29 -7.07
CA ARG G 94 27.16 -50.58 -7.77
C ARG G 94 28.41 -51.42 -7.96
N ASN G 95 28.26 -52.72 -8.19
CA ASN G 95 29.43 -53.57 -8.38
C ASN G 95 30.10 -53.33 -9.74
N PRO G 96 31.42 -53.24 -9.79
CA PRO G 96 32.14 -53.09 -11.07
C PRO G 96 32.43 -54.44 -11.73
N LYS G 97 31.39 -55.25 -11.92
CA LYS G 97 31.54 -56.57 -12.52
C LYS G 97 30.24 -57.02 -13.18
N THR G 128 19.34 -51.22 -4.95
CA THR G 128 18.26 -51.83 -4.17
C THR G 128 18.19 -51.21 -2.78
N ALA G 129 17.28 -50.26 -2.62
CA ALA G 129 17.11 -49.57 -1.34
C ALA G 129 15.71 -48.99 -1.27
N GLN G 130 15.29 -48.64 -0.06
CA GLN G 130 13.98 -48.07 0.20
C GLN G 130 14.13 -46.82 1.08
N SER G 131 12.99 -46.21 1.40
CA SER G 131 12.95 -44.98 2.18
C SER G 131 12.31 -45.21 3.53
N LEU G 132 12.82 -44.54 4.55
CA LEU G 132 12.29 -44.65 5.90
C LEU G 132 12.66 -43.39 6.67
N LEU G 133 11.95 -43.15 7.77
CA LEU G 133 12.20 -41.98 8.60
C LEU G 133 11.96 -42.35 10.06
N LEU G 134 12.63 -41.62 10.95
CA LEU G 134 12.50 -41.82 12.39
C LEU G 134 12.00 -40.51 12.99
N ILE G 135 10.96 -40.60 13.82
CA ILE G 135 10.37 -39.45 14.48
C ILE G 135 10.32 -39.70 15.98
N GLY G 136 10.86 -38.77 16.75
CA GLY G 136 10.86 -38.88 18.20
C GLY G 136 10.91 -37.52 18.85
N CYS G 137 10.46 -37.46 20.09
CA CYS G 137 10.30 -36.19 20.79
C CYS G 137 11.64 -35.50 20.99
N SER G 138 11.62 -34.17 20.94
CA SER G 138 12.83 -33.37 21.14
C SER G 138 13.39 -33.56 22.53
N GLY G 139 14.59 -34.10 22.63
CA GLY G 139 15.17 -34.48 23.90
C GLY G 139 15.12 -35.94 24.22
N SER G 140 14.69 -36.78 23.28
CA SER G 140 14.72 -38.23 23.45
C SER G 140 16.08 -38.83 23.11
N GLY G 141 17.06 -38.01 22.79
CA GLY G 141 18.39 -38.50 22.45
C GLY G 141 18.48 -39.29 21.17
N LYS G 142 17.81 -38.84 20.12
CA LYS G 142 17.83 -39.51 18.83
C LYS G 142 18.93 -38.99 17.91
N THR G 143 19.64 -37.93 18.31
CA THR G 143 20.77 -37.44 17.54
C THR G 143 22.09 -38.06 17.99
N THR G 144 22.27 -38.27 19.29
CA THR G 144 23.49 -38.92 19.76
C THR G 144 23.44 -40.43 19.57
N SER G 145 22.25 -41.04 19.67
CA SER G 145 22.16 -42.48 19.53
C SER G 145 22.50 -42.93 18.11
N LEU G 146 21.96 -42.25 17.10
CA LEU G 146 22.25 -42.62 15.73
C LEU G 146 23.72 -42.40 15.39
N HIS G 147 24.32 -41.33 15.93
CA HIS G 147 25.75 -41.11 15.77
C HIS G 147 26.56 -42.23 16.42
N ARG G 148 26.14 -42.66 17.61
CA ARG G 148 26.82 -43.76 18.30
C ARG G 148 26.74 -45.04 17.48
N ILE G 149 25.58 -45.31 16.87
CA ILE G 149 25.43 -46.49 16.03
C ILE G 149 26.35 -46.40 14.81
N LEU G 150 26.37 -45.24 14.15
CA LEU G 150 27.20 -45.10 12.97
C LEU G 150 28.69 -45.03 13.29
N ALA G 151 29.06 -44.80 14.56
CA ALA G 151 30.46 -44.67 14.91
C ALA G 151 31.26 -45.95 14.72
N THR G 152 30.60 -47.11 14.70
CA THR G 152 31.34 -48.36 14.55
C THR G 152 31.85 -48.55 13.12
N TYR G 153 31.18 -47.97 12.14
CA TYR G 153 31.67 -48.03 10.76
C TYR G 153 32.73 -46.96 10.54
N PRO G 154 33.91 -47.32 10.03
CA PRO G 154 34.89 -46.29 9.63
C PRO G 154 34.33 -45.45 8.51
N GLN G 155 34.41 -44.12 8.66
CA GLN G 155 33.66 -43.21 7.80
C GLN G 155 34.13 -43.29 6.35
N VAL G 156 35.44 -43.39 6.12
CA VAL G 156 35.99 -43.43 4.77
C VAL G 156 36.94 -44.62 4.65
N ILE G 157 36.75 -45.39 3.58
CA ILE G 157 37.59 -46.53 3.24
C ILE G 157 38.26 -46.20 1.92
N TYR G 158 39.40 -46.84 1.65
CA TYR G 158 40.14 -46.58 0.42
C TYR G 158 40.58 -47.90 -0.21
N HIS G 159 40.56 -47.95 -1.54
CA HIS G 159 40.97 -49.12 -2.30
C HIS G 159 42.20 -48.78 -3.13
N ARG G 160 43.17 -49.69 -3.14
CA ARG G 160 44.36 -49.52 -3.95
C ARG G 160 44.21 -50.12 -5.34
N GLU G 161 43.48 -51.22 -5.47
CA GLU G 161 43.28 -51.84 -6.77
C GLU G 161 42.40 -50.96 -7.66
N LEU G 162 41.40 -50.31 -7.08
CA LEU G 162 40.51 -49.42 -7.81
C LEU G 162 40.59 -48.03 -7.18
N ASN G 163 40.75 -47.01 -8.03
CA ASN G 163 40.93 -45.63 -7.57
C ASN G 163 39.57 -45.00 -7.25
N VAL G 164 39.00 -45.43 -6.12
CA VAL G 164 37.72 -44.93 -5.63
C VAL G 164 37.86 -44.65 -4.13
N GLU G 165 37.46 -43.46 -3.71
CA GLU G 165 37.51 -43.06 -2.30
C GLU G 165 36.11 -43.13 -1.72
N GLN G 166 35.74 -44.33 -1.25
CA GLN G 166 34.38 -44.55 -0.77
C GLN G 166 34.17 -43.91 0.59
N VAL G 167 33.03 -43.23 0.74
CA VAL G 167 32.55 -42.72 2.02
C VAL G 167 31.27 -43.46 2.36
N VAL G 168 31.16 -43.94 3.61
CA VAL G 168 30.09 -44.87 3.93
C VAL G 168 28.90 -44.16 4.56
N TYR G 169 29.15 -43.04 5.26
CA TYR G 169 28.07 -42.29 5.87
C TYR G 169 28.52 -40.85 6.06
N LEU G 170 27.59 -39.91 5.88
CA LEU G 170 27.90 -38.51 5.99
C LEU G 170 26.72 -37.76 6.58
N LYS G 171 27.02 -36.69 7.31
CA LYS G 171 26.02 -35.92 8.03
C LYS G 171 25.87 -34.53 7.40
N ILE G 172 24.62 -34.13 7.22
CA ILE G 172 24.25 -32.77 6.82
C ILE G 172 23.03 -32.36 7.63
N ASP G 173 22.60 -31.12 7.44
CA ASP G 173 21.37 -30.65 8.07
C ASP G 173 20.72 -29.57 7.21
N CYS G 174 19.39 -29.52 7.26
CA CYS G 174 18.64 -28.42 6.68
C CYS G 174 18.37 -27.40 7.78
N SER G 175 18.65 -26.13 7.49
CA SER G 175 18.64 -25.12 8.53
C SER G 175 18.23 -23.77 7.95
N HIS G 176 17.88 -22.85 8.85
CA HIS G 176 17.41 -21.50 8.53
C HIS G 176 16.17 -21.66 7.63
N ASN G 177 16.13 -21.04 6.46
CA ASN G 177 15.01 -21.21 5.55
C ASN G 177 15.09 -22.54 4.80
N GLY G 178 13.96 -22.95 4.23
CA GLY G 178 13.93 -24.14 3.42
C GLY G 178 14.29 -23.86 1.97
N SER G 179 15.47 -23.32 1.73
CA SER G 179 15.93 -22.95 0.41
C SER G 179 17.07 -23.88 0.00
N LEU G 180 17.00 -24.38 -1.23
CA LEU G 180 17.88 -25.47 -1.67
C LEU G 180 19.34 -25.05 -1.81
N LYS G 181 19.64 -23.75 -1.74
CA LYS G 181 21.01 -23.32 -1.99
C LYS G 181 21.95 -23.79 -0.90
N GLU G 182 21.49 -23.81 0.36
CA GLU G 182 22.37 -24.13 1.47
C GLU G 182 22.41 -25.63 1.78
N ILE G 183 21.27 -26.32 1.66
CA ILE G 183 21.26 -27.76 1.87
C ILE G 183 22.09 -28.46 0.79
N CYS G 184 22.07 -27.95 -0.44
CA CYS G 184 23.00 -28.45 -1.44
C CYS G 184 24.45 -28.14 -1.06
N LEU G 185 24.68 -27.06 -0.32
CA LEU G 185 26.01 -26.67 0.10
C LEU G 185 26.44 -27.34 1.40
N ASN G 186 25.48 -27.85 2.19
CA ASN G 186 25.84 -28.61 3.38
C ASN G 186 26.58 -29.89 3.01
N PHE G 187 26.19 -30.53 1.91
CA PHE G 187 26.91 -31.71 1.43
C PHE G 187 28.31 -31.34 0.96
N PHE G 188 28.47 -30.15 0.39
CA PHE G 188 29.79 -29.69 -0.04
C PHE G 188 30.70 -29.50 1.17
N ARG G 189 30.19 -28.83 2.20
CA ARG G 189 30.96 -28.69 3.44
C ARG G 189 31.20 -30.03 4.10
N ALA G 190 30.27 -30.97 3.92
CA ALA G 190 30.44 -32.30 4.48
C ALA G 190 31.60 -33.04 3.83
N LEU G 191 31.73 -32.93 2.51
CA LEU G 191 32.90 -33.52 1.86
C LEU G 191 34.17 -32.75 2.22
N ASP G 192 34.06 -31.44 2.45
CA ASP G 192 35.23 -30.68 2.88
C ASP G 192 35.73 -31.16 4.24
N ARG G 193 34.82 -31.47 5.15
CA ARG G 193 35.21 -31.99 6.45
C ARG G 193 35.67 -33.43 6.38
N ALA G 194 34.98 -34.26 5.58
CA ALA G 194 35.29 -35.68 5.53
C ALA G 194 36.59 -35.94 4.75
N LEU G 195 36.75 -35.28 3.61
CA LEU G 195 37.93 -35.44 2.78
C LEU G 195 38.75 -34.16 2.81
N GLY G 196 40.07 -34.32 2.93
CA GLY G 196 40.95 -33.18 3.10
C GLY G 196 41.25 -32.41 1.82
N SER G 197 40.22 -32.12 1.03
CA SER G 197 40.35 -31.31 -0.16
C SER G 197 39.26 -30.26 -0.20
N ASN G 198 39.60 -29.07 -0.69
CA ASN G 198 38.67 -27.95 -0.72
C ASN G 198 37.83 -28.03 -1.99
N TYR G 199 36.82 -28.92 -1.93
CA TYR G 199 35.89 -29.04 -3.06
C TYR G 199 35.02 -27.81 -3.19
N GLU G 200 34.48 -27.31 -2.07
CA GLU G 200 33.46 -26.26 -2.16
C GLU G 200 34.04 -24.89 -2.48
N ARG G 201 35.33 -24.67 -2.23
CA ARG G 201 35.97 -23.44 -2.74
C ARG G 201 36.01 -23.44 -4.27
N ARG G 202 36.47 -24.54 -4.87
CA ARG G 202 36.63 -24.57 -6.32
C ARG G 202 35.29 -24.64 -7.04
N TYR G 203 34.36 -25.42 -6.52
CA TYR G 203 33.04 -25.57 -7.12
C TYR G 203 31.97 -25.21 -6.10
N GLY G 204 31.03 -24.35 -6.50
CA GLY G 204 29.90 -23.98 -5.68
C GLY G 204 30.03 -22.63 -4.99
N LEU G 205 31.24 -22.25 -4.59
CA LEU G 205 31.43 -20.95 -3.94
C LEU G 205 31.17 -19.81 -4.91
N LYS G 206 31.56 -19.96 -6.17
CA LYS G 206 31.31 -18.96 -7.17
C LYS G 206 29.82 -18.94 -7.53
N ARG G 207 29.42 -17.89 -8.25
CA ARG G 207 28.04 -17.76 -8.71
C ARG G 207 27.68 -18.92 -9.63
N HIS G 208 26.76 -19.78 -9.20
CA HIS G 208 26.52 -21.04 -9.90
C HIS G 208 25.02 -21.29 -9.89
N GLY G 209 24.50 -21.77 -11.01
CA GLY G 209 23.06 -21.80 -11.20
C GLY G 209 22.35 -22.73 -10.22
N ILE G 210 21.16 -22.32 -9.79
CA ILE G 210 20.40 -23.09 -8.81
C ILE G 210 19.86 -24.38 -9.43
N GLU G 211 19.34 -24.31 -10.65
CA GLU G 211 18.82 -25.51 -11.30
C GLU G 211 19.91 -26.51 -11.62
N THR G 212 21.17 -26.08 -11.62
CA THR G 212 22.31 -26.97 -11.87
C THR G 212 23.15 -27.19 -10.62
N MET G 213 22.67 -26.77 -9.44
CA MET G 213 23.27 -27.21 -8.19
C MET G 213 23.08 -28.72 -8.01
N LEU G 214 21.89 -29.22 -8.36
CA LEU G 214 21.59 -30.63 -8.20
C LEU G 214 22.54 -31.49 -9.04
N ALA G 215 22.79 -31.09 -10.29
CA ALA G 215 23.64 -31.88 -11.17
C ALA G 215 25.07 -31.95 -10.65
N LEU G 216 25.62 -30.81 -10.23
CA LEU G 216 26.98 -30.78 -9.72
C LEU G 216 27.09 -31.60 -8.44
N MET G 217 26.13 -31.44 -7.53
CA MET G 217 26.17 -32.19 -6.28
C MET G 217 26.04 -33.69 -6.52
N SER G 218 25.14 -34.09 -7.43
CA SER G 218 24.98 -35.51 -7.73
C SER G 218 26.22 -36.09 -8.39
N GLN G 219 26.85 -35.33 -9.30
CA GLN G 219 28.08 -35.80 -9.93
C GLN G 219 29.20 -35.96 -8.91
N ILE G 220 29.37 -34.98 -8.02
CA ILE G 220 30.44 -35.06 -7.03
C ILE G 220 30.18 -36.20 -6.05
N ALA G 221 28.91 -36.42 -5.68
CA ALA G 221 28.57 -37.56 -4.86
C ALA G 221 28.79 -38.88 -5.59
N ASN G 222 28.68 -38.86 -6.92
CA ASN G 222 28.94 -40.07 -7.70
C ASN G 222 30.43 -40.36 -7.82
N ALA G 223 31.27 -39.30 -7.80
CA ALA G 223 32.71 -39.50 -7.96
C ALA G 223 33.28 -40.33 -6.81
N HIS G 224 32.88 -40.02 -5.59
CA HIS G 224 33.25 -40.79 -4.41
C HIS G 224 31.99 -41.54 -3.96
N VAL G 225 31.97 -42.86 -4.17
CA VAL G 225 30.75 -43.61 -3.96
C VAL G 225 30.31 -43.52 -2.51
N LEU G 226 29.03 -43.21 -2.31
CA LEU G 226 28.49 -42.93 -1.00
C LEU G 226 27.20 -43.74 -0.81
N GLY G 227 27.02 -44.25 0.41
CA GLY G 227 25.91 -45.16 0.64
C GLY G 227 24.87 -44.64 1.62
N LEU G 228 25.17 -43.57 2.33
CA LEU G 228 24.24 -43.04 3.33
C LEU G 228 24.54 -41.56 3.56
N LEU G 229 23.57 -40.71 3.23
CA LEU G 229 23.64 -39.29 3.53
C LEU G 229 22.66 -39.01 4.67
N VAL G 230 23.17 -38.77 5.86
CA VAL G 230 22.35 -38.54 7.04
C VAL G 230 21.99 -37.07 7.13
N ILE G 231 20.70 -36.78 7.21
CA ILE G 231 20.20 -35.43 7.44
C ILE G 231 19.32 -35.45 8.68
N ASP G 232 19.58 -34.52 9.60
CA ASP G 232 18.77 -34.37 10.80
C ASP G 232 18.09 -33.00 10.77
N GLU G 233 17.35 -32.71 11.84
CA GLU G 233 16.70 -31.41 12.02
C GLU G 233 15.77 -31.08 10.86
N ILE G 234 14.94 -32.06 10.49
CA ILE G 234 14.06 -31.93 9.33
C ILE G 234 12.83 -31.08 9.61
N GLN G 235 12.64 -30.65 10.86
CA GLN G 235 11.57 -29.70 11.16
C GLN G 235 11.81 -28.36 10.47
N HIS G 236 13.04 -28.10 10.03
CA HIS G 236 13.38 -26.85 9.36
C HIS G 236 12.89 -26.86 7.91
N LEU G 237 11.58 -27.05 7.76
CA LEU G 237 10.91 -27.04 6.46
C LEU G 237 9.65 -26.20 6.62
N SER G 238 9.78 -24.90 6.38
CA SER G 238 8.68 -23.96 6.53
C SER G 238 8.94 -22.67 5.78
N SER G 245 10.29 -25.51 0.16
CA SER G 245 9.22 -26.14 0.91
C SER G 245 8.95 -27.55 0.39
N GLN G 246 7.95 -27.67 -0.48
CA GLN G 246 7.65 -28.96 -1.10
C GLN G 246 8.66 -29.31 -2.18
N GLU G 247 9.25 -28.31 -2.84
CA GLU G 247 10.30 -28.59 -3.81
C GLU G 247 11.59 -29.04 -3.14
N MET G 248 11.73 -28.78 -1.84
CA MET G 248 12.81 -29.38 -1.07
C MET G 248 12.70 -30.90 -1.06
N LEU G 249 11.47 -31.41 -0.90
CA LEU G 249 11.24 -32.85 -0.94
C LEU G 249 11.60 -33.43 -2.29
N ASN G 250 11.29 -32.71 -3.38
CA ASN G 250 11.54 -33.21 -4.72
C ASN G 250 13.00 -33.50 -4.96
N PHE G 251 13.90 -32.79 -4.28
CA PHE G 251 15.31 -33.13 -4.35
C PHE G 251 15.60 -34.45 -3.65
N PHE G 252 15.02 -34.65 -2.46
CA PHE G 252 15.35 -35.82 -1.66
C PHE G 252 14.59 -37.05 -2.09
N VAL G 253 13.29 -36.91 -2.41
CA VAL G 253 12.50 -38.08 -2.77
C VAL G 253 12.94 -38.64 -4.12
N THR G 254 13.34 -37.76 -5.05
CA THR G 254 13.81 -38.24 -6.35
C THR G 254 15.19 -38.88 -6.25
N MET G 255 16.02 -38.42 -5.30
CA MET G 255 17.34 -39.00 -5.12
C MET G 255 17.25 -40.44 -4.65
N VAL G 256 16.26 -40.76 -3.80
CA VAL G 256 16.22 -42.08 -3.18
C VAL G 256 15.41 -43.08 -4.02
N ASN G 257 14.46 -42.62 -4.82
CA ASN G 257 13.60 -43.56 -5.52
C ASN G 257 14.16 -43.98 -6.88
N ILE G 258 14.72 -43.05 -7.65
CA ILE G 258 15.23 -43.38 -8.97
C ILE G 258 16.48 -44.25 -8.85
N ILE G 259 17.42 -43.84 -8.01
CA ILE G 259 18.65 -44.59 -7.79
C ILE G 259 18.74 -44.97 -6.32
N GLY G 260 19.55 -45.99 -6.04
CA GLY G 260 19.65 -46.45 -4.67
C GLY G 260 20.78 -45.78 -3.91
N VAL G 261 20.44 -44.68 -3.24
CA VAL G 261 21.31 -43.97 -2.29
C VAL G 261 20.46 -43.64 -1.06
N PRO G 262 20.13 -44.63 -0.24
CA PRO G 262 19.12 -44.43 0.80
C PRO G 262 19.51 -43.36 1.80
N VAL G 263 18.51 -42.58 2.22
CA VAL G 263 18.70 -41.42 3.08
C VAL G 263 17.76 -41.55 4.27
N MET G 264 18.33 -41.55 5.47
CA MET G 264 17.54 -41.48 6.69
C MET G 264 17.43 -40.05 7.16
N LEU G 265 16.20 -39.61 7.43
CA LEU G 265 15.92 -38.26 7.90
C LEU G 265 15.16 -38.36 9.22
N ILE G 266 15.54 -37.53 10.19
CA ILE G 266 15.01 -37.62 11.54
C ILE G 266 14.49 -36.26 11.97
N GLY G 267 13.39 -36.29 12.73
CA GLY G 267 12.76 -35.06 13.20
C GLY G 267 11.80 -35.32 14.33
N THR G 268 11.38 -34.24 14.97
CA THR G 268 10.47 -34.30 16.11
C THR G 268 9.01 -34.39 15.65
N PRO G 269 8.10 -34.83 16.52
CA PRO G 269 6.69 -34.96 16.12
C PRO G 269 6.01 -33.66 15.72
N LYS G 270 6.64 -32.50 15.90
CA LYS G 270 6.10 -31.31 15.25
C LYS G 270 6.24 -31.39 13.74
N ALA G 271 7.12 -32.26 13.25
CA ALA G 271 7.23 -32.56 11.84
C ALA G 271 6.38 -33.75 11.43
N ARG G 272 5.35 -34.09 12.23
CA ARG G 272 4.41 -35.11 11.82
C ARG G 272 3.49 -34.65 10.71
N GLU G 273 3.46 -33.35 10.44
CA GLU G 273 2.64 -32.79 9.37
C GLU G 273 3.37 -32.70 8.04
N ILE G 274 4.66 -33.02 8.00
CA ILE G 274 5.42 -32.85 6.76
C ILE G 274 5.46 -34.12 5.92
N PHE G 275 5.25 -35.29 6.52
CA PHE G 275 5.35 -36.54 5.77
C PHE G 275 4.00 -36.99 5.21
N GLU G 276 2.93 -36.26 5.45
CA GLU G 276 1.62 -36.57 4.87
C GLU G 276 1.53 -35.85 3.52
N ALA G 277 1.22 -36.62 2.47
CA ALA G 277 1.12 -36.06 1.13
C ALA G 277 0.07 -36.78 0.30
N GLY G 289 2.95 -48.64 13.32
CA GLY G 289 3.84 -49.51 12.60
C GLY G 289 5.23 -48.94 12.41
N ALA G 290 5.30 -47.63 12.13
CA ALA G 290 6.57 -46.96 11.92
C ALA G 290 7.29 -46.75 13.25
N ILE G 291 8.57 -46.40 13.15
CA ILE G 291 9.42 -46.28 14.32
C ILE G 291 9.17 -44.94 15.00
N PHE G 292 8.80 -44.98 16.28
CA PHE G 292 8.60 -43.79 17.09
C PHE G 292 9.06 -44.08 18.50
N TRP G 293 9.68 -43.10 19.15
CA TRP G 293 10.10 -43.22 20.54
C TRP G 293 9.27 -42.28 21.40
N ASP G 294 8.45 -42.85 22.26
CA ASP G 294 7.71 -42.08 23.26
C ASP G 294 8.49 -41.97 24.56
N PRO G 295 8.16 -40.99 25.40
CA PRO G 295 8.79 -40.92 26.72
C PRO G 295 8.52 -42.17 27.53
N ILE G 296 9.52 -42.59 28.30
CA ILE G 296 9.42 -43.82 29.08
C ILE G 296 8.37 -43.64 30.17
N GLN G 297 7.59 -44.69 30.41
CA GLN G 297 6.43 -44.63 31.28
C GLN G 297 6.78 -45.08 32.69
N GLN G 298 5.79 -44.94 33.59
CA GLN G 298 5.92 -45.48 34.94
C GLN G 298 6.08 -46.99 34.92
N THR G 299 5.24 -47.67 34.14
CA THR G 299 5.29 -49.12 34.03
C THR G 299 4.55 -49.54 32.77
N GLN G 300 5.08 -50.54 32.07
CA GLN G 300 4.39 -51.06 30.90
C GLN G 300 3.19 -51.90 31.30
N ARG G 301 3.35 -52.78 32.28
CA ARG G 301 2.28 -53.61 32.79
C ARG G 301 2.19 -53.48 34.31
N GLY G 302 1.43 -54.36 34.97
CA GLY G 302 1.36 -54.34 36.42
C GLY G 302 2.72 -54.52 37.07
N LYS G 303 3.53 -55.43 36.54
CA LYS G 303 4.91 -55.55 36.98
C LYS G 303 5.72 -54.36 36.47
N PRO G 304 6.54 -53.74 37.32
CA PRO G 304 7.36 -52.61 36.86
C PRO G 304 8.33 -53.03 35.77
N ASN G 305 8.45 -52.20 34.74
CA ASN G 305 9.35 -52.48 33.63
C ASN G 305 10.82 -52.29 34.05
N GLN G 306 11.69 -53.08 33.44
CA GLN G 306 13.10 -53.11 33.85
C GLN G 306 13.94 -52.04 33.18
N GLU G 307 13.46 -51.44 32.09
CA GLU G 307 14.30 -50.49 31.34
C GLU G 307 14.57 -49.23 32.14
N TRP G 308 13.52 -48.63 32.70
CA TRP G 308 13.71 -47.38 33.44
C TRP G 308 14.48 -47.66 34.73
N ILE G 309 14.21 -48.81 35.36
CA ILE G 309 14.92 -49.18 36.58
C ILE G 309 16.41 -49.32 36.30
N ALA G 310 16.77 -50.00 35.20
CA ALA G 310 18.17 -50.15 34.84
C ALA G 310 18.81 -48.81 34.54
N PHE G 311 18.09 -47.94 33.79
CA PHE G 311 18.61 -46.62 33.46
C PHE G 311 18.89 -45.82 34.73
N THR G 312 17.93 -45.79 35.65
CA THR G 312 18.08 -45.00 36.86
C THR G 312 19.15 -45.56 37.78
N ASP G 313 19.24 -46.89 37.89
CA ASP G 313 20.30 -47.47 38.71
C ASP G 313 21.68 -47.16 38.15
N ASN G 314 21.84 -47.31 36.84
CA ASN G 314 23.14 -47.04 36.22
C ASN G 314 23.51 -45.57 36.35
N LEU G 315 22.53 -44.67 36.20
CA LEU G 315 22.80 -43.24 36.38
C LEU G 315 23.10 -42.93 37.85
N TRP G 316 22.42 -43.63 38.77
CA TRP G 316 22.62 -43.43 40.21
C TRP G 316 23.99 -43.90 40.64
N GLN G 317 24.58 -44.85 39.93
CA GLN G 317 25.95 -45.28 40.25
C GLN G 317 26.94 -44.14 40.14
N LEU G 318 26.65 -43.15 39.29
CA LEU G 318 27.54 -42.00 39.11
C LEU G 318 27.16 -40.94 40.13
N GLN G 319 27.89 -40.90 41.25
CA GLN G 319 27.76 -39.83 42.23
C GLN G 319 29.14 -39.52 42.78
N LEU G 320 29.40 -38.26 43.02
CA LEU G 320 30.66 -37.83 43.61
C LEU G 320 30.40 -36.98 44.85
N LEU G 321 29.49 -37.43 45.70
CA LEU G 321 29.20 -36.77 46.97
C LEU G 321 29.80 -37.59 48.10
N GLN G 322 30.31 -36.90 49.13
CA GLN G 322 31.00 -37.57 50.22
C GLN G 322 30.04 -38.45 51.03
N ARG G 323 28.91 -37.90 51.45
CA ARG G 323 27.92 -38.66 52.20
C ARG G 323 26.85 -39.23 51.28
N LYS G 324 27.28 -39.95 50.26
CA LYS G 324 26.35 -40.57 49.32
C LYS G 324 25.85 -41.90 49.87
N ASP G 325 24.60 -42.22 49.53
CA ASP G 325 23.97 -43.47 49.94
C ASP G 325 24.01 -44.44 48.78
N ALA G 326 24.65 -45.61 49.00
CA ALA G 326 24.73 -46.61 47.95
C ALA G 326 23.36 -47.16 47.58
N LEU G 327 22.53 -47.42 48.58
CA LEU G 327 21.17 -47.88 48.33
C LEU G 327 20.31 -46.73 47.82
N LEU G 328 19.35 -47.07 46.95
CA LEU G 328 18.43 -46.11 46.37
C LEU G 328 17.01 -46.50 46.77
N SER G 329 16.37 -45.65 47.57
CA SER G 329 14.98 -45.87 47.94
C SER G 329 14.08 -45.66 46.73
N ASP G 330 12.96 -46.38 46.72
CA ASP G 330 12.02 -46.28 45.60
C ASP G 330 11.36 -44.90 45.56
N GLU G 331 11.25 -44.23 46.70
CA GLU G 331 10.58 -42.92 46.74
C GLU G 331 11.38 -41.87 45.98
N VAL G 332 12.71 -41.86 46.13
CA VAL G 332 13.53 -40.88 45.44
C VAL G 332 13.54 -41.15 43.94
N ARG G 333 13.56 -42.41 43.54
CA ARG G 333 13.50 -42.74 42.12
C ARG G 333 12.14 -42.39 41.52
N ASP G 334 11.07 -42.57 42.30
CA ASP G 334 9.72 -42.33 41.78
C ASP G 334 9.49 -40.85 41.47
N VAL G 335 10.01 -39.95 42.32
CA VAL G 335 9.79 -38.52 42.10
C VAL G 335 10.62 -37.96 40.96
N TRP G 336 11.52 -38.76 40.37
CA TRP G 336 12.15 -38.35 39.12
C TRP G 336 11.09 -38.18 38.04
N TYR G 337 10.20 -39.16 37.91
CA TYR G 337 9.15 -39.12 36.89
C TYR G 337 8.20 -37.96 37.12
N GLU G 338 7.99 -37.58 38.39
CA GLU G 338 7.19 -36.40 38.69
C GLU G 338 7.84 -35.13 38.13
N LEU G 339 9.16 -35.12 38.00
CA LEU G 339 9.89 -33.94 37.54
C LEU G 339 10.59 -34.16 36.21
N SER G 340 10.51 -35.35 35.63
CA SER G 340 11.14 -35.60 34.35
C SER G 340 10.18 -36.14 33.30
N GLN G 341 9.15 -36.86 33.72
CA GLN G 341 8.07 -37.38 32.87
C GLN G 341 8.57 -38.36 31.81
N GLY G 342 9.76 -38.93 31.97
CA GLY G 342 10.20 -40.02 31.14
C GLY G 342 10.99 -39.64 29.91
N VAL G 343 11.10 -38.36 29.59
CA VAL G 343 11.94 -37.95 28.47
C VAL G 343 13.41 -38.09 28.87
N MET G 344 14.23 -38.50 27.91
CA MET G 344 15.59 -38.95 28.25
C MET G 344 16.48 -37.80 28.72
N ASP G 345 16.40 -36.64 28.06
CA ASP G 345 17.35 -35.56 28.35
C ASP G 345 17.11 -34.97 29.74
N ILE G 346 15.85 -34.77 30.11
CA ILE G 346 15.54 -34.06 31.34
C ILE G 346 15.97 -34.87 32.57
N VAL G 347 15.94 -36.20 32.47
CA VAL G 347 16.38 -37.04 33.59
C VAL G 347 17.84 -36.73 33.94
N VAL G 348 18.71 -36.79 32.92
CA VAL G 348 20.14 -36.57 33.16
C VAL G 348 20.40 -35.11 33.51
N LYS G 349 19.68 -34.19 32.87
CA LYS G 349 19.86 -32.77 33.16
C LYS G 349 19.55 -32.47 34.62
N LEU G 350 18.41 -32.98 35.09
CA LEU G 350 17.99 -32.80 36.48
C LEU G 350 18.97 -33.46 37.43
N PHE G 351 19.48 -34.64 37.07
CA PHE G 351 20.44 -35.34 37.93
C PHE G 351 21.72 -34.54 38.12
N VAL G 352 22.26 -34.02 37.01
CA VAL G 352 23.50 -33.24 37.06
C VAL G 352 23.28 -31.95 37.86
N LEU G 353 22.13 -31.29 37.63
CA LEU G 353 21.83 -30.08 38.38
C LEU G 353 21.68 -30.37 39.87
N ALA G 354 21.07 -31.51 40.20
CA ALA G 354 20.88 -31.87 41.61
C ALA G 354 22.22 -32.10 42.30
N GLN G 355 23.13 -32.86 41.68
CA GLN G 355 24.44 -33.04 42.30
C GLN G 355 25.22 -31.74 42.36
N LEU G 356 25.10 -30.88 41.35
CA LEU G 356 25.84 -29.62 41.40
C LEU G 356 25.30 -28.74 42.52
N ARG G 357 23.99 -28.73 42.74
CA ARG G 357 23.42 -27.96 43.85
C ARG G 357 23.87 -28.53 45.18
N ALA G 358 23.83 -29.86 45.33
CA ALA G 358 24.19 -30.49 46.61
C ALA G 358 25.65 -30.27 46.94
N LEU G 359 26.53 -30.33 45.93
CA LEU G 359 27.96 -30.18 46.17
C LEU G 359 28.32 -28.79 46.68
N ALA G 360 27.51 -27.78 46.35
CA ALA G 360 27.81 -26.41 46.72
C ALA G 360 26.90 -25.86 47.82
N LEU G 361 25.81 -26.54 48.14
CA LEU G 361 24.89 -26.02 49.16
C LEU G 361 25.49 -26.11 50.55
N GLY G 362 26.46 -27.00 50.77
CA GLY G 362 27.02 -27.25 52.07
C GLY G 362 26.46 -28.48 52.76
N ASN G 363 25.28 -28.93 52.35
CA ASN G 363 24.70 -30.20 52.79
C ASN G 363 24.86 -31.16 51.63
N GLU G 364 26.03 -31.82 51.56
CA GLU G 364 26.40 -32.64 50.41
C GLU G 364 25.65 -33.98 50.43
N ARG G 365 24.32 -33.87 50.36
CA ARG G 365 23.44 -35.02 50.32
C ARG G 365 22.31 -34.73 49.34
N ILE G 366 21.78 -35.79 48.72
CA ILE G 366 20.71 -35.68 47.74
C ILE G 366 19.42 -36.20 48.38
N THR G 367 18.32 -35.49 48.14
CA THR G 367 17.01 -35.89 48.64
C THR G 367 15.94 -35.41 47.69
N ALA G 368 14.71 -35.88 47.90
CA ALA G 368 13.60 -35.52 47.04
C ALA G 368 13.25 -34.04 47.15
N GLY G 369 13.36 -33.46 48.35
CA GLY G 369 13.09 -32.05 48.50
C GLY G 369 14.06 -31.18 47.75
N LEU G 370 15.35 -31.52 47.80
CA LEU G 370 16.35 -30.82 47.01
C LEU G 370 16.09 -30.97 45.52
N LEU G 371 15.64 -32.16 45.12
CA LEU G 371 15.31 -32.41 43.73
C LEU G 371 14.15 -31.53 43.25
N ARG G 372 13.12 -31.41 44.09
CA ARG G 372 11.98 -30.55 43.75
C ARG G 372 12.39 -29.09 43.72
N GLN G 373 13.25 -28.67 44.65
CA GLN G 373 13.75 -27.29 44.64
C GLN G 373 14.54 -27.00 43.37
N VAL G 374 15.38 -27.94 42.95
CA VAL G 374 16.15 -27.78 41.72
C VAL G 374 15.22 -27.70 40.51
N TYR G 375 14.20 -28.57 40.47
CA TYR G 375 13.26 -28.52 39.35
C TYR G 375 12.50 -27.20 39.31
N GLN G 376 12.10 -26.68 40.47
CA GLN G 376 11.40 -25.40 40.50
C GLN G 376 12.32 -24.22 40.19
N ASP G 377 13.62 -24.37 40.43
CA ASP G 377 14.53 -23.23 40.32
C ASP G 377 15.01 -22.99 38.90
N GLU G 378 15.54 -24.01 38.22
CA GLU G 378 16.20 -23.82 36.94
C GLU G 378 15.58 -24.61 35.80
N LEU G 379 14.29 -24.95 35.89
CA LEU G 379 13.61 -25.61 34.79
C LEU G 379 12.30 -24.91 34.47
N LYS G 380 12.21 -23.63 34.77
CA LYS G 380 10.99 -22.85 34.57
C LYS G 380 10.57 -22.72 33.10
N PRO G 381 11.46 -22.46 32.14
CA PRO G 381 11.00 -22.39 30.74
C PRO G 381 10.48 -23.70 30.18
N VAL G 382 10.80 -24.85 30.77
CA VAL G 382 10.44 -26.13 30.18
C VAL G 382 9.28 -26.81 30.89
N HIS G 383 8.99 -26.43 32.14
CA HIS G 383 7.89 -27.11 32.86
C HIS G 383 6.49 -26.83 32.31
N PRO G 384 6.18 -25.70 31.64
CA PRO G 384 4.85 -25.60 31.01
C PRO G 384 4.58 -26.69 29.99
N MET G 385 5.61 -27.20 29.33
CA MET G 385 5.44 -28.43 28.57
C MET G 385 5.12 -29.58 29.51
N LEU G 386 5.86 -29.67 30.62
CA LEU G 386 5.74 -30.81 31.51
C LEU G 386 4.44 -30.76 32.31
N GLU G 387 3.86 -29.58 32.52
CA GLU G 387 2.54 -29.51 33.13
C GLU G 387 1.50 -30.21 32.26
N ALA G 388 1.49 -29.89 30.96
CA ALA G 388 0.56 -30.53 30.04
C ALA G 388 0.87 -32.02 29.91
N LEU G 389 2.15 -32.39 29.93
CA LEU G 389 2.49 -33.79 29.81
C LEU G 389 2.12 -34.57 31.06
N ARG G 390 2.22 -33.94 32.24
CA ARG G 390 1.82 -34.57 33.48
C ARG G 390 0.30 -34.62 33.63
N SER G 391 -0.42 -33.74 32.93
CA SER G 391 -1.87 -33.76 33.00
C SER G 391 -2.45 -35.09 32.52
N GLY G 392 -1.81 -35.70 31.52
CA GLY G 392 -2.22 -37.01 31.07
C GLY G 392 -3.51 -37.05 30.28
N ILE G 393 -3.94 -35.93 29.72
CA ILE G 393 -5.15 -35.87 28.90
C ILE G 393 -4.75 -35.37 27.52
N PRO G 394 -5.27 -35.95 26.44
CA PRO G 394 -4.88 -35.51 25.09
C PRO G 394 -5.28 -34.07 24.78
N GLU G 395 -6.30 -33.54 25.44
CA GLU G 395 -6.74 -32.17 25.16
C GLU G 395 -5.66 -31.16 25.55
N ARG G 396 -5.01 -31.36 26.70
CA ARG G 396 -3.91 -30.48 27.08
C ARG G 396 -2.69 -30.69 26.18
N ILE G 397 -2.49 -31.93 25.72
CA ILE G 397 -1.36 -32.24 24.85
C ILE G 397 -1.51 -31.56 23.49
N ALA G 398 -2.74 -31.47 22.98
CA ALA G 398 -2.98 -30.99 21.63
C ALA G 398 -2.60 -29.53 21.44
N ARG G 399 -2.35 -28.79 22.53
CA ARG G 399 -1.95 -27.40 22.41
C ARG G 399 -0.61 -27.26 21.69
N TYR G 400 0.34 -28.13 22.00
CA TYR G 400 1.70 -28.02 21.48
C TYR G 400 1.92 -29.10 20.42
N SER G 401 2.57 -28.72 19.32
CA SER G 401 2.61 -29.57 18.13
C SER G 401 3.38 -30.86 18.39
N ASP G 402 4.54 -30.76 19.01
CA ASP G 402 5.37 -31.94 19.28
C ASP G 402 4.82 -32.68 20.50
N LEU G 403 5.57 -33.68 20.98
CA LEU G 403 5.17 -34.52 22.12
C LEU G 403 3.81 -35.17 21.85
N VAL G 404 3.71 -35.84 20.70
CA VAL G 404 2.48 -36.47 20.27
C VAL G 404 2.83 -37.75 19.52
N VAL G 405 1.88 -38.68 19.50
CA VAL G 405 2.04 -39.95 18.79
C VAL G 405 0.84 -40.12 17.86
N PRO G 406 1.04 -40.54 16.62
CA PRO G 406 -0.10 -40.76 15.72
C PRO G 406 -0.99 -41.90 16.20
N GLU G 407 -2.28 -41.76 15.92
CA GLU G 407 -3.27 -42.76 16.31
C GLU G 407 -4.09 -43.21 15.11
#